data_4AMW
#
_entry.id   4AMW
#
_cell.length_a   92.100
_cell.length_b   97.300
_cell.length_c   136.280
_cell.angle_alpha   80.31
_cell.angle_beta   83.29
_cell.angle_gamma   85.21
#
_symmetry.space_group_name_H-M   'P 1'
#
loop_
_entity.id
_entity.type
_entity.pdbx_description
1 polymer 'ALPHA-1,4-GLUCAN LYASE ISOZYME 1'
2 non-polymer 5-fluoro-alpha-L-idopyranose
3 non-polymer GLYCEROL
4 non-polymer 'alpha-D-threo-hexo-2,5-diulo-2,6-pyranosyl fluoride'
5 water water
#
_entity_poly.entity_id   1
_entity_poly.type   'polypeptide(L)'
_entity_poly.pdbx_seq_one_letter_code
;GSTDNPDGIDYKTYDYVGVWGFSPLSNTNWFAAGSSTPGGITDWTATMNVNFDRIDNPSITVQHPVQVQVTSYNNNSYRV
RFNPDGPIRDVTRGPILKQQLDWIRTQELSEGCDPGMTFTSEGFLTFETKDLSVIIYGNFKTRVTRKSDGKVIMENDEVG
TASSGNKCRGLMFVDRLYGNAIASVNKNFRNDAVKQEGFYGAGEVNCKYQDTYILERTGIAMTNYNYDNLNYNQWDLRPP
HHDGALNPDYYIPMYYAAPWLIVNGCAGTSEQYSYGWFMDNVSQSYMNTGDTTWNSGQEDLAYMGAQYGPFDQHFVYGAG
GGME(CSO)VVTAFSLLQGKEFENQVLNKRSVMPPKYVFGFFQGVFGTSSLLRAHMPAGENNISVEEIVEGYQNNNFPFE
GLAVDVDMQDNLRVFTTKGEFWTANRVGTGGDPNNRSVFEWAHDKGLVCQTNITCFLRNDNEGQDYEVNQTLRERQLYTK
NDSLTGTDFGMTDDGPSDAYIGHLDYGGGVECDALFPDWGRPDVAEWWGNNYKKLFSIGLDFVWQDMTVPAMMPHKIGDD
INVKPDGNWPNADDPSNGQYNWKTYHPQVLVTDMRYENHGREPMVTQRNIHAYTLCESTRKEGIVENADTLTKFRRSYII
SRGGYIGNQHFGGMWVGDNSTTSNYIQMMIANNINMNMSCLPLVGSDIGGFTSYDNENQRTPCTGDLMVRYVQAGCLLPW
FRNHYDRWIESKDHGKDYQELYMYPNEMDTLRKFVEFRYRWQEVLYTAMYQNAAFGKPIIKAASMYNNDSNVRRAQNDHF
LLGGHDGYRILCAPVVWENSTERELYLPVLTQWYKFGPDFDTKPLEGAMNGGDRIYNYPVPQSESPIFVREGAILPTRYT
LNGENKSLNTYTDEDPLVFEVFPLGNNRADGMCYLDDGGVTTNAEDNGKFSVVKVAAEQDGGTETITFTNDCYEYVFGGP
FYVRVRGAQSPSNIHVSSGAGSQDMKVSSATSRAALFNDGENGDFWVDQETDSLWLKLPNVVLPDAVITIT
;
_entity_poly.pdbx_strand_id   A,B,C,D
#
# COMPACT_ATOMS: atom_id res chain seq x y z
N THR A 3 -1.03 59.26 46.94
CA THR A 3 0.06 60.16 47.44
C THR A 3 1.42 59.48 47.32
N ASP A 4 2.36 60.20 46.72
CA ASP A 4 3.65 59.68 46.27
C ASP A 4 4.53 59.14 47.39
N ASN A 5 5.19 58.01 47.11
CA ASN A 5 6.11 57.35 48.06
C ASN A 5 5.45 57.12 49.44
N PRO A 6 4.38 56.28 49.50
CA PRO A 6 3.66 56.16 50.78
C PRO A 6 4.45 55.50 51.92
N ASP A 7 5.41 54.63 51.59
CA ASP A 7 6.24 53.97 52.63
C ASP A 7 7.47 54.77 53.09
N GLY A 8 7.68 55.93 52.47
CA GLY A 8 8.77 56.85 52.88
C GLY A 8 10.12 56.25 52.57
N ILE A 9 10.26 55.69 51.38
CA ILE A 9 11.53 55.11 50.94
C ILE A 9 12.51 56.23 50.56
N ASP A 10 13.78 55.99 50.81
CA ASP A 10 14.78 56.83 50.20
C ASP A 10 15.41 56.04 49.06
N TYR A 11 15.16 56.48 47.83
CA TYR A 11 15.60 55.76 46.64
C TYR A 11 17.05 56.08 46.37
N LYS A 12 17.94 55.10 46.52
CA LYS A 12 19.39 55.39 46.47
C LYS A 12 19.98 55.17 45.08
N THR A 13 19.33 54.31 44.30
CA THR A 13 19.88 53.89 43.01
C THR A 13 18.85 54.04 41.92
N TYR A 14 19.24 54.63 40.80
CA TYR A 14 18.30 54.73 39.69
C TYR A 14 18.84 54.04 38.43
N ASP A 15 20.15 54.07 38.23
CA ASP A 15 20.71 53.63 36.97
C ASP A 15 20.79 52.13 37.03
N TYR A 16 20.87 51.50 35.86
CA TYR A 16 21.26 50.10 35.72
C TYR A 16 22.49 49.79 36.59
N VAL A 17 22.56 48.57 37.13
CA VAL A 17 23.71 48.14 37.88
C VAL A 17 24.00 46.74 37.35
N GLY A 18 25.00 46.61 36.51
CA GLY A 18 25.38 45.32 35.96
C GLY A 18 25.70 44.32 37.05
N VAL A 19 25.93 43.08 36.66
CA VAL A 19 26.19 42.06 37.61
C VAL A 19 27.59 42.25 38.25
N TRP A 20 28.43 43.04 37.58
CA TRP A 20 29.73 43.47 38.07
C TRP A 20 29.66 44.38 39.26
N GLY A 21 28.51 45.02 39.47
CA GLY A 21 28.33 45.95 40.60
C GLY A 21 27.32 45.47 41.64
N PHE A 22 26.96 44.19 41.57
CA PHE A 22 25.98 43.67 42.55
C PHE A 22 26.65 42.53 43.31
N SER A 23 26.90 42.75 44.59
CA SER A 23 27.81 41.82 45.29
C SER A 23 27.46 41.63 46.79
N PRO A 24 26.42 40.83 47.05
CA PRO A 24 25.97 40.47 48.38
C PRO A 24 27.06 39.78 49.15
N LEU A 25 27.81 38.87 48.51
CA LEU A 25 28.82 38.14 49.26
C LEU A 25 29.98 39.03 49.81
N SER A 26 30.02 40.32 49.43
CA SER A 26 31.01 41.25 49.99
C SER A 26 30.64 41.71 51.39
N ASN A 27 29.41 41.44 51.80
CA ASN A 27 28.90 41.63 53.19
C ASN A 27 28.78 43.04 53.72
N THR A 28 29.61 43.96 53.24
CA THR A 28 29.72 45.22 53.92
C THR A 28 28.50 46.11 53.67
N ASN A 29 27.99 46.67 54.76
CA ASN A 29 26.70 47.37 54.75
C ASN A 29 25.46 46.50 54.53
N TRP A 30 25.63 45.18 54.44
CA TRP A 30 24.48 44.24 54.39
C TRP A 30 24.05 43.76 55.78
N PHE A 31 22.74 43.74 56.03
CA PHE A 31 22.13 42.97 57.14
C PHE A 31 21.91 41.51 56.72
N ALA A 32 22.13 40.56 57.64
CA ALA A 32 21.67 39.19 57.44
C ALA A 32 21.02 38.69 58.73
N ALA A 33 20.35 37.53 58.64
CA ALA A 33 19.53 37.07 59.73
C ALA A 33 20.38 36.50 60.88
N GLY A 34 20.23 37.07 62.06
CA GLY A 34 21.10 36.73 63.18
C GLY A 34 20.50 35.81 64.22
N SER A 35 19.21 35.97 64.48
CA SER A 35 18.49 35.23 65.49
C SER A 35 16.99 35.58 65.34
N SER A 36 16.14 34.96 66.15
CA SER A 36 14.70 35.23 66.05
C SER A 36 13.97 34.63 67.22
N THR A 37 12.67 34.94 67.29
CA THR A 37 11.75 34.20 68.12
C THR A 37 10.47 33.95 67.31
N PRO A 38 9.65 32.96 67.72
CA PRO A 38 8.38 32.64 67.08
C PRO A 38 7.32 33.74 67.19
N GLY A 39 6.65 34.02 66.08
CA GLY A 39 5.59 35.02 66.05
C GLY A 39 4.22 34.45 65.67
N GLY A 40 4.00 33.15 65.88
CA GLY A 40 2.65 32.55 65.65
C GLY A 40 2.42 31.96 64.26
N ILE A 41 1.39 31.11 64.17
CA ILE A 41 0.97 30.48 62.91
C ILE A 41 -0.52 30.72 62.67
N THR A 42 -0.83 31.32 61.52
CA THR A 42 -2.20 31.46 61.02
C THR A 42 -2.26 30.77 59.65
N ASP A 43 -3.29 29.95 59.48
CA ASP A 43 -3.46 29.12 58.28
C ASP A 43 -2.17 28.34 58.08
N TRP A 44 -1.58 28.42 56.90
CA TRP A 44 -0.32 27.73 56.65
C TRP A 44 0.86 28.72 56.60
N THR A 45 0.71 29.83 57.30
CA THR A 45 1.73 30.87 57.35
C THR A 45 2.29 31.09 58.74
N ALA A 46 3.52 30.63 58.95
CA ALA A 46 4.28 30.95 60.18
C ALA A 46 4.99 32.32 60.08
N THR A 47 4.93 33.09 61.16
CA THR A 47 5.68 34.34 61.30
C THR A 47 6.84 34.12 62.28
N MET A 48 8.05 34.43 61.86
CA MET A 48 9.20 34.53 62.77
C MET A 48 9.65 35.99 62.93
N ASN A 49 9.84 36.45 64.16
CA ASN A 49 10.35 37.78 64.38
C ASN A 49 11.87 37.72 64.35
N VAL A 50 12.41 38.16 63.21
CA VAL A 50 13.83 37.99 62.96
C VAL A 50 14.67 39.21 63.28
N ASN A 51 15.74 38.96 64.02
CA ASN A 51 16.71 39.99 64.34
C ASN A 51 17.80 39.97 63.27
N PHE A 52 17.84 41.01 62.45
CA PHE A 52 18.87 41.11 61.44
C PHE A 52 20.05 41.91 62.00
N ASP A 53 21.24 41.35 61.84
CA ASP A 53 22.50 42.03 62.22
C ASP A 53 23.37 42.44 61.02
N ARG A 54 24.05 43.56 61.12
CA ARG A 54 24.99 44.01 60.06
C ARG A 54 26.18 43.08 60.07
N ILE A 55 26.48 42.44 58.95
CA ILE A 55 27.53 41.41 58.97
C ILE A 55 28.94 41.94 59.38
N ASP A 56 29.29 43.13 58.91
CA ASP A 56 30.55 43.77 59.28
C ASP A 56 30.49 44.60 60.59
N ASN A 57 29.39 44.47 61.33
CA ASN A 57 29.28 45.08 62.66
C ASN A 57 28.05 44.54 63.38
N PRO A 58 28.16 43.30 63.90
CA PRO A 58 26.94 42.64 64.31
C PRO A 58 26.17 43.33 65.47
N SER A 59 26.80 44.28 66.17
CA SER A 59 26.08 45.03 67.20
C SER A 59 24.99 45.97 66.61
N ILE A 60 25.05 46.25 65.30
CA ILE A 60 23.95 47.03 64.66
C ILE A 60 22.88 46.05 64.22
N THR A 61 21.68 46.21 64.77
CA THR A 61 20.64 45.20 64.60
C THR A 61 19.26 45.82 64.35
N VAL A 62 18.42 45.13 63.57
CA VAL A 62 17.03 45.53 63.39
C VAL A 62 16.10 44.34 63.36
N GLN A 63 14.85 44.58 63.68
CA GLN A 63 13.90 43.49 63.75
C GLN A 63 12.87 43.58 62.64
N HIS A 64 12.64 42.49 61.89
CA HIS A 64 11.48 42.45 60.93
C HIS A 64 10.72 41.13 60.99
N PRO A 65 9.40 41.18 60.77
CA PRO A 65 8.67 39.92 60.73
C PRO A 65 8.94 39.18 59.39
N VAL A 66 9.19 37.89 59.44
CA VAL A 66 9.42 37.10 58.24
C VAL A 66 8.33 36.02 58.19
N GLN A 67 7.57 35.99 57.10
CA GLN A 67 6.51 35.00 56.92
C GLN A 67 7.09 33.82 56.18
N VAL A 68 6.75 32.63 56.68
CA VAL A 68 7.09 31.37 56.02
C VAL A 68 5.77 30.64 55.75
N GLN A 69 5.44 30.41 54.48
CA GLN A 69 4.12 29.88 54.10
C GLN A 69 4.20 28.63 53.26
N VAL A 70 3.58 27.53 53.68
CA VAL A 70 3.36 26.40 52.76
C VAL A 70 2.31 26.75 51.69
N THR A 71 2.70 26.64 50.42
CA THR A 71 1.85 27.05 49.30
C THR A 71 1.17 25.83 48.68
N SER A 72 1.89 24.71 48.66
CA SER A 72 1.28 23.44 48.26
C SER A 72 1.91 22.25 48.97
N TYR A 73 1.06 21.47 49.62
CA TYR A 73 1.49 20.22 50.29
C TYR A 73 1.79 19.16 49.24
N ASN A 74 0.85 18.94 48.31
CA ASN A 74 1.03 17.86 47.29
C ASN A 74 2.09 18.13 46.28
N ASN A 75 2.36 19.40 46.01
CA ASN A 75 3.36 19.76 45.01
C ASN A 75 4.67 20.24 45.64
N ASN A 76 4.75 20.15 46.98
CA ASN A 76 5.98 20.40 47.76
C ASN A 76 6.58 21.76 47.46
N SER A 77 5.84 22.78 47.80
CA SER A 77 6.30 24.12 47.53
C SER A 77 6.04 24.94 48.76
N TYR A 78 6.92 25.90 48.98
CA TYR A 78 6.72 26.88 50.03
C TYR A 78 7.33 28.24 49.68
N ARG A 79 7.05 29.21 50.53
CA ARG A 79 7.31 30.59 50.28
C ARG A 79 7.91 31.27 51.53
N VAL A 80 8.86 32.18 51.29
CA VAL A 80 9.42 33.04 52.32
C VAL A 80 9.30 34.50 51.92
N ARG A 81 8.71 35.32 52.78
CA ARG A 81 8.63 36.71 52.43
C ARG A 81 8.78 37.67 53.60
N PHE A 82 9.39 38.81 53.33
CA PHE A 82 9.39 39.94 54.27
C PHE A 82 9.57 41.26 53.56
N ASN A 83 9.32 42.33 54.31
CA ASN A 83 9.51 43.65 53.77
C ASN A 83 10.34 44.51 54.73
N PRO A 84 11.59 44.84 54.36
CA PRO A 84 12.34 45.64 55.33
C PRO A 84 11.95 47.12 55.34
N ASP A 85 11.01 47.50 54.47
CA ASP A 85 10.64 48.90 54.29
C ASP A 85 9.25 49.31 54.77
N GLY A 86 8.44 48.35 55.19
CA GLY A 86 7.10 48.66 55.64
C GLY A 86 6.36 47.35 55.88
N PRO A 87 5.02 47.42 55.95
CA PRO A 87 4.25 46.18 56.22
C PRO A 87 4.35 45.20 55.08
N ILE A 88 4.18 43.91 55.36
CA ILE A 88 4.10 42.92 54.28
C ILE A 88 2.76 43.11 53.59
N ARG A 89 2.79 43.14 52.25
CA ARG A 89 1.63 43.48 51.42
C ARG A 89 1.50 42.46 50.28
N ASP A 90 0.25 42.05 49.97
CA ASP A 90 -0.06 41.17 48.83
C ASP A 90 -0.17 42.00 47.57
N VAL A 91 0.52 41.57 46.52
CA VAL A 91 0.38 42.23 45.21
C VAL A 91 -1.03 42.00 44.65
N THR A 92 -1.58 43.02 44.00
CA THR A 92 -2.85 42.90 43.34
C THR A 92 -2.68 42.61 41.84
N ARG A 93 -1.44 42.70 41.35
CA ARG A 93 -1.12 42.23 40.01
C ARG A 93 0.23 41.52 40.00
N GLY A 94 0.27 40.36 39.33
CA GLY A 94 1.51 39.68 39.14
C GLY A 94 1.23 38.20 39.01
N PRO A 95 2.25 37.44 38.72
CA PRO A 95 2.07 36.00 38.50
C PRO A 95 1.45 35.24 39.71
N ILE A 96 1.79 35.65 40.93
CA ILE A 96 1.34 34.96 42.15
C ILE A 96 0.35 35.79 42.91
N LEU A 97 -0.88 35.30 42.97
CA LEU A 97 -1.93 36.07 43.58
C LEU A 97 -2.46 35.28 44.76
N LYS A 98 -2.81 36.00 45.80
CA LYS A 98 -3.33 35.36 47.00
C LYS A 98 -4.59 34.53 46.74
N GLN A 99 -5.47 34.95 45.82
CA GLN A 99 -6.68 34.18 45.53
C GLN A 99 -6.35 32.76 45.02
N GLN A 100 -5.29 32.64 44.24
CA GLN A 100 -4.90 31.32 43.76
C GLN A 100 -4.27 30.45 44.87
N LEU A 101 -3.35 31.04 45.63
CA LEU A 101 -2.77 30.40 46.84
C LEU A 101 -3.88 29.92 47.79
N ASP A 102 -4.86 30.80 48.04
CA ASP A 102 -6.02 30.48 48.87
C ASP A 102 -6.78 29.24 48.34
N TRP A 103 -6.98 29.20 47.02
CA TRP A 103 -7.76 28.17 46.36
C TRP A 103 -7.03 26.84 46.50
N ILE A 104 -5.71 26.87 46.26
CA ILE A 104 -4.89 25.68 46.37
C ILE A 104 -4.92 25.14 47.81
N ARG A 105 -4.69 26.03 48.79
CA ARG A 105 -4.77 25.66 50.20
C ARG A 105 -6.16 25.09 50.58
N THR A 106 -7.25 25.80 50.26
CA THR A 106 -8.61 25.27 50.49
C THR A 106 -8.84 23.84 49.96
N GLN A 107 -8.36 23.55 48.73
CA GLN A 107 -8.51 22.22 48.12
C GLN A 107 -7.75 21.14 48.88
N GLU A 108 -6.48 21.42 49.14
CA GLU A 108 -5.63 20.48 49.84
C GLU A 108 -6.11 20.23 51.28
N LEU A 109 -6.57 21.27 51.97
CA LEU A 109 -7.15 21.10 53.30
C LEU A 109 -8.35 20.12 53.28
N SER A 110 -9.24 20.32 52.31
CA SER A 110 -10.43 19.44 52.17
C SER A 110 -10.02 18.00 51.90
N GLU A 111 -8.82 17.78 51.37
CA GLU A 111 -8.30 16.40 51.17
C GLU A 111 -7.50 15.85 52.36
N GLY A 112 -7.50 16.57 53.47
CA GLY A 112 -6.77 16.15 54.68
C GLY A 112 -5.24 16.34 54.65
N CYS A 113 -4.72 17.09 53.68
CA CYS A 113 -3.31 17.54 53.71
C CYS A 113 -3.00 18.34 54.97
N ASP A 114 -1.98 17.89 55.71
CA ASP A 114 -1.56 18.60 56.93
C ASP A 114 -0.04 18.69 57.03
N PRO A 115 0.47 19.89 56.77
CA PRO A 115 1.91 20.17 56.81
C PRO A 115 2.46 20.15 58.23
N GLY A 116 1.58 20.22 59.22
CA GLY A 116 1.95 20.10 60.64
C GLY A 116 2.96 21.17 61.03
N MET A 117 2.69 22.40 60.60
CA MET A 117 3.60 23.50 60.88
C MET A 117 3.56 23.78 62.37
N THR A 118 4.75 23.85 62.94
CA THR A 118 4.90 23.95 64.39
C THR A 118 6.21 24.64 64.77
N PHE A 119 6.13 25.46 65.81
CA PHE A 119 7.35 25.94 66.43
C PHE A 119 7.73 24.95 67.50
N THR A 120 8.98 24.49 67.48
CA THR A 120 9.43 23.65 68.57
C THR A 120 9.53 24.52 69.83
N SER A 121 9.73 23.88 70.98
CA SER A 121 9.94 24.63 72.23
C SER A 121 11.21 25.50 72.17
N GLU A 122 12.24 25.05 71.41
CA GLU A 122 13.49 25.84 71.13
C GLU A 122 13.32 27.00 70.16
N GLY A 123 12.13 27.16 69.59
CA GLY A 123 11.89 28.24 68.64
C GLY A 123 12.08 27.94 67.15
N PHE A 124 12.57 26.74 66.83
CA PHE A 124 12.75 26.32 65.41
C PHE A 124 11.40 26.07 64.72
N LEU A 125 11.29 26.45 63.44
CA LEU A 125 10.09 26.10 62.67
C LEU A 125 10.28 24.81 61.88
N THR A 126 9.32 23.92 62.01
CA THR A 126 9.32 22.68 61.25
C THR A 126 7.94 22.53 60.59
N PHE A 127 7.95 21.83 59.45
CA PHE A 127 6.76 21.55 58.66
C PHE A 127 7.15 20.50 57.62
N GLU A 128 6.15 19.80 57.10
CA GLU A 128 6.32 18.79 56.05
C GLU A 128 5.44 19.11 54.85
N THR A 129 5.82 18.58 53.69
CA THR A 129 4.94 18.51 52.53
C THR A 129 4.80 17.01 52.23
N LYS A 130 4.30 16.62 51.07
CA LYS A 130 4.11 15.20 50.77
C LYS A 130 5.44 14.41 50.84
N ASP A 131 6.50 14.97 50.27
CA ASP A 131 7.76 14.21 50.04
C ASP A 131 8.93 14.78 50.82
N LEU A 132 8.69 15.94 51.44
CA LEU A 132 9.73 16.76 52.04
C LEU A 132 9.48 17.14 53.52
N SER A 133 10.58 17.43 54.21
CA SER A 133 10.49 17.92 55.57
C SER A 133 11.51 19.05 55.76
N VAL A 134 11.03 20.14 56.32
CA VAL A 134 11.80 21.34 56.46
C VAL A 134 12.04 21.67 57.94
N ILE A 135 13.24 22.16 58.25
CA ILE A 135 13.54 22.81 59.52
C ILE A 135 14.24 24.16 59.33
N ILE A 136 13.79 25.14 60.09
CA ILE A 136 14.38 26.45 60.07
C ILE A 136 14.83 26.81 61.49
N TYR A 137 16.16 26.92 61.69
CA TYR A 137 16.72 27.21 63.01
C TYR A 137 16.57 28.68 63.39
N GLY A 138 17.08 29.07 64.56
CA GLY A 138 16.95 30.44 65.11
C GLY A 138 17.40 31.58 64.21
N ASN A 139 18.52 31.44 63.53
CA ASN A 139 19.01 32.54 62.68
C ASN A 139 18.56 32.35 61.24
N PHE A 140 17.52 31.54 61.04
CA PHE A 140 16.92 31.23 59.75
C PHE A 140 17.70 30.22 58.89
N LYS A 141 18.71 29.62 59.47
CA LYS A 141 19.42 28.57 58.74
C LYS A 141 18.39 27.50 58.41
N THR A 142 18.34 27.07 57.14
CA THR A 142 17.26 26.19 56.62
C THR A 142 17.82 24.91 55.98
N ARG A 143 17.25 23.76 56.34
CA ARG A 143 17.57 22.50 55.68
C ARG A 143 16.29 21.86 55.16
N VAL A 144 16.28 21.53 53.86
CA VAL A 144 15.13 20.88 53.24
C VAL A 144 15.55 19.44 52.97
N THR A 145 14.82 18.49 53.53
CA THR A 145 15.18 17.06 53.43
C THR A 145 14.09 16.24 52.73
N ARG A 146 14.52 15.36 51.84
CA ARG A 146 13.64 14.39 51.19
C ARG A 146 13.37 13.19 52.09
N LYS A 147 12.08 12.96 52.35
CA LYS A 147 11.62 11.92 53.27
C LYS A 147 12.05 10.51 52.90
N SER A 148 11.93 10.15 51.63
CA SER A 148 12.14 8.77 51.20
C SER A 148 13.57 8.27 51.43
N ASP A 149 14.57 9.12 51.23
CA ASP A 149 15.95 8.70 51.43
C ASP A 149 16.73 9.52 52.45
N GLY A 150 16.11 10.55 53.01
CA GLY A 150 16.79 11.34 54.02
C GLY A 150 17.71 12.40 53.43
N LYS A 151 17.71 12.53 52.11
CA LYS A 151 18.69 13.36 51.44
C LYS A 151 18.37 14.83 51.61
N VAL A 152 19.39 15.59 52.03
CA VAL A 152 19.30 17.04 52.12
C VAL A 152 19.38 17.61 50.71
N ILE A 153 18.29 18.18 50.24
CA ILE A 153 18.25 18.56 48.84
C ILE A 153 18.54 20.02 48.57
N MET A 154 18.36 20.84 49.61
CA MET A 154 18.62 22.26 49.58
C MET A 154 18.98 22.77 50.98
N GLU A 155 19.99 23.65 51.06
CA GLU A 155 20.25 24.44 52.27
C GLU A 155 20.75 25.84 51.97
N ASN A 156 20.29 26.79 52.80
CA ASN A 156 20.77 28.13 52.66
C ASN A 156 22.17 28.34 53.27
N ASP A 157 22.73 29.52 53.02
CA ASP A 157 24.09 29.79 53.40
C ASP A 157 24.22 30.65 54.67
N GLU A 158 25.19 30.29 55.51
CA GLU A 158 25.62 31.11 56.66
C GLU A 158 27.05 31.67 56.51
N VAL A 159 27.25 32.88 56.99
CA VAL A 159 28.59 33.46 57.02
C VAL A 159 29.02 33.61 58.50
N GLY A 160 30.29 33.37 58.79
CA GLY A 160 30.82 33.51 60.15
C GLY A 160 31.05 34.96 60.48
N THR A 161 31.04 35.32 61.75
CA THR A 161 31.59 36.61 62.19
C THR A 161 32.71 36.34 63.20
N ALA A 162 33.52 37.34 63.50
CA ALA A 162 34.62 37.18 64.48
C ALA A 162 34.19 36.54 65.82
N SER A 163 33.12 37.04 66.43
CA SER A 163 32.77 36.50 67.75
C SER A 163 31.29 36.60 68.07
N SER A 164 30.51 37.00 67.07
CA SER A 164 29.10 37.27 67.24
C SER A 164 28.17 36.17 66.70
N GLY A 165 28.72 35.02 66.30
CA GLY A 165 27.90 33.91 65.79
C GLY A 165 27.70 33.86 64.29
N ASN A 166 27.08 32.80 63.78
CA ASN A 166 26.82 32.72 62.33
C ASN A 166 25.57 33.49 61.90
N LYS A 167 25.69 34.24 60.81
CA LYS A 167 24.54 34.98 60.30
C LYS A 167 24.09 34.30 59.00
N CYS A 168 22.77 34.17 58.83
CA CYS A 168 22.21 33.43 57.70
C CYS A 168 22.02 34.31 56.47
N ARG A 169 22.74 33.98 55.39
CA ARG A 169 22.66 34.80 54.16
C ARG A 169 21.47 34.41 53.30
N GLY A 170 20.67 33.45 53.77
CA GLY A 170 19.36 33.17 53.16
C GLY A 170 18.44 34.38 53.15
N LEU A 171 18.63 35.27 54.13
CA LEU A 171 17.85 36.52 54.18
C LEU A 171 18.83 37.68 54.30
N MET A 172 18.86 38.56 53.30
CA MET A 172 19.78 39.70 53.25
C MET A 172 19.11 40.97 52.74
N PHE A 173 19.50 42.08 53.33
CA PHE A 173 19.14 43.32 52.71
C PHE A 173 20.18 44.36 53.08
N VAL A 174 20.25 45.46 52.33
CA VAL A 174 21.29 46.46 52.50
C VAL A 174 20.73 47.41 53.52
N ASP A 175 21.58 47.82 54.47
CA ASP A 175 21.17 48.81 55.45
C ASP A 175 20.56 49.97 54.64
N ARG A 176 19.39 50.48 55.03
CA ARG A 176 18.68 51.56 54.32
C ARG A 176 19.32 52.92 54.51
N LEU A 177 20.35 52.99 55.37
CA LEU A 177 21.31 54.09 55.32
C LEU A 177 22.09 54.11 53.98
N TYR A 178 22.31 52.96 53.35
CA TYR A 178 23.22 52.93 52.20
C TYR A 178 22.58 52.44 50.92
N GLY A 179 21.44 51.75 51.02
CA GLY A 179 20.81 51.24 49.83
C GLY A 179 19.45 50.59 50.04
N ASN A 180 19.02 49.87 49.01
CA ASN A 180 17.68 49.30 48.98
C ASN A 180 17.67 47.84 48.56
N ALA A 181 18.83 47.29 48.18
CA ALA A 181 18.85 45.93 47.65
C ALA A 181 18.50 44.81 48.66
N ILE A 182 18.23 43.60 48.13
CA ILE A 182 17.88 42.42 48.89
C ILE A 182 18.58 41.26 48.18
N ALA A 183 18.73 40.16 48.90
CA ALA A 183 19.43 39.02 48.34
C ALA A 183 19.14 37.79 49.21
N SER A 184 19.33 36.59 48.64
CA SER A 184 19.12 35.36 49.37
C SER A 184 20.12 34.40 48.82
N VAL A 185 20.83 33.69 49.71
CA VAL A 185 21.99 32.85 49.30
C VAL A 185 21.85 31.38 49.76
N ASN A 186 22.09 30.48 48.80
CA ASN A 186 22.04 29.06 49.03
C ASN A 186 23.43 28.45 48.79
N LYS A 187 23.68 27.32 49.44
CA LYS A 187 24.82 26.45 49.09
C LYS A 187 24.56 25.91 47.68
N ASN A 188 25.65 25.75 46.91
CA ASN A 188 25.63 25.47 45.48
C ASN A 188 26.56 24.29 45.36
N PHE A 189 25.99 23.15 44.97
CA PHE A 189 26.74 21.89 44.95
C PHE A 189 27.22 21.52 43.53
N ARG A 190 27.38 22.56 42.73
CA ARG A 190 27.87 22.41 41.36
C ARG A 190 29.21 21.63 41.28
N ASN A 191 30.07 21.75 42.30
CA ASN A 191 31.41 21.13 42.21
C ASN A 191 31.48 19.82 42.95
N ASP A 192 30.40 19.44 43.62
CA ASP A 192 30.34 18.21 44.36
C ASP A 192 30.42 17.05 43.37
N ALA A 193 31.34 16.12 43.61
CA ALA A 193 31.61 15.06 42.65
C ALA A 193 30.37 14.26 42.24
N VAL A 194 29.48 14.03 43.22
CA VAL A 194 28.31 13.19 42.98
C VAL A 194 27.07 14.04 42.59
N LYS A 195 26.88 15.15 43.25
CA LYS A 195 25.68 15.95 42.99
C LYS A 195 25.73 16.65 41.63
N GLN A 196 26.86 17.32 41.32
CA GLN A 196 27.20 17.91 40.02
C GLN A 196 26.04 18.79 39.62
N GLU A 197 25.60 19.63 40.57
CA GLU A 197 24.41 20.43 40.38
C GLU A 197 24.52 21.28 39.10
N GLY A 198 23.39 21.42 38.41
CA GLY A 198 23.28 22.25 37.23
C GLY A 198 22.08 23.13 37.44
N PHE A 199 22.14 24.36 36.90
CA PHE A 199 21.07 25.36 37.05
C PHE A 199 20.51 25.69 35.70
N TYR A 200 19.17 25.73 35.61
CA TYR A 200 18.53 25.91 34.31
C TYR A 200 17.45 26.92 34.36
N GLY A 201 17.01 27.36 33.18
CA GLY A 201 15.89 28.36 33.20
C GLY A 201 16.32 29.73 32.83
N ALA A 202 15.82 30.74 33.57
CA ALA A 202 16.29 32.09 33.34
C ALA A 202 15.82 32.81 32.04
N GLY A 203 14.69 32.41 31.48
CA GLY A 203 14.08 33.25 30.43
C GLY A 203 14.96 33.24 29.17
N GLU A 204 15.44 34.40 28.73
CA GLU A 204 16.06 34.54 27.40
C GLU A 204 17.59 34.73 27.42
N VAL A 205 18.25 34.46 28.55
CA VAL A 205 19.68 34.72 28.67
C VAL A 205 20.37 33.79 27.67
N ASN A 206 21.39 34.35 27.00
CA ASN A 206 22.30 33.64 26.11
C ASN A 206 23.64 33.38 26.80
N CYS A 207 24.27 32.24 26.57
CA CYS A 207 25.54 32.02 27.22
C CYS A 207 26.35 31.29 26.21
N LYS A 208 27.54 31.82 25.94
CA LYS A 208 28.52 31.21 25.04
C LYS A 208 29.52 30.37 25.83
N TYR A 209 29.91 29.25 25.25
CA TYR A 209 30.99 28.43 25.74
C TYR A 209 31.79 28.15 24.49
N GLN A 210 33.05 28.58 24.49
CA GLN A 210 33.93 28.51 23.33
C GLN A 210 33.27 29.17 22.10
N ASP A 211 32.95 28.42 21.06
CA ASP A 211 32.23 29.02 19.92
C ASP A 211 30.69 28.82 19.88
N THR A 212 30.17 28.11 20.87
CA THR A 212 28.82 27.56 20.81
C THR A 212 27.92 28.21 21.86
N TYR A 213 26.66 28.44 21.50
CA TYR A 213 25.71 28.86 22.53
C TYR A 213 25.10 27.63 23.19
N ILE A 214 24.96 27.68 24.50
CA ILE A 214 24.64 26.48 25.29
C ILE A 214 23.36 26.68 26.11
N LEU A 215 22.81 25.59 26.65
CA LEU A 215 21.52 25.65 27.39
C LEU A 215 21.67 25.95 28.88
N GLU A 216 22.55 25.19 29.57
CA GLU A 216 22.70 25.27 31.03
C GLU A 216 23.17 26.66 31.49
N ARG A 217 22.72 27.06 32.67
CA ARG A 217 23.07 28.36 33.22
C ARG A 217 23.82 28.17 34.57
N THR A 218 24.76 27.22 34.61
CA THR A 218 25.58 26.98 35.79
C THR A 218 26.88 27.82 35.78
N GLY A 219 27.18 28.44 36.92
CA GLY A 219 28.48 29.08 37.19
C GLY A 219 28.54 30.46 36.58
N ILE A 220 27.41 31.19 36.57
CA ILE A 220 27.35 32.47 35.83
C ILE A 220 26.54 33.54 36.58
N ALA A 221 26.82 34.80 36.26
CA ALA A 221 26.14 35.93 36.89
C ALA A 221 25.16 36.56 35.89
N MET A 222 23.85 36.60 36.21
CA MET A 222 22.80 37.13 35.32
C MET A 222 21.96 38.20 35.95
N THR A 223 21.26 38.95 35.12
CA THR A 223 20.37 40.01 35.59
C THR A 223 19.13 40.04 34.72
N ASN A 224 17.98 40.37 35.32
CA ASN A 224 16.75 40.64 34.61
C ASN A 224 16.54 42.10 34.72
N TYR A 225 16.43 42.73 33.55
CA TYR A 225 16.44 44.15 33.38
C TYR A 225 15.98 44.38 31.93
N ASN A 226 14.64 44.39 31.75
CA ASN A 226 14.04 44.45 30.42
C ASN A 226 14.59 45.61 29.59
N TYR A 227 15.06 45.26 28.40
CA TYR A 227 15.88 46.15 27.60
C TYR A 227 15.60 45.99 26.10
N ASP A 228 15.61 47.12 25.41
CA ASP A 228 15.58 47.17 23.95
C ASP A 228 16.87 46.58 23.33
N ASN A 229 17.07 45.29 23.51
CA ASN A 229 18.36 44.69 23.21
C ASN A 229 18.54 44.06 21.82
N LEU A 230 18.53 44.89 20.80
CA LEU A 230 18.73 44.45 19.41
C LEU A 230 20.07 43.73 19.19
N ASN A 231 19.99 42.56 18.56
CA ASN A 231 21.11 41.63 18.37
C ASN A 231 21.59 40.91 19.62
N TYR A 232 21.01 41.24 20.78
CA TYR A 232 21.29 40.60 22.07
C TYR A 232 22.66 41.07 22.67
N ASN A 233 23.20 42.19 22.16
CA ASN A 233 24.57 42.64 22.47
C ASN A 233 24.74 44.16 22.40
N GLN A 234 23.72 44.89 22.84
CA GLN A 234 23.78 46.34 22.75
C GLN A 234 24.99 46.94 23.51
N TRP A 235 25.76 47.74 22.78
CA TRP A 235 26.96 48.42 23.30
C TRP A 235 26.82 49.11 24.70
N ASP A 236 25.69 49.74 24.98
CA ASP A 236 25.52 50.36 26.31
C ASP A 236 25.43 49.35 27.47
N LEU A 237 25.30 48.06 27.16
CA LEU A 237 25.24 47.02 28.15
C LEU A 237 26.61 46.36 28.42
N ARG A 238 27.67 46.87 27.80
CA ARG A 238 29.00 46.31 28.02
C ARG A 238 29.51 46.45 29.49
N PRO A 239 30.29 45.45 29.93
CA PRO A 239 30.99 45.52 31.23
C PRO A 239 31.99 46.67 31.25
N PRO A 240 32.34 47.18 32.46
CA PRO A 240 33.22 48.35 32.59
C PRO A 240 34.53 48.13 31.83
N HIS A 241 34.88 49.11 30.99
CA HIS A 241 36.14 49.15 30.23
C HIS A 241 36.26 48.04 29.22
N HIS A 242 35.13 47.51 28.76
CA HIS A 242 35.13 46.42 27.78
C HIS A 242 35.74 46.92 26.47
N ASP A 243 36.66 46.14 25.90
CA ASP A 243 37.23 46.51 24.62
C ASP A 243 36.94 45.50 23.53
N GLY A 244 36.76 46.03 22.32
CA GLY A 244 36.47 45.21 21.16
C GLY A 244 35.00 44.85 21.15
N ALA A 245 34.65 43.90 20.29
CA ALA A 245 33.26 43.53 20.04
C ALA A 245 32.59 42.97 21.30
N LEU A 246 31.30 43.26 21.44
CA LEU A 246 30.53 42.68 22.52
C LEU A 246 29.70 41.56 21.94
N ASN A 247 29.94 40.31 22.33
CA ASN A 247 29.09 39.21 21.88
C ASN A 247 27.89 39.02 22.77
N PRO A 248 26.78 38.52 22.20
CA PRO A 248 25.73 38.15 23.18
C PRO A 248 26.31 37.12 24.18
N ASP A 249 25.92 37.26 25.46
CA ASP A 249 26.49 36.43 26.55
C ASP A 249 25.74 36.59 27.88
N TYR A 250 26.15 35.82 28.89
CA TYR A 250 25.28 35.58 30.04
C TYR A 250 25.03 36.81 30.90
N TYR A 251 25.91 37.80 30.81
CA TYR A 251 25.84 38.95 31.71
C TYR A 251 25.04 40.06 31.06
N ILE A 252 24.43 39.79 29.91
CA ILE A 252 23.59 40.82 29.23
C ILE A 252 22.06 40.59 29.44
N PRO A 253 21.31 41.63 29.92
CA PRO A 253 19.88 41.43 30.12
C PRO A 253 19.17 41.28 28.77
N MET A 254 18.06 40.54 28.78
CA MET A 254 17.23 40.38 27.59
C MET A 254 15.85 41.07 27.74
N TYR A 255 14.84 40.59 27.02
CA TYR A 255 13.51 41.24 26.87
C TYR A 255 12.43 40.79 27.86
N TYR A 256 12.63 39.60 28.39
CA TYR A 256 11.72 38.93 29.31
C TYR A 256 12.44 38.80 30.66
N ALA A 257 11.75 39.24 31.71
CA ALA A 257 12.20 39.16 33.09
C ALA A 257 11.80 37.83 33.78
N ALA A 258 12.79 36.98 34.02
CA ALA A 258 12.53 35.67 34.55
C ALA A 258 13.49 35.33 35.70
N PRO A 259 13.21 35.83 36.91
CA PRO A 259 14.03 35.45 38.08
C PRO A 259 13.71 34.05 38.60
N TRP A 260 14.16 33.03 37.85
CA TRP A 260 13.64 31.75 38.08
C TRP A 260 14.72 30.80 37.62
N LEU A 261 15.05 29.86 38.48
CA LEU A 261 16.00 28.77 38.13
C LEU A 261 15.45 27.48 38.61
N ILE A 262 15.87 26.41 37.91
CA ILE A 262 15.54 25.12 38.30
C ILE A 262 16.90 24.39 38.47
N VAL A 263 17.10 23.82 39.65
CA VAL A 263 18.35 23.25 40.11
C VAL A 263 18.17 21.75 39.94
N ASN A 264 19.14 21.05 39.39
CA ASN A 264 18.95 19.65 39.14
C ASN A 264 20.25 18.96 39.52
N GLY A 265 20.19 17.90 40.36
CA GLY A 265 21.40 17.28 40.92
C GLY A 265 21.25 15.79 40.92
N CYS A 266 22.37 15.09 41.04
CA CYS A 266 22.36 13.66 40.87
C CYS A 266 21.62 13.21 39.58
N ALA A 267 21.68 14.04 38.53
CA ALA A 267 21.03 13.77 37.23
C ALA A 267 21.25 12.36 36.70
N GLY A 268 20.17 11.69 36.29
CA GLY A 268 20.25 10.35 35.65
C GLY A 268 20.27 9.16 36.58
N THR A 269 20.26 9.43 37.88
CA THR A 269 20.35 8.40 38.91
C THR A 269 19.02 8.30 39.64
N SER A 270 18.85 7.21 40.38
CA SER A 270 17.65 7.02 41.18
C SER A 270 17.47 8.09 42.27
N GLU A 271 18.53 8.86 42.56
CA GLU A 271 18.49 9.87 43.63
C GLU A 271 18.46 11.33 43.09
N GLN A 272 18.18 11.48 41.80
CA GLN A 272 18.03 12.82 41.22
C GLN A 272 16.99 13.60 42.03
N TYR A 273 17.27 14.89 42.21
CA TYR A 273 16.33 15.83 42.82
C TYR A 273 16.30 17.08 41.98
N SER A 274 15.19 17.80 42.01
CA SER A 274 15.14 19.07 41.29
C SER A 274 14.32 19.96 42.10
N TYR A 275 14.62 21.24 42.00
CA TYR A 275 13.72 22.22 42.57
C TYR A 275 13.87 23.55 41.88
N GLY A 276 12.79 24.31 41.85
CA GLY A 276 12.82 25.64 41.23
C GLY A 276 12.82 26.71 42.32
N TRP A 277 13.34 27.89 41.97
CA TRP A 277 13.58 29.00 42.87
C TRP A 277 13.08 30.27 42.17
N PHE A 278 12.12 30.95 42.75
CA PHE A 278 11.59 32.14 42.10
C PHE A 278 11.69 33.30 43.09
N MET A 279 12.41 34.37 42.72
CA MET A 279 12.31 35.58 43.50
C MET A 279 11.34 36.44 42.74
N ASP A 280 10.17 36.61 43.34
CA ASP A 280 9.10 37.35 42.73
C ASP A 280 9.35 38.81 43.05
N ASN A 281 10.12 39.46 42.18
CA ASN A 281 10.48 40.87 42.32
C ASN A 281 10.45 41.45 40.89
N VAL A 282 9.90 42.66 40.74
CA VAL A 282 9.87 43.34 39.45
C VAL A 282 10.87 44.54 39.27
N SER A 283 11.71 44.81 40.28
CA SER A 283 12.84 45.73 40.06
C SER A 283 13.97 44.95 39.38
N GLN A 284 15.08 45.60 39.04
CA GLN A 284 16.15 44.79 38.40
C GLN A 284 16.53 43.69 39.37
N SER A 285 16.65 42.47 38.85
CA SER A 285 16.95 41.33 39.67
C SER A 285 18.17 40.61 39.13
N TYR A 286 18.71 39.75 39.99
CA TYR A 286 20.01 39.07 39.70
C TYR A 286 19.90 37.60 40.05
N MET A 287 20.63 36.79 39.30
CA MET A 287 20.68 35.36 39.60
C MET A 287 22.13 35.02 39.34
N ASN A 288 22.85 34.55 40.37
CA ASN A 288 24.27 34.15 40.27
C ASN A 288 24.39 32.69 40.65
N THR A 289 24.84 31.88 39.72
CA THR A 289 24.92 30.43 39.97
C THR A 289 26.35 29.96 40.21
N GLY A 290 27.16 30.84 40.83
CA GLY A 290 28.51 30.48 41.30
C GLY A 290 29.61 31.10 40.45
N ASP A 291 29.44 32.36 40.09
CA ASP A 291 30.39 33.02 39.20
C ASP A 291 31.40 33.87 39.99
N THR A 292 32.70 33.56 39.88
CA THR A 292 33.76 34.41 40.48
C THR A 292 34.12 35.70 39.68
N THR A 293 33.76 35.72 38.38
CA THR A 293 34.11 36.85 37.52
C THR A 293 33.63 38.13 38.26
N TRP A 294 34.46 39.17 38.31
CA TRP A 294 34.18 40.47 38.99
C TRP A 294 33.96 40.34 40.48
N ASN A 295 34.41 39.22 41.03
CA ASN A 295 34.08 38.88 42.39
C ASN A 295 32.56 38.92 42.69
N SER A 296 31.72 38.73 41.66
CA SER A 296 30.26 38.78 41.84
C SER A 296 29.70 37.69 42.73
N GLY A 297 30.30 36.50 42.70
CA GLY A 297 29.90 35.46 43.62
C GLY A 297 31.02 34.47 43.92
N GLN A 298 30.65 33.31 44.40
CA GLN A 298 31.68 32.32 44.82
C GLN A 298 31.27 31.01 44.27
N GLU A 299 32.26 30.20 43.85
CA GLU A 299 32.01 28.95 43.21
C GLU A 299 30.92 28.11 43.90
N ASP A 300 30.96 28.05 45.23
CA ASP A 300 30.16 27.12 45.98
C ASP A 300 28.87 27.69 46.60
N LEU A 301 28.47 28.86 46.12
CA LEU A 301 27.22 29.51 46.54
C LEU A 301 26.39 29.94 45.32
N ALA A 302 25.08 30.17 45.55
CA ALA A 302 24.19 30.73 44.52
C ALA A 302 23.25 31.69 45.21
N TYR A 303 22.87 32.73 44.50
CA TYR A 303 21.94 33.69 45.08
C TYR A 303 21.01 34.33 44.07
N MET A 304 19.96 34.94 44.61
CA MET A 304 19.11 35.75 43.84
C MET A 304 19.01 37.05 44.64
N GLY A 305 18.81 38.17 43.96
CA GLY A 305 18.65 39.44 44.66
C GLY A 305 17.99 40.45 43.76
N ALA A 306 17.84 41.67 44.24
CA ALA A 306 17.16 42.67 43.45
C ALA A 306 17.57 44.01 44.02
N GLN A 307 17.46 45.07 43.20
CA GLN A 307 17.86 46.44 43.59
C GLN A 307 16.89 47.02 44.62
N TYR A 308 15.62 46.61 44.55
CA TYR A 308 14.58 47.05 45.49
C TYR A 308 13.80 45.92 46.14
N GLY A 309 13.26 46.18 47.34
CA GLY A 309 12.32 45.23 47.97
C GLY A 309 10.94 45.22 47.32
N PRO A 310 9.98 44.44 47.84
CA PRO A 310 10.04 43.67 49.08
C PRO A 310 10.67 42.34 48.69
N PHE A 311 10.80 41.47 49.67
CA PHE A 311 11.45 40.19 49.50
C PHE A 311 10.33 39.16 49.48
N ASP A 312 10.34 38.28 48.47
CA ASP A 312 9.26 37.31 48.26
C ASP A 312 9.80 36.22 47.41
N GLN A 313 10.06 35.09 48.00
CA GLN A 313 10.58 34.02 47.19
C GLN A 313 9.89 32.67 47.46
N HIS A 314 9.93 31.81 46.45
CA HIS A 314 9.14 30.58 46.40
C HIS A 314 10.17 29.52 46.06
N PHE A 315 10.06 28.39 46.74
CA PHE A 315 10.83 27.19 46.46
C PHE A 315 9.85 26.10 46.05
N VAL A 316 10.10 25.50 44.88
CA VAL A 316 9.11 24.66 44.21
C VAL A 316 9.74 23.32 43.81
N TYR A 317 9.45 22.26 44.54
CA TYR A 317 10.11 20.96 44.31
C TYR A 317 9.33 20.05 43.38
N GLY A 318 8.04 20.35 43.25
CA GLY A 318 7.15 19.61 42.37
C GLY A 318 6.64 18.34 43.01
N ALA A 319 5.68 17.71 42.34
CA ALA A 319 5.15 16.41 42.75
C ALA A 319 6.01 15.20 42.38
N GLY A 320 6.19 14.93 41.09
CA GLY A 320 6.85 13.66 40.68
C GLY A 320 8.34 13.88 40.49
N GLY A 321 9.04 12.88 40.00
CA GLY A 321 10.46 13.05 39.68
C GLY A 321 10.70 13.78 38.35
N GLY A 322 11.58 14.78 38.38
CA GLY A 322 12.15 15.35 37.16
C GLY A 322 11.89 16.82 37.08
N MET A 323 12.64 17.51 36.24
CA MET A 323 12.53 18.96 36.17
C MET A 323 11.22 19.41 35.58
N GLU A 324 10.60 18.55 34.78
CA GLU A 324 9.33 18.93 34.18
C GLU A 324 8.29 19.10 35.28
N VAL A 326 8.77 20.20 38.14
CA VAL A 326 9.04 21.51 38.77
C VAL A 326 8.28 22.59 37.99
N VAL A 327 8.33 22.49 36.66
CA VAL A 327 7.64 23.44 35.79
C VAL A 327 6.11 23.34 35.99
N THR A 328 5.54 22.13 35.96
CA THR A 328 4.08 21.98 36.18
C THR A 328 3.62 22.57 37.55
N ALA A 329 4.42 22.38 38.61
CA ALA A 329 4.10 22.94 39.95
C ALA A 329 4.16 24.46 40.02
N PHE A 330 5.16 25.07 39.38
CA PHE A 330 5.28 26.53 39.24
C PHE A 330 4.06 27.12 38.53
N SER A 331 3.65 26.47 37.44
CA SER A 331 2.52 26.93 36.66
C SER A 331 1.21 26.79 37.50
N LEU A 332 1.14 25.85 38.44
CA LEU A 332 -0.03 25.72 39.32
C LEU A 332 -0.13 26.94 40.25
N LEU A 333 1.00 27.39 40.80
CA LEU A 333 1.02 28.58 41.69
C LEU A 333 0.53 29.82 40.96
N GLN A 334 0.74 29.85 39.63
CA GLN A 334 0.34 31.00 38.83
C GLN A 334 -1.04 30.76 38.14
N GLY A 335 -1.71 29.68 38.52
CA GLY A 335 -2.89 29.17 37.84
C GLY A 335 -4.18 29.96 38.06
N LYS A 336 -5.19 29.65 37.25
CA LYS A 336 -6.50 30.34 37.32
C LYS A 336 -7.62 29.38 37.70
N GLU A 337 -7.24 28.26 38.35
CA GLU A 337 -8.26 27.39 38.94
C GLU A 337 -9.23 28.16 39.85
N PHE A 338 -8.74 29.17 40.53
CA PHE A 338 -9.59 30.01 41.42
C PHE A 338 -10.72 30.78 40.70
N GLU A 339 -10.57 30.98 39.39
CA GLU A 339 -11.64 31.57 38.60
C GLU A 339 -12.52 30.52 37.90
N ASN A 340 -12.25 29.24 38.18
CA ASN A 340 -12.98 28.11 37.59
C ASN A 340 -12.85 28.03 36.07
N GLN A 341 -11.66 28.24 35.53
CA GLN A 341 -11.42 28.08 34.11
C GLN A 341 -11.65 26.64 33.70
N VAL A 342 -12.50 26.44 32.71
CA VAL A 342 -12.77 25.09 32.21
C VAL A 342 -11.61 24.63 31.29
N LEU A 343 -10.90 25.61 30.71
CA LEU A 343 -9.80 25.30 29.78
C LEU A 343 -8.50 26.01 30.09
N ASN A 344 -8.55 27.34 30.19
CA ASN A 344 -7.35 28.16 30.37
C ASN A 344 -6.79 28.19 31.82
N LYS A 345 -6.38 27.05 32.33
CA LYS A 345 -6.03 26.94 33.73
C LYS A 345 -4.60 27.47 34.01
N ARG A 346 -3.65 27.11 33.16
CA ARG A 346 -2.22 27.39 33.35
C ARG A 346 -1.63 28.35 32.29
N SER A 347 -2.43 28.63 31.26
CA SER A 347 -2.08 29.56 30.19
C SER A 347 -3.31 29.72 29.29
N VAL A 348 -3.28 30.60 28.29
CA VAL A 348 -4.47 30.78 27.47
C VAL A 348 -4.22 30.13 26.14
N MET A 349 -5.24 29.40 25.68
CA MET A 349 -5.22 28.71 24.42
C MET A 349 -5.27 29.71 23.26
N PRO A 350 -4.36 29.59 22.28
CA PRO A 350 -4.39 30.40 21.06
C PRO A 350 -5.45 29.88 20.08
N PRO A 351 -5.84 30.67 19.01
CA PRO A 351 -6.49 30.07 17.83
C PRO A 351 -5.48 29.06 17.25
N LYS A 352 -5.98 28.00 16.62
CA LYS A 352 -5.15 27.05 15.83
C LYS A 352 -4.21 27.78 14.85
N TYR A 353 -4.66 28.90 14.28
CA TYR A 353 -3.87 29.61 13.25
C TYR A 353 -2.54 30.21 13.75
N VAL A 354 -2.42 30.39 15.06
CA VAL A 354 -1.17 30.85 15.66
C VAL A 354 -0.02 29.86 15.37
N PHE A 355 -0.34 28.60 15.16
CA PHE A 355 0.68 27.64 14.77
C PHE A 355 1.04 27.57 13.27
N GLY A 356 0.58 28.54 12.48
CA GLY A 356 0.84 28.54 11.04
C GLY A 356 2.20 29.15 10.74
N PHE A 357 2.59 29.14 9.48
CA PHE A 357 3.79 29.82 9.04
C PHE A 357 3.42 31.26 8.63
N PHE A 358 4.07 32.23 9.25
CA PHE A 358 3.78 33.65 9.03
C PHE A 358 4.96 34.36 8.41
N GLN A 359 4.72 35.48 7.71
CA GLN A 359 5.78 36.31 7.20
C GLN A 359 5.56 37.72 7.64
N GLY A 360 6.56 38.31 8.28
CA GLY A 360 6.56 39.74 8.57
C GLY A 360 7.64 40.35 7.70
N VAL A 361 7.48 41.63 7.41
CA VAL A 361 8.49 42.38 6.74
C VAL A 361 8.44 43.75 7.36
N PHE A 362 9.59 44.27 7.79
CA PHE A 362 9.63 45.68 8.19
C PHE A 362 10.08 46.46 6.96
N GLY A 363 9.15 47.17 6.33
CA GLY A 363 9.42 47.87 5.07
C GLY A 363 8.56 47.51 3.86
N THR A 364 7.28 47.22 4.09
CA THR A 364 6.29 47.13 3.00
C THR A 364 5.75 48.54 2.83
N SER A 365 5.31 48.92 1.64
CA SER A 365 4.81 50.29 1.45
C SER A 365 3.39 50.42 0.88
N SER A 366 2.75 49.27 0.61
CA SER A 366 1.33 49.20 0.24
C SER A 366 0.74 47.80 0.37
N LEU A 367 -0.59 47.75 0.30
CA LEU A 367 -1.30 46.49 0.10
C LEU A 367 -1.08 45.97 -1.31
N LEU A 368 -1.59 46.71 -2.29
CA LEU A 368 -1.53 46.27 -3.69
C LEU A 368 -0.35 46.81 -4.49
N ARG A 369 0.16 45.98 -5.40
CA ARG A 369 1.10 46.42 -6.41
C ARG A 369 0.58 47.66 -7.12
N ALA A 370 -0.71 47.70 -7.45
CA ALA A 370 -1.28 48.84 -8.17
C ALA A 370 -1.16 50.16 -7.42
N HIS A 371 -1.04 50.09 -6.11
CA HIS A 371 -0.94 51.33 -5.34
C HIS A 371 0.41 51.54 -4.61
N MET A 372 1.43 50.74 -4.96
CA MET A 372 2.73 50.85 -4.32
C MET A 372 3.48 52.07 -4.83
N PRO A 373 3.96 52.95 -3.93
CA PRO A 373 4.79 54.06 -4.38
C PRO A 373 6.13 53.53 -4.92
N ALA A 374 6.62 54.12 -6.01
CA ALA A 374 7.93 53.80 -6.57
C ALA A 374 9.03 54.09 -5.54
N GLY A 375 10.02 53.21 -5.43
CA GLY A 375 11.14 53.45 -4.52
C GLY A 375 12.03 52.23 -4.59
N GLU A 376 13.35 52.43 -4.53
CA GLU A 376 14.26 51.31 -4.69
C GLU A 376 13.94 50.20 -3.69
N ASN A 377 13.78 48.99 -4.21
CA ASN A 377 13.42 47.80 -3.43
C ASN A 377 12.07 47.82 -2.71
N ASN A 378 11.19 48.80 -3.00
CA ASN A 378 9.80 48.74 -2.48
C ASN A 378 9.07 47.41 -2.79
N ILE A 379 8.27 46.94 -1.82
CA ILE A 379 7.49 45.70 -2.00
C ILE A 379 6.07 45.93 -1.50
N SER A 380 5.11 45.23 -2.11
CA SER A 380 3.73 45.28 -1.67
C SER A 380 3.41 43.99 -0.91
N VAL A 381 2.41 44.06 -0.05
CA VAL A 381 1.90 42.87 0.63
C VAL A 381 1.45 41.86 -0.41
N GLU A 382 0.75 42.35 -1.44
CA GLU A 382 0.30 41.52 -2.56
C GLU A 382 1.41 40.63 -3.14
N GLU A 383 2.58 41.22 -3.42
CA GLU A 383 3.74 40.46 -3.97
C GLU A 383 4.16 39.28 -3.08
N ILE A 384 4.15 39.54 -1.78
CA ILE A 384 4.54 38.54 -0.77
C ILE A 384 3.55 37.35 -0.75
N VAL A 385 2.27 37.68 -0.66
CA VAL A 385 1.22 36.66 -0.77
C VAL A 385 1.31 35.82 -2.07
N GLU A 386 1.46 36.49 -3.21
CA GLU A 386 1.65 35.82 -4.49
C GLU A 386 2.79 34.83 -4.44
N GLY A 387 3.96 35.30 -3.98
CA GLY A 387 5.16 34.48 -3.93
C GLY A 387 4.92 33.22 -3.14
N TYR A 388 4.22 33.30 -2.01
CA TYR A 388 3.98 32.07 -1.24
C TYR A 388 2.89 31.19 -1.86
N GLN A 389 1.79 31.84 -2.28
CA GLN A 389 0.64 31.14 -2.82
C GLN A 389 0.89 30.53 -4.21
N ASN A 390 1.51 31.30 -5.13
CA ASN A 390 1.84 30.77 -6.46
C ASN A 390 2.78 29.59 -6.40
N ASN A 391 3.61 29.55 -5.34
CA ASN A 391 4.59 28.47 -5.16
C ASN A 391 4.16 27.34 -4.23
N ASN A 392 2.87 27.36 -3.88
CA ASN A 392 2.29 26.28 -3.11
C ASN A 392 3.00 26.15 -1.73
N PHE A 393 3.24 27.28 -1.06
CA PHE A 393 3.65 27.16 0.34
C PHE A 393 2.46 27.04 1.26
N PRO A 394 2.53 26.13 2.27
CA PRO A 394 1.55 26.31 3.35
C PRO A 394 1.86 27.68 3.95
N PHE A 395 0.85 28.49 4.18
CA PHE A 395 1.13 29.88 4.49
C PHE A 395 -0.07 30.50 5.15
N GLU A 396 0.14 31.03 6.35
CA GLU A 396 -0.94 31.37 7.24
C GLU A 396 -1.36 32.80 7.08
N GLY A 397 -0.41 33.66 6.71
CA GLY A 397 -0.67 35.08 6.59
C GLY A 397 0.52 35.92 7.06
N LEU A 398 0.21 37.13 7.51
CA LEU A 398 1.19 38.19 7.54
C LEU A 398 1.34 38.84 8.90
N ALA A 399 2.56 39.29 9.18
CA ALA A 399 2.77 40.26 10.26
C ALA A 399 2.97 41.62 9.64
N VAL A 400 1.96 42.48 9.84
CA VAL A 400 1.94 43.76 9.15
C VAL A 400 2.47 44.82 10.12
N ASP A 401 3.55 45.48 9.71
CA ASP A 401 4.34 46.30 10.62
C ASP A 401 3.79 47.73 10.69
N VAL A 402 4.58 48.62 11.29
CA VAL A 402 4.17 50.01 11.52
C VAL A 402 4.08 50.80 10.19
N ASP A 403 4.62 50.19 9.14
CA ASP A 403 4.41 50.61 7.75
C ASP A 403 2.97 50.91 7.35
N MET A 404 2.00 50.20 7.91
CA MET A 404 0.63 50.43 7.46
C MET A 404 -0.01 51.61 8.18
N GLN A 405 0.63 52.11 9.23
CA GLN A 405 0.01 53.15 10.01
C GLN A 405 0.09 54.52 9.35
N ASP A 406 -0.85 55.39 9.67
CA ASP A 406 -0.72 56.79 9.24
C ASP A 406 0.35 57.45 10.08
N ASN A 407 1.54 57.63 9.50
CA ASN A 407 2.60 58.41 10.13
C ASN A 407 2.94 57.97 11.58
N LEU A 408 3.08 56.66 11.78
CA LEU A 408 3.40 56.09 13.10
C LEU A 408 2.37 56.33 14.24
N ARG A 409 1.16 56.79 13.92
CA ARG A 409 0.06 56.83 14.86
C ARG A 409 -0.56 55.44 15.07
N VAL A 410 -0.30 54.82 16.23
CA VAL A 410 -0.78 53.45 16.50
C VAL A 410 -2.31 53.35 16.42
N PHE A 411 -2.85 52.21 15.98
CA PHE A 411 -4.33 52.06 15.76
C PHE A 411 -4.90 52.82 14.50
N THR A 412 -4.04 53.48 13.71
CA THR A 412 -4.44 53.96 12.39
C THR A 412 -3.97 53.07 11.22
N THR A 413 -4.53 53.30 10.04
CA THR A 413 -3.97 52.76 8.78
C THR A 413 -3.84 53.93 7.82
N LYS A 414 -3.15 53.71 6.70
CA LYS A 414 -3.20 54.66 5.58
C LYS A 414 -3.74 54.06 4.27
N GLY A 415 -4.16 54.96 3.36
CA GLY A 415 -4.84 54.61 2.09
C GLY A 415 -4.12 53.53 1.30
N GLU A 416 -2.79 53.60 1.29
CA GLU A 416 -1.97 52.69 0.51
C GLU A 416 -2.23 51.26 0.94
N PHE A 417 -2.77 51.07 2.14
CA PHE A 417 -3.04 49.73 2.68
C PHE A 417 -4.51 49.27 2.56
N TRP A 418 -5.25 49.99 1.72
CA TRP A 418 -6.59 49.63 1.26
C TRP A 418 -6.59 49.36 -0.25
N THR A 419 -7.53 48.53 -0.70
CA THR A 419 -7.62 48.19 -2.13
C THR A 419 -7.96 49.40 -3.04
N ALA A 420 -8.77 50.34 -2.54
CA ALA A 420 -9.13 51.50 -3.31
C ALA A 420 -8.30 52.73 -2.94
N ASN A 421 -7.22 52.52 -2.17
CA ASN A 421 -6.23 53.53 -1.88
C ASN A 421 -6.78 54.70 -1.05
N ARG A 422 -7.74 54.41 -0.17
CA ARG A 422 -8.21 55.39 0.80
C ARG A 422 -8.77 54.61 1.98
N VAL A 423 -8.78 55.24 3.15
CA VAL A 423 -9.19 54.57 4.40
C VAL A 423 -10.71 54.51 4.54
N GLY A 424 -11.24 53.32 4.79
CA GLY A 424 -12.68 53.18 5.02
C GLY A 424 -12.91 52.76 6.45
N THR A 425 -14.15 52.45 6.78
CA THR A 425 -14.49 52.02 8.13
C THR A 425 -14.79 50.51 8.24
N GLY A 426 -14.54 49.79 7.16
CA GLY A 426 -14.74 48.33 7.12
C GLY A 426 -16.04 47.83 6.51
N GLY A 427 -15.99 46.61 5.97
CA GLY A 427 -17.19 45.98 5.41
C GLY A 427 -17.63 46.42 4.02
N ASP A 428 -16.84 47.28 3.37
CA ASP A 428 -17.10 47.70 1.98
C ASP A 428 -16.42 46.73 0.98
N PRO A 429 -17.23 45.96 0.22
CA PRO A 429 -16.59 45.00 -0.70
C PRO A 429 -15.86 45.68 -1.89
N ASN A 430 -16.09 46.98 -2.09
CA ASN A 430 -15.32 47.78 -3.08
C ASN A 430 -14.15 48.63 -2.53
N ASN A 431 -13.77 48.37 -1.28
CA ASN A 431 -12.62 49.00 -0.61
C ASN A 431 -12.25 48.24 0.64
N ARG A 432 -11.44 47.21 0.45
CA ARG A 432 -11.06 46.30 1.52
C ARG A 432 -9.76 46.76 2.16
N SER A 433 -9.67 46.60 3.49
CA SER A 433 -8.44 46.78 4.23
C SER A 433 -7.49 45.68 3.85
N VAL A 434 -6.21 45.86 4.20
CA VAL A 434 -5.21 44.78 4.13
C VAL A 434 -5.72 43.49 4.78
N PHE A 435 -6.35 43.64 5.95
CA PHE A 435 -6.88 42.52 6.73
C PHE A 435 -8.11 41.86 6.07
N GLU A 436 -9.01 42.67 5.51
CA GLU A 436 -10.17 42.12 4.78
C GLU A 436 -9.69 41.40 3.50
N TRP A 437 -8.77 42.06 2.77
CA TRP A 437 -8.23 41.51 1.55
C TRP A 437 -7.50 40.17 1.86
N ALA A 438 -6.72 40.14 2.96
CA ALA A 438 -6.04 38.89 3.45
C ALA A 438 -7.02 37.75 3.79
N HIS A 439 -8.15 38.08 4.41
CA HIS A 439 -9.23 37.08 4.63
C HIS A 439 -9.70 36.39 3.32
N ASP A 440 -9.89 37.19 2.28
CA ASP A 440 -10.26 36.65 0.96
C ASP A 440 -9.17 35.80 0.32
N LYS A 441 -7.93 35.98 0.75
CA LYS A 441 -6.83 35.07 0.36
C LYS A 441 -6.69 33.87 1.29
N GLY A 442 -7.59 33.70 2.26
CA GLY A 442 -7.49 32.55 3.18
C GLY A 442 -6.43 32.74 4.26
N LEU A 443 -6.02 34.00 4.45
CA LEU A 443 -5.02 34.33 5.48
C LEU A 443 -5.60 34.99 6.72
N VAL A 444 -4.80 35.02 7.77
CA VAL A 444 -5.07 35.90 8.92
C VAL A 444 -3.84 36.81 9.20
N CYS A 445 -4.03 37.91 9.92
CA CYS A 445 -2.92 38.81 10.19
C CYS A 445 -2.77 39.24 11.65
N GLN A 446 -1.51 39.49 12.01
CA GLN A 446 -1.17 40.30 13.17
C GLN A 446 -0.68 41.65 12.70
N THR A 447 -0.75 42.65 13.57
CA THR A 447 -0.20 43.97 13.28
C THR A 447 0.53 44.48 14.53
N ASN A 448 1.62 45.21 14.29
CA ASN A 448 2.48 45.73 15.32
C ASN A 448 1.72 46.80 16.11
N ILE A 449 1.47 46.58 17.40
CA ILE A 449 0.98 47.65 18.32
C ILE A 449 2.00 47.94 19.44
N THR A 450 2.27 49.22 19.71
CA THR A 450 3.11 49.59 20.84
C THR A 450 2.29 50.62 21.63
N CYS A 451 2.78 50.98 22.83
CA CYS A 451 2.05 51.99 23.64
C CYS A 451 2.72 53.37 23.58
N PHE A 452 3.35 53.68 22.43
CA PHE A 452 3.83 55.04 22.13
C PHE A 452 2.71 55.76 21.38
N LEU A 453 2.11 56.82 21.97
CA LEU A 453 0.99 57.55 21.33
C LEU A 453 1.52 58.86 20.75
N ARG A 454 1.61 58.92 19.43
CA ARG A 454 2.41 59.90 18.77
C ARG A 454 1.95 61.28 19.23
N ASN A 455 2.88 62.14 19.61
CA ASN A 455 2.55 63.41 20.26
C ASN A 455 2.82 64.61 19.37
N ASP A 456 3.72 64.48 18.39
CA ASP A 456 4.04 65.59 17.47
C ASP A 456 3.26 65.44 16.16
N ASN A 457 2.03 65.93 16.15
CA ASN A 457 1.10 65.64 15.07
C ASN A 457 0.87 66.84 14.13
N GLU A 458 1.68 67.89 14.32
CA GLU A 458 1.55 69.16 13.58
C GLU A 458 0.11 69.68 13.51
N GLY A 459 -0.53 69.74 14.68
CA GLY A 459 -1.91 70.22 14.79
C GLY A 459 -2.96 69.29 14.22
N GLN A 460 -2.56 68.21 13.54
CA GLN A 460 -3.53 67.30 12.93
C GLN A 460 -4.20 66.46 13.98
N ASP A 461 -5.42 66.02 13.68
CA ASP A 461 -6.20 65.29 14.65
C ASP A 461 -5.71 63.83 14.74
N TYR A 462 -5.51 63.38 15.97
CA TYR A 462 -5.17 61.99 16.28
C TYR A 462 -5.89 61.71 17.61
N GLU A 463 -7.04 61.05 17.49
CA GLU A 463 -8.02 60.89 18.57
C GLU A 463 -7.44 60.18 19.80
N VAL A 464 -6.61 59.16 19.56
CA VAL A 464 -6.03 58.36 20.62
C VAL A 464 -5.16 59.22 21.57
N ASN A 465 -4.29 60.04 20.99
CA ASN A 465 -3.47 60.95 21.79
C ASN A 465 -4.35 61.99 22.50
N GLN A 466 -5.38 62.50 21.80
CA GLN A 466 -6.25 63.56 22.33
C GLN A 466 -7.07 63.14 23.53
N THR A 467 -7.67 61.95 23.46
CA THR A 467 -8.42 61.41 24.59
C THR A 467 -7.51 60.96 25.74
N LEU A 468 -6.29 60.51 25.43
CA LEU A 468 -5.30 60.26 26.50
C LEU A 468 -5.01 61.54 27.29
N ARG A 469 -4.83 62.65 26.56
CA ARG A 469 -4.58 63.96 27.13
C ARG A 469 -5.74 64.45 27.97
N GLU A 470 -6.90 64.54 27.32
CA GLU A 470 -8.10 65.11 27.87
C GLU A 470 -8.50 64.39 29.15
N ARG A 471 -8.34 63.07 29.16
CA ARG A 471 -8.73 62.26 30.32
C ARG A 471 -7.66 62.06 31.40
N GLN A 472 -6.55 62.78 31.30
CA GLN A 472 -5.45 62.76 32.29
C GLN A 472 -4.85 61.38 32.48
N LEU A 473 -4.72 60.65 31.39
CA LEU A 473 -4.32 59.24 31.47
C LEU A 473 -2.83 58.91 31.19
N TYR A 474 -2.06 59.92 30.81
CA TYR A 474 -0.64 59.70 30.50
C TYR A 474 0.25 59.79 31.75
N THR A 475 1.40 59.14 31.67
CA THR A 475 2.49 59.32 32.63
C THR A 475 2.89 60.81 32.72
N LYS A 476 2.96 61.34 33.93
CA LYS A 476 3.36 62.74 34.11
C LYS A 476 4.91 62.89 34.15
N ASN A 477 5.42 64.11 34.23
CA ASN A 477 6.87 64.30 34.21
C ASN A 477 7.43 64.54 35.61
N ASP A 478 6.77 63.95 36.61
CA ASP A 478 7.09 64.17 38.02
C ASP A 478 8.17 63.21 38.51
N SER A 479 8.94 63.67 39.50
CA SER A 479 9.96 62.85 40.16
C SER A 479 10.19 63.36 41.57
N LEU A 480 10.95 62.60 42.34
CA LEU A 480 11.35 63.00 43.68
C LEU A 480 12.72 63.67 43.64
N THR A 481 13.31 63.77 42.45
CA THR A 481 14.70 64.21 42.32
C THR A 481 14.79 65.58 41.68
N GLY A 482 13.65 66.09 41.20
CA GLY A 482 13.60 67.36 40.46
C GLY A 482 14.25 67.22 39.09
N THR A 483 14.26 66.01 38.55
CA THR A 483 14.86 65.76 37.23
C THR A 483 13.98 66.36 36.14
N ASP A 484 14.62 66.90 35.12
CA ASP A 484 13.89 67.53 34.03
C ASP A 484 13.93 66.66 32.80
N PHE A 485 12.87 65.87 32.58
CA PHE A 485 12.81 64.87 31.50
C PHE A 485 12.72 65.43 30.07
N GLY A 486 12.51 66.74 29.96
CA GLY A 486 12.47 67.39 28.65
C GLY A 486 11.07 67.87 28.34
N MET A 487 10.91 68.59 27.24
CA MET A 487 9.62 69.15 26.87
C MET A 487 9.59 69.61 25.42
N THR A 488 8.42 69.51 24.80
CA THR A 488 8.26 70.04 23.46
C THR A 488 7.13 71.05 23.41
N ASP A 489 7.03 71.71 22.26
CA ASP A 489 5.98 72.68 21.98
C ASP A 489 4.60 72.03 21.99
N ASP A 490 4.52 70.73 21.73
CA ASP A 490 3.24 70.01 21.76
C ASP A 490 2.59 69.90 23.15
N GLY A 491 3.40 69.95 24.20
CA GLY A 491 2.89 69.68 25.57
C GLY A 491 2.32 68.26 25.70
N PRO A 492 1.45 68.01 26.70
CA PRO A 492 1.11 68.93 27.79
C PRO A 492 2.31 69.19 28.71
N SER A 493 2.26 70.30 29.44
CA SER A 493 3.39 70.79 30.22
C SER A 493 3.80 69.85 31.35
N ASP A 494 2.91 68.95 31.75
CA ASP A 494 3.17 68.02 32.83
C ASP A 494 3.25 66.59 32.35
N ALA A 495 3.48 66.39 31.06
CA ALA A 495 3.56 65.04 30.52
C ALA A 495 5.00 64.51 30.38
N TYR A 496 5.20 63.21 30.68
CA TYR A 496 6.42 62.56 30.24
C TYR A 496 6.39 62.43 28.74
N ILE A 497 7.39 62.98 28.07
CA ILE A 497 7.47 62.89 26.60
C ILE A 497 8.75 62.15 26.18
N GLY A 498 8.57 61.02 25.49
CA GLY A 498 9.69 60.21 25.02
C GLY A 498 9.83 60.28 23.51
N HIS A 499 10.72 59.47 22.95
CA HIS A 499 10.98 59.50 21.54
C HIS A 499 11.14 58.06 21.04
N LEU A 500 10.45 57.75 19.96
CA LEU A 500 10.47 56.43 19.30
C LEU A 500 11.39 56.55 18.11
N ASP A 501 12.30 55.61 17.97
CA ASP A 501 13.29 55.69 16.92
C ASP A 501 13.58 54.32 16.31
N TYR A 502 13.06 54.14 15.08
CA TYR A 502 13.20 52.92 14.31
C TYR A 502 14.42 52.96 13.37
N GLY A 503 15.14 54.09 13.39
CA GLY A 503 16.30 54.31 12.53
C GLY A 503 15.93 54.88 11.17
N GLY A 504 16.91 55.47 10.50
CA GLY A 504 16.73 55.96 9.14
C GLY A 504 15.67 57.04 8.98
N GLY A 505 15.40 57.76 10.06
CA GLY A 505 14.44 58.88 10.06
C GLY A 505 13.01 58.51 10.43
N VAL A 506 12.77 57.21 10.67
CA VAL A 506 11.44 56.73 11.01
C VAL A 506 11.25 56.96 12.53
N GLU A 507 10.74 58.15 12.88
CA GLU A 507 10.77 58.60 14.31
C GLU A 507 9.70 59.61 14.71
N CYS A 508 9.40 59.69 16.01
CA CYS A 508 8.38 60.62 16.51
C CYS A 508 8.43 60.79 18.03
N ASP A 509 7.78 61.86 18.51
CA ASP A 509 7.55 62.10 19.93
C ASP A 509 6.31 61.33 20.39
N ALA A 510 6.30 60.90 21.64
CA ALA A 510 5.15 60.16 22.16
C ALA A 510 4.90 60.37 23.64
N LEU A 511 3.62 60.22 23.99
CA LEU A 511 3.12 60.11 25.36
C LEU A 511 2.87 58.62 25.61
N PHE A 512 2.65 58.26 26.87
CA PHE A 512 2.54 56.87 27.30
C PHE A 512 1.47 56.75 28.36
N PRO A 513 0.78 55.60 28.39
CA PRO A 513 -0.22 55.38 29.41
C PRO A 513 0.36 55.03 30.77
N ASP A 514 -0.13 55.75 31.78
CA ASP A 514 0.23 55.46 33.15
C ASP A 514 -0.66 54.33 33.67
N TRP A 515 -0.19 53.11 33.43
CA TRP A 515 -0.94 51.88 33.57
C TRP A 515 -1.62 51.60 34.87
N GLY A 516 -1.08 52.12 35.97
CA GLY A 516 -1.62 51.87 37.29
C GLY A 516 -2.77 52.80 37.67
N ARG A 517 -3.01 53.83 36.86
CA ARG A 517 -4.17 54.71 37.10
C ARG A 517 -5.47 53.91 36.85
N PRO A 518 -6.52 54.16 37.65
CA PRO A 518 -7.75 53.49 37.24
C PRO A 518 -8.22 54.11 35.89
N ASP A 519 -8.85 53.30 35.04
CA ASP A 519 -9.43 53.80 33.77
C ASP A 519 -8.52 53.57 32.59
N VAL A 520 -7.22 53.53 32.82
CA VAL A 520 -6.24 53.39 31.75
C VAL A 520 -6.43 52.08 30.97
N ALA A 521 -6.56 50.97 31.69
CA ALA A 521 -6.61 49.64 31.03
C ALA A 521 -7.79 49.53 30.07
N GLU A 522 -8.93 50.08 30.48
CA GLU A 522 -10.18 50.14 29.71
C GLU A 522 -10.10 51.08 28.51
N TRP A 523 -9.61 52.30 28.71
CA TRP A 523 -9.30 53.22 27.60
C TRP A 523 -8.43 52.54 26.52
N TRP A 524 -7.41 51.81 26.95
CA TRP A 524 -6.46 51.18 26.05
C TRP A 524 -7.08 50.04 25.24
N GLY A 525 -7.71 49.10 25.93
CA GLY A 525 -8.42 47.99 25.29
C GLY A 525 -9.45 48.47 24.26
N ASN A 526 -10.11 49.58 24.55
CA ASN A 526 -11.10 50.08 23.63
C ASN A 526 -10.56 50.63 22.27
N ASN A 527 -9.30 51.05 22.23
CA ASN A 527 -8.68 51.53 20.98
C ASN A 527 -8.59 50.44 19.92
N TYR A 528 -8.52 49.19 20.37
CA TYR A 528 -8.42 48.02 19.49
C TYR A 528 -9.65 47.79 18.61
N LYS A 529 -10.83 48.26 19.04
CA LYS A 529 -12.03 48.29 18.21
C LYS A 529 -11.71 48.87 16.83
N LYS A 530 -10.89 49.92 16.79
CA LYS A 530 -10.56 50.59 15.53
C LYS A 530 -9.82 49.72 14.51
N LEU A 531 -9.20 48.63 14.98
CA LEU A 531 -8.50 47.65 14.14
C LEU A 531 -9.28 46.32 13.96
N PHE A 532 -9.88 45.84 15.04
CA PHE A 532 -10.70 44.63 14.95
C PHE A 532 -11.83 44.77 13.91
N SER A 533 -12.45 45.96 13.84
CA SER A 533 -13.64 46.19 13.02
C SER A 533 -13.28 46.34 11.54
N ILE A 534 -11.99 46.49 11.24
CA ILE A 534 -11.51 46.50 9.86
C ILE A 534 -10.80 45.16 9.49
N GLY A 535 -10.92 44.17 10.36
CA GLY A 535 -10.59 42.79 10.02
C GLY A 535 -9.35 42.20 10.68
N LEU A 536 -8.61 42.99 11.48
CA LEU A 536 -7.45 42.47 12.24
C LEU A 536 -7.78 41.23 13.09
N ASP A 537 -6.91 40.21 13.02
CA ASP A 537 -7.16 38.99 13.75
C ASP A 537 -6.46 38.84 15.11
N PHE A 538 -5.15 39.08 15.15
CA PHE A 538 -4.41 39.06 16.42
C PHE A 538 -3.31 40.14 16.54
N VAL A 539 -2.68 40.21 17.69
CA VAL A 539 -1.81 41.32 18.06
C VAL A 539 -0.34 40.93 18.22
N TRP A 540 0.50 41.84 17.74
CA TRP A 540 1.95 41.72 17.79
C TRP A 540 2.40 42.90 18.64
N GLN A 541 2.80 42.61 19.88
CA GLN A 541 3.04 43.65 20.90
C GLN A 541 4.53 44.01 21.00
N ASP A 542 4.91 45.25 20.66
CA ASP A 542 6.34 45.56 20.41
C ASP A 542 6.80 46.77 21.26
N MET A 543 8.11 46.98 21.35
N MET A 543 8.11 46.99 21.33
CA MET A 543 8.69 48.13 22.10
CA MET A 543 8.69 48.14 22.10
C MET A 543 8.12 48.27 23.51
C MET A 543 8.12 48.28 23.51
N THR A 544 8.03 47.16 24.23
CA THR A 544 7.18 47.10 25.44
C THR A 544 7.85 47.50 26.75
N VAL A 545 9.12 47.95 26.72
CA VAL A 545 9.89 48.13 27.94
C VAL A 545 9.22 49.24 28.75
N PRO A 546 8.71 50.28 28.09
CA PRO A 546 8.64 50.68 26.69
C PRO A 546 9.99 51.14 26.13
N ALA A 547 10.21 50.90 24.85
CA ALA A 547 11.60 50.88 24.40
C ALA A 547 11.93 52.21 23.74
N MET A 548 12.24 53.24 24.55
CA MET A 548 12.50 54.59 24.08
C MET A 548 13.92 54.80 23.46
N MET A 549 14.00 55.68 22.47
CA MET A 549 15.30 56.18 22.01
C MET A 549 16.21 56.51 23.20
N PRO A 550 17.51 56.12 23.14
CA PRO A 550 18.45 56.46 24.21
C PRO A 550 18.51 57.94 24.34
N HIS A 551 18.55 58.43 25.58
CA HIS A 551 18.46 59.86 25.85
C HIS A 551 19.16 60.22 27.15
N LYS A 552 19.76 61.42 27.16
CA LYS A 552 20.40 62.02 28.31
C LYS A 552 19.68 63.29 28.76
N ILE A 553 19.42 63.41 30.06
CA ILE A 553 18.87 64.66 30.67
C ILE A 553 19.60 65.92 30.19
N GLY A 554 18.84 66.95 29.81
CA GLY A 554 19.41 68.17 29.29
C GLY A 554 19.45 68.25 27.79
N ASP A 555 19.54 67.12 27.09
CA ASP A 555 19.43 67.10 25.63
C ASP A 555 17.96 67.29 25.16
N ASP A 556 17.76 67.80 23.93
CA ASP A 556 16.42 67.83 23.32
C ASP A 556 15.82 66.40 23.26
N ILE A 557 14.49 66.34 23.32
CA ILE A 557 13.75 65.06 23.27
C ILE A 557 14.18 64.17 22.09
N ASN A 558 14.49 64.80 20.94
CA ASN A 558 14.81 64.01 19.73
C ASN A 558 16.29 63.79 19.48
N VAL A 559 17.13 64.13 20.48
CA VAL A 559 18.60 63.91 20.39
C VAL A 559 19.08 62.79 21.31
N LYS A 560 19.77 61.80 20.74
CA LYS A 560 20.40 60.74 21.51
C LYS A 560 21.86 61.00 21.82
N PRO A 561 22.39 60.42 22.92
CA PRO A 561 23.82 60.66 23.20
C PRO A 561 24.75 59.90 22.25
N ASP A 562 26.05 60.19 22.33
CA ASP A 562 27.09 59.50 21.62
C ASP A 562 26.95 57.98 21.88
N GLY A 563 27.11 57.17 20.86
CA GLY A 563 26.94 55.71 20.99
C GLY A 563 27.73 55.12 22.15
N ASN A 564 28.81 55.80 22.54
CA ASN A 564 29.79 55.29 23.51
C ASN A 564 29.46 55.57 24.96
N TRP A 565 28.59 56.55 25.16
CA TRP A 565 28.12 57.00 26.44
C TRP A 565 26.78 56.31 26.84
N PRO A 566 26.61 55.94 28.13
CA PRO A 566 27.55 56.12 29.23
C PRO A 566 28.59 55.03 29.22
N ASN A 567 29.59 55.16 30.06
CA ASN A 567 30.65 54.13 30.16
C ASN A 567 31.31 54.29 31.51
N ALA A 568 32.23 53.38 31.84
CA ALA A 568 32.91 53.43 33.14
C ALA A 568 33.67 54.72 33.46
N ASP A 569 34.31 55.32 32.46
CA ASP A 569 35.10 56.56 32.65
C ASP A 569 34.18 57.77 32.67
N ASP A 570 32.96 57.57 32.17
CA ASP A 570 31.98 58.62 32.09
C ASP A 570 30.58 58.05 32.38
N PRO A 571 30.28 57.80 33.67
CA PRO A 571 29.03 57.10 34.01
C PRO A 571 27.75 57.92 33.77
N SER A 572 26.62 57.21 33.73
CA SER A 572 25.32 57.86 33.61
C SER A 572 25.10 58.88 34.69
N ASN A 573 25.42 58.51 35.94
CA ASN A 573 25.13 59.43 37.08
C ASN A 573 23.69 59.96 37.16
N GLY A 574 22.67 59.11 36.96
CA GLY A 574 21.28 59.60 36.98
C GLY A 574 20.85 60.47 35.79
N GLN A 575 21.58 60.43 34.69
CA GLN A 575 21.20 61.20 33.50
C GLN A 575 20.78 60.36 32.28
N TYR A 576 21.11 59.06 32.24
CA TYR A 576 20.70 58.19 31.13
C TYR A 576 19.34 57.54 31.39
N ASN A 577 18.57 57.33 30.30
CA ASN A 577 17.25 56.68 30.38
C ASN A 577 17.30 55.19 30.21
N TRP A 578 18.48 54.68 29.87
CA TRP A 578 18.63 53.25 29.71
C TRP A 578 17.55 52.74 28.74
N LYS A 579 17.29 53.54 27.69
CA LYS A 579 16.46 53.15 26.56
C LYS A 579 15.01 52.77 26.96
N THR A 580 14.43 53.63 27.80
CA THR A 580 13.06 53.49 28.31
C THR A 580 12.79 54.79 29.03
N TYR A 581 11.81 54.79 29.92
CA TYR A 581 11.61 55.92 30.86
C TYR A 581 12.91 56.24 31.65
N HIS A 582 13.29 57.51 31.71
CA HIS A 582 14.21 57.97 32.75
C HIS A 582 13.74 57.41 34.08
N PRO A 583 14.60 56.67 34.80
CA PRO A 583 14.07 55.82 35.89
C PRO A 583 13.57 56.53 37.16
N GLN A 584 13.75 57.85 37.22
CA GLN A 584 13.24 58.64 38.32
C GLN A 584 11.74 59.01 38.19
N VAL A 585 11.18 58.88 36.99
CA VAL A 585 9.78 59.29 36.74
C VAL A 585 8.82 58.56 37.71
N LEU A 586 7.93 59.32 38.35
CA LEU A 586 6.89 58.76 39.25
C LEU A 586 5.76 58.09 38.44
N VAL A 587 5.66 56.75 38.50
CA VAL A 587 4.57 56.01 37.83
C VAL A 587 3.53 55.56 38.84
N THR A 588 2.26 55.60 38.47
CA THR A 588 1.23 55.11 39.38
C THR A 588 1.48 53.62 39.56
N ASP A 589 1.55 53.15 40.80
CA ASP A 589 2.00 51.80 41.17
C ASP A 589 1.27 50.71 40.41
N MET A 590 2.02 49.79 39.80
CA MET A 590 1.43 48.74 39.02
C MET A 590 1.34 47.45 39.85
N ARG A 591 2.10 47.39 40.95
CA ARG A 591 2.14 46.22 41.80
C ARG A 591 0.95 46.16 42.73
N TYR A 592 0.56 47.35 43.25
CA TYR A 592 -0.42 47.43 44.30
C TYR A 592 -1.41 48.52 43.90
N GLU A 593 -2.67 48.15 43.73
CA GLU A 593 -3.66 49.14 43.27
C GLU A 593 -3.96 50.14 44.37
N ASN A 594 -4.34 51.36 43.97
CA ASN A 594 -4.72 52.43 44.89
C ASN A 594 -3.72 52.69 46.04
N HIS A 595 -2.43 52.63 45.69
CA HIS A 595 -1.34 52.70 46.65
C HIS A 595 -0.39 53.89 46.39
N GLY A 596 -0.65 54.67 45.35
CA GLY A 596 0.11 55.89 45.08
C GLY A 596 1.08 55.75 43.92
N ARG A 597 2.08 56.63 43.88
CA ARG A 597 3.13 56.60 42.80
C ARG A 597 4.50 56.20 43.35
N GLU A 598 5.31 55.51 42.53
CA GLU A 598 6.68 55.14 42.86
C GLU A 598 7.57 55.42 41.64
N PRO A 599 8.87 55.70 41.84
CA PRO A 599 9.75 55.90 40.66
C PRO A 599 9.77 54.58 39.91
N MET A 600 9.81 54.64 38.58
CA MET A 600 9.76 53.43 37.73
C MET A 600 10.87 52.43 38.05
N VAL A 601 12.01 52.92 38.56
CA VAL A 601 13.11 52.01 39.02
C VAL A 601 12.65 50.81 39.90
N THR A 602 11.64 51.05 40.75
CA THR A 602 11.12 50.00 41.67
C THR A 602 10.34 48.93 40.95
N GLN A 603 9.97 49.14 39.69
CA GLN A 603 9.04 48.20 39.02
C GLN A 603 9.19 47.99 37.49
N ARG A 604 10.41 48.28 36.98
CA ARG A 604 10.70 48.25 35.55
C ARG A 604 10.13 47.04 34.83
N ASN A 605 10.37 45.86 35.39
CA ASN A 605 10.12 44.62 34.71
C ASN A 605 8.67 44.18 34.74
N ILE A 606 7.79 45.05 35.27
CA ILE A 606 6.35 44.75 35.25
C ILE A 606 5.60 45.50 34.13
N HIS A 607 6.29 46.43 33.47
CA HIS A 607 5.63 47.29 32.47
C HIS A 607 5.12 46.46 31.28
N ALA A 608 5.95 45.59 30.70
CA ALA A 608 5.50 44.84 29.55
C ALA A 608 4.34 43.97 29.96
N TYR A 609 4.39 43.48 31.21
CA TYR A 609 3.46 42.46 31.66
C TYR A 609 2.09 43.04 31.75
N THR A 610 2.03 44.31 32.21
CA THR A 610 0.81 45.07 32.45
C THR A 610 0.15 45.56 31.14
N LEU A 611 0.97 46.10 30.22
CA LEU A 611 0.57 46.30 28.83
C LEU A 611 -0.17 45.07 28.23
N CYS A 612 0.49 43.90 28.25
CA CYS A 612 -0.09 42.71 27.69
C CYS A 612 -1.40 42.31 28.38
N GLU A 613 -1.42 42.45 29.70
CA GLU A 613 -2.57 42.10 30.49
C GLU A 613 -3.74 42.93 30.03
N SER A 614 -3.47 44.22 29.85
CA SER A 614 -4.55 45.15 29.51
C SER A 614 -5.02 44.89 28.07
N THR A 615 -4.09 44.52 27.18
CA THR A 615 -4.46 44.18 25.83
C THR A 615 -5.37 42.96 25.90
N ARG A 616 -4.96 41.97 26.68
CA ARG A 616 -5.69 40.71 26.74
C ARG A 616 -7.11 40.86 27.30
N LYS A 617 -7.24 41.45 28.48
CA LYS A 617 -8.53 41.50 29.17
C LYS A 617 -9.45 42.53 28.54
N GLU A 618 -8.94 43.73 28.33
CA GLU A 618 -9.77 44.82 27.87
C GLU A 618 -9.77 44.98 26.32
N GLY A 619 -8.82 44.37 25.63
CA GLY A 619 -8.78 44.44 24.16
C GLY A 619 -9.52 43.24 23.62
N ILE A 620 -8.82 42.13 23.70
CA ILE A 620 -9.23 40.90 23.10
C ILE A 620 -10.51 40.30 23.69
N VAL A 621 -10.60 40.23 25.02
CA VAL A 621 -11.74 39.61 25.65
C VAL A 621 -12.93 40.58 25.67
N GLU A 622 -12.77 41.78 26.22
CA GLU A 622 -13.92 42.71 26.34
C GLU A 622 -14.56 43.10 25.01
N ASN A 623 -13.73 43.21 23.97
CA ASN A 623 -14.17 43.67 22.68
C ASN A 623 -14.18 42.51 21.67
N ALA A 624 -14.38 41.29 22.17
CA ALA A 624 -14.45 40.10 21.30
C ALA A 624 -15.54 40.15 20.22
N ASP A 625 -16.62 40.90 20.50
CA ASP A 625 -17.71 41.09 19.56
C ASP A 625 -17.32 41.80 18.27
N THR A 626 -16.25 42.61 18.29
CA THR A 626 -15.85 43.39 17.11
C THR A 626 -14.88 42.61 16.22
N LEU A 627 -14.45 41.44 16.68
CA LEU A 627 -13.60 40.58 15.86
C LEU A 627 -14.45 40.00 14.75
N THR A 628 -13.83 39.79 13.60
CA THR A 628 -14.59 39.40 12.43
C THR A 628 -14.59 37.88 12.24
N LYS A 629 -13.51 37.30 11.78
CA LYS A 629 -13.57 35.91 11.35
C LYS A 629 -13.35 34.90 12.47
N PHE A 630 -12.45 35.23 13.41
CA PHE A 630 -12.16 34.37 14.58
C PHE A 630 -12.37 35.17 15.87
N ARG A 631 -13.35 34.77 16.66
CA ARG A 631 -13.63 35.43 17.94
C ARG A 631 -12.52 35.20 18.98
N ARG A 632 -11.81 34.05 18.92
CA ARG A 632 -10.62 33.92 19.75
C ARG A 632 -9.47 34.65 19.12
N SER A 633 -8.67 35.30 19.92
CA SER A 633 -7.49 35.98 19.39
C SER A 633 -6.24 35.63 20.18
N TYR A 634 -5.18 36.42 20.04
CA TYR A 634 -3.93 36.12 20.71
C TYR A 634 -3.01 37.33 20.70
N ILE A 635 -1.98 37.28 21.56
CA ILE A 635 -0.92 38.29 21.57
C ILE A 635 0.41 37.59 21.42
N ILE A 636 1.28 38.15 20.59
CA ILE A 636 2.66 37.71 20.56
C ILE A 636 3.46 38.91 20.97
N SER A 637 4.05 38.83 22.17
CA SER A 637 4.71 39.97 22.77
C SER A 637 6.25 39.92 22.74
N ARG A 638 6.86 41.10 22.67
CA ARG A 638 8.34 41.17 22.76
C ARG A 638 8.86 41.12 24.18
N GLY A 639 8.12 41.70 25.11
CA GLY A 639 8.56 41.70 26.50
C GLY A 639 7.54 41.18 27.51
N GLY A 640 8.00 40.98 28.74
CA GLY A 640 7.09 40.57 29.80
C GLY A 640 7.85 40.08 31.04
N TYR A 641 7.10 39.39 31.88
CA TYR A 641 7.56 38.92 33.18
C TYR A 641 6.90 37.57 33.36
N ILE A 642 7.46 36.74 34.24
CA ILE A 642 6.87 35.43 34.64
C ILE A 642 5.35 35.63 34.78
N GLY A 643 4.52 34.77 34.16
CA GLY A 643 3.03 35.05 34.23
C GLY A 643 2.39 35.54 32.90
N ASN A 644 3.24 35.89 31.93
CA ASN A 644 2.82 36.30 30.57
C ASN A 644 2.04 35.23 29.76
N GLN A 645 2.27 33.94 30.06
CA GLN A 645 1.53 32.87 29.41
C GLN A 645 0.00 32.99 29.52
N HIS A 646 -0.51 33.83 30.43
CA HIS A 646 -1.94 34.07 30.61
C HIS A 646 -2.44 35.21 29.73
N PHE A 647 -1.52 35.87 29.02
CA PHE A 647 -1.90 36.88 28.07
C PHE A 647 -1.64 36.47 26.64
N GLY A 648 -0.74 35.51 26.42
CA GLY A 648 -0.38 35.12 25.09
C GLY A 648 1.01 34.49 25.06
N GLY A 649 1.67 34.63 23.92
CA GLY A 649 2.99 34.00 23.71
C GLY A 649 4.04 35.07 23.49
N MET A 650 5.21 34.67 22.99
CA MET A 650 6.37 35.58 22.89
C MET A 650 7.17 35.36 21.60
N TRP A 651 7.85 36.41 21.12
CA TRP A 651 9.01 36.17 20.22
C TRP A 651 10.24 36.89 20.75
N VAL A 652 11.40 36.29 20.53
CA VAL A 652 12.63 36.81 21.15
C VAL A 652 13.25 38.00 20.37
N GLY A 653 12.43 39.03 20.20
CA GLY A 653 12.86 40.28 19.59
C GLY A 653 13.77 40.22 18.38
N ASP A 654 14.78 41.09 18.36
CA ASP A 654 15.57 41.38 17.16
C ASP A 654 16.87 40.56 17.16
N ASN A 655 16.73 39.30 16.76
CA ASN A 655 17.90 38.45 16.45
C ASN A 655 18.57 38.78 15.08
N SER A 656 19.56 37.99 14.69
CA SER A 656 20.26 38.24 13.46
C SER A 656 20.48 36.91 12.72
N THR A 657 21.19 37.01 11.61
CA THR A 657 21.19 36.02 10.57
C THR A 657 22.55 35.33 10.61
N THR A 658 22.75 34.51 11.63
CA THR A 658 23.99 33.72 11.76
C THR A 658 23.73 32.39 12.46
N SER A 659 24.68 31.44 12.34
CA SER A 659 24.63 30.16 13.04
C SER A 659 24.38 30.36 14.57
N ASN A 660 25.11 31.29 15.19
CA ASN A 660 24.99 31.46 16.65
C ASN A 660 23.55 31.83 17.03
N TYR A 661 22.85 32.58 16.17
CA TYR A 661 21.44 32.94 16.45
C TYR A 661 20.47 31.79 16.32
N ILE A 662 20.81 30.82 15.47
CA ILE A 662 20.06 29.57 15.46
C ILE A 662 20.22 28.84 16.81
N GLN A 663 21.47 28.66 17.26
CA GLN A 663 21.81 28.00 18.52
C GLN A 663 21.08 28.67 19.68
N MET A 664 21.12 29.99 19.68
CA MET A 664 20.38 30.80 20.68
C MET A 664 18.86 30.64 20.60
N MET A 665 18.32 30.54 19.37
CA MET A 665 16.88 30.33 19.16
C MET A 665 16.41 29.08 19.86
N ILE A 666 17.18 28.01 19.66
CA ILE A 666 16.83 26.74 20.23
C ILE A 666 16.93 26.78 21.76
N ALA A 667 18.06 27.27 22.29
CA ALA A 667 18.24 27.39 23.76
C ALA A 667 17.16 28.26 24.37
N ASN A 668 16.88 29.40 23.75
CA ASN A 668 15.84 30.31 24.26
C ASN A 668 14.46 29.67 24.40
N ASN A 669 14.18 28.80 23.43
CA ASN A 669 12.88 28.21 23.33
C ASN A 669 12.68 27.22 24.47
N ILE A 670 13.65 26.31 24.63
CA ILE A 670 13.71 25.39 25.73
C ILE A 670 13.63 26.17 27.08
N ASN A 671 14.49 27.18 27.28
CA ASN A 671 14.54 27.87 28.57
C ASN A 671 13.25 28.58 28.86
N MET A 672 12.70 29.22 27.83
CA MET A 672 11.43 29.97 27.99
C MET A 672 10.32 28.98 28.31
N ASN A 673 10.32 27.82 27.65
CA ASN A 673 9.35 26.79 28.02
C ASN A 673 9.38 26.38 29.49
N MET A 674 10.56 26.43 30.13
CA MET A 674 10.70 25.97 31.51
C MET A 674 10.50 27.08 32.50
N SER A 675 10.31 28.29 31.96
CA SER A 675 9.94 29.50 32.74
C SER A 675 8.45 29.79 32.58
N CYS A 676 7.75 28.78 32.08
CA CYS A 676 6.28 28.69 31.93
C CYS A 676 5.73 29.61 30.86
N LEU A 677 6.56 29.91 29.86
CA LEU A 677 6.13 30.63 28.66
C LEU A 677 6.40 29.66 27.46
N PRO A 678 5.39 28.85 27.06
CA PRO A 678 5.58 27.79 26.08
C PRO A 678 5.45 28.22 24.61
N LEU A 679 4.64 29.24 24.33
CA LEU A 679 4.38 29.64 22.93
C LEU A 679 5.30 30.77 22.55
N VAL A 680 6.46 30.36 22.08
CA VAL A 680 7.55 31.28 21.90
C VAL A 680 8.28 30.90 20.62
N GLY A 681 8.91 31.88 19.99
CA GLY A 681 9.78 31.61 18.85
C GLY A 681 10.72 32.76 18.56
N SER A 682 11.62 32.56 17.60
CA SER A 682 12.45 33.69 17.15
C SER A 682 12.35 33.85 15.64
N ASP A 683 12.60 35.06 15.16
CA ASP A 683 12.45 35.34 13.72
C ASP A 683 13.27 34.36 12.86
N ILE A 684 12.57 33.63 12.01
CA ILE A 684 13.22 32.54 11.21
C ILE A 684 14.03 33.23 10.06
N GLY A 685 15.35 33.01 10.04
CA GLY A 685 16.24 33.72 9.11
C GLY A 685 16.98 34.89 9.71
N GLY A 686 16.54 35.33 10.90
CA GLY A 686 17.21 36.39 11.64
C GLY A 686 16.55 37.67 11.17
N PHE A 687 16.26 38.58 12.12
CA PHE A 687 15.64 39.88 11.79
C PHE A 687 16.63 40.91 11.14
N THR A 688 17.76 41.16 11.80
CA THR A 688 18.73 42.20 11.35
C THR A 688 19.66 41.75 10.23
N SER A 689 20.28 42.73 9.54
CA SER A 689 21.38 42.48 8.59
C SER A 689 22.54 41.76 9.30
N TYR A 690 23.39 41.09 8.56
CA TYR A 690 24.49 40.38 9.23
C TYR A 690 25.84 40.58 8.55
N ASP A 691 25.82 41.02 7.29
CA ASP A 691 27.03 41.18 6.49
C ASP A 691 27.64 42.56 6.69
N ASN A 692 28.78 42.61 7.39
CA ASN A 692 29.40 43.88 7.75
C ASN A 692 29.97 44.67 6.56
N GLU A 693 30.20 43.99 5.44
CA GLU A 693 30.71 44.69 4.24
C GLU A 693 29.58 45.18 3.33
N ASN A 694 28.36 44.70 3.56
CA ASN A 694 27.19 45.17 2.83
C ASN A 694 25.94 44.68 3.52
N GLN A 695 25.30 45.55 4.29
CA GLN A 695 24.16 45.17 5.09
C GLN A 695 23.00 44.54 4.29
N ARG A 696 22.95 44.77 2.97
CA ARG A 696 21.82 44.34 2.14
C ARG A 696 21.84 42.85 1.75
N THR A 697 22.99 42.21 1.92
CA THR A 697 23.12 40.80 1.60
C THR A 697 22.08 39.91 2.31
N PRO A 698 21.23 39.20 1.53
CA PRO A 698 20.24 38.30 2.16
C PRO A 698 20.89 37.12 2.90
N CYS A 699 20.15 36.51 3.84
CA CYS A 699 20.48 35.20 4.39
C CYS A 699 20.85 34.22 3.26
N THR A 700 21.93 33.44 3.40
CA THR A 700 22.25 32.40 2.41
C THR A 700 21.16 31.32 2.36
N GLY A 701 21.07 30.64 1.22
CA GLY A 701 20.20 29.48 1.10
C GLY A 701 20.42 28.47 2.23
N ASP A 702 21.67 28.15 2.53
CA ASP A 702 21.95 27.03 3.47
C ASP A 702 21.57 27.45 4.88
N LEU A 703 21.93 28.67 5.25
CA LEU A 703 21.51 29.11 6.58
C LEU A 703 19.98 29.14 6.73
N MET A 704 19.26 29.50 5.66
CA MET A 704 17.79 29.62 5.75
C MET A 704 17.21 28.22 5.91
N VAL A 705 17.76 27.29 5.16
CA VAL A 705 17.32 25.93 5.30
C VAL A 705 17.48 25.51 6.79
N ARG A 706 18.67 25.72 7.37
CA ARG A 706 18.90 25.29 8.75
C ARG A 706 18.01 26.04 9.74
N TYR A 707 17.82 27.34 9.52
CA TYR A 707 16.89 28.11 10.31
C TYR A 707 15.48 27.50 10.28
N VAL A 708 15.02 27.09 9.08
CA VAL A 708 13.65 26.61 8.92
C VAL A 708 13.56 25.21 9.55
N GLN A 709 14.56 24.39 9.28
CA GLN A 709 14.63 23.11 9.91
C GLN A 709 14.63 23.14 11.47
N ALA A 710 15.43 24.04 12.05
CA ALA A 710 15.47 24.22 13.50
C ALA A 710 14.16 24.77 14.08
N GLY A 711 13.51 25.65 13.34
CA GLY A 711 12.30 26.30 13.86
C GLY A 711 10.98 25.59 13.53
N CYS A 712 11.01 24.53 12.72
CA CYS A 712 9.77 24.03 12.12
C CYS A 712 8.81 23.38 13.09
N LEU A 713 9.32 22.79 14.18
CA LEU A 713 8.48 22.24 15.26
C LEU A 713 8.52 23.06 16.55
N LEU A 714 9.08 24.26 16.49
CA LEU A 714 8.98 25.23 17.60
C LEU A 714 7.64 25.99 17.61
N PRO A 715 7.20 26.39 18.80
CA PRO A 715 5.78 26.76 18.85
C PRO A 715 5.40 27.90 17.94
N TRP A 716 6.20 28.96 17.89
CA TRP A 716 5.87 30.13 17.08
C TRP A 716 6.87 30.18 15.89
N PHE A 717 6.32 30.24 14.66
CA PHE A 717 7.07 30.02 13.43
C PHE A 717 6.76 31.15 12.46
N ARG A 718 7.66 32.14 12.46
CA ARG A 718 7.48 33.30 11.64
C ARG A 718 8.83 33.74 11.12
N ASN A 719 8.94 33.84 9.79
CA ASN A 719 10.04 34.48 9.11
C ASN A 719 9.74 35.96 9.10
N HIS A 720 10.65 36.77 9.62
CA HIS A 720 10.43 38.23 9.74
C HIS A 720 11.78 38.91 9.67
N TYR A 721 11.88 40.06 8.97
CA TYR A 721 13.18 40.72 8.75
C TYR A 721 13.07 42.22 8.50
N ASP A 722 14.20 42.89 8.72
CA ASP A 722 14.39 44.29 8.40
C ASP A 722 14.71 44.38 6.89
N ARG A 723 13.84 45.02 6.12
CA ARG A 723 14.04 45.08 4.65
C ARG A 723 14.58 46.43 4.27
N TRP A 724 15.69 46.45 3.54
CA TRP A 724 16.20 47.73 3.03
C TRP A 724 15.26 48.29 1.96
N ILE A 725 14.76 49.49 2.17
CA ILE A 725 14.02 50.21 1.12
C ILE A 725 14.46 51.65 1.08
N GLU A 726 14.23 52.30 -0.05
CA GLU A 726 14.71 53.67 -0.27
C GLU A 726 14.42 54.59 0.91
N SER A 727 13.23 54.50 1.49
CA SER A 727 12.83 55.45 2.53
C SER A 727 13.10 54.92 3.97
N LYS A 728 13.71 53.75 4.04
CA LYS A 728 14.18 53.20 5.33
C LYS A 728 15.41 52.37 5.00
N ASP A 729 16.55 53.03 4.85
CA ASP A 729 17.72 52.42 4.23
C ASP A 729 18.65 51.64 5.19
N HIS A 730 18.06 50.76 5.99
CA HIS A 730 18.79 49.73 6.69
C HIS A 730 18.05 48.43 6.48
N GLY A 731 18.77 47.32 6.37
CA GLY A 731 18.13 46.03 6.27
C GLY A 731 18.69 45.18 5.12
N LYS A 732 18.05 44.05 4.87
CA LYS A 732 18.44 43.11 3.82
C LYS A 732 17.48 43.25 2.63
N ASP A 733 17.88 42.80 1.45
CA ASP A 733 17.05 42.98 0.24
C ASP A 733 15.79 42.14 0.26
N TYR A 734 15.89 40.89 0.75
CA TYR A 734 14.77 39.93 0.82
C TYR A 734 15.10 38.79 1.79
N GLN A 735 14.07 38.02 2.16
CA GLN A 735 14.22 36.84 3.02
C GLN A 735 13.09 35.78 2.86
N GLU A 736 12.09 36.07 2.04
CA GLU A 736 10.95 35.16 1.85
C GLU A 736 11.40 33.80 1.31
N LEU A 737 10.80 32.70 1.80
CA LEU A 737 11.17 31.34 1.35
C LEU A 737 11.07 31.09 -0.16
N TYR A 738 10.13 31.80 -0.82
CA TYR A 738 9.94 31.64 -2.26
C TYR A 738 11.04 32.33 -3.08
N MET A 739 11.88 33.10 -2.41
CA MET A 739 12.99 33.83 -3.03
C MET A 739 14.26 32.97 -3.08
N TYR A 740 14.13 31.67 -2.79
CA TYR A 740 15.27 30.78 -2.65
C TYR A 740 15.06 29.60 -3.61
N PRO A 741 15.19 29.84 -4.94
CA PRO A 741 14.80 28.83 -5.93
C PRO A 741 15.50 27.51 -5.74
N ASN A 742 16.79 27.58 -5.45
CA ASN A 742 17.57 26.37 -5.23
C ASN A 742 17.15 25.55 -4.03
N GLU A 743 16.58 26.22 -3.02
CA GLU A 743 16.26 25.54 -1.78
C GLU A 743 14.76 25.35 -1.62
N MET A 744 14.00 25.94 -2.54
CA MET A 744 12.55 25.98 -2.45
C MET A 744 11.86 24.68 -2.06
N ASP A 745 12.18 23.59 -2.77
CA ASP A 745 11.62 22.28 -2.49
C ASP A 745 11.84 21.83 -1.02
N THR A 746 13.02 22.06 -0.46
CA THR A 746 13.30 21.73 0.95
C THR A 746 12.57 22.65 1.90
N LEU A 747 12.61 23.93 1.58
CA LEU A 747 11.92 24.90 2.40
C LEU A 747 10.46 24.48 2.45
N ARG A 748 9.81 24.37 1.28
CA ARG A 748 8.42 23.94 1.22
C ARG A 748 8.10 22.67 2.01
N LYS A 749 8.89 21.59 1.85
CA LYS A 749 8.54 20.32 2.48
C LYS A 749 8.65 20.30 4.03
N PHE A 750 9.49 21.16 4.62
CA PHE A 750 9.53 21.30 6.09
C PHE A 750 8.36 22.14 6.60
N VAL A 751 7.89 23.11 5.80
CA VAL A 751 6.64 23.78 6.18
C VAL A 751 5.43 22.81 6.12
N GLU A 752 5.32 22.02 5.05
CA GLU A 752 4.30 20.95 4.95
C GLU A 752 4.32 19.96 6.13
N PHE A 753 5.52 19.44 6.45
CA PHE A 753 5.77 18.61 7.63
C PHE A 753 5.19 19.23 8.93
N ARG A 754 5.53 20.48 9.19
CA ARG A 754 4.94 21.17 10.35
C ARG A 754 3.41 21.10 10.25
N TYR A 755 2.85 21.55 9.12
CA TYR A 755 1.39 21.50 8.88
C TYR A 755 0.74 20.16 9.12
N ARG A 756 1.43 19.08 8.74
CA ARG A 756 0.84 17.82 9.01
C ARG A 756 0.76 17.58 10.54
N TRP A 757 1.73 18.07 11.30
CA TRP A 757 1.72 17.87 12.75
C TRP A 757 1.04 18.98 13.49
N GLN A 758 0.17 19.71 12.80
CA GLN A 758 -0.54 20.86 13.44
C GLN A 758 -1.26 20.42 14.75
N GLU A 759 -1.82 19.20 14.75
CA GLU A 759 -2.50 18.67 15.95
C GLU A 759 -1.57 18.29 17.08
N VAL A 760 -0.38 17.75 16.75
CA VAL A 760 0.70 17.59 17.73
C VAL A 760 0.98 18.91 18.49
N LEU A 761 1.21 19.99 17.75
CA LEU A 761 1.45 21.28 18.38
C LEU A 761 0.20 21.72 19.15
N TYR A 762 -0.96 21.59 18.54
CA TYR A 762 -2.16 22.15 19.17
C TYR A 762 -2.49 21.33 20.45
N THR A 763 -2.30 20.03 20.41
CA THR A 763 -2.56 19.22 21.59
C THR A 763 -1.53 19.42 22.71
N ALA A 764 -0.30 19.74 22.36
CA ALA A 764 0.72 20.04 23.36
C ALA A 764 0.28 21.33 24.00
N MET A 765 -0.23 22.22 23.16
CA MET A 765 -0.69 23.51 23.73
C MET A 765 -1.81 23.31 24.75
N TYR A 766 -2.84 22.57 24.39
CA TYR A 766 -3.81 22.08 25.39
C TYR A 766 -3.17 21.37 26.63
N GLN A 767 -2.22 20.45 26.45
CA GLN A 767 -1.52 19.93 27.64
C GLN A 767 -0.94 21.09 28.54
N ASN A 768 -0.53 22.20 27.93
CA ASN A 768 0.00 23.31 28.71
C ASN A 768 -1.12 24.14 29.43
N ALA A 769 -2.19 24.47 28.69
CA ALA A 769 -3.31 25.30 29.20
C ALA A 769 -3.95 24.54 30.35
N ALA A 770 -3.98 23.22 30.21
CA ALA A 770 -4.73 22.43 31.18
C ALA A 770 -3.88 21.93 32.39
N PHE A 771 -2.69 21.38 32.10
CA PHE A 771 -1.79 20.73 33.07
C PHE A 771 -0.44 21.44 33.34
N GLY A 772 -0.15 22.45 32.52
CA GLY A 772 1.07 23.24 32.63
C GLY A 772 2.31 22.59 32.06
N LYS A 773 2.14 21.50 31.27
CA LYS A 773 3.28 20.82 30.71
C LYS A 773 3.91 21.73 29.61
N PRO A 774 5.26 21.86 29.63
CA PRO A 774 5.89 22.59 28.58
C PRO A 774 5.80 21.85 27.30
N ILE A 775 5.57 22.62 26.25
CA ILE A 775 5.52 22.07 24.90
C ILE A 775 6.89 21.50 24.57
N ILE A 776 7.92 22.31 24.70
CA ILE A 776 9.25 21.89 24.32
C ILE A 776 10.04 21.35 25.55
N LYS A 777 10.56 20.11 25.51
CA LYS A 777 11.25 19.59 26.69
C LYS A 777 12.78 19.64 26.56
N ALA A 778 13.47 20.07 27.62
CA ALA A 778 14.94 20.07 27.68
C ALA A 778 15.30 18.60 27.71
N ALA A 779 16.42 18.27 27.13
CA ALA A 779 16.87 16.87 27.16
C ALA A 779 16.95 16.34 28.61
N SER A 780 17.38 17.17 29.53
CA SER A 780 17.51 16.72 30.90
C SER A 780 16.14 16.50 31.56
N MET A 781 15.04 16.73 30.83
CA MET A 781 13.71 16.44 31.42
C MET A 781 13.41 14.97 31.21
N TYR A 782 14.25 14.32 30.39
CA TYR A 782 14.12 12.90 30.15
C TYR A 782 14.92 12.20 31.28
N ASN A 783 14.23 11.37 32.07
CA ASN A 783 14.79 10.85 33.35
C ASN A 783 15.52 9.57 33.10
N ASN A 784 16.28 9.11 34.11
CA ASN A 784 17.09 7.88 34.11
C ASN A 784 18.07 7.80 32.95
N ASP A 785 18.61 8.96 32.58
CA ASP A 785 19.58 9.02 31.49
C ASP A 785 20.75 9.92 31.90
N SER A 786 21.93 9.31 31.98
CA SER A 786 23.13 10.02 32.42
C SER A 786 23.83 10.75 31.24
N ASN A 787 23.37 10.53 30.01
CA ASN A 787 23.97 11.21 28.83
C ASN A 787 23.19 12.42 28.26
N VAL A 788 21.92 12.55 28.59
CA VAL A 788 21.14 13.66 28.05
C VAL A 788 21.77 15.00 28.31
N ARG A 789 22.48 15.10 29.42
CA ARG A 789 22.89 16.45 29.91
C ARG A 789 23.94 17.03 28.94
N ARG A 790 24.77 16.14 28.45
CA ARG A 790 25.77 16.48 27.41
C ARG A 790 25.13 16.87 26.07
N ALA A 791 24.05 16.18 25.68
CA ALA A 791 23.34 16.39 24.41
C ALA A 791 22.43 17.62 24.49
N GLN A 792 22.33 18.22 25.67
CA GLN A 792 21.18 19.11 25.94
C GLN A 792 21.18 20.47 25.22
N ASN A 793 22.28 20.86 24.57
CA ASN A 793 22.30 22.21 23.93
C ASN A 793 21.43 22.31 22.69
N ASP A 794 21.34 21.19 21.97
CA ASP A 794 20.68 21.15 20.68
C ASP A 794 19.80 19.89 20.45
N HIS A 795 19.53 19.09 21.49
CA HIS A 795 18.48 18.08 21.44
C HIS A 795 17.32 18.53 22.31
N PHE A 796 16.11 18.35 21.81
CA PHE A 796 14.90 18.55 22.59
C PHE A 796 13.79 17.62 22.14
N LEU A 797 12.76 17.50 22.95
CA LEU A 797 11.68 16.52 22.74
C LEU A 797 10.33 17.19 22.84
N LEU A 798 9.31 16.56 22.29
CA LEU A 798 7.94 17.14 22.30
C LEU A 798 6.95 16.09 21.83
N GLY A 799 5.68 16.38 22.02
CA GLY A 799 4.62 15.72 21.28
C GLY A 799 4.14 14.41 21.84
N GLY A 800 2.90 14.02 21.48
CA GLY A 800 2.43 12.65 21.83
C GLY A 800 1.73 12.66 23.17
N HIS A 801 1.33 11.51 23.65
CA HIS A 801 0.52 11.50 24.88
C HIS A 801 1.30 12.02 26.12
N ASP A 802 2.60 11.75 26.23
CA ASP A 802 3.33 12.21 27.41
C ASP A 802 4.15 13.47 27.16
N GLY A 803 4.29 13.88 25.89
CA GLY A 803 5.09 15.06 25.53
C GLY A 803 6.54 14.74 25.22
N TYR A 804 6.85 13.46 25.20
CA TYR A 804 8.18 12.97 24.93
C TYR A 804 8.23 12.00 23.73
N ARG A 805 7.36 12.15 22.73
CA ARG A 805 7.35 11.15 21.62
C ARG A 805 8.20 11.56 20.44
N ILE A 806 8.55 12.84 20.34
CA ILE A 806 9.40 13.26 19.22
C ILE A 806 10.69 13.85 19.76
N LEU A 807 11.82 13.41 19.19
CA LEU A 807 13.15 13.96 19.44
C LEU A 807 13.67 14.79 18.24
N CYS A 808 14.12 16.03 18.49
CA CYS A 808 14.75 16.84 17.41
C CYS A 808 16.17 17.18 17.76
N ALA A 809 17.09 17.03 16.79
CA ALA A 809 18.50 17.44 16.99
C ALA A 809 18.99 18.23 15.79
N PRO A 810 18.48 19.46 15.61
CA PRO A 810 18.71 20.14 14.32
C PRO A 810 20.19 20.57 14.19
N VAL A 811 20.74 20.46 12.98
CA VAL A 811 22.08 21.01 12.67
C VAL A 811 22.13 22.52 12.95
N VAL A 812 23.12 23.00 13.72
CA VAL A 812 23.15 24.40 14.18
C VAL A 812 24.32 25.22 13.59
N TRP A 813 24.92 24.71 12.51
CA TRP A 813 26.06 25.32 11.83
C TRP A 813 25.82 25.39 10.32
N GLU A 814 26.13 26.53 9.72
CA GLU A 814 26.04 26.67 8.26
C GLU A 814 27.11 25.81 7.62
N ASN A 815 26.82 25.35 6.40
CA ASN A 815 27.69 24.50 5.59
C ASN A 815 28.13 23.19 6.24
N SER A 816 27.21 22.50 6.90
CA SER A 816 27.59 21.35 7.68
C SER A 816 26.60 20.26 7.36
N THR A 817 27.09 19.06 7.10
CA THR A 817 26.23 17.94 6.77
C THR A 817 26.39 16.71 7.69
N GLU A 818 26.76 16.95 8.95
CA GLU A 818 26.86 15.93 9.99
C GLU A 818 26.74 16.59 11.35
N ARG A 819 26.42 15.78 12.36
CA ARG A 819 26.28 16.28 13.72
C ARG A 819 26.42 15.09 14.65
N GLU A 820 26.77 15.34 15.89
CA GLU A 820 26.85 14.29 16.88
C GLU A 820 25.45 14.02 17.42
N LEU A 821 25.01 12.77 17.31
CA LEU A 821 23.64 12.46 17.68
C LEU A 821 23.56 11.64 18.96
N TYR A 822 22.70 12.06 19.89
CA TYR A 822 22.45 11.21 21.04
C TYR A 822 20.97 10.78 21.19
N LEU A 823 20.74 9.48 21.24
CA LEU A 823 19.38 8.89 21.42
C LEU A 823 19.14 8.49 22.89
N PRO A 824 18.16 9.12 23.55
CA PRO A 824 17.83 8.74 24.95
C PRO A 824 17.55 7.26 25.14
N VAL A 825 17.95 6.75 26.28
CA VAL A 825 18.14 5.32 26.51
C VAL A 825 16.83 4.69 27.01
N LEU A 826 16.73 3.38 26.90
CA LEU A 826 15.55 2.61 27.37
C LEU A 826 14.27 2.86 26.54
N THR A 827 14.46 3.22 25.26
CA THR A 827 13.39 3.31 24.28
C THR A 827 14.04 3.06 22.91
N GLN A 828 13.22 2.75 21.89
CA GLN A 828 13.67 2.60 20.50
C GLN A 828 13.23 3.83 19.70
N TRP A 829 13.98 4.22 18.66
CA TRP A 829 13.68 5.45 17.88
C TRP A 829 13.61 5.16 16.36
N TYR A 830 12.78 5.92 15.64
CA TYR A 830 12.61 5.76 14.18
C TYR A 830 12.86 7.09 13.53
N LYS A 831 13.81 7.09 12.59
CA LYS A 831 14.06 8.32 11.83
C LYS A 831 12.79 8.70 11.08
N PHE A 832 12.49 10.00 11.11
CA PHE A 832 11.32 10.55 10.46
C PHE A 832 11.69 11.90 9.88
N GLY A 833 10.70 12.67 9.45
CA GLY A 833 10.93 13.96 8.80
C GLY A 833 10.07 13.99 7.55
N PRO A 834 10.13 15.09 6.76
CA PRO A 834 9.20 15.36 5.65
C PRO A 834 9.05 14.25 4.57
N ASP A 835 10.14 13.53 4.25
CA ASP A 835 10.15 12.39 3.33
C ASP A 835 9.35 11.15 3.77
N PHE A 836 9.24 10.93 5.08
CA PHE A 836 8.77 9.63 5.55
C PHE A 836 7.26 9.45 5.48
N ASP A 837 6.54 10.55 5.25
CA ASP A 837 5.11 10.44 5.01
C ASP A 837 4.72 9.57 3.81
N THR A 838 5.65 9.38 2.87
CA THR A 838 5.38 8.78 1.59
C THR A 838 6.35 7.63 1.28
N LYS A 839 7.02 7.10 2.29
CA LYS A 839 7.84 5.87 2.14
C LYS A 839 7.85 5.16 3.50
N PRO A 840 8.30 3.89 3.54
CA PRO A 840 8.28 3.17 4.82
C PRO A 840 9.31 3.72 5.82
N LEU A 841 9.07 3.43 7.10
CA LEU A 841 10.07 3.63 8.15
C LEU A 841 11.31 2.77 7.86
N GLU A 842 12.43 3.20 8.42
CA GLU A 842 13.67 2.43 8.40
C GLU A 842 13.73 1.64 9.71
N GLY A 843 14.72 0.77 9.88
CA GLY A 843 14.83 -0.04 11.10
C GLY A 843 15.00 0.78 12.38
N ALA A 844 14.65 0.14 13.50
CA ALA A 844 14.64 0.81 14.81
C ALA A 844 16.05 1.26 15.17
N MET A 845 16.17 2.43 15.74
CA MET A 845 17.44 2.84 16.31
C MET A 845 17.39 2.69 17.86
N ASN A 846 18.40 2.04 18.43
CA ASN A 846 18.50 1.73 19.87
C ASN A 846 18.84 2.97 20.65
N GLY A 847 18.00 3.31 21.63
CA GLY A 847 18.24 4.48 22.47
C GLY A 847 19.52 4.25 23.30
N GLY A 848 20.15 5.35 23.73
CA GLY A 848 21.43 5.30 24.43
C GLY A 848 22.61 5.13 23.49
N ASP A 849 22.34 5.09 22.19
CA ASP A 849 23.40 5.15 21.17
C ASP A 849 23.91 6.57 21.02
N ARG A 850 25.24 6.74 20.96
CA ARG A 850 25.88 7.99 20.54
C ARG A 850 26.53 7.82 19.18
N ILE A 851 26.13 8.66 18.22
CA ILE A 851 26.67 8.58 16.87
C ILE A 851 27.42 9.88 16.53
N TYR A 852 28.75 9.76 16.54
CA TYR A 852 29.62 10.81 16.04
C TYR A 852 29.46 10.95 14.53
N ASN A 853 29.36 12.19 14.08
CA ASN A 853 29.31 12.47 12.63
C ASN A 853 28.12 11.83 11.92
N TYR A 854 26.97 11.83 12.61
CA TYR A 854 25.75 11.30 12.03
C TYR A 854 25.35 12.13 10.78
N PRO A 855 25.13 11.47 9.61
CA PRO A 855 24.94 12.22 8.34
C PRO A 855 23.64 13.02 8.24
N VAL A 856 23.79 14.27 7.82
CA VAL A 856 22.66 15.21 7.71
C VAL A 856 22.82 16.12 6.49
N PRO A 857 22.43 15.60 5.31
CA PRO A 857 22.32 16.40 4.11
C PRO A 857 21.52 17.70 4.38
N GLN A 858 21.77 18.71 3.55
CA GLN A 858 21.01 19.96 3.68
C GLN A 858 19.51 19.68 3.64
N SER A 859 19.09 18.74 2.80
CA SER A 859 17.66 18.40 2.63
C SER A 859 17.02 17.67 3.84
N GLU A 860 17.82 17.26 4.82
CA GLU A 860 17.31 16.49 5.95
C GLU A 860 17.50 17.29 7.21
N SER A 861 16.74 16.91 8.23
CA SER A 861 17.06 17.30 9.58
C SER A 861 16.81 16.15 10.59
N PRO A 862 17.59 16.06 11.69
CA PRO A 862 17.47 14.87 12.61
C PRO A 862 16.24 14.95 13.50
N ILE A 863 15.27 14.08 13.22
CA ILE A 863 13.95 14.12 13.92
C ILE A 863 13.55 12.66 14.02
N PHE A 864 13.19 12.22 15.22
CA PHE A 864 12.98 10.80 15.46
C PHE A 864 11.63 10.61 16.17
N VAL A 865 10.89 9.58 15.77
CA VAL A 865 9.63 9.30 16.46
C VAL A 865 9.81 8.12 17.39
N ARG A 866 9.50 8.32 18.65
CA ARG A 866 9.67 7.21 19.61
C ARG A 866 8.67 6.09 19.36
N GLU A 867 9.09 4.85 19.60
CA GLU A 867 8.16 3.74 19.63
C GLU A 867 7.02 3.94 20.62
N GLY A 868 5.85 3.38 20.32
CA GLY A 868 4.68 3.51 21.18
C GLY A 868 3.94 4.82 20.99
N ALA A 869 4.29 5.54 19.93
CA ALA A 869 3.59 6.81 19.67
C ALA A 869 2.43 6.56 18.71
N ILE A 870 1.32 7.28 18.94
CA ILE A 870 0.25 7.36 17.97
C ILE A 870 0.05 8.83 17.82
N LEU A 871 0.30 9.38 16.62
CA LEU A 871 0.20 10.87 16.45
C LEU A 871 -0.98 11.41 15.58
N PRO A 872 -1.76 12.43 16.03
CA PRO A 872 -2.75 12.98 15.10
C PRO A 872 -2.03 13.80 14.02
N THR A 873 -2.44 13.58 12.77
CA THR A 873 -1.78 14.04 11.56
C THR A 873 -2.89 14.57 10.66
N ARG A 874 -2.67 15.69 9.97
CA ARG A 874 -3.69 16.22 9.06
C ARG A 874 -3.21 16.38 7.64
N TYR A 875 -4.14 16.14 6.72
CA TYR A 875 -3.96 16.36 5.28
C TYR A 875 -5.09 17.17 4.71
N THR A 876 -4.80 17.94 3.65
CA THR A 876 -5.84 18.61 2.88
C THR A 876 -6.53 17.57 2.01
N LEU A 877 -7.85 17.67 1.90
CA LEU A 877 -8.63 16.79 1.03
C LEU A 877 -8.19 16.84 -0.44
N ASN A 878 -7.95 18.06 -0.95
CA ASN A 878 -7.55 18.23 -2.36
C ASN A 878 -6.07 18.01 -2.67
N GLY A 879 -5.22 17.99 -1.65
CA GLY A 879 -3.77 17.77 -1.84
C GLY A 879 -2.96 19.03 -2.01
N GLU A 880 -3.63 20.19 -2.09
CA GLU A 880 -2.95 21.47 -2.18
C GLU A 880 -2.60 21.98 -0.78
N ASN A 881 -1.58 22.83 -0.68
CA ASN A 881 -1.18 23.35 0.61
C ASN A 881 -2.11 24.52 0.94
N LYS A 882 -2.74 24.51 2.10
CA LYS A 882 -3.59 25.66 2.43
C LYS A 882 -3.26 26.16 3.83
N SER A 883 -3.78 27.33 4.22
CA SER A 883 -3.66 27.78 5.60
C SER A 883 -4.44 26.96 6.60
N LEU A 884 -3.91 26.89 7.83
CA LEU A 884 -4.55 26.19 8.95
C LEU A 884 -5.95 26.68 9.14
N ASN A 885 -6.11 28.01 9.04
CA ASN A 885 -7.38 28.63 9.35
C ASN A 885 -8.49 28.32 8.32
N THR A 886 -8.13 27.73 7.18
CA THR A 886 -9.12 27.34 6.20
C THR A 886 -9.35 25.82 6.16
N TYR A 887 -8.68 25.03 7.02
CA TYR A 887 -9.03 23.61 7.17
C TYR A 887 -10.46 23.50 7.68
N THR A 888 -11.20 22.46 7.25
CA THR A 888 -12.48 22.09 7.89
C THR A 888 -12.35 20.63 8.33
N ASP A 889 -13.36 20.05 8.98
CA ASP A 889 -13.25 18.63 9.41
C ASP A 889 -13.25 17.63 8.25
N GLU A 890 -13.55 18.13 7.05
CA GLU A 890 -13.43 17.29 5.82
C GLU A 890 -12.00 17.20 5.33
N ASP A 891 -11.09 17.98 5.91
CA ASP A 891 -9.64 17.69 5.68
C ASP A 891 -9.18 16.62 6.66
N PRO A 892 -8.80 15.46 6.14
CA PRO A 892 -8.62 14.28 6.99
C PRO A 892 -7.78 14.47 8.26
N LEU A 893 -8.32 13.93 9.35
CA LEU A 893 -7.61 13.65 10.61
C LEU A 893 -7.16 12.19 10.59
N VAL A 894 -5.88 11.91 10.83
CA VAL A 894 -5.36 10.53 10.68
C VAL A 894 -4.51 10.17 11.90
N PHE A 895 -4.86 9.09 12.58
CA PHE A 895 -4.08 8.67 13.74
C PHE A 895 -3.00 7.73 13.28
N GLU A 896 -1.75 8.21 13.25
CA GLU A 896 -0.62 7.36 12.77
C GLU A 896 -0.07 6.61 13.94
N VAL A 897 -0.09 5.28 13.85
CA VAL A 897 0.37 4.40 14.89
C VAL A 897 1.75 3.92 14.47
N PHE A 898 2.78 4.36 15.20
CA PHE A 898 4.17 3.95 14.93
C PHE A 898 4.38 2.58 15.52
N PRO A 899 5.53 1.92 15.22
CA PRO A 899 5.75 0.58 15.77
C PRO A 899 5.60 0.57 17.29
N LEU A 900 5.06 -0.52 17.82
CA LEU A 900 4.62 -0.55 19.23
C LEU A 900 5.84 -0.60 20.19
N GLY A 901 5.68 0.01 21.36
CA GLY A 901 6.71 -0.08 22.43
C GLY A 901 6.24 -1.07 23.48
N ASN A 902 6.99 -2.16 23.68
CA ASN A 902 6.51 -3.18 24.61
C ASN A 902 5.07 -3.61 24.26
N ASN A 903 4.74 -3.81 22.98
CA ASN A 903 3.39 -4.21 22.51
C ASN A 903 2.29 -3.16 22.80
N ARG A 904 2.71 -1.95 23.05
CA ARG A 904 1.74 -0.90 23.28
C ARG A 904 2.07 0.40 22.47
N ALA A 905 1.02 1.18 22.16
CA ALA A 905 1.20 2.56 21.68
C ALA A 905 0.07 3.37 22.24
N ASP A 906 0.26 4.68 22.42
CA ASP A 906 -0.74 5.55 23.02
C ASP A 906 -0.73 6.87 22.28
N GLY A 907 -1.86 7.56 22.25
CA GLY A 907 -1.93 8.89 21.66
C GLY A 907 -3.06 9.72 22.25
N MET A 908 -2.98 11.03 22.07
CA MET A 908 -4.03 11.93 22.51
C MET A 908 -4.26 12.96 21.42
N CYS A 909 -5.48 13.50 21.35
CA CYS A 909 -5.80 14.62 20.46
C CYS A 909 -6.83 15.54 21.05
N TYR A 910 -6.49 16.82 21.15
CA TYR A 910 -7.50 17.87 21.51
C TYR A 910 -8.20 18.42 20.24
N LEU A 911 -9.53 18.54 20.28
CA LEU A 911 -10.30 19.10 19.16
C LEU A 911 -11.26 20.19 19.60
N ASP A 912 -11.27 21.28 18.84
CA ASP A 912 -12.30 22.32 19.01
C ASP A 912 -12.51 22.99 17.67
N ASP A 913 -13.26 24.09 17.61
CA ASP A 913 -13.52 24.69 16.34
C ASP A 913 -12.31 25.56 15.85
N GLY A 914 -11.17 25.53 16.53
CA GLY A 914 -9.99 26.33 16.14
C GLY A 914 -9.98 27.77 16.61
N GLY A 915 -10.98 28.17 17.39
CA GLY A 915 -11.07 29.58 17.77
C GLY A 915 -11.97 30.47 16.94
N VAL A 916 -12.73 29.87 16.02
CA VAL A 916 -13.85 30.54 15.35
C VAL A 916 -14.77 31.20 16.42
N THR A 917 -15.05 30.48 17.50
CA THR A 917 -15.80 31.05 18.65
C THR A 917 -14.87 30.92 19.86
N THR A 918 -15.28 31.46 21.01
CA THR A 918 -14.54 31.19 22.24
C THR A 918 -15.30 30.19 23.16
N ASN A 919 -16.07 29.28 22.58
CA ASN A 919 -16.94 28.43 23.39
C ASN A 919 -16.20 27.33 24.11
N ALA A 920 -15.06 26.95 23.55
CA ALA A 920 -14.18 25.97 24.19
C ALA A 920 -13.75 26.50 25.57
N GLU A 921 -13.25 27.74 25.65
CA GLU A 921 -12.72 28.25 26.91
C GLU A 921 -13.79 28.98 27.74
N ASP A 922 -14.84 29.49 27.09
CA ASP A 922 -15.94 30.10 27.82
C ASP A 922 -16.94 29.09 28.39
N ASN A 923 -17.21 28.01 27.67
CA ASN A 923 -18.37 27.14 27.95
C ASN A 923 -17.99 25.67 27.90
N GLY A 924 -16.72 25.34 27.72
CA GLY A 924 -16.34 23.90 27.67
C GLY A 924 -16.55 23.14 26.36
N LYS A 925 -16.80 23.87 25.26
CA LYS A 925 -17.02 23.22 23.95
C LYS A 925 -15.75 22.67 23.30
N PHE A 926 -15.20 21.60 23.87
CA PHE A 926 -14.05 20.95 23.27
C PHE A 926 -14.10 19.47 23.51
N SER A 927 -13.24 18.76 22.78
CA SER A 927 -13.11 17.33 22.96
C SER A 927 -11.64 16.94 23.20
N VAL A 928 -11.43 15.78 23.84
CA VAL A 928 -10.10 15.24 24.13
C VAL A 928 -10.30 13.76 23.88
N VAL A 929 -9.66 13.25 22.84
CA VAL A 929 -9.78 11.84 22.45
C VAL A 929 -8.48 11.19 22.83
N LYS A 930 -8.54 9.92 23.30
CA LYS A 930 -7.34 9.13 23.54
C LYS A 930 -7.42 7.87 22.73
N VAL A 931 -6.27 7.29 22.37
CA VAL A 931 -6.24 6.09 21.63
C VAL A 931 -5.12 5.20 22.19
N ALA A 932 -5.27 3.89 22.02
CA ALA A 932 -4.28 2.98 22.48
C ALA A 932 -4.27 1.84 21.49
N ALA A 933 -3.15 1.16 21.39
CA ALA A 933 -3.04 0.00 20.51
C ALA A 933 -2.27 -0.99 21.33
N GLU A 934 -2.69 -2.27 21.30
CA GLU A 934 -2.05 -3.28 22.08
C GLU A 934 -2.01 -4.50 21.17
N GLN A 935 -0.85 -5.14 21.17
CA GLN A 935 -0.66 -6.36 20.43
C GLN A 935 -0.72 -7.46 21.47
N ASP A 936 -1.58 -8.45 21.21
CA ASP A 936 -1.70 -9.62 22.05
C ASP A 936 -1.83 -10.86 21.15
N GLY A 937 -0.70 -11.57 20.95
CA GLY A 937 -0.63 -12.68 19.99
C GLY A 937 -0.88 -12.20 18.57
N GLY A 938 -1.81 -12.85 17.88
CA GLY A 938 -2.19 -12.46 16.51
C GLY A 938 -3.24 -11.36 16.39
N THR A 939 -3.58 -10.70 17.50
CA THR A 939 -4.70 -9.75 17.55
C THR A 939 -4.22 -8.38 17.98
N GLU A 940 -4.48 -7.36 17.15
CA GLU A 940 -4.16 -5.99 17.53
C GLU A 940 -5.45 -5.25 17.84
N THR A 941 -5.48 -4.50 18.93
CA THR A 941 -6.70 -3.81 19.33
C THR A 941 -6.40 -2.34 19.48
N ILE A 942 -7.20 -1.51 18.80
CA ILE A 942 -6.98 -0.09 18.80
C ILE A 942 -8.23 0.51 19.40
N THR A 943 -8.08 1.23 20.50
CA THR A 943 -9.23 1.67 21.27
C THR A 943 -9.23 3.18 21.31
N PHE A 944 -10.38 3.80 21.02
CA PHE A 944 -10.60 5.25 21.11
C PHE A 944 -11.56 5.55 22.28
N THR A 945 -11.20 6.53 23.13
CA THR A 945 -12.02 6.82 24.29
C THR A 945 -12.03 8.32 24.37
N ASN A 946 -12.87 8.89 25.20
CA ASN A 946 -12.77 10.32 25.32
C ASN A 946 -12.78 10.69 26.78
N ASP A 947 -12.21 11.85 27.13
CA ASP A 947 -12.28 12.44 28.48
C ASP A 947 -13.41 13.47 28.52
N CYS A 948 -13.74 14.02 27.35
CA CYS A 948 -14.97 14.77 27.11
C CYS A 948 -15.14 14.83 25.60
N TYR A 949 -16.37 14.95 25.16
CA TYR A 949 -16.61 14.97 23.72
C TYR A 949 -17.70 15.97 23.42
N GLU A 950 -17.33 17.24 23.52
CA GLU A 950 -18.27 18.34 23.53
C GLU A 950 -18.14 19.08 22.22
N TYR A 951 -17.10 18.73 21.45
CA TYR A 951 -16.95 19.26 20.11
C TYR A 951 -17.06 18.13 19.11
N VAL A 952 -18.03 18.21 18.21
CA VAL A 952 -18.30 17.11 17.29
C VAL A 952 -17.42 17.21 16.05
N PHE A 953 -16.46 16.30 15.92
CA PHE A 953 -15.64 16.33 14.73
C PHE A 953 -16.50 15.95 13.52
N GLY A 954 -16.51 16.80 12.50
CA GLY A 954 -17.51 16.74 11.43
C GLY A 954 -17.24 15.80 10.25
N GLY A 955 -16.11 15.10 10.21
CA GLY A 955 -15.77 14.29 9.05
C GLY A 955 -15.18 12.93 9.34
N PRO A 956 -14.98 12.09 8.31
CA PRO A 956 -14.34 10.81 8.64
C PRO A 956 -12.91 10.99 9.17
N PHE A 957 -12.40 9.94 9.85
CA PHE A 957 -11.05 9.95 10.40
C PHE A 957 -10.42 8.59 10.09
N TYR A 958 -9.11 8.50 10.22
CA TYR A 958 -8.38 7.34 9.76
C TYR A 958 -7.46 6.91 10.85
N VAL A 959 -7.10 5.64 10.80
CA VAL A 959 -6.00 5.10 11.55
C VAL A 959 -5.06 4.59 10.47
N ARG A 960 -3.78 4.91 10.61
CA ARG A 960 -2.74 4.46 9.70
C ARG A 960 -1.80 3.67 10.57
N VAL A 961 -1.79 2.36 10.38
CA VAL A 961 -0.90 1.53 11.17
C VAL A 961 0.39 1.28 10.41
N ARG A 962 1.53 1.72 10.95
CA ARG A 962 2.85 1.46 10.32
C ARG A 962 3.26 0.04 10.59
N GLY A 963 3.84 -0.63 9.58
CA GLY A 963 4.32 -2.01 9.79
C GLY A 963 3.24 -3.05 9.70
N ALA A 964 2.02 -2.61 9.40
CA ALA A 964 0.90 -3.52 9.10
C ALA A 964 0.71 -3.69 7.58
N GLN A 965 0.34 -4.89 7.12
CA GLN A 965 -0.15 -5.04 5.75
C GLN A 965 -1.55 -5.69 5.72
N SER A 966 -1.78 -6.72 4.90
CA SER A 966 -3.14 -7.24 4.76
C SER A 966 -3.69 -7.94 6.03
N PRO A 967 -4.80 -7.41 6.57
CA PRO A 967 -5.53 -8.03 7.68
C PRO A 967 -6.36 -9.22 7.17
N SER A 968 -6.59 -10.19 8.04
CA SER A 968 -7.50 -11.29 7.70
C SER A 968 -8.98 -10.89 7.97
N ASN A 969 -9.18 -10.01 8.95
CA ASN A 969 -10.47 -9.40 9.27
C ASN A 969 -10.26 -8.16 10.13
N ILE A 970 -11.07 -7.12 9.97
CA ILE A 970 -11.11 -6.01 10.92
C ILE A 970 -12.53 -5.77 11.42
N HIS A 971 -12.68 -5.75 12.75
CA HIS A 971 -13.96 -5.56 13.44
C HIS A 971 -13.95 -4.21 14.19
N VAL A 972 -15.04 -3.45 14.07
CA VAL A 972 -15.16 -2.17 14.77
C VAL A 972 -16.43 -2.21 15.62
N SER A 973 -16.28 -1.97 16.92
CA SER A 973 -17.38 -1.90 17.87
C SER A 973 -17.46 -0.47 18.41
N SER A 974 -18.67 0.03 18.59
CA SER A 974 -18.85 1.45 18.94
C SER A 974 -20.29 1.72 19.32
N GLY A 975 -20.53 2.61 20.29
CA GLY A 975 -21.90 3.01 20.68
C GLY A 975 -22.90 2.78 19.56
N ALA A 976 -22.58 3.31 18.37
CA ALA A 976 -23.24 2.95 17.08
C ALA A 976 -23.00 1.47 16.67
N GLY A 977 -23.60 0.53 17.41
CA GLY A 977 -23.43 -0.92 17.23
C GLY A 977 -22.02 -1.41 16.87
N SER A 978 -21.94 -2.24 15.82
CA SER A 978 -20.67 -2.81 15.41
C SER A 978 -20.72 -3.48 14.02
N GLN A 979 -19.63 -3.38 13.27
CA GLN A 979 -19.56 -3.89 11.90
C GLN A 979 -18.16 -4.45 11.58
N ASP A 980 -18.06 -5.34 10.59
CA ASP A 980 -16.77 -5.66 9.98
C ASP A 980 -16.44 -4.68 8.85
N MET A 981 -15.15 -4.38 8.70
CA MET A 981 -14.70 -3.48 7.65
C MET A 981 -14.45 -4.31 6.40
N LYS A 982 -14.42 -3.63 5.24
CA LYS A 982 -14.07 -4.30 3.99
C LYS A 982 -12.92 -3.60 3.26
N VAL A 983 -12.22 -4.37 2.43
CA VAL A 983 -11.14 -3.82 1.61
C VAL A 983 -11.75 -2.74 0.69
N SER A 984 -11.06 -1.62 0.56
CA SER A 984 -11.52 -0.54 -0.28
C SER A 984 -11.42 -0.90 -1.76
N SER A 985 -12.22 -0.26 -2.60
CA SER A 985 -11.92 -0.34 -4.03
C SER A 985 -10.85 0.71 -4.40
N ALA A 986 -10.64 1.68 -3.51
CA ALA A 986 -9.56 2.65 -3.67
C ALA A 986 -8.18 1.98 -3.63
N THR A 987 -7.28 2.46 -4.49
CA THR A 987 -5.92 1.92 -4.52
C THR A 987 -4.86 3.00 -4.34
N SER A 988 -5.24 4.20 -3.90
CA SER A 988 -4.26 5.23 -3.58
C SER A 988 -4.84 6.06 -2.43
N ARG A 989 -4.01 6.89 -1.82
CA ARG A 989 -4.42 7.66 -0.65
C ARG A 989 -5.42 8.74 -1.03
N ALA A 990 -5.13 9.49 -2.10
CA ALA A 990 -6.07 10.51 -2.57
C ALA A 990 -7.44 9.91 -2.95
N ALA A 991 -7.45 8.69 -3.47
CA ALA A 991 -8.68 7.99 -3.78
C ALA A 991 -9.42 7.54 -2.51
N LEU A 992 -8.72 6.99 -1.54
CA LEU A 992 -9.35 6.64 -0.26
C LEU A 992 -10.00 7.86 0.40
N PHE A 993 -9.25 8.94 0.48
CA PHE A 993 -9.76 10.21 1.03
C PHE A 993 -11.01 10.70 0.30
N ASN A 994 -10.98 10.74 -1.04
CA ASN A 994 -12.08 11.36 -1.80
C ASN A 994 -13.25 10.45 -2.17
N ASP A 995 -12.96 9.19 -2.49
CA ASP A 995 -13.93 8.20 -3.01
C ASP A 995 -14.21 7.07 -2.05
N GLY A 996 -13.26 6.76 -1.16
CA GLY A 996 -13.41 5.66 -0.21
C GLY A 996 -14.63 5.80 0.65
N GLU A 997 -15.26 4.68 0.96
CA GLU A 997 -16.42 4.69 1.85
C GLU A 997 -15.99 4.49 3.28
N ASN A 998 -16.78 4.99 4.21
CA ASN A 998 -16.61 4.69 5.63
C ASN A 998 -16.65 3.15 5.83
N GLY A 999 -15.67 2.62 6.58
CA GLY A 999 -15.57 1.17 6.83
C GLY A 999 -14.67 0.44 5.83
N ASP A 1000 -13.97 1.21 5.00
CA ASP A 1000 -13.03 0.69 4.02
C ASP A 1000 -11.64 0.65 4.68
N PHE A 1001 -10.88 -0.41 4.45
CA PHE A 1001 -9.45 -0.29 4.70
C PHE A 1001 -8.62 -0.36 3.40
N TRP A 1002 -7.40 0.20 3.41
CA TRP A 1002 -6.48 0.17 2.25
C TRP A 1002 -5.07 -0.36 2.59
N VAL A 1003 -4.64 -1.40 1.89
CA VAL A 1003 -3.27 -1.89 2.06
C VAL A 1003 -2.25 -1.07 1.23
N ASP A 1004 -1.52 -0.20 1.92
CA ASP A 1004 -0.55 0.76 1.35
C ASP A 1004 0.83 0.11 1.33
N GLN A 1005 1.15 -0.58 0.25
CA GLN A 1005 2.43 -1.29 0.13
C GLN A 1005 3.63 -0.35 0.03
N GLU A 1006 3.40 0.81 -0.57
CA GLU A 1006 4.47 1.76 -0.84
C GLU A 1006 5.01 2.37 0.46
N THR A 1007 4.15 2.67 1.43
CA THR A 1007 4.65 3.15 2.70
C THR A 1007 4.59 2.07 3.79
N ASP A 1008 4.30 0.82 3.43
CA ASP A 1008 4.12 -0.29 4.41
C ASP A 1008 3.15 0.03 5.54
N SER A 1009 2.02 0.63 5.17
CA SER A 1009 0.96 1.02 6.11
C SER A 1009 -0.39 0.33 5.79
N LEU A 1010 -1.20 0.14 6.83
CA LEU A 1010 -2.61 -0.21 6.67
C LEU A 1010 -3.44 1.03 7.10
N TRP A 1011 -4.28 1.53 6.18
CA TRP A 1011 -5.19 2.67 6.49
C TRP A 1011 -6.59 2.12 6.68
N LEU A 1012 -7.30 2.66 7.67
CA LEU A 1012 -8.68 2.31 7.93
C LEU A 1012 -9.44 3.61 7.84
N LYS A 1013 -10.55 3.63 7.13
CA LYS A 1013 -11.36 4.86 7.06
C LYS A 1013 -12.60 4.66 7.93
N LEU A 1014 -12.88 5.60 8.85
CA LEU A 1014 -13.97 5.42 9.82
C LEU A 1014 -14.90 6.61 9.89
N PRO A 1015 -16.21 6.38 10.11
CA PRO A 1015 -17.13 7.50 10.23
C PRO A 1015 -16.88 8.37 11.46
N ASN A 1016 -17.28 9.62 11.41
CA ASN A 1016 -17.04 10.53 12.52
C ASN A 1016 -17.68 10.11 13.86
N VAL A 1017 -18.82 9.39 13.79
CA VAL A 1017 -19.57 9.04 15.01
C VAL A 1017 -18.86 7.97 15.88
N VAL A 1018 -17.85 7.30 15.35
CA VAL A 1018 -17.12 6.29 16.13
C VAL A 1018 -15.81 6.80 16.75
N LEU A 1019 -15.49 8.07 16.49
CA LEU A 1019 -14.33 8.76 17.07
C LEU A 1019 -14.29 8.78 18.62
N PRO A 1020 -15.40 9.17 19.27
CA PRO A 1020 -15.38 9.30 20.74
C PRO A 1020 -15.23 7.99 21.52
N ASP A 1021 -15.43 6.85 20.86
CA ASP A 1021 -15.50 5.56 21.55
C ASP A 1021 -15.55 4.42 20.56
N ALA A 1022 -14.47 3.64 20.44
CA ALA A 1022 -14.47 2.49 19.56
C ALA A 1022 -13.44 1.43 19.91
N VAL A 1023 -13.76 0.19 19.63
CA VAL A 1023 -12.75 -0.87 19.75
C VAL A 1023 -12.56 -1.50 18.38
N ILE A 1024 -11.32 -1.51 17.91
CA ILE A 1024 -10.98 -1.94 16.57
C ILE A 1024 -10.11 -3.19 16.72
N THR A 1025 -10.56 -4.30 16.17
CA THR A 1025 -9.88 -5.58 16.35
C THR A 1025 -9.34 -6.06 15.01
N ILE A 1026 -8.01 -6.15 14.92
CA ILE A 1026 -7.34 -6.52 13.68
C ILE A 1026 -6.73 -7.94 13.84
N THR A 1027 -7.20 -8.86 13.02
CA THR A 1027 -6.79 -10.26 13.16
C THR A 1027 -6.13 -10.79 11.90
N THR B 3 11.57 -7.56 55.39
CA THR B 3 12.88 -7.99 54.84
C THR B 3 13.46 -9.17 55.64
N ASP B 4 14.02 -8.89 56.82
CA ASP B 4 14.85 -9.84 57.55
C ASP B 4 14.14 -11.08 58.11
N ASN B 5 14.58 -12.25 57.62
CA ASN B 5 14.02 -13.55 58.01
C ASN B 5 12.49 -13.57 58.08
N PRO B 6 11.82 -13.56 56.90
CA PRO B 6 10.36 -13.52 56.77
C PRO B 6 9.62 -14.65 57.49
N ASP B 7 10.18 -15.87 57.45
CA ASP B 7 9.48 -17.04 58.00
C ASP B 7 9.54 -17.20 59.53
N GLY B 8 10.43 -16.44 60.16
CA GLY B 8 10.62 -16.49 61.62
C GLY B 8 11.40 -17.70 62.08
N ILE B 9 12.13 -18.34 61.16
CA ILE B 9 12.96 -19.52 61.44
C ILE B 9 14.00 -19.22 62.53
N ASP B 10 14.46 -20.27 63.22
CA ASP B 10 15.50 -20.17 64.23
C ASP B 10 16.74 -20.97 63.84
N TYR B 11 17.82 -20.23 63.59
CA TYR B 11 19.04 -20.79 63.03
C TYR B 11 19.95 -21.41 64.08
N LYS B 12 19.91 -22.74 64.16
CA LYS B 12 20.60 -23.45 65.21
C LYS B 12 22.04 -23.72 64.83
N THR B 13 22.26 -24.00 63.54
CA THR B 13 23.59 -24.34 63.07
C THR B 13 24.13 -23.31 62.06
N TYR B 14 25.44 -23.07 62.11
CA TYR B 14 26.09 -22.14 61.21
C TYR B 14 27.36 -22.76 60.64
N ASP B 15 28.02 -23.55 61.48
CA ASP B 15 29.31 -24.15 61.14
C ASP B 15 29.17 -25.31 60.14
N TYR B 16 30.25 -25.55 59.43
CA TYR B 16 30.44 -26.77 58.65
C TYR B 16 30.13 -28.00 59.49
N VAL B 17 29.21 -28.83 59.05
CA VAL B 17 29.03 -30.14 59.68
C VAL B 17 29.47 -31.28 58.74
N GLY B 18 30.55 -31.98 59.11
CA GLY B 18 31.10 -33.05 58.28
C GLY B 18 30.17 -34.24 58.27
N VAL B 19 30.41 -35.19 57.35
CA VAL B 19 29.57 -36.39 57.26
C VAL B 19 29.50 -37.12 58.61
N TRP B 20 30.58 -37.00 59.38
CA TRP B 20 30.72 -37.59 60.73
C TRP B 20 29.77 -36.96 61.76
N GLY B 21 29.19 -35.80 61.43
CA GLY B 21 28.25 -35.11 62.31
C GLY B 21 26.82 -35.09 61.80
N PHE B 22 26.57 -35.74 60.67
CA PHE B 22 25.22 -35.84 60.14
C PHE B 22 24.78 -37.28 60.15
N SER B 23 23.80 -37.61 60.96
CA SER B 23 23.19 -38.96 60.89
C SER B 23 21.74 -39.04 61.36
N PRO B 24 20.81 -38.91 60.41
CA PRO B 24 19.37 -39.01 60.62
C PRO B 24 18.94 -40.37 61.18
N LEU B 25 19.74 -41.42 60.90
CA LEU B 25 19.41 -42.77 61.32
C LEU B 25 19.55 -42.99 62.84
N SER B 26 20.01 -41.97 63.56
CA SER B 26 20.00 -41.99 65.03
C SER B 26 18.62 -41.68 65.59
N ASN B 27 17.75 -41.12 64.74
CA ASN B 27 16.31 -40.96 65.03
C ASN B 27 15.98 -39.91 66.08
N THR B 28 16.76 -39.86 67.14
CA THR B 28 16.41 -39.04 68.30
C THR B 28 16.34 -37.56 67.91
N ASN B 29 15.21 -36.95 68.24
CA ASN B 29 14.90 -35.54 67.89
C ASN B 29 14.42 -35.32 66.44
N TRP B 30 14.41 -36.38 65.63
CA TRP B 30 13.85 -36.32 64.26
C TRP B 30 12.36 -36.66 64.18
N PHE B 31 11.62 -35.84 63.44
CA PHE B 31 10.25 -36.13 63.06
C PHE B 31 10.23 -37.00 61.80
N ALA B 32 9.30 -37.97 61.74
CA ALA B 32 9.11 -38.78 60.52
C ALA B 32 7.64 -39.02 60.22
N ALA B 33 7.34 -39.42 58.98
CA ALA B 33 5.96 -39.60 58.55
C ALA B 33 5.31 -40.79 59.25
N GLY B 34 4.13 -40.54 59.83
CA GLY B 34 3.44 -41.52 60.68
C GLY B 34 2.06 -41.88 60.17
N SER B 35 1.37 -40.89 59.61
CA SER B 35 0.03 -41.06 58.99
C SER B 35 -0.40 -39.79 58.23
N SER B 36 -1.53 -39.88 57.52
CA SER B 36 -2.02 -38.76 56.71
C SER B 36 -3.51 -38.82 56.42
N THR B 37 -4.00 -37.78 55.74
CA THR B 37 -5.35 -37.73 55.14
C THR B 37 -5.16 -37.17 53.74
N PRO B 38 -6.03 -37.55 52.78
CA PRO B 38 -5.94 -36.95 51.44
C PRO B 38 -6.25 -35.47 51.45
N GLY B 39 -5.61 -34.70 50.56
CA GLY B 39 -5.73 -33.24 50.59
C GLY B 39 -5.95 -32.62 49.23
N GLY B 40 -6.54 -33.38 48.32
CA GLY B 40 -6.87 -32.85 47.00
C GLY B 40 -5.76 -32.96 45.97
N ILE B 41 -6.19 -33.20 44.73
CA ILE B 41 -5.31 -33.27 43.58
C ILE B 41 -5.73 -32.13 42.65
N THR B 42 -4.81 -31.24 42.32
CA THR B 42 -5.07 -30.22 41.31
C THR B 42 -3.95 -30.22 40.28
N ASP B 43 -4.34 -30.22 39.01
CA ASP B 43 -3.46 -30.53 37.90
C ASP B 43 -2.83 -31.92 38.16
N TRP B 44 -1.50 -31.97 38.18
CA TRP B 44 -0.78 -33.21 38.46
C TRP B 44 -0.10 -33.18 39.84
N THR B 45 -0.59 -32.32 40.73
CA THR B 45 -0.07 -32.19 42.08
C THR B 45 -1.11 -32.64 43.12
N ALA B 46 -0.77 -33.71 43.84
CA ALA B 46 -1.58 -34.15 44.99
C ALA B 46 -1.01 -33.63 46.31
N THR B 47 -1.89 -33.28 47.23
CA THR B 47 -1.48 -32.89 48.58
C THR B 47 -1.97 -33.94 49.58
N MET B 48 -1.05 -34.32 50.48
CA MET B 48 -1.38 -35.16 51.61
C MET B 48 -1.07 -34.39 52.89
N ASN B 49 -2.04 -34.36 53.80
CA ASN B 49 -1.81 -33.73 55.09
C ASN B 49 -1.16 -34.74 56.02
N VAL B 50 0.15 -34.61 56.22
CA VAL B 50 0.94 -35.62 56.93
C VAL B 50 1.15 -35.31 58.42
N ASN B 51 0.88 -36.31 59.25
CA ASN B 51 1.29 -36.27 60.65
C ASN B 51 2.70 -36.78 60.78
N PHE B 52 3.59 -35.91 61.25
CA PHE B 52 4.93 -36.30 61.58
C PHE B 52 5.00 -36.55 63.09
N ASP B 53 5.59 -37.68 63.45
CA ASP B 53 5.75 -38.08 64.85
C ASP B 53 7.23 -38.19 65.16
N ARG B 54 7.65 -37.68 66.32
CA ARG B 54 9.02 -37.83 66.78
C ARG B 54 9.30 -39.32 66.95
N ILE B 55 10.31 -39.85 66.28
CA ILE B 55 10.61 -41.31 66.33
C ILE B 55 10.85 -41.82 67.76
N ASP B 56 11.49 -40.98 68.58
CA ASP B 56 11.85 -41.32 69.96
C ASP B 56 10.75 -40.97 70.97
N ASN B 57 9.80 -40.12 70.57
CA ASN B 57 8.66 -39.75 71.43
C ASN B 57 7.39 -39.55 70.59
N PRO B 58 6.80 -40.68 70.12
CA PRO B 58 5.72 -40.60 69.12
C PRO B 58 4.48 -39.82 69.59
N SER B 59 4.39 -39.53 70.88
CA SER B 59 3.33 -38.66 71.41
C SER B 59 3.45 -37.23 70.90
N ILE B 60 4.68 -36.75 70.69
CA ILE B 60 4.88 -35.42 70.08
C ILE B 60 4.64 -35.54 68.58
N THR B 61 3.70 -34.74 68.08
CA THR B 61 3.24 -34.84 66.69
C THR B 61 2.86 -33.50 66.04
N VAL B 62 3.26 -33.33 64.78
CA VAL B 62 2.97 -32.12 64.04
C VAL B 62 2.43 -32.43 62.64
N GLN B 63 1.65 -31.49 62.09
CA GLN B 63 0.99 -31.59 60.79
C GLN B 63 1.61 -30.65 59.74
N HIS B 64 2.06 -31.21 58.62
CA HIS B 64 2.53 -30.41 57.48
C HIS B 64 2.01 -31.00 56.16
N PRO B 65 1.60 -30.13 55.21
CA PRO B 65 1.16 -30.58 53.89
C PRO B 65 2.32 -31.04 53.02
N VAL B 66 2.18 -32.21 52.40
CA VAL B 66 3.24 -32.75 51.54
C VAL B 66 2.74 -32.88 50.08
N GLN B 67 3.46 -32.28 49.14
CA GLN B 67 3.08 -32.33 47.71
C GLN B 67 3.80 -33.42 46.95
N VAL B 68 3.04 -34.16 46.16
CA VAL B 68 3.56 -35.17 45.24
C VAL B 68 3.11 -34.82 43.81
N GLN B 69 4.07 -34.42 42.99
CA GLN B 69 3.76 -33.93 41.67
C GLN B 69 4.42 -34.81 40.63
N VAL B 70 3.63 -35.31 39.69
CA VAL B 70 4.17 -35.95 38.48
C VAL B 70 4.72 -34.80 37.62
N THR B 71 6.00 -34.89 37.27
CA THR B 71 6.63 -33.82 36.52
C THR B 71 6.76 -34.21 35.04
N SER B 72 6.81 -35.52 34.78
CA SER B 72 6.82 -36.00 33.40
C SER B 72 6.25 -37.39 33.32
N TYR B 73 5.19 -37.51 32.53
CA TYR B 73 4.55 -38.79 32.32
C TYR B 73 5.39 -39.62 31.34
N ASN B 74 5.82 -39.01 30.24
CA ASN B 74 6.61 -39.73 29.24
C ASN B 74 8.03 -40.11 29.68
N ASN B 75 8.60 -39.30 30.57
CA ASN B 75 9.95 -39.53 31.07
C ASN B 75 9.99 -40.06 32.48
N ASN B 76 8.83 -40.51 32.95
CA ASN B 76 8.70 -41.20 34.21
C ASN B 76 9.36 -40.46 35.36
N SER B 77 8.86 -39.27 35.67
CA SER B 77 9.48 -38.50 36.74
C SER B 77 8.40 -37.87 37.61
N TYR B 78 8.66 -37.86 38.92
CA TYR B 78 7.81 -37.18 39.90
C TYR B 78 8.66 -36.48 40.94
N ARG B 79 7.98 -35.70 41.77
CA ARG B 79 8.59 -34.82 42.73
C ARG B 79 7.86 -34.87 44.08
N VAL B 80 8.64 -34.84 45.16
CA VAL B 80 8.06 -34.75 46.49
C VAL B 80 8.59 -33.52 47.21
N ARG B 81 7.66 -32.73 47.74
CA ARG B 81 8.01 -31.43 48.28
C ARG B 81 7.18 -31.10 49.52
N PHE B 82 7.84 -30.51 50.52
CA PHE B 82 7.17 -29.85 51.65
C PHE B 82 8.14 -28.88 52.35
N ASN B 83 7.60 -28.01 53.19
CA ASN B 83 8.36 -27.05 53.96
C ASN B 83 7.88 -27.12 55.42
N PRO B 84 8.70 -27.68 56.32
CA PRO B 84 8.32 -27.74 57.73
C PRO B 84 8.41 -26.40 58.46
N ASP B 85 8.76 -25.33 57.75
CA ASP B 85 9.05 -24.04 58.41
C ASP B 85 8.08 -22.90 58.07
N GLY B 86 7.25 -23.13 57.05
CA GLY B 86 6.32 -22.14 56.51
C GLY B 86 5.61 -22.75 55.30
N PRO B 87 4.91 -21.93 54.49
CA PRO B 87 4.17 -22.50 53.36
C PRO B 87 5.14 -23.03 52.31
N ILE B 88 4.66 -23.82 51.36
CA ILE B 88 5.52 -24.32 50.28
C ILE B 88 5.71 -23.21 49.24
N ARG B 89 6.94 -23.02 48.76
CA ARG B 89 7.24 -21.99 47.75
C ARG B 89 7.92 -22.52 46.50
N ASP B 90 7.72 -21.81 45.40
CA ASP B 90 8.43 -22.06 44.17
C ASP B 90 9.67 -21.18 44.18
N VAL B 91 10.83 -21.79 43.95
CA VAL B 91 12.05 -21.00 43.73
C VAL B 91 11.90 -20.16 42.46
N THR B 92 12.45 -18.93 42.51
CA THR B 92 12.56 -18.06 41.33
C THR B 92 13.93 -18.20 40.64
N ARG B 93 14.87 -18.86 41.31
CA ARG B 93 16.20 -19.16 40.76
C ARG B 93 16.64 -20.57 41.16
N GLY B 94 17.25 -21.30 40.22
CA GLY B 94 17.71 -22.67 40.49
C GLY B 94 17.50 -23.52 39.24
N PRO B 95 18.01 -24.76 39.24
CA PRO B 95 17.87 -25.63 38.08
C PRO B 95 16.40 -25.88 37.67
N ILE B 96 15.49 -25.96 38.63
CA ILE B 96 14.13 -26.41 38.36
C ILE B 96 13.13 -25.31 38.68
N LEU B 97 12.51 -24.76 37.65
CA LEU B 97 11.58 -23.65 37.81
C LEU B 97 10.16 -24.06 37.47
N LYS B 98 9.19 -23.44 38.14
CA LYS B 98 7.76 -23.62 37.87
C LYS B 98 7.42 -23.50 36.37
N GLN B 99 8.01 -22.51 35.70
CA GLN B 99 7.68 -22.21 34.30
C GLN B 99 7.96 -23.39 33.38
N GLN B 100 9.04 -24.13 33.66
CA GLN B 100 9.44 -25.30 32.82
C GLN B 100 8.66 -26.57 33.12
N LEU B 101 8.41 -26.85 34.41
CA LEU B 101 7.46 -27.92 34.78
C LEU B 101 6.07 -27.73 34.15
N ASP B 102 5.60 -26.47 34.10
CA ASP B 102 4.33 -26.12 33.44
C ASP B 102 4.31 -26.45 31.95
N TRP B 103 5.35 -26.00 31.24
CA TRP B 103 5.49 -26.26 29.82
C TRP B 103 5.47 -27.77 29.54
N ILE B 104 6.19 -28.55 30.33
CA ILE B 104 6.25 -30.01 30.13
C ILE B 104 4.87 -30.64 30.30
N ARG B 105 4.18 -30.26 31.37
CA ARG B 105 2.83 -30.80 31.63
C ARG B 105 1.86 -30.37 30.51
N THR B 106 1.94 -29.11 30.08
CA THR B 106 1.09 -28.60 28.99
C THR B 106 1.29 -29.40 27.68
N GLN B 107 2.54 -29.60 27.28
CA GLN B 107 2.87 -30.46 26.13
C GLN B 107 2.27 -31.84 26.23
N GLU B 108 2.51 -32.49 27.38
CA GLU B 108 2.05 -33.85 27.63
C GLU B 108 0.54 -33.97 27.74
N LEU B 109 -0.13 -32.95 28.30
CA LEU B 109 -1.59 -32.96 28.37
C LEU B 109 -2.21 -32.99 26.98
N SER B 110 -1.57 -32.29 26.03
CA SER B 110 -2.06 -32.26 24.66
C SER B 110 -1.78 -33.55 23.85
N GLU B 111 -0.96 -34.45 24.38
CA GLU B 111 -0.78 -35.77 23.74
C GLU B 111 -1.69 -36.82 24.41
N GLY B 112 -2.53 -36.40 25.34
CA GLY B 112 -3.41 -37.33 26.04
C GLY B 112 -2.80 -38.12 27.19
N CYS B 113 -1.56 -37.80 27.58
CA CYS B 113 -0.94 -38.40 28.78
C CYS B 113 -1.81 -38.18 30.03
N ASP B 114 -2.09 -39.26 30.77
CA ASP B 114 -2.92 -39.18 31.98
C ASP B 114 -2.33 -40.04 33.09
N PRO B 115 -1.72 -39.39 34.11
CA PRO B 115 -1.12 -40.12 35.24
C PRO B 115 -2.17 -40.82 36.10
N GLY B 116 -3.41 -40.35 36.01
CA GLY B 116 -4.54 -40.98 36.69
C GLY B 116 -4.41 -40.90 38.19
N MET B 117 -3.89 -39.76 38.65
CA MET B 117 -3.63 -39.53 40.07
C MET B 117 -4.92 -39.70 40.86
N THR B 118 -4.93 -40.66 41.78
CA THR B 118 -6.11 -40.90 42.60
C THR B 118 -5.80 -41.37 44.03
N PHE B 119 -6.71 -41.05 44.95
CA PHE B 119 -6.72 -41.63 46.29
C PHE B 119 -7.64 -42.84 46.40
N THR B 120 -7.10 -43.94 46.92
CA THR B 120 -7.88 -45.16 47.23
C THR B 120 -8.81 -44.84 48.40
N SER B 121 -9.78 -45.72 48.64
CA SER B 121 -10.80 -45.52 49.68
C SER B 121 -10.20 -45.33 51.08
N GLU B 122 -9.02 -45.90 51.32
CA GLU B 122 -8.38 -45.70 52.61
C GLU B 122 -7.26 -44.64 52.61
N GLY B 123 -7.21 -43.81 51.56
CA GLY B 123 -6.37 -42.61 51.56
C GLY B 123 -4.97 -42.74 50.95
N PHE B 124 -4.69 -43.89 50.31
CA PHE B 124 -3.42 -44.12 49.61
C PHE B 124 -3.39 -43.27 48.34
N LEU B 125 -2.23 -42.73 48.01
CA LEU B 125 -2.10 -42.04 46.75
C LEU B 125 -1.55 -43.02 45.73
N THR B 126 -2.25 -43.13 44.59
CA THR B 126 -1.78 -43.94 43.47
C THR B 126 -1.71 -43.09 42.20
N PHE B 127 -0.75 -43.40 41.34
CA PHE B 127 -0.61 -42.76 40.04
C PHE B 127 0.31 -43.56 39.16
N GLU B 128 0.30 -43.26 37.88
CA GLU B 128 1.25 -43.89 36.99
C GLU B 128 1.90 -42.94 36.00
N THR B 129 3.01 -43.39 35.43
CA THR B 129 3.63 -42.68 34.34
C THR B 129 3.62 -43.63 33.14
N LYS B 130 4.30 -43.27 32.06
CA LYS B 130 4.31 -44.14 30.89
C LYS B 130 4.70 -45.59 31.26
N ASP B 131 5.83 -45.75 31.97
CA ASP B 131 6.38 -47.09 32.27
C ASP B 131 6.27 -47.55 33.74
N LEU B 132 5.79 -46.67 34.63
CA LEU B 132 5.74 -46.99 36.06
C LEU B 132 4.38 -46.87 36.70
N SER B 133 4.22 -47.56 37.83
CA SER B 133 3.11 -47.30 38.73
C SER B 133 3.62 -47.12 40.18
N VAL B 134 3.04 -46.13 40.86
CA VAL B 134 3.51 -45.71 42.16
C VAL B 134 2.37 -45.76 43.18
N ILE B 135 2.65 -46.32 44.35
CA ILE B 135 1.71 -46.23 45.48
C ILE B 135 2.36 -45.58 46.70
N ILE B 136 1.66 -44.61 47.28
CA ILE B 136 2.08 -44.00 48.54
C ILE B 136 1.02 -44.30 49.62
N TYR B 137 1.44 -45.00 50.67
CA TYR B 137 0.53 -45.41 51.74
C TYR B 137 0.34 -44.29 52.78
N GLY B 138 -0.40 -44.59 53.84
CA GLY B 138 -0.83 -43.61 54.85
C GLY B 138 0.30 -42.89 55.58
N ASN B 139 1.40 -43.60 55.86
CA ASN B 139 2.58 -43.03 56.49
C ASN B 139 3.66 -42.67 55.47
N PHE B 140 3.26 -42.56 54.20
CA PHE B 140 4.15 -42.19 53.09
C PHE B 140 5.10 -43.27 52.53
N LYS B 141 5.05 -44.49 53.07
CA LYS B 141 5.77 -45.62 52.48
C LYS B 141 5.48 -45.70 50.98
N THR B 142 6.54 -45.70 50.18
CA THR B 142 6.40 -45.55 48.73
C THR B 142 7.03 -46.71 47.99
N ARG B 143 6.29 -47.27 47.04
CA ARG B 143 6.78 -48.33 46.17
C ARG B 143 6.61 -47.93 44.70
N VAL B 144 7.73 -47.87 43.98
CA VAL B 144 7.71 -47.59 42.56
C VAL B 144 7.89 -48.92 41.84
N THR B 145 6.88 -49.29 41.06
CA THR B 145 6.89 -50.53 40.30
C THR B 145 6.95 -50.26 38.79
N ARG B 146 7.80 -51.03 38.11
CA ARG B 146 7.84 -51.03 36.67
C ARG B 146 6.76 -51.97 36.07
N LYS B 147 5.94 -51.45 35.16
CA LYS B 147 4.78 -52.19 34.64
C LYS B 147 5.13 -53.44 33.82
N SER B 148 6.16 -53.35 32.98
CA SER B 148 6.52 -54.41 32.03
C SER B 148 6.75 -55.77 32.70
N ASP B 149 7.54 -55.76 33.76
CA ASP B 149 7.90 -56.99 34.49
C ASP B 149 7.37 -57.06 35.93
N GLY B 150 6.79 -55.96 36.40
CA GLY B 150 6.29 -55.87 37.77
C GLY B 150 7.36 -55.65 38.85
N LYS B 151 8.59 -55.36 38.45
CA LYS B 151 9.68 -55.20 39.42
C LYS B 151 9.55 -53.91 40.24
N VAL B 152 9.76 -54.06 41.55
CA VAL B 152 9.86 -52.93 42.47
C VAL B 152 11.22 -52.30 42.23
N ILE B 153 11.24 -51.04 41.78
CA ILE B 153 12.46 -50.36 41.32
C ILE B 153 13.07 -49.58 42.47
N MET B 154 12.20 -48.89 43.20
CA MET B 154 12.58 -48.16 44.39
C MET B 154 11.51 -48.33 45.47
N GLU B 155 11.95 -48.34 46.73
CA GLU B 155 11.05 -48.15 47.87
C GLU B 155 11.75 -47.39 48.99
N ASN B 156 11.02 -46.56 49.71
CA ASN B 156 11.62 -45.83 50.83
C ASN B 156 11.64 -46.65 52.12
N ASP B 157 12.13 -46.06 53.21
CA ASP B 157 12.42 -46.80 54.44
C ASP B 157 11.48 -46.46 55.60
N GLU B 158 11.14 -47.47 56.39
CA GLU B 158 10.38 -47.29 57.62
C GLU B 158 11.17 -47.77 58.83
N VAL B 159 11.01 -47.07 59.94
CA VAL B 159 11.56 -47.55 61.20
C VAL B 159 10.40 -47.86 62.17
N GLY B 160 10.49 -49.00 62.85
CA GLY B 160 9.46 -49.39 63.81
C GLY B 160 9.67 -48.73 65.16
N THR B 161 8.57 -48.39 65.84
CA THR B 161 8.61 -47.85 67.19
C THR B 161 7.87 -48.82 68.11
N ALA B 162 8.35 -48.92 69.34
CA ALA B 162 7.87 -49.90 70.30
C ALA B 162 6.36 -49.83 70.52
N SER B 163 5.81 -48.61 70.53
CA SER B 163 4.39 -48.42 70.88
C SER B 163 3.49 -47.91 69.74
N SER B 164 4.06 -47.24 68.74
CA SER B 164 3.26 -46.40 67.86
C SER B 164 3.40 -46.68 66.36
N GLY B 165 3.74 -47.92 66.00
CA GLY B 165 3.74 -48.33 64.61
C GLY B 165 4.93 -47.85 63.83
N ASN B 166 4.86 -48.03 62.50
CA ASN B 166 5.96 -47.74 61.61
C ASN B 166 6.03 -46.27 61.17
N LYS B 167 7.23 -45.69 61.19
CA LYS B 167 7.40 -44.33 60.73
C LYS B 167 8.25 -44.33 59.46
N CYS B 168 7.81 -43.58 58.47
CA CYS B 168 8.52 -43.57 57.19
C CYS B 168 9.64 -42.57 57.22
N ARG B 169 10.87 -43.05 57.11
CA ARG B 169 12.03 -42.15 57.08
C ARG B 169 12.29 -41.58 55.69
N GLY B 170 11.34 -41.84 54.76
CA GLY B 170 11.29 -41.16 53.46
C GLY B 170 11.02 -39.66 53.61
N LEU B 171 10.33 -39.25 54.68
CA LEU B 171 10.19 -37.82 54.98
C LEU B 171 10.59 -37.53 56.43
N MET B 172 11.72 -36.83 56.60
CA MET B 172 12.30 -36.55 57.94
C MET B 172 12.72 -35.11 58.06
N PHE B 173 12.43 -34.50 59.21
CA PHE B 173 13.07 -33.25 59.58
C PHE B 173 13.36 -33.23 61.09
N VAL B 174 14.44 -32.55 61.51
CA VAL B 174 14.77 -32.39 62.94
C VAL B 174 13.75 -31.44 63.57
N ASP B 175 13.33 -31.71 64.81
CA ASP B 175 12.37 -30.85 65.53
C ASP B 175 12.96 -29.46 65.58
N ARG B 176 12.15 -28.44 65.27
CA ARG B 176 12.71 -27.09 65.17
C ARG B 176 13.04 -26.47 66.54
N LEU B 177 12.81 -27.23 67.60
CA LEU B 177 13.28 -26.85 68.94
C LEU B 177 14.78 -27.15 69.10
N TYR B 178 15.28 -28.07 68.27
CA TYR B 178 16.66 -28.53 68.32
C TYR B 178 17.46 -28.27 67.04
N GLY B 179 16.79 -28.14 65.90
CA GLY B 179 17.48 -28.03 64.61
C GLY B 179 16.67 -27.69 63.37
N ASN B 180 17.32 -27.82 62.22
CA ASN B 180 16.78 -27.38 60.93
C ASN B 180 16.98 -28.39 59.79
N ALA B 181 17.72 -29.47 60.06
CA ALA B 181 18.03 -30.45 59.02
C ALA B 181 16.81 -31.23 58.48
N ILE B 182 16.97 -31.76 57.27
CA ILE B 182 15.96 -32.59 56.62
C ILE B 182 16.68 -33.82 56.10
N ALA B 183 15.95 -34.92 55.91
CA ALA B 183 16.52 -36.11 55.28
C ALA B 183 15.45 -36.97 54.64
N SER B 184 15.89 -37.94 53.83
CA SER B 184 14.99 -38.84 53.14
C SER B 184 15.75 -40.13 52.92
N VAL B 185 15.19 -41.25 53.38
CA VAL B 185 15.88 -42.54 53.36
C VAL B 185 15.21 -43.54 52.40
N ASN B 186 15.99 -44.11 51.50
CA ASN B 186 15.50 -45.22 50.68
C ASN B 186 16.17 -46.52 51.11
N LYS B 187 15.53 -47.65 50.82
CA LYS B 187 16.16 -48.95 50.95
C LYS B 187 17.23 -49.04 49.87
N ASN B 188 18.35 -49.72 50.21
CA ASN B 188 19.56 -49.72 49.40
C ASN B 188 19.94 -51.16 49.08
N PHE B 189 19.85 -51.56 47.81
CA PHE B 189 20.11 -52.95 47.43
C PHE B 189 21.52 -53.22 46.94
N ARG B 190 22.48 -52.41 47.38
CA ARG B 190 23.89 -52.60 46.99
C ARG B 190 24.42 -54.00 47.29
N ASN B 191 24.01 -54.57 48.42
CA ASN B 191 24.45 -55.92 48.80
C ASN B 191 23.57 -57.06 48.32
N ASP B 192 22.46 -56.74 47.65
CA ASP B 192 21.59 -57.76 47.07
C ASP B 192 22.30 -58.56 45.96
N ALA B 193 22.34 -59.88 46.11
CA ALA B 193 23.05 -60.77 45.19
C ALA B 193 22.62 -60.56 43.73
N VAL B 194 21.33 -60.27 43.54
CA VAL B 194 20.78 -60.07 42.20
C VAL B 194 20.97 -58.64 41.68
N LYS B 195 20.51 -57.67 42.47
CA LYS B 195 20.44 -56.28 42.02
C LYS B 195 21.80 -55.56 42.04
N GLN B 196 22.59 -55.86 43.08
CA GLN B 196 23.89 -55.21 43.34
C GLN B 196 23.86 -53.74 42.99
N GLU B 197 22.96 -52.99 43.60
CA GLU B 197 22.79 -51.58 43.25
C GLU B 197 24.12 -50.81 43.28
N GLY B 198 24.28 -49.88 42.35
CA GLY B 198 25.44 -49.02 42.32
C GLY B 198 24.91 -47.60 42.25
N PHE B 199 25.71 -46.67 42.75
CA PHE B 199 25.32 -45.28 42.89
C PHE B 199 26.37 -44.47 42.16
N TYR B 200 25.93 -43.60 41.25
CA TYR B 200 26.86 -42.82 40.47
C TYR B 200 26.48 -41.33 40.51
N GLY B 201 27.40 -40.48 40.05
CA GLY B 201 27.09 -39.06 39.92
C GLY B 201 27.80 -38.27 41.00
N ALA B 202 27.09 -37.34 41.64
CA ALA B 202 27.60 -36.57 42.77
C ALA B 202 28.77 -35.63 42.39
N GLY B 203 28.71 -35.12 41.15
CA GLY B 203 29.62 -34.10 40.63
C GLY B 203 31.10 -34.41 40.71
N GLU B 204 31.81 -33.65 41.57
CA GLU B 204 33.29 -33.61 41.65
C GLU B 204 33.92 -34.47 42.79
N VAL B 205 33.09 -35.24 43.52
CA VAL B 205 33.57 -36.02 44.68
C VAL B 205 34.60 -37.04 44.18
N ASN B 206 35.71 -37.18 44.91
CA ASN B 206 36.79 -38.09 44.56
C ASN B 206 36.74 -39.23 45.56
N CYS B 207 37.03 -40.45 45.13
CA CYS B 207 36.95 -41.54 46.07
C CYS B 207 38.07 -42.50 45.80
N LYS B 208 38.82 -42.83 46.84
CA LYS B 208 39.99 -43.65 46.65
C LYS B 208 39.69 -45.08 47.06
N TYR B 209 40.24 -46.03 46.31
CA TYR B 209 40.17 -47.44 46.68
C TYR B 209 41.53 -48.07 46.42
N GLN B 210 42.10 -48.64 47.50
CA GLN B 210 43.49 -49.09 47.54
C GLN B 210 44.38 -47.96 46.99
N ASP B 211 45.05 -48.20 45.88
CA ASP B 211 45.98 -47.21 45.35
C ASP B 211 45.35 -46.31 44.26
N THR B 212 44.10 -46.60 43.89
CA THR B 212 43.49 -46.05 42.66
C THR B 212 42.31 -45.12 42.94
N TYR B 213 42.10 -44.11 42.10
CA TYR B 213 40.86 -43.35 42.23
C TYR B 213 39.78 -43.91 41.31
N ILE B 214 38.57 -44.09 41.87
CA ILE B 214 37.48 -44.80 41.20
C ILE B 214 36.26 -43.92 40.82
N LEU B 215 35.38 -44.50 40.00
CA LEU B 215 34.23 -43.77 39.44
C LEU B 215 32.98 -43.87 40.30
N GLU B 216 32.69 -45.09 40.78
CA GLU B 216 31.40 -45.37 41.45
C GLU B 216 31.38 -44.76 42.86
N ARG B 217 30.18 -44.44 43.34
CA ARG B 217 30.02 -43.72 44.62
C ARG B 217 29.12 -44.49 45.59
N THR B 218 29.41 -45.79 45.71
CA THR B 218 28.61 -46.76 46.50
C THR B 218 29.25 -47.05 47.85
N GLY B 219 28.46 -46.89 48.92
CA GLY B 219 28.86 -47.32 50.27
C GLY B 219 29.67 -46.26 50.97
N ILE B 220 29.37 -44.98 50.67
CA ILE B 220 30.17 -43.85 51.12
C ILE B 220 29.33 -42.66 51.57
N ALA B 221 29.88 -41.85 52.49
CA ALA B 221 29.21 -40.67 53.03
C ALA B 221 29.82 -39.38 52.45
N MET B 222 29.00 -38.63 51.71
CA MET B 222 29.41 -37.47 50.93
C MET B 222 28.70 -36.21 51.38
N THR B 223 29.28 -35.07 51.03
CA THR B 223 28.62 -33.80 51.32
C THR B 223 28.86 -32.82 50.19
N ASN B 224 27.86 -31.97 49.95
CA ASN B 224 28.04 -30.79 49.11
C ASN B 224 28.11 -29.57 49.99
N TYR B 225 29.24 -28.88 49.86
CA TYR B 225 29.67 -27.80 50.75
C TYR B 225 30.78 -27.07 50.01
N ASN B 226 30.37 -26.16 49.11
CA ASN B 226 31.31 -25.51 48.17
C ASN B 226 32.51 -24.89 48.87
N TYR B 227 33.70 -25.31 48.49
CA TYR B 227 34.89 -25.00 49.28
C TYR B 227 36.11 -24.62 48.44
N ASP B 228 36.93 -23.74 49.00
CA ASP B 228 38.16 -23.30 48.37
C ASP B 228 39.20 -24.41 48.51
N ASN B 229 39.03 -25.48 47.76
CA ASN B 229 39.65 -26.74 48.10
C ASN B 229 40.86 -27.12 47.30
N LEU B 230 41.88 -26.27 47.36
CA LEU B 230 43.15 -26.51 46.67
C LEU B 230 43.69 -27.92 46.95
N ASN B 231 44.09 -28.60 45.88
CA ASN B 231 44.51 -30.03 45.91
C ASN B 231 43.44 -31.07 46.28
N TYR B 232 42.21 -30.61 46.55
CA TYR B 232 41.07 -31.49 46.86
C TYR B 232 41.21 -32.07 48.30
N ASN B 233 42.12 -31.51 49.10
CA ASN B 233 42.47 -32.11 50.41
C ASN B 233 42.83 -31.09 51.50
N GLN B 234 42.15 -29.95 51.52
CA GLN B 234 42.44 -28.87 52.50
C GLN B 234 42.32 -29.40 53.94
N TRP B 235 43.29 -29.02 54.76
CA TRP B 235 43.49 -29.59 56.10
C TRP B 235 42.31 -29.33 57.04
N ASP B 236 41.67 -28.17 56.89
CA ASP B 236 40.45 -27.87 57.69
C ASP B 236 39.25 -28.79 57.38
N LEU B 237 39.39 -29.66 56.38
CA LEU B 237 38.33 -30.60 56.03
C LEU B 237 38.59 -32.02 56.56
N ARG B 238 39.71 -32.20 57.26
CA ARG B 238 39.99 -33.50 57.92
C ARG B 238 38.91 -34.00 58.90
N PRO B 239 38.73 -35.33 58.96
CA PRO B 239 37.92 -35.95 60.00
C PRO B 239 38.58 -35.70 61.36
N PRO B 240 37.77 -35.59 62.44
CA PRO B 240 38.30 -35.42 63.79
C PRO B 240 39.40 -36.44 64.08
N HIS B 241 40.51 -35.94 64.62
CA HIS B 241 41.67 -36.72 65.13
C HIS B 241 42.44 -37.45 64.03
N HIS B 242 42.23 -37.01 62.80
CA HIS B 242 42.97 -37.51 61.65
C HIS B 242 44.45 -37.25 61.83
N ASP B 243 45.22 -38.31 61.65
CA ASP B 243 46.67 -38.25 61.73
C ASP B 243 47.26 -38.58 60.36
N GLY B 244 48.35 -37.90 60.03
CA GLY B 244 49.00 -38.08 58.74
C GLY B 244 48.37 -37.32 57.60
N ALA B 245 48.90 -37.52 56.40
CA ALA B 245 48.42 -36.85 55.19
C ALA B 245 46.93 -37.05 54.99
N LEU B 246 46.24 -35.96 54.65
CA LEU B 246 44.86 -36.03 54.17
C LEU B 246 44.86 -36.20 52.65
N ASN B 247 44.44 -37.38 52.21
CA ASN B 247 44.29 -37.67 50.82
C ASN B 247 42.93 -37.24 50.31
N PRO B 248 42.87 -36.86 49.02
CA PRO B 248 41.56 -36.61 48.44
C PRO B 248 40.67 -37.84 48.61
N ASP B 249 39.45 -37.62 49.08
CA ASP B 249 38.56 -38.74 49.39
C ASP B 249 37.08 -38.40 49.52
N TYR B 250 36.25 -39.43 49.66
CA TYR B 250 34.81 -39.26 49.41
C TYR B 250 34.05 -38.30 50.35
N TYR B 251 34.58 -38.16 51.59
CA TYR B 251 34.01 -37.35 52.69
C TYR B 251 34.40 -35.87 52.64
N ILE B 252 35.16 -35.48 51.63
CA ILE B 252 35.63 -34.10 51.46
C ILE B 252 34.83 -33.34 50.39
N PRO B 253 34.29 -32.17 50.75
CA PRO B 253 33.49 -31.51 49.74
C PRO B 253 34.38 -30.88 48.65
N MET B 254 33.79 -30.63 47.48
CA MET B 254 34.52 -30.02 46.35
C MET B 254 33.98 -28.63 45.99
N TYR B 255 34.19 -28.23 44.74
CA TYR B 255 33.82 -26.88 44.30
C TYR B 255 32.37 -26.76 43.75
N TYR B 256 31.79 -27.88 43.36
CA TYR B 256 30.49 -27.92 42.69
C TYR B 256 29.50 -28.69 43.56
N ALA B 257 28.32 -28.12 43.80
CA ALA B 257 27.23 -28.79 44.54
C ALA B 257 26.34 -29.68 43.64
N ALA B 258 26.40 -30.97 43.89
CA ALA B 258 25.66 -31.93 43.07
C ALA B 258 25.04 -33.01 43.96
N PRO B 259 23.93 -32.65 44.63
CA PRO B 259 23.09 -33.56 45.41
C PRO B 259 22.25 -34.44 44.48
N TRP B 260 22.95 -35.30 43.74
CA TRP B 260 22.41 -36.00 42.59
C TRP B 260 23.10 -37.35 42.46
N LEU B 261 22.29 -38.40 42.45
CA LEU B 261 22.78 -39.76 42.29
C LEU B 261 21.96 -40.47 41.24
N ILE B 262 22.61 -41.37 40.51
CA ILE B 262 21.91 -42.23 39.59
C ILE B 262 22.14 -43.62 40.11
N VAL B 263 21.04 -44.29 40.49
CA VAL B 263 21.10 -45.67 40.92
C VAL B 263 20.98 -46.58 39.70
N ASN B 264 21.73 -47.67 39.72
CA ASN B 264 21.75 -48.60 38.61
C ASN B 264 21.74 -50.00 39.21
N GLY B 265 20.71 -50.79 38.87
CA GLY B 265 20.56 -52.16 39.39
C GLY B 265 20.49 -53.18 38.27
N CYS B 266 20.70 -54.45 38.62
CA CYS B 266 20.69 -55.55 37.64
C CYS B 266 21.40 -55.18 36.33
N ALA B 267 22.55 -54.49 36.48
CA ALA B 267 23.35 -53.99 35.38
C ALA B 267 23.74 -55.09 34.40
N GLY B 268 23.63 -54.79 33.11
CA GLY B 268 24.10 -55.69 32.05
C GLY B 268 23.13 -56.78 31.64
N THR B 269 21.95 -56.78 32.24
CA THR B 269 20.96 -57.83 31.97
C THR B 269 19.71 -57.21 31.36
N SER B 270 18.79 -58.06 30.92
CA SER B 270 17.51 -57.59 30.37
C SER B 270 16.66 -56.83 31.39
N GLU B 271 16.85 -57.10 32.67
CA GLU B 271 16.04 -56.44 33.70
C GLU B 271 16.67 -55.20 34.35
N GLN B 272 17.78 -54.74 33.80
CA GLN B 272 18.42 -53.52 34.29
C GLN B 272 17.43 -52.39 34.58
N TYR B 273 17.63 -51.72 35.71
CA TYR B 273 16.88 -50.49 36.03
C TYR B 273 17.82 -49.36 36.47
N SER B 274 17.43 -48.13 36.19
CA SER B 274 18.20 -46.97 36.57
C SER B 274 17.22 -45.90 36.95
N TYR B 275 17.60 -45.05 37.90
CA TYR B 275 16.86 -43.82 38.17
C TYR B 275 17.72 -42.78 38.87
N GLY B 276 17.34 -41.52 38.69
CA GLY B 276 18.05 -40.41 39.26
C GLY B 276 17.36 -39.92 40.53
N TRP B 277 18.18 -39.50 41.48
CA TRP B 277 17.71 -38.96 42.75
C TRP B 277 18.34 -37.59 42.97
N PHE B 278 17.49 -36.55 42.98
CA PHE B 278 17.92 -35.15 43.13
C PHE B 278 17.25 -34.55 44.33
N MET B 279 18.05 -34.07 45.28
CA MET B 279 17.47 -33.27 46.35
C MET B 279 17.82 -31.83 46.02
N ASP B 280 16.78 -31.06 45.77
CA ASP B 280 16.95 -29.70 45.34
C ASP B 280 17.10 -28.82 46.56
N ASN B 281 18.34 -28.69 46.99
CA ASN B 281 18.67 -27.94 48.19
C ASN B 281 20.06 -27.31 48.04
N VAL B 282 20.13 -26.03 48.39
CA VAL B 282 21.35 -25.24 48.29
C VAL B 282 21.92 -24.83 49.67
N SER B 283 21.39 -25.42 50.74
CA SER B 283 22.11 -25.38 52.00
C SER B 283 23.11 -26.53 51.93
N GLN B 284 23.96 -26.72 52.95
CA GLN B 284 24.86 -27.88 52.96
C GLN B 284 23.99 -29.11 52.90
N SER B 285 24.34 -30.05 52.02
CA SER B 285 23.55 -31.25 51.78
C SER B 285 24.44 -32.49 51.85
N TYR B 286 23.79 -33.63 52.00
CA TYR B 286 24.45 -34.93 52.20
C TYR B 286 23.89 -36.01 51.29
N MET B 287 24.75 -36.92 50.87
CA MET B 287 24.38 -38.11 50.13
C MET B 287 25.14 -39.30 50.72
N ASN B 288 24.41 -40.24 51.32
CA ASN B 288 25.07 -41.35 51.97
C ASN B 288 24.61 -42.64 51.29
N THR B 289 25.54 -43.36 50.68
CA THR B 289 25.14 -44.53 49.89
C THR B 289 25.41 -45.84 50.58
N GLY B 290 25.21 -45.83 51.90
CA GLY B 290 25.34 -47.00 52.73
C GLY B 290 26.67 -47.11 53.42
N ASP B 291 27.14 -46.02 54.01
CA ASP B 291 28.43 -46.00 54.74
C ASP B 291 28.23 -46.08 56.25
N THR B 292 28.89 -47.06 56.89
CA THR B 292 28.80 -47.21 58.34
C THR B 292 29.86 -46.42 59.11
N THR B 293 30.86 -45.93 58.39
CA THR B 293 31.93 -45.12 58.96
C THR B 293 31.32 -43.97 59.73
N TRP B 294 31.86 -43.74 60.93
CA TRP B 294 31.42 -42.71 61.89
C TRP B 294 30.00 -42.88 62.32
N ASN B 295 29.42 -44.03 62.02
CA ASN B 295 28.00 -44.27 62.21
C ASN B 295 27.08 -43.29 61.45
N SER B 296 27.48 -42.94 60.23
CA SER B 296 26.74 -41.94 59.47
C SER B 296 25.57 -42.55 58.75
N GLY B 297 25.69 -43.83 58.39
CA GLY B 297 24.61 -44.55 57.74
C GLY B 297 24.62 -46.03 58.12
N GLN B 298 23.94 -46.82 57.29
CA GLN B 298 23.79 -48.27 57.45
C GLN B 298 24.02 -48.85 56.06
N GLU B 299 24.62 -50.04 55.96
CA GLU B 299 24.90 -50.64 54.64
C GLU B 299 23.67 -50.75 53.73
N ASP B 300 22.51 -51.04 54.32
CA ASP B 300 21.29 -51.34 53.57
C ASP B 300 20.30 -50.18 53.44
N LEU B 301 20.78 -48.96 53.67
CA LEU B 301 19.97 -47.76 53.56
C LEU B 301 20.74 -46.73 52.73
N ALA B 302 20.04 -45.85 52.04
CA ALA B 302 20.69 -44.71 51.38
C ALA B 302 19.87 -43.51 51.72
N TYR B 303 20.53 -42.36 51.83
CA TYR B 303 19.80 -41.14 52.15
C TYR B 303 20.43 -39.88 51.56
N MET B 304 19.58 -38.89 51.43
CA MET B 304 20.03 -37.56 51.15
C MET B 304 19.46 -36.70 52.24
N GLY B 305 20.18 -35.64 52.60
CA GLY B 305 19.72 -34.71 53.63
C GLY B 305 20.37 -33.36 53.46
N ALA B 306 19.97 -32.41 54.27
CA ALA B 306 20.56 -31.08 54.21
C ALA B 306 20.43 -30.41 55.56
N GLN B 307 21.29 -29.44 55.84
CA GLN B 307 21.30 -28.72 57.11
C GLN B 307 20.06 -27.84 57.27
N TYR B 308 19.46 -27.46 56.15
CA TYR B 308 18.29 -26.59 56.16
C TYR B 308 17.23 -26.99 55.18
N GLY B 309 16.00 -26.52 55.41
CA GLY B 309 14.88 -26.73 54.50
C GLY B 309 14.90 -25.72 53.35
N PRO B 310 13.99 -25.87 52.38
CA PRO B 310 12.85 -26.78 52.38
C PRO B 310 13.20 -28.14 51.80
N PHE B 311 12.20 -29.04 51.76
CA PHE B 311 12.36 -30.42 51.28
C PHE B 311 11.80 -30.50 49.87
N ASP B 312 12.66 -30.80 48.90
CA ASP B 312 12.24 -30.85 47.51
C ASP B 312 13.07 -31.90 46.78
N GLN B 313 12.42 -33.01 46.44
CA GLN B 313 13.13 -34.15 45.87
C GLN B 313 12.56 -34.60 44.55
N HIS B 314 13.42 -35.14 43.67
CA HIS B 314 13.00 -35.66 42.37
C HIS B 314 13.48 -37.07 42.18
N PHE B 315 12.54 -37.91 41.75
CA PHE B 315 12.83 -39.26 41.26
C PHE B 315 12.76 -39.14 39.74
N VAL B 316 13.85 -39.46 39.04
CA VAL B 316 13.91 -39.34 37.59
C VAL B 316 14.25 -40.70 36.98
N TYR B 317 13.23 -41.43 36.49
CA TYR B 317 13.48 -42.77 35.91
C TYR B 317 13.89 -42.72 34.44
N GLY B 318 13.39 -41.73 33.72
CA GLY B 318 13.77 -41.55 32.31
C GLY B 318 12.87 -42.34 31.37
N ALA B 319 12.96 -42.00 30.08
CA ALA B 319 12.09 -42.57 29.07
C ALA B 319 12.60 -43.95 28.62
N GLY B 320 13.79 -43.99 28.04
CA GLY B 320 14.33 -45.24 27.51
C GLY B 320 14.87 -46.13 28.62
N GLY B 321 15.87 -46.94 28.28
CA GLY B 321 16.55 -47.74 29.28
C GLY B 321 18.00 -47.27 29.42
N GLY B 322 18.54 -47.43 30.62
CA GLY B 322 19.95 -47.20 30.83
C GLY B 322 20.19 -45.85 31.47
N MET B 323 21.39 -45.69 32.00
CA MET B 323 21.72 -44.51 32.78
C MET B 323 21.67 -43.22 31.96
N GLU B 324 22.07 -43.28 30.69
CA GLU B 324 22.08 -42.09 29.87
C GLU B 324 20.69 -41.42 29.79
N VAL B 326 18.47 -41.43 32.06
CA VAL B 326 18.27 -40.67 33.31
C VAL B 326 18.83 -39.21 33.25
N VAL B 327 20.04 -39.06 32.72
CA VAL B 327 20.65 -37.74 32.52
C VAL B 327 19.82 -36.83 31.60
N THR B 328 19.41 -37.40 30.47
CA THR B 328 18.57 -36.74 29.48
C THR B 328 17.24 -36.25 30.08
N ALA B 329 16.55 -37.10 30.83
CA ALA B 329 15.28 -36.73 31.48
C ALA B 329 15.49 -35.63 32.53
N PHE B 330 16.53 -35.80 33.34
CA PHE B 330 16.99 -34.77 34.27
C PHE B 330 17.26 -33.42 33.56
N SER B 331 17.95 -33.45 32.42
CA SER B 331 18.20 -32.21 31.67
C SER B 331 16.92 -31.56 31.13
N LEU B 332 15.90 -32.36 30.79
CA LEU B 332 14.57 -31.81 30.44
C LEU B 332 13.94 -31.01 31.58
N LEU B 333 13.95 -31.57 32.80
CA LEU B 333 13.39 -30.88 33.98
C LEU B 333 14.04 -29.50 34.20
N GLN B 334 15.31 -29.40 33.83
CA GLN B 334 16.10 -28.18 33.88
C GLN B 334 16.06 -27.37 32.60
N GLY B 335 15.30 -27.84 31.61
CA GLY B 335 15.38 -27.34 30.22
C GLY B 335 14.81 -25.95 29.97
N LYS B 336 15.04 -25.44 28.77
CA LYS B 336 14.62 -24.08 28.43
C LYS B 336 13.58 -24.05 27.30
N GLU B 337 12.86 -25.14 27.15
CA GLU B 337 11.81 -25.18 26.14
C GLU B 337 10.71 -24.12 26.40
N PHE B 338 10.53 -23.72 27.65
CA PHE B 338 9.51 -22.74 27.98
C PHE B 338 9.85 -21.33 27.47
N GLU B 339 11.10 -21.10 27.10
CA GLU B 339 11.54 -19.82 26.55
C GLU B 339 11.63 -19.87 25.02
N ASN B 340 11.25 -21.03 24.45
CA ASN B 340 11.29 -21.31 23.01
C ASN B 340 12.69 -21.24 22.41
N GLN B 341 13.69 -21.66 23.16
CA GLN B 341 15.06 -21.69 22.65
C GLN B 341 15.09 -22.54 21.41
N VAL B 342 15.64 -22.01 20.33
CA VAL B 342 15.76 -22.76 19.08
C VAL B 342 16.93 -23.74 19.13
N LEU B 343 17.95 -23.40 19.92
CA LEU B 343 19.14 -24.28 20.06
C LEU B 343 19.45 -24.64 21.51
N ASN B 344 19.49 -23.63 22.38
CA ASN B 344 19.97 -23.79 23.76
C ASN B 344 18.90 -24.30 24.72
N LYS B 345 18.44 -25.51 24.46
CA LYS B 345 17.34 -26.09 25.21
C LYS B 345 17.81 -26.62 26.57
N ARG B 346 18.91 -27.39 26.53
CA ARG B 346 19.38 -28.11 27.71
C ARG B 346 20.75 -27.67 28.26
N SER B 347 21.34 -26.64 27.66
CA SER B 347 22.63 -26.03 28.04
C SER B 347 22.95 -24.98 26.98
N VAL B 348 23.91 -24.09 27.22
CA VAL B 348 24.24 -23.10 26.20
C VAL B 348 25.43 -23.54 25.37
N MET B 349 25.34 -23.37 24.05
CA MET B 349 26.45 -23.73 23.17
C MET B 349 27.63 -22.75 23.30
N PRO B 350 28.86 -23.26 23.28
CA PRO B 350 30.03 -22.38 23.28
C PRO B 350 30.44 -21.99 21.86
N PRO B 351 31.30 -20.95 21.73
CA PRO B 351 31.99 -20.78 20.45
C PRO B 351 32.79 -22.05 20.19
N LYS B 352 33.04 -22.35 18.91
CA LYS B 352 33.88 -23.48 18.51
C LYS B 352 35.28 -23.46 19.16
N TYR B 353 35.88 -22.28 19.30
CA TYR B 353 37.21 -22.15 19.87
C TYR B 353 37.38 -22.78 21.27
N VAL B 354 36.28 -22.86 22.02
CA VAL B 354 36.34 -23.36 23.39
C VAL B 354 36.92 -24.76 23.43
N PHE B 355 36.87 -25.47 22.30
CA PHE B 355 37.39 -26.85 22.21
C PHE B 355 38.87 -26.94 21.82
N GLY B 356 39.51 -25.78 21.74
CA GLY B 356 40.91 -25.68 21.37
C GLY B 356 41.79 -25.93 22.57
N PHE B 357 43.11 -26.02 22.33
CA PHE B 357 44.11 -26.15 23.38
C PHE B 357 44.55 -24.80 23.97
N PHE B 358 44.29 -24.58 25.26
CA PHE B 358 44.71 -23.32 25.92
C PHE B 358 45.89 -23.53 26.87
N GLN B 359 46.70 -22.46 27.03
CA GLN B 359 47.75 -22.45 28.04
C GLN B 359 47.50 -21.31 29.00
N GLY B 360 47.43 -21.62 30.28
CA GLY B 360 47.47 -20.60 31.34
C GLY B 360 48.73 -20.70 32.19
N VAL B 361 49.10 -19.59 32.80
CA VAL B 361 50.23 -19.57 33.73
C VAL B 361 49.86 -18.58 34.84
N PHE B 362 49.78 -19.07 36.09
CA PHE B 362 49.82 -18.17 37.26
C PHE B 362 51.26 -17.81 37.56
N GLY B 363 51.62 -16.59 37.20
CA GLY B 363 53.00 -16.11 37.32
C GLY B 363 53.61 -15.59 36.03
N THR B 364 52.82 -14.91 35.18
CA THR B 364 53.39 -14.16 34.04
C THR B 364 53.65 -12.72 34.43
N SER B 365 54.70 -12.13 33.86
CA SER B 365 55.15 -10.79 34.27
C SER B 365 54.77 -9.68 33.30
N SER B 366 54.51 -10.04 32.05
CA SER B 366 54.28 -9.03 31.03
C SER B 366 53.77 -9.69 29.75
N LEU B 367 53.31 -8.85 28.82
CA LEU B 367 52.88 -9.31 27.50
C LEU B 367 54.11 -9.65 26.65
N LEU B 368 54.94 -8.62 26.47
CA LEU B 368 56.15 -8.63 25.64
C LEU B 368 57.43 -8.78 26.45
N ARG B 369 58.39 -9.51 25.88
CA ARG B 369 59.71 -9.64 26.49
C ARG B 369 60.34 -8.31 26.76
N ALA B 370 60.14 -7.37 25.84
CA ALA B 370 60.76 -6.06 25.91
C ALA B 370 60.26 -5.20 27.11
N HIS B 371 59.14 -5.58 27.73
CA HIS B 371 58.67 -4.84 28.91
C HIS B 371 58.53 -5.74 30.13
N MET B 372 59.18 -6.91 30.07
CA MET B 372 59.18 -7.82 31.19
C MET B 372 60.17 -7.38 32.26
N PRO B 373 59.69 -7.19 33.51
CA PRO B 373 60.63 -6.89 34.60
C PRO B 373 61.59 -8.07 34.82
N ALA B 374 62.82 -7.77 35.22
CA ALA B 374 63.80 -8.80 35.57
C ALA B 374 63.37 -9.56 36.86
N GLY B 375 63.68 -10.84 36.93
CA GLY B 375 63.33 -11.62 38.12
C GLY B 375 63.61 -13.07 37.80
N GLU B 376 64.06 -13.84 38.79
CA GLU B 376 64.37 -15.24 38.57
C GLU B 376 63.10 -15.97 38.10
N ASN B 377 63.28 -16.72 37.00
CA ASN B 377 62.25 -17.46 36.30
C ASN B 377 61.08 -16.69 35.66
N ASN B 378 61.14 -15.34 35.63
CA ASN B 378 60.10 -14.53 34.99
C ASN B 378 59.87 -14.89 33.53
N ILE B 379 58.63 -14.71 33.10
CA ILE B 379 58.23 -15.04 31.74
C ILE B 379 57.14 -14.10 31.22
N SER B 380 57.24 -13.79 29.92
CA SER B 380 56.22 -13.04 29.17
C SER B 380 55.21 -13.94 28.45
N VAL B 381 54.03 -13.38 28.20
CA VAL B 381 53.04 -14.00 27.30
C VAL B 381 53.71 -14.32 25.96
N GLU B 382 54.51 -13.35 25.47
CA GLU B 382 55.17 -13.48 24.17
C GLU B 382 56.01 -14.79 24.05
N GLU B 383 56.79 -15.11 25.07
CA GLU B 383 57.64 -16.30 25.03
C GLU B 383 56.81 -17.58 24.98
N ILE B 384 55.66 -17.57 25.63
CA ILE B 384 54.78 -18.75 25.65
C ILE B 384 54.18 -18.98 24.26
N VAL B 385 53.64 -17.91 23.67
CA VAL B 385 53.14 -17.97 22.30
C VAL B 385 54.22 -18.37 21.28
N GLU B 386 55.43 -17.82 21.45
CA GLU B 386 56.54 -18.17 20.56
C GLU B 386 56.88 -19.64 20.69
N GLY B 387 56.94 -20.14 21.92
CA GLY B 387 57.24 -21.55 22.15
C GLY B 387 56.25 -22.45 21.43
N TYR B 388 54.96 -22.14 21.57
CA TYR B 388 53.93 -22.94 20.89
C TYR B 388 53.90 -22.80 19.33
N GLN B 389 53.99 -21.59 18.80
CA GLN B 389 53.92 -21.42 17.34
C GLN B 389 55.19 -21.85 16.59
N ASN B 390 56.39 -21.56 17.13
CA ASN B 390 57.66 -21.93 16.48
C ASN B 390 57.81 -23.44 16.40
N ASN B 391 57.15 -24.11 17.33
CA ASN B 391 57.18 -25.57 17.40
C ASN B 391 55.96 -26.25 16.75
N ASN B 392 55.18 -25.45 16.01
CA ASN B 392 54.05 -25.95 15.23
C ASN B 392 53.02 -26.66 16.10
N PHE B 393 52.66 -26.09 17.25
CA PHE B 393 51.55 -26.66 18.01
C PHE B 393 50.24 -26.09 17.51
N PRO B 394 49.20 -26.93 17.40
CA PRO B 394 47.89 -26.27 17.30
C PRO B 394 47.67 -25.61 18.62
N PHE B 395 47.26 -24.35 18.64
CA PHE B 395 47.27 -23.63 19.90
C PHE B 395 46.22 -22.54 19.81
N GLU B 396 45.30 -22.52 20.76
CA GLU B 396 44.09 -21.71 20.62
C GLU B 396 44.31 -20.38 21.22
N GLY B 397 45.16 -20.36 22.24
CA GLY B 397 45.24 -19.17 23.05
C GLY B 397 45.56 -19.37 24.52
N LEU B 398 45.21 -18.34 25.27
CA LEU B 398 45.82 -18.10 26.56
C LEU B 398 44.77 -17.90 27.62
N ALA B 399 45.08 -18.43 28.80
CA ALA B 399 44.33 -18.12 30.01
C ALA B 399 45.15 -17.10 30.78
N VAL B 400 44.70 -15.85 30.76
CA VAL B 400 45.46 -14.76 31.36
C VAL B 400 44.99 -14.49 32.80
N ASP B 401 45.91 -14.65 33.76
CA ASP B 401 45.56 -14.70 35.18
C ASP B 401 45.51 -13.30 35.85
N VAL B 402 45.29 -13.27 37.17
CA VAL B 402 45.18 -12.00 37.93
C VAL B 402 46.48 -11.19 37.90
N ASP B 403 47.56 -11.81 37.42
CA ASP B 403 48.83 -11.14 37.12
C ASP B 403 48.69 -9.91 36.27
N MET B 404 47.63 -9.86 35.45
CA MET B 404 47.39 -8.78 34.49
C MET B 404 46.72 -7.57 35.13
N GLN B 405 45.98 -7.82 36.20
CA GLN B 405 45.28 -6.74 36.86
C GLN B 405 46.25 -5.78 37.52
N ASP B 406 45.86 -4.53 37.56
CA ASP B 406 46.55 -3.58 38.37
C ASP B 406 46.31 -3.91 39.85
N ASN B 407 47.28 -4.60 40.45
CA ASN B 407 47.25 -4.96 41.87
C ASN B 407 45.91 -5.51 42.35
N LEU B 408 45.49 -6.60 41.71
CA LEU B 408 44.32 -7.40 42.13
C LEU B 408 42.98 -6.65 42.05
N ARG B 409 42.94 -5.59 41.23
CA ARG B 409 41.68 -4.90 40.96
C ARG B 409 41.02 -5.55 39.76
N VAL B 410 39.87 -6.19 40.00
CA VAL B 410 39.25 -6.94 38.91
C VAL B 410 38.69 -5.95 37.88
N PHE B 411 38.76 -6.32 36.60
CA PHE B 411 38.34 -5.50 35.42
C PHE B 411 39.34 -4.42 34.97
N THR B 412 40.49 -4.34 35.65
CA THR B 412 41.58 -3.45 35.23
C THR B 412 42.71 -4.23 34.57
N THR B 413 43.59 -3.53 33.87
CA THR B 413 44.89 -4.09 33.46
C THR B 413 45.97 -3.12 33.90
N LYS B 414 47.20 -3.61 33.98
CA LYS B 414 48.38 -2.76 34.12
C LYS B 414 49.22 -2.66 32.84
N GLY B 415 50.07 -1.62 32.80
CA GLY B 415 50.82 -1.24 31.60
C GLY B 415 51.63 -2.32 30.93
N GLU B 416 52.20 -3.23 31.73
CA GLU B 416 53.13 -4.27 31.23
C GLU B 416 52.46 -5.31 30.35
N PHE B 417 51.12 -5.31 30.36
CA PHE B 417 50.36 -6.23 29.54
C PHE B 417 49.79 -5.59 28.25
N TRP B 418 50.39 -4.44 27.88
CA TRP B 418 50.15 -3.73 26.61
C TRP B 418 51.46 -3.57 25.84
N THR B 419 51.39 -3.54 24.51
CA THR B 419 52.59 -3.47 23.66
C THR B 419 53.40 -2.19 23.83
N ALA B 420 52.73 -1.08 24.17
CA ALA B 420 53.43 0.17 24.36
C ALA B 420 53.71 0.41 25.86
N ASN B 421 53.53 -0.63 26.66
CA ASN B 421 53.80 -0.58 28.11
C ASN B 421 53.02 0.51 28.83
N ARG B 422 51.82 0.85 28.35
CA ARG B 422 50.92 1.79 29.03
C ARG B 422 49.48 1.39 28.71
N VAL B 423 48.54 1.66 29.62
CA VAL B 423 47.12 1.23 29.46
C VAL B 423 46.36 2.12 28.45
N GLY B 424 45.76 1.53 27.41
CA GLY B 424 44.94 2.32 26.45
C GLY B 424 43.47 1.99 26.67
N THR B 425 42.58 2.66 25.92
CA THR B 425 41.13 2.36 25.98
C THR B 425 40.70 1.33 24.91
N GLY B 426 41.62 0.95 24.02
CA GLY B 426 41.36 -0.15 23.09
C GLY B 426 41.34 0.30 21.64
N GLY B 427 41.59 -0.62 20.72
CA GLY B 427 41.61 -0.29 19.29
C GLY B 427 42.58 0.82 18.83
N ASP B 428 43.73 0.92 19.50
CA ASP B 428 44.84 1.76 19.04
C ASP B 428 45.84 0.78 18.44
N PRO B 429 46.06 0.84 17.10
CA PRO B 429 46.99 -0.14 16.55
C PRO B 429 48.46 0.07 17.00
N ASN B 430 48.78 1.24 17.53
CA ASN B 430 50.10 1.51 18.10
C ASN B 430 50.28 1.13 19.59
N ASN B 431 49.21 0.66 20.22
CA ASN B 431 49.27 0.19 21.60
C ASN B 431 48.25 -0.92 21.81
N ARG B 432 48.61 -2.15 21.52
CA ARG B 432 47.63 -3.20 21.63
C ARG B 432 47.61 -3.80 23.04
N SER B 433 46.44 -4.22 23.51
CA SER B 433 46.34 -4.92 24.77
C SER B 433 46.80 -6.34 24.48
N VAL B 434 46.99 -7.11 25.54
CA VAL B 434 47.35 -8.52 25.42
C VAL B 434 46.33 -9.29 24.53
N PHE B 435 45.06 -8.97 24.71
CA PHE B 435 43.99 -9.59 23.93
C PHE B 435 44.00 -9.14 22.46
N GLU B 436 44.25 -7.85 22.19
CA GLU B 436 44.36 -7.37 20.80
C GLU B 436 45.55 -7.99 20.04
N TRP B 437 46.68 -8.11 20.74
CA TRP B 437 47.94 -8.65 20.19
C TRP B 437 47.77 -10.16 19.96
N ALA B 438 47.10 -10.82 20.90
CA ALA B 438 46.77 -12.26 20.80
C ALA B 438 45.89 -12.53 19.58
N HIS B 439 44.88 -11.67 19.35
CA HIS B 439 44.09 -11.72 18.11
C HIS B 439 45.00 -11.73 16.85
N ASP B 440 46.02 -10.87 16.82
CA ASP B 440 46.91 -10.75 15.66
C ASP B 440 47.81 -11.99 15.49
N LYS B 441 47.97 -12.78 16.55
CA LYS B 441 48.60 -14.10 16.46
C LYS B 441 47.63 -15.24 16.11
N GLY B 442 46.37 -14.93 15.84
CA GLY B 442 45.35 -15.95 15.57
C GLY B 442 44.86 -16.72 16.80
N LEU B 443 44.89 -16.08 17.98
CA LEU B 443 44.54 -16.72 19.23
C LEU B 443 43.39 -15.97 19.87
N VAL B 444 42.71 -16.62 20.80
CA VAL B 444 41.69 -15.94 21.63
C VAL B 444 42.06 -16.23 23.09
N CYS B 445 41.52 -15.43 24.00
CA CYS B 445 41.90 -15.45 25.41
C CYS B 445 40.71 -15.46 26.34
N GLN B 446 40.79 -16.23 27.42
CA GLN B 446 40.01 -15.95 28.64
C GLN B 446 40.90 -15.20 29.68
N THR B 447 40.28 -14.51 30.64
CA THR B 447 41.03 -13.89 31.73
C THR B 447 40.33 -14.19 33.05
N ASN B 448 41.07 -14.10 34.14
CA ASN B 448 40.56 -14.46 35.46
C ASN B 448 39.63 -13.39 35.99
N ILE B 449 38.38 -13.74 36.24
CA ILE B 449 37.46 -12.80 36.84
C ILE B 449 37.01 -13.31 38.21
N THR B 450 37.34 -12.57 39.28
CA THR B 450 36.81 -12.89 40.61
C THR B 450 35.74 -11.87 41.04
N CYS B 451 35.00 -12.28 42.05
CA CYS B 451 33.84 -11.56 42.57
C CYS B 451 34.18 -10.64 43.75
N PHE B 452 35.47 -10.46 44.04
CA PHE B 452 35.80 -9.53 45.12
C PHE B 452 36.37 -8.25 44.59
N LEU B 453 35.84 -7.15 45.11
CA LEU B 453 36.20 -5.81 44.67
C LEU B 453 37.16 -5.21 45.67
N ARG B 454 38.44 -5.08 45.26
CA ARG B 454 39.49 -4.64 46.18
C ARG B 454 39.03 -3.38 46.90
N ASN B 455 39.19 -3.40 48.22
CA ASN B 455 38.73 -2.32 49.08
C ASN B 455 39.81 -1.41 49.68
N ASP B 456 41.01 -1.93 49.93
CA ASP B 456 42.13 -1.10 50.41
C ASP B 456 42.91 -0.55 49.22
N ASN B 457 42.52 0.63 48.74
CA ASN B 457 43.02 1.11 47.46
C ASN B 457 44.14 2.16 47.54
N GLU B 458 44.59 2.46 48.76
CA GLU B 458 45.81 3.24 49.00
C GLU B 458 45.86 4.55 48.20
N GLY B 459 44.82 5.38 48.36
CA GLY B 459 44.77 6.68 47.70
C GLY B 459 44.46 6.65 46.20
N GLN B 460 44.55 5.48 45.57
CA GLN B 460 44.25 5.29 44.15
C GLN B 460 42.75 5.16 43.86
N ASP B 461 42.35 5.56 42.66
CA ASP B 461 40.96 5.44 42.24
C ASP B 461 40.67 4.05 41.71
N TYR B 462 39.64 3.43 42.25
CA TYR B 462 39.13 2.18 41.72
C TYR B 462 37.61 2.29 41.64
N GLU B 463 37.12 2.60 40.45
CA GLU B 463 35.73 2.98 40.28
C GLU B 463 34.75 1.79 40.18
N VAL B 464 35.27 0.56 40.06
CA VAL B 464 34.43 -0.61 40.27
C VAL B 464 34.04 -0.72 41.75
N ASN B 465 35.00 -0.46 42.65
CA ASN B 465 34.72 -0.42 44.10
C ASN B 465 33.94 0.85 44.49
N GLN B 466 34.29 1.99 43.91
CA GLN B 466 33.59 3.25 44.20
C GLN B 466 32.09 3.16 43.91
N THR B 467 31.76 2.69 42.71
CA THR B 467 30.37 2.61 42.26
C THR B 467 29.56 1.58 43.06
N LEU B 468 30.20 0.46 43.44
CA LEU B 468 29.62 -0.52 44.38
C LEU B 468 29.18 0.15 45.69
N ARG B 469 30.08 0.94 46.29
CA ARG B 469 29.79 1.64 47.54
C ARG B 469 28.67 2.63 47.34
N GLU B 470 28.87 3.52 46.36
CA GLU B 470 27.91 4.58 46.04
C GLU B 470 26.47 4.09 45.96
N ARG B 471 26.25 3.02 45.19
CA ARG B 471 24.91 2.53 44.95
C ARG B 471 24.44 1.56 46.06
N GLN B 472 25.36 1.18 46.95
CA GLN B 472 25.08 0.27 48.06
C GLN B 472 24.66 -1.11 47.55
N LEU B 473 25.52 -1.70 46.73
CA LEU B 473 25.24 -3.02 46.17
C LEU B 473 26.06 -4.13 46.86
N TYR B 474 26.85 -3.77 47.86
CA TYR B 474 27.67 -4.73 48.60
C TYR B 474 26.88 -5.46 49.67
N THR B 475 27.40 -6.61 50.09
CA THR B 475 26.87 -7.34 51.21
C THR B 475 27.14 -6.49 52.46
N LYS B 476 26.15 -6.42 53.35
CA LYS B 476 26.32 -5.65 54.57
C LYS B 476 26.99 -6.55 55.61
N ASN B 477 27.28 -5.99 56.80
CA ASN B 477 27.88 -6.72 57.91
C ASN B 477 26.88 -7.03 59.03
N ASP B 478 25.60 -7.17 58.66
CA ASP B 478 24.54 -7.45 59.63
C ASP B 478 24.43 -8.96 59.86
N SER B 479 24.03 -9.34 61.07
CA SER B 479 23.71 -10.74 61.38
C SER B 479 22.51 -10.77 62.32
N LEU B 480 21.89 -11.94 62.48
CA LEU B 480 20.77 -12.12 63.41
C LEU B 480 21.30 -12.34 64.81
N THR B 481 22.62 -12.31 64.91
CA THR B 481 23.32 -12.96 66.00
C THR B 481 24.40 -12.07 66.63
N GLY B 482 24.52 -10.85 66.13
CA GLY B 482 25.48 -9.88 66.65
C GLY B 482 26.96 -10.19 66.46
N THR B 483 27.28 -11.05 65.48
CA THR B 483 28.68 -11.37 65.21
C THR B 483 29.40 -10.16 64.62
N ASP B 484 30.58 -9.85 65.16
CA ASP B 484 31.43 -8.76 64.67
C ASP B 484 32.35 -9.31 63.58
N PHE B 485 32.00 -9.00 62.33
CA PHE B 485 32.73 -9.54 61.18
C PHE B 485 34.05 -8.83 60.92
N GLY B 486 34.14 -7.59 61.41
CA GLY B 486 35.36 -6.79 61.24
C GLY B 486 35.12 -5.48 60.53
N MET B 487 36.15 -4.61 60.58
CA MET B 487 36.14 -3.30 59.96
C MET B 487 37.58 -2.84 59.66
N THR B 488 37.73 -1.95 58.66
CA THR B 488 38.97 -1.22 58.43
C THR B 488 38.68 0.27 58.31
N ASP B 489 39.73 1.09 58.23
CA ASP B 489 39.60 2.53 58.02
C ASP B 489 38.84 2.83 56.73
N ASP B 490 39.01 1.95 55.75
CA ASP B 490 38.41 2.10 54.43
C ASP B 490 36.88 2.27 54.45
N GLY B 491 36.19 1.55 55.33
CA GLY B 491 34.73 1.54 55.31
C GLY B 491 34.24 0.74 54.11
N PRO B 492 32.93 0.82 53.80
CA PRO B 492 31.89 1.51 54.57
C PRO B 492 31.66 0.77 55.88
N SER B 493 31.12 1.47 56.86
CA SER B 493 30.94 0.93 58.21
C SER B 493 29.90 -0.19 58.29
N ASP B 494 29.00 -0.25 57.31
CA ASP B 494 27.93 -1.26 57.27
C ASP B 494 28.18 -2.36 56.25
N ALA B 495 29.43 -2.49 55.80
CA ALA B 495 29.78 -3.46 54.78
C ALA B 495 30.50 -4.67 55.37
N TYR B 496 30.31 -5.83 54.73
CA TYR B 496 31.13 -7.01 54.99
C TYR B 496 32.48 -6.80 54.28
N ILE B 497 33.55 -6.93 55.04
CA ILE B 497 34.89 -6.83 54.49
C ILE B 497 35.64 -8.16 54.66
N GLY B 498 36.01 -8.78 53.54
CA GLY B 498 36.80 -10.01 53.55
C GLY B 498 38.25 -9.75 53.16
N HIS B 499 39.04 -10.80 53.15
CA HIS B 499 40.44 -10.71 52.77
C HIS B 499 40.79 -11.82 51.79
N LEU B 500 41.69 -11.53 50.86
CA LEU B 500 42.13 -12.51 49.87
C LEU B 500 43.63 -12.61 49.93
N ASP B 501 44.15 -13.83 49.85
CA ASP B 501 45.59 -14.05 49.97
C ASP B 501 45.99 -15.18 49.03
N TYR B 502 46.78 -14.84 48.02
CA TYR B 502 47.16 -15.75 46.93
C TYR B 502 48.50 -16.46 47.09
N GLY B 503 49.26 -16.10 48.12
CA GLY B 503 50.62 -16.60 48.31
C GLY B 503 51.55 -15.59 48.97
N GLY B 504 52.71 -15.39 48.36
CA GLY B 504 53.79 -14.56 48.94
C GLY B 504 53.52 -13.06 48.95
N GLY B 505 52.73 -12.61 49.91
CA GLY B 505 52.43 -11.19 50.11
C GLY B 505 51.48 -10.56 49.09
N VAL B 506 50.87 -11.38 48.23
CA VAL B 506 49.93 -10.84 47.24
C VAL B 506 48.48 -10.99 47.69
N GLU B 507 47.96 -9.93 48.29
CA GLU B 507 46.71 -9.99 49.02
C GLU B 507 45.98 -8.64 49.11
N CYS B 508 44.70 -8.64 49.49
CA CYS B 508 43.93 -7.39 49.65
C CYS B 508 42.63 -7.58 50.42
N ASP B 509 42.09 -6.47 50.95
CA ASP B 509 40.73 -6.39 51.49
C ASP B 509 39.76 -6.28 50.34
N ALA B 510 38.53 -6.78 50.52
CA ALA B 510 37.53 -6.71 49.45
C ALA B 510 36.10 -6.56 49.93
N LEU B 511 35.31 -5.83 49.14
CA LEU B 511 33.85 -5.85 49.24
C LEU B 511 33.29 -6.89 48.27
N PHE B 512 32.01 -7.23 48.44
CA PHE B 512 31.40 -8.31 47.67
C PHE B 512 29.98 -7.93 47.26
N PRO B 513 29.59 -8.29 46.03
CA PRO B 513 28.24 -7.90 45.62
C PRO B 513 27.19 -8.81 46.29
N ASP B 514 26.05 -8.22 46.62
CA ASP B 514 24.94 -8.93 47.26
C ASP B 514 24.02 -9.43 46.14
N TRP B 515 24.34 -10.60 45.60
CA TRP B 515 23.73 -11.10 44.36
C TRP B 515 22.22 -11.16 44.38
N GLY B 516 21.64 -11.33 45.57
CA GLY B 516 20.21 -11.51 45.72
C GLY B 516 19.41 -10.26 45.44
N ARG B 517 20.08 -9.11 45.54
CA ARG B 517 19.45 -7.82 45.24
C ARG B 517 19.14 -7.71 43.73
N PRO B 518 17.85 -7.53 43.37
CA PRO B 518 17.37 -7.46 41.96
C PRO B 518 17.81 -6.15 41.30
N ASP B 519 19.08 -6.06 40.94
CA ASP B 519 19.78 -4.77 40.98
C ASP B 519 21.27 -4.89 40.65
N VAL B 520 21.90 -5.88 41.26
CA VAL B 520 23.34 -6.07 41.24
C VAL B 520 23.82 -6.64 39.91
N ALA B 521 23.01 -7.53 39.32
CA ALA B 521 23.40 -8.26 38.11
C ALA B 521 23.68 -7.31 36.95
N GLU B 522 22.85 -6.28 36.87
CA GLU B 522 22.97 -5.16 35.95
C GLU B 522 24.31 -4.41 36.08
N TRP B 523 24.64 -4.00 37.29
CA TRP B 523 25.88 -3.28 37.55
C TRP B 523 27.12 -4.16 37.30
N TRP B 524 27.03 -5.43 37.65
CA TRP B 524 28.11 -6.39 37.47
C TRP B 524 28.38 -6.66 35.98
N GLY B 525 27.32 -6.84 35.20
CA GLY B 525 27.45 -7.20 33.79
C GLY B 525 28.17 -6.13 32.99
N ASN B 526 27.85 -4.88 33.33
CA ASN B 526 28.39 -3.70 32.67
C ASN B 526 29.88 -3.52 32.87
N ASN B 527 30.40 -4.11 33.94
CA ASN B 527 31.81 -4.08 34.23
C ASN B 527 32.62 -4.78 33.16
N TYR B 528 32.06 -5.85 32.58
CA TYR B 528 32.70 -6.61 31.51
C TYR B 528 33.01 -5.81 30.24
N LYS B 529 32.25 -4.74 29.98
CA LYS B 529 32.53 -3.84 28.86
C LYS B 529 33.98 -3.40 28.87
N LYS B 530 34.48 -3.08 30.07
CA LYS B 530 35.87 -2.65 30.27
C LYS B 530 36.92 -3.67 29.83
N LEU B 531 36.53 -4.92 29.76
CA LEU B 531 37.44 -5.92 29.23
C LEU B 531 37.09 -6.28 27.78
N PHE B 532 35.81 -6.50 27.46
CA PHE B 532 35.44 -6.83 26.06
C PHE B 532 35.91 -5.78 25.03
N SER B 533 35.90 -4.51 25.42
CA SER B 533 36.31 -3.43 24.51
C SER B 533 37.82 -3.35 24.31
N ILE B 534 38.58 -4.01 25.16
CA ILE B 534 40.02 -4.07 24.90
C ILE B 534 40.39 -5.44 24.32
N GLY B 535 39.35 -6.15 23.89
CA GLY B 535 39.52 -7.34 23.06
C GLY B 535 39.38 -8.70 23.69
N LEU B 536 39.05 -8.80 24.98
CA LEU B 536 38.84 -10.13 25.61
C LEU B 536 37.76 -10.99 24.95
N ASP B 537 38.01 -12.29 24.82
CA ASP B 537 37.03 -13.18 24.19
C ASP B 537 36.06 -13.87 25.13
N PHE B 538 36.57 -14.58 26.14
CA PHE B 538 35.69 -15.17 27.14
C PHE B 538 36.23 -15.12 28.56
N VAL B 539 35.52 -15.75 29.49
CA VAL B 539 35.80 -15.55 30.89
C VAL B 539 36.05 -16.85 31.65
N TRP B 540 36.86 -16.73 32.68
CA TRP B 540 37.23 -17.81 33.55
C TRP B 540 36.87 -17.22 34.91
N GLN B 541 35.81 -17.74 35.55
CA GLN B 541 35.30 -17.23 36.84
C GLN B 541 35.98 -18.01 37.97
N ASP B 542 36.68 -17.31 38.85
CA ASP B 542 37.47 -17.96 39.87
C ASP B 542 37.01 -17.49 41.26
N MET B 543 37.45 -18.21 42.29
CA MET B 543 37.22 -17.85 43.71
C MET B 543 35.73 -17.65 44.01
N THR B 544 34.90 -18.57 43.51
CA THR B 544 33.44 -18.34 43.41
C THR B 544 32.62 -18.64 44.68
N VAL B 545 33.25 -19.22 45.70
CA VAL B 545 32.50 -19.69 46.88
C VAL B 545 31.56 -18.61 47.48
N PRO B 546 32.06 -17.37 47.74
CA PRO B 546 33.34 -16.72 47.39
C PRO B 546 34.50 -17.24 48.24
N ALA B 547 35.64 -17.45 47.61
CA ALA B 547 36.79 -17.99 48.30
C ALA B 547 37.37 -16.81 49.09
N MET B 548 37.51 -17.00 50.40
CA MET B 548 38.10 -15.97 51.24
C MET B 548 39.25 -16.58 52.06
N MET B 549 40.15 -15.72 52.52
CA MET B 549 41.18 -16.15 53.46
C MET B 549 40.49 -16.68 54.70
N PRO B 550 40.94 -17.84 55.21
CA PRO B 550 40.45 -18.33 56.51
C PRO B 550 40.60 -17.27 57.59
N HIS B 551 39.56 -17.10 58.39
CA HIS B 551 39.55 -16.03 59.37
C HIS B 551 38.71 -16.42 60.59
N LYS B 552 39.17 -15.99 61.77
CA LYS B 552 38.47 -16.20 63.03
C LYS B 552 37.95 -14.88 63.59
N ILE B 553 36.66 -14.87 63.93
CA ILE B 553 36.03 -13.70 64.56
C ILE B 553 36.90 -13.13 65.67
N GLY B 554 37.11 -11.83 65.64
CA GLY B 554 37.97 -11.21 66.65
C GLY B 554 39.38 -10.93 66.17
N ASP B 555 39.92 -11.77 65.29
CA ASP B 555 41.23 -11.52 64.72
C ASP B 555 41.12 -10.37 63.73
N ASP B 556 42.24 -9.70 63.45
CA ASP B 556 42.25 -8.67 62.43
C ASP B 556 41.90 -9.26 61.08
N ILE B 557 41.36 -8.42 60.20
CA ILE B 557 40.88 -8.83 58.89
C ILE B 557 41.95 -9.54 58.04
N ASN B 558 43.22 -9.17 58.20
CA ASN B 558 44.34 -9.77 57.44
C ASN B 558 45.12 -10.87 58.18
N VAL B 559 44.57 -11.31 59.31
CA VAL B 559 45.19 -12.33 60.13
C VAL B 559 44.47 -13.67 59.93
N LYS B 560 45.25 -14.68 59.52
CA LYS B 560 44.81 -16.08 59.39
C LYS B 560 44.94 -16.80 60.74
N PRO B 561 44.01 -17.72 61.09
CA PRO B 561 44.33 -18.49 62.30
C PRO B 561 45.39 -19.56 62.01
N ASP B 562 45.90 -20.19 63.06
CA ASP B 562 46.75 -21.38 62.90
C ASP B 562 46.09 -22.35 61.90
N GLY B 563 46.89 -22.92 61.00
CA GLY B 563 46.43 -23.90 60.01
C GLY B 563 45.71 -25.13 60.57
N ASN B 564 46.01 -25.46 61.82
CA ASN B 564 45.39 -26.57 62.54
C ASN B 564 44.07 -26.21 63.18
N TRP B 565 43.72 -24.93 63.16
CA TRP B 565 42.48 -24.45 63.77
C TRP B 565 41.46 -24.14 62.69
N PRO B 566 40.21 -24.62 62.86
CA PRO B 566 39.70 -25.38 64.00
C PRO B 566 40.02 -26.88 63.98
N ASN B 567 39.75 -27.56 65.08
CA ASN B 567 39.85 -29.01 65.12
C ASN B 567 38.82 -29.57 66.11
N ALA B 568 38.86 -30.90 66.32
CA ALA B 568 37.91 -31.57 67.20
C ALA B 568 37.98 -31.10 68.65
N ASP B 569 39.20 -30.91 69.17
CA ASP B 569 39.40 -30.53 70.58
C ASP B 569 39.30 -29.03 70.76
N ASP B 570 39.24 -28.31 69.63
CA ASP B 570 39.13 -26.86 69.61
C ASP B 570 38.21 -26.45 68.46
N PRO B 571 36.89 -26.68 68.62
CA PRO B 571 35.98 -26.52 67.49
C PRO B 571 35.80 -25.06 67.13
N SER B 572 35.22 -24.80 65.96
CA SER B 572 34.96 -23.43 65.52
C SER B 572 34.08 -22.65 66.49
N ASN B 573 32.98 -23.24 66.94
CA ASN B 573 32.03 -22.60 67.87
C ASN B 573 31.42 -21.31 67.30
N GLY B 574 31.12 -21.33 66.02
CA GLY B 574 30.65 -20.15 65.30
C GLY B 574 31.69 -19.07 65.10
N GLN B 575 32.98 -19.44 65.08
CA GLN B 575 34.02 -18.40 64.95
C GLN B 575 34.82 -18.43 63.64
N TYR B 576 34.84 -19.58 62.96
CA TYR B 576 35.56 -19.75 61.71
C TYR B 576 34.70 -19.25 60.55
N ASN B 577 35.33 -18.87 59.44
CA ASN B 577 34.57 -18.49 58.24
C ASN B 577 34.46 -19.59 57.20
N TRP B 578 35.15 -20.71 57.42
CA TRP B 578 35.19 -21.82 56.46
C TRP B 578 35.56 -21.33 55.06
N LYS B 579 36.48 -20.36 55.06
CA LYS B 579 37.17 -19.88 53.87
C LYS B 579 36.19 -19.25 52.92
N THR B 580 35.29 -18.44 53.50
CA THR B 580 34.26 -17.73 52.76
C THR B 580 33.63 -16.68 53.67
N TYR B 581 32.42 -16.23 53.35
CA TYR B 581 31.69 -15.39 54.27
C TYR B 581 31.56 -16.15 55.58
N HIS B 582 31.67 -15.42 56.68
CA HIS B 582 31.23 -15.94 57.95
C HIS B 582 29.76 -16.28 57.78
N PRO B 583 29.40 -17.55 58.05
CA PRO B 583 28.07 -18.09 57.71
C PRO B 583 26.88 -17.36 58.34
N GLN B 584 27.14 -16.46 59.29
CA GLN B 584 26.05 -15.78 59.99
C GLN B 584 25.53 -14.58 59.20
N VAL B 585 26.29 -14.13 58.21
CA VAL B 585 26.00 -12.88 57.51
C VAL B 585 24.66 -12.96 56.77
N LEU B 586 23.84 -11.92 56.96
CA LEU B 586 22.57 -11.78 56.26
C LEU B 586 22.74 -11.34 54.80
N VAL B 587 22.55 -12.26 53.88
CA VAL B 587 22.61 -11.96 52.46
C VAL B 587 21.17 -11.80 51.94
N THR B 588 20.98 -10.97 50.92
CA THR B 588 19.68 -10.89 50.24
C THR B 588 19.38 -12.25 49.61
N ASP B 589 18.16 -12.73 49.84
CA ASP B 589 17.79 -14.08 49.44
C ASP B 589 17.97 -14.29 47.94
N MET B 590 18.75 -15.30 47.59
CA MET B 590 19.03 -15.67 46.20
C MET B 590 18.06 -16.70 45.65
N ARG B 591 17.37 -17.41 46.55
CA ARG B 591 16.42 -18.47 46.19
C ARG B 591 15.08 -17.91 45.69
N TYR B 592 14.61 -16.86 46.37
CA TYR B 592 13.32 -16.27 46.11
C TYR B 592 13.51 -14.76 45.94
N GLU B 593 13.21 -14.25 44.74
CA GLU B 593 13.40 -12.82 44.42
C GLU B 593 12.48 -11.92 45.25
N ASN B 594 12.99 -10.75 45.63
CA ASN B 594 12.29 -9.80 46.52
C ASN B 594 11.59 -10.50 47.68
N HIS B 595 12.37 -11.17 48.51
CA HIS B 595 11.81 -11.93 49.63
C HIS B 595 12.37 -11.51 50.99
N GLY B 596 13.50 -10.83 50.98
CA GLY B 596 14.17 -10.40 52.21
C GLY B 596 15.57 -10.95 52.29
N ARG B 597 16.08 -11.07 53.51
CA ARG B 597 17.44 -11.55 53.76
C ARG B 597 17.43 -12.74 54.70
N GLU B 598 18.26 -13.73 54.37
CA GLU B 598 18.45 -14.91 55.19
C GLU B 598 19.94 -15.04 55.48
N PRO B 599 20.31 -15.84 56.50
CA PRO B 599 21.73 -16.13 56.67
C PRO B 599 22.30 -16.95 55.51
N MET B 600 23.57 -16.70 55.18
CA MET B 600 24.29 -17.36 54.08
C MET B 600 24.34 -18.88 54.25
N VAL B 601 24.30 -19.37 55.49
CA VAL B 601 24.26 -20.80 55.80
C VAL B 601 23.13 -21.56 55.10
N THR B 602 22.00 -20.88 54.91
CA THR B 602 20.81 -21.42 54.22
C THR B 602 20.98 -21.66 52.71
N GLN B 603 21.97 -21.00 52.10
CA GLN B 603 22.11 -21.00 50.63
C GLN B 603 23.55 -20.87 50.11
N ARG B 604 24.49 -21.39 50.90
CA ARG B 604 25.91 -21.40 50.53
C ARG B 604 26.17 -21.90 49.10
N ASN B 605 25.58 -23.04 48.75
CA ASN B 605 25.82 -23.72 47.47
C ASN B 605 25.14 -23.12 46.21
N ILE B 606 24.41 -22.01 46.35
CA ILE B 606 23.87 -21.29 45.17
C ILE B 606 24.60 -19.98 44.79
N HIS B 607 25.57 -19.58 45.63
CA HIS B 607 26.29 -18.34 45.38
C HIS B 607 26.98 -18.27 44.01
N ALA B 608 27.82 -19.27 43.69
CA ALA B 608 28.60 -19.27 42.45
C ALA B 608 27.70 -19.44 41.25
N TYR B 609 26.65 -20.26 41.44
CA TYR B 609 25.54 -20.39 40.50
C TYR B 609 24.94 -19.01 40.15
N THR B 610 24.61 -18.25 41.17
CA THR B 610 23.99 -16.94 40.96
C THR B 610 24.97 -16.02 40.25
N LEU B 611 26.23 -16.03 40.69
CA LEU B 611 27.34 -15.28 40.03
C LEU B 611 27.43 -15.57 38.53
N CYS B 612 27.55 -16.84 38.18
CA CYS B 612 27.59 -17.27 36.79
C CYS B 612 26.38 -16.83 35.98
N GLU B 613 25.21 -16.91 36.61
CA GLU B 613 23.98 -16.59 35.95
C GLU B 613 23.97 -15.11 35.56
N SER B 614 24.40 -14.27 36.51
CA SER B 614 24.46 -12.84 36.29
C SER B 614 25.52 -12.49 35.24
N THR B 615 26.65 -13.19 35.24
CA THR B 615 27.69 -13.00 34.24
C THR B 615 27.20 -13.36 32.83
N ARG B 616 26.49 -14.48 32.74
CA ARG B 616 25.93 -14.92 31.47
C ARG B 616 24.91 -13.92 30.94
N LYS B 617 23.86 -13.67 31.72
CA LYS B 617 22.75 -12.79 31.33
C LYS B 617 23.24 -11.38 31.05
N GLU B 618 23.71 -10.69 32.09
CA GLU B 618 24.03 -9.26 31.97
C GLU B 618 25.43 -8.97 31.43
N GLY B 619 26.36 -9.89 31.67
CA GLY B 619 27.73 -9.73 31.21
C GLY B 619 27.91 -10.09 29.75
N ILE B 620 27.70 -11.37 29.42
CA ILE B 620 27.96 -11.90 28.07
C ILE B 620 26.87 -11.65 27.01
N VAL B 621 25.62 -11.97 27.35
CA VAL B 621 24.50 -11.79 26.43
C VAL B 621 24.21 -10.32 26.12
N GLU B 622 24.07 -9.50 27.17
CA GLU B 622 23.68 -8.10 27.00
C GLU B 622 24.79 -7.16 26.49
N ASN B 623 26.04 -7.60 26.50
CA ASN B 623 27.16 -6.85 25.90
C ASN B 623 27.75 -7.55 24.69
N ALA B 624 26.93 -8.34 24.00
CA ALA B 624 27.34 -8.94 22.75
C ALA B 624 27.88 -7.90 21.72
N ASP B 625 27.38 -6.65 21.79
CA ASP B 625 27.78 -5.58 20.89
C ASP B 625 29.19 -5.09 21.15
N THR B 626 29.65 -5.28 22.38
CA THR B 626 30.97 -4.80 22.81
C THR B 626 32.07 -5.83 22.52
N LEU B 627 31.70 -7.10 22.35
CA LEU B 627 32.65 -8.12 21.90
C LEU B 627 33.19 -7.83 20.50
N THR B 628 34.47 -8.11 20.28
CA THR B 628 35.13 -7.68 19.05
C THR B 628 34.99 -8.77 17.98
N LYS B 629 35.74 -9.85 18.15
CA LYS B 629 35.91 -10.84 17.10
C LYS B 629 34.82 -11.92 17.02
N PHE B 630 34.34 -12.39 18.17
CA PHE B 630 33.26 -13.37 18.23
C PHE B 630 32.16 -12.83 19.15
N ARG B 631 30.93 -12.68 18.64
CA ARG B 631 29.83 -12.22 19.48
C ARG B 631 29.32 -13.27 20.47
N ARG B 632 29.57 -14.54 20.18
CA ARG B 632 29.29 -15.57 21.15
C ARG B 632 30.49 -15.69 22.08
N SER B 633 30.21 -15.80 23.39
CA SER B 633 31.26 -15.95 24.36
C SER B 633 30.87 -17.12 25.29
N TYR B 634 31.57 -17.28 26.41
CA TYR B 634 31.42 -18.45 27.26
C TYR B 634 32.05 -18.16 28.61
N ILE B 635 31.71 -19.01 29.58
CA ILE B 635 32.19 -18.87 30.96
C ILE B 635 32.69 -20.25 31.30
N ILE B 636 33.92 -20.33 31.83
CA ILE B 636 34.47 -21.52 32.49
C ILE B 636 34.58 -21.20 33.99
N SER B 637 33.72 -21.83 34.79
CA SER B 637 33.60 -21.50 36.21
C SER B 637 34.31 -22.54 37.09
N ARG B 638 34.68 -22.14 38.30
CA ARG B 638 35.31 -23.04 39.26
C ARG B 638 34.25 -23.65 40.15
N GLY B 639 33.16 -22.91 40.32
CA GLY B 639 32.11 -23.34 41.23
C GLY B 639 30.74 -23.22 40.60
N GLY B 640 29.78 -23.91 41.22
CA GLY B 640 28.40 -23.84 40.79
C GLY B 640 27.47 -24.84 41.46
N TYR B 641 26.30 -24.97 40.88
CA TYR B 641 25.27 -25.90 41.33
C TYR B 641 24.69 -26.61 40.08
N ILE B 642 23.92 -27.68 40.31
CA ILE B 642 23.13 -28.31 39.25
C ILE B 642 22.38 -27.23 38.47
N GLY B 643 22.51 -27.24 37.14
CA GLY B 643 21.94 -26.16 36.33
C GLY B 643 22.91 -25.14 35.76
N ASN B 644 24.18 -25.20 36.20
CA ASN B 644 25.28 -24.34 35.70
C ASN B 644 25.60 -24.44 34.20
N GLN B 645 25.17 -25.53 33.58
CA GLN B 645 25.40 -25.75 32.16
C GLN B 645 24.59 -24.74 31.33
N HIS B 646 23.60 -24.07 31.94
CA HIS B 646 22.91 -23.01 31.23
C HIS B 646 23.70 -21.72 31.21
N PHE B 647 24.80 -21.69 31.96
CA PHE B 647 25.65 -20.51 31.96
C PHE B 647 26.99 -20.71 31.25
N GLY B 648 27.50 -21.94 31.26
CA GLY B 648 28.79 -22.23 30.66
C GLY B 648 29.34 -23.57 31.14
N GLY B 649 30.67 -23.69 31.15
CA GLY B 649 31.33 -24.90 31.63
C GLY B 649 32.07 -24.74 32.95
N MET B 650 32.96 -25.70 33.24
CA MET B 650 33.66 -25.76 34.52
C MET B 650 35.05 -26.33 34.31
N TRP B 651 35.99 -25.95 35.17
CA TRP B 651 37.22 -26.72 35.31
C TRP B 651 37.31 -27.12 36.79
N VAL B 652 37.94 -28.25 37.07
CA VAL B 652 37.97 -28.77 38.46
C VAL B 652 39.11 -28.13 39.29
N GLY B 653 39.04 -26.82 39.48
CA GLY B 653 39.97 -26.09 40.32
C GLY B 653 41.43 -26.48 40.31
N ASP B 654 42.00 -26.56 41.53
CA ASP B 654 43.46 -26.60 41.68
C ASP B 654 43.85 -28.03 41.99
N ASN B 655 44.03 -28.81 40.94
CA ASN B 655 44.60 -30.13 41.05
C ASN B 655 46.14 -30.09 41.18
N SER B 656 46.80 -31.24 41.06
CA SER B 656 48.25 -31.34 41.20
C SER B 656 48.82 -32.36 40.22
N THR B 657 50.14 -32.47 40.22
CA THR B 657 50.92 -33.19 39.22
C THR B 657 51.25 -34.62 39.70
N THR B 658 50.22 -35.45 39.76
CA THR B 658 50.46 -36.89 40.02
C THR B 658 49.52 -37.81 39.20
N SER B 659 49.91 -39.08 39.06
CA SER B 659 49.03 -40.08 38.49
C SER B 659 47.63 -40.08 39.09
N ASN B 660 47.52 -40.01 40.42
CA ASN B 660 46.21 -40.03 41.08
C ASN B 660 45.31 -38.90 40.56
N TYR B 661 45.91 -37.76 40.21
CA TYR B 661 45.13 -36.66 39.63
C TYR B 661 44.71 -36.86 38.17
N ILE B 662 45.43 -37.70 37.43
CA ILE B 662 44.94 -38.08 36.11
C ILE B 662 43.68 -38.94 36.29
N GLN B 663 43.79 -39.98 37.15
CA GLN B 663 42.67 -40.85 37.51
C GLN B 663 41.45 -40.05 37.98
N MET B 664 41.69 -39.07 38.85
CA MET B 664 40.64 -38.13 39.29
C MET B 664 40.08 -37.22 38.19
N MET B 665 40.92 -36.84 37.22
CA MET B 665 40.43 -36.04 36.09
C MET B 665 39.37 -36.81 35.29
N ILE B 666 39.69 -38.06 35.00
CA ILE B 666 38.83 -38.94 34.25
C ILE B 666 37.51 -39.17 35.00
N ALA B 667 37.56 -39.61 36.26
CA ALA B 667 36.34 -39.81 37.03
C ALA B 667 35.48 -38.53 37.15
N ASN B 668 36.10 -37.40 37.45
CA ASN B 668 35.34 -36.14 37.60
C ASN B 668 34.64 -35.78 36.29
N ASN B 669 35.33 -35.99 35.17
CA ASN B 669 34.77 -35.56 33.91
C ASN B 669 33.53 -36.38 33.56
N ILE B 670 33.62 -37.69 33.80
CA ILE B 670 32.49 -38.62 33.66
C ILE B 670 31.34 -38.26 34.59
N ASN B 671 31.64 -38.05 35.88
CA ASN B 671 30.60 -37.87 36.88
C ASN B 671 29.93 -36.52 36.69
N MET B 672 30.70 -35.54 36.25
CA MET B 672 30.15 -34.19 36.02
C MET B 672 29.16 -34.18 34.83
N ASN B 673 29.55 -34.89 33.78
CA ASN B 673 28.72 -35.10 32.60
C ASN B 673 27.43 -35.79 32.96
N MET B 674 27.48 -36.75 33.88
CA MET B 674 26.23 -37.46 34.21
C MET B 674 25.41 -36.64 35.20
N SER B 675 26.01 -35.54 35.66
CA SER B 675 25.35 -34.55 36.50
C SER B 675 24.88 -33.34 35.69
N CYS B 676 24.84 -33.46 34.35
CA CYS B 676 24.35 -32.37 33.48
C CYS B 676 25.27 -31.15 33.36
N LEU B 677 26.56 -31.36 33.63
CA LEU B 677 27.58 -30.37 33.29
C LEU B 677 28.58 -31.01 32.33
N PRO B 678 28.35 -30.86 31.00
CA PRO B 678 29.17 -31.55 30.01
C PRO B 678 30.53 -30.91 29.68
N LEU B 679 30.60 -29.58 29.63
CA LEU B 679 31.84 -28.92 29.20
C LEU B 679 32.71 -28.64 30.44
N VAL B 680 33.52 -29.63 30.75
CA VAL B 680 34.27 -29.66 31.99
C VAL B 680 35.64 -30.25 31.62
N GLY B 681 36.67 -29.84 32.35
CA GLY B 681 37.98 -30.50 32.30
C GLY B 681 38.83 -30.16 33.50
N SER B 682 40.08 -30.63 33.49
CA SER B 682 41.03 -30.41 34.61
C SER B 682 42.36 -29.92 34.06
N ASP B 683 43.06 -29.08 34.84
CA ASP B 683 44.35 -28.55 34.41
C ASP B 683 45.29 -29.66 33.96
N ILE B 684 45.65 -29.64 32.68
CA ILE B 684 46.50 -30.70 32.14
C ILE B 684 47.93 -30.49 32.62
N GLY B 685 48.52 -31.57 33.15
CA GLY B 685 49.81 -31.53 33.81
C GLY B 685 49.70 -31.26 35.30
N GLY B 686 48.54 -30.78 35.76
CA GLY B 686 48.31 -30.53 37.18
C GLY B 686 48.66 -29.11 37.50
N PHE B 687 47.86 -28.44 38.32
CA PHE B 687 48.15 -27.03 38.63
C PHE B 687 49.32 -26.86 39.65
N THR B 688 49.20 -27.44 40.86
CA THR B 688 50.13 -27.17 41.97
C THR B 688 51.44 -27.94 41.84
N SER B 689 52.45 -27.52 42.59
CA SER B 689 53.67 -28.33 42.82
C SER B 689 53.34 -29.68 43.43
N TYR B 690 54.22 -30.64 43.18
CA TYR B 690 54.02 -32.02 43.61
C TYR B 690 55.24 -32.58 44.36
N ASP B 691 56.45 -32.09 44.03
CA ASP B 691 57.70 -32.60 44.62
C ASP B 691 57.89 -32.08 46.06
N ASN B 692 57.74 -32.98 47.03
CA ASN B 692 57.85 -32.64 48.45
C ASN B 692 59.19 -32.05 48.89
N GLU B 693 60.27 -32.49 48.24
CA GLU B 693 61.65 -32.04 48.53
C GLU B 693 62.03 -30.75 47.81
N ASN B 694 61.59 -30.63 46.56
CA ASN B 694 61.84 -29.43 45.80
C ASN B 694 60.61 -29.06 44.97
N GLN B 695 59.80 -28.16 45.50
CA GLN B 695 58.50 -27.85 44.91
C GLN B 695 58.61 -27.43 43.43
N ARG B 696 59.75 -26.84 43.08
CA ARG B 696 59.99 -26.28 41.75
C ARG B 696 60.12 -27.30 40.62
N THR B 697 60.44 -28.54 40.96
CA THR B 697 60.51 -29.63 39.97
C THR B 697 59.29 -29.71 39.02
N PRO B 698 59.51 -29.57 37.69
CA PRO B 698 58.36 -29.68 36.77
C PRO B 698 57.76 -31.08 36.64
N CYS B 699 56.51 -31.15 36.18
CA CYS B 699 55.90 -32.41 35.73
C CYS B 699 56.91 -33.15 34.86
N THR B 700 57.02 -34.47 35.03
CA THR B 700 57.95 -35.26 34.22
C THR B 700 57.40 -35.44 32.80
N GLY B 701 58.28 -35.70 31.85
CA GLY B 701 57.87 -35.96 30.48
C GLY B 701 56.84 -37.08 30.31
N ASP B 702 57.00 -38.18 31.05
CA ASP B 702 56.07 -39.30 30.90
C ASP B 702 54.70 -38.95 31.48
N LEU B 703 54.69 -38.38 32.68
CA LEU B 703 53.42 -37.99 33.27
C LEU B 703 52.69 -36.93 32.39
N MET B 704 53.42 -35.97 31.83
CA MET B 704 52.80 -34.96 30.95
C MET B 704 52.20 -35.59 29.69
N VAL B 705 52.89 -36.58 29.11
CA VAL B 705 52.33 -37.33 27.97
C VAL B 705 51.00 -38.00 28.35
N ARG B 706 51.01 -38.76 29.47
CA ARG B 706 49.81 -39.48 29.91
C ARG B 706 48.66 -38.50 30.27
N TYR B 707 49.01 -37.32 30.76
CA TYR B 707 48.03 -36.29 31.11
C TYR B 707 47.37 -35.76 29.82
N VAL B 708 48.21 -35.47 28.83
CA VAL B 708 47.73 -35.01 27.52
C VAL B 708 46.87 -36.07 26.81
N GLN B 709 47.29 -37.34 26.88
CA GLN B 709 46.56 -38.40 26.22
C GLN B 709 45.17 -38.59 26.82
N ALA B 710 45.11 -38.52 28.14
CA ALA B 710 43.89 -38.67 28.89
C ALA B 710 42.91 -37.51 28.68
N GLY B 711 43.44 -36.30 28.57
CA GLY B 711 42.57 -35.12 28.45
C GLY B 711 42.28 -34.71 27.03
N CYS B 712 42.84 -35.42 26.03
CA CYS B 712 42.80 -34.92 24.63
C CYS B 712 41.42 -34.97 23.97
N LEU B 713 40.56 -35.85 24.48
CA LEU B 713 39.20 -35.92 23.98
C LEU B 713 38.16 -35.51 25.03
N LEU B 714 38.61 -34.85 26.10
CA LEU B 714 37.72 -34.30 27.10
C LEU B 714 37.31 -32.86 26.76
N PRO B 715 36.09 -32.46 27.11
CA PRO B 715 35.52 -31.25 26.54
C PRO B 715 36.47 -30.07 26.64
N TRP B 716 37.04 -29.88 27.82
CA TRP B 716 37.79 -28.65 28.11
C TRP B 716 39.26 -29.01 28.35
N PHE B 717 40.13 -28.39 27.57
CA PHE B 717 41.48 -28.90 27.38
C PHE B 717 42.47 -27.72 27.50
N ARG B 718 42.96 -27.51 28.73
CA ARG B 718 43.85 -26.41 29.07
C ARG B 718 44.95 -26.84 30.03
N ASN B 719 46.20 -26.71 29.56
CA ASN B 719 47.42 -26.81 30.40
C ASN B 719 47.54 -25.53 31.20
N HIS B 720 47.44 -25.63 32.53
CA HIS B 720 47.52 -24.44 33.38
C HIS B 720 48.26 -24.79 34.69
N TYR B 721 49.12 -23.88 35.14
CA TYR B 721 49.93 -24.16 36.34
C TYR B 721 50.38 -22.93 37.15
N ASP B 722 50.71 -23.24 38.41
CA ASP B 722 51.40 -22.36 39.35
C ASP B 722 52.86 -22.26 38.93
N ARG B 723 53.28 -21.08 38.50
CA ARG B 723 54.69 -20.89 38.12
C ARG B 723 55.51 -20.19 39.23
N TRP B 724 56.55 -20.88 39.69
CA TRP B 724 57.48 -20.29 40.65
C TRP B 724 58.15 -19.09 39.99
N ILE B 725 57.96 -17.91 40.54
CA ILE B 725 58.76 -16.74 40.16
C ILE B 725 59.24 -16.00 41.42
N GLU B 726 60.28 -15.20 41.27
CA GLU B 726 60.86 -14.42 42.37
C GLU B 726 59.82 -13.68 43.19
N SER B 727 58.88 -13.00 42.53
CA SER B 727 57.85 -12.25 43.27
C SER B 727 56.65 -13.09 43.71
N LYS B 728 56.71 -14.41 43.48
CA LYS B 728 55.64 -15.31 43.93
C LYS B 728 56.28 -16.66 43.98
N ASP B 729 56.98 -16.88 45.08
CA ASP B 729 57.90 -18.02 45.23
C ASP B 729 57.26 -19.36 45.59
N HIS B 730 56.14 -19.70 44.94
CA HIS B 730 55.55 -21.04 45.01
C HIS B 730 55.13 -21.45 43.62
N GLY B 731 55.32 -22.73 43.30
CA GLY B 731 55.01 -23.23 41.98
C GLY B 731 56.14 -24.05 41.37
N LYS B 732 55.92 -24.49 40.14
CA LYS B 732 56.89 -25.21 39.31
C LYS B 732 57.64 -24.29 38.33
N ASP B 733 58.77 -24.77 37.81
CA ASP B 733 59.60 -23.88 36.97
C ASP B 733 58.93 -23.62 35.61
N TYR B 734 58.30 -24.67 35.06
CA TYR B 734 57.73 -24.68 33.70
C TYR B 734 56.79 -25.91 33.54
N GLN B 735 55.99 -25.93 32.46
CA GLN B 735 54.98 -26.94 32.21
C GLN B 735 54.43 -26.91 30.76
N GLU B 736 54.74 -25.85 30.00
CA GLU B 736 54.33 -25.75 28.58
C GLU B 736 54.78 -26.98 27.78
N LEU B 737 53.97 -27.47 26.84
CA LEU B 737 54.34 -28.73 26.12
C LEU B 737 55.62 -28.62 25.33
N TYR B 738 55.91 -27.44 24.79
CA TYR B 738 57.09 -27.30 23.93
C TYR B 738 58.40 -27.33 24.76
N MET B 739 58.27 -27.40 26.10
CA MET B 739 59.41 -27.50 26.99
C MET B 739 59.87 -28.94 27.20
N TYR B 740 59.24 -29.88 26.51
CA TYR B 740 59.57 -31.30 26.67
C TYR B 740 60.18 -31.85 25.39
N PRO B 741 61.47 -31.59 25.15
CA PRO B 741 61.97 -31.90 23.80
C PRO B 741 61.84 -33.38 23.39
N ASN B 742 62.09 -34.31 24.32
CA ASN B 742 62.05 -35.74 23.99
C ASN B 742 60.65 -36.28 23.74
N GLU B 743 59.63 -35.59 24.27
CA GLU B 743 58.26 -36.08 24.13
C GLU B 743 57.46 -35.18 23.18
N MET B 744 58.06 -34.07 22.74
CA MET B 744 57.37 -33.05 21.92
C MET B 744 56.58 -33.57 20.72
N ASP B 745 57.13 -34.52 19.96
CA ASP B 745 56.41 -35.10 18.82
C ASP B 745 55.08 -35.74 19.24
N THR B 746 55.13 -36.55 20.30
CA THR B 746 53.96 -37.18 20.88
C THR B 746 52.94 -36.14 21.37
N LEU B 747 53.44 -35.13 22.09
CA LEU B 747 52.57 -34.07 22.61
C LEU B 747 51.88 -33.42 21.44
N ARG B 748 52.66 -32.92 20.49
CA ARG B 748 52.09 -32.24 19.33
C ARG B 748 51.06 -33.12 18.60
N LYS B 749 51.38 -34.37 18.32
CA LYS B 749 50.48 -35.17 17.51
C LYS B 749 49.11 -35.47 18.18
N PHE B 750 49.07 -35.58 19.52
CA PHE B 750 47.78 -35.74 20.21
C PHE B 750 46.95 -34.46 20.18
N VAL B 751 47.61 -33.31 20.20
CA VAL B 751 46.87 -32.04 20.01
C VAL B 751 46.33 -31.90 18.56
N GLU B 752 47.09 -32.40 17.57
CA GLU B 752 46.64 -32.36 16.16
C GLU B 752 45.42 -33.27 16.00
N PHE B 753 45.51 -34.43 16.66
CA PHE B 753 44.46 -35.46 16.68
C PHE B 753 43.15 -34.86 17.20
N ARG B 754 43.21 -34.17 18.35
CA ARG B 754 42.03 -33.52 18.87
C ARG B 754 41.46 -32.58 17.81
N TYR B 755 42.33 -31.75 17.22
CA TYR B 755 41.89 -30.70 16.27
C TYR B 755 41.17 -31.30 15.06
N ARG B 756 41.65 -32.44 14.55
CA ARG B 756 40.97 -33.20 13.48
C ARG B 756 39.56 -33.67 13.84
N TRP B 757 39.38 -34.10 15.09
CA TRP B 757 38.06 -34.38 15.64
C TRP B 757 37.29 -33.19 16.29
N GLN B 758 37.59 -31.96 15.86
CA GLN B 758 36.92 -30.79 16.43
C GLN B 758 35.37 -30.81 16.22
N GLU B 759 34.94 -31.28 15.04
CA GLU B 759 33.51 -31.43 14.77
C GLU B 759 32.84 -32.53 15.62
N VAL B 760 33.57 -33.61 15.91
CA VAL B 760 33.06 -34.64 16.80
C VAL B 760 32.68 -34.04 18.17
N LEU B 761 33.56 -33.17 18.72
CA LEU B 761 33.28 -32.54 20.01
C LEU B 761 32.20 -31.50 19.88
N TYR B 762 32.25 -30.69 18.80
CA TYR B 762 31.23 -29.64 18.61
C TYR B 762 29.83 -30.25 18.43
N THR B 763 29.76 -31.36 17.68
CA THR B 763 28.50 -32.04 17.38
C THR B 763 27.97 -32.72 18.67
N ALA B 764 28.86 -33.38 19.42
CA ALA B 764 28.47 -33.89 20.76
C ALA B 764 27.92 -32.78 21.65
N MET B 765 28.51 -31.58 21.62
CA MET B 765 28.02 -30.44 22.41
C MET B 765 26.63 -29.97 21.95
N TYR B 766 26.41 -29.87 20.64
CA TYR B 766 25.08 -29.66 20.08
C TYR B 766 24.10 -30.74 20.56
N GLN B 767 24.52 -32.01 20.55
CA GLN B 767 23.64 -33.06 21.06
C GLN B 767 23.27 -32.86 22.52
N ASN B 768 24.18 -32.26 23.29
CA ASN B 768 23.88 -31.91 24.67
C ASN B 768 22.87 -30.76 24.70
N ALA B 769 23.20 -29.65 24.02
CA ALA B 769 22.30 -28.50 23.90
C ALA B 769 20.88 -28.85 23.45
N ALA B 770 20.78 -29.78 22.50
CA ALA B 770 19.49 -30.11 21.90
C ALA B 770 18.72 -31.18 22.66
N PHE B 771 19.42 -32.17 23.21
CA PHE B 771 18.80 -33.36 23.80
C PHE B 771 19.22 -33.69 25.26
N GLY B 772 20.21 -32.98 25.77
CA GLY B 772 20.77 -33.25 27.09
C GLY B 772 21.67 -34.49 27.14
N LYS B 773 22.15 -34.98 26.00
CA LYS B 773 23.03 -36.16 26.00
C LYS B 773 24.41 -35.78 26.56
N PRO B 774 24.90 -36.53 27.56
CA PRO B 774 26.25 -36.26 28.09
C PRO B 774 27.26 -36.44 26.98
N ILE B 775 28.28 -35.57 26.92
CA ILE B 775 29.33 -35.75 25.91
C ILE B 775 30.14 -37.01 26.21
N ILE B 776 30.63 -37.10 27.43
CA ILE B 776 31.44 -38.21 27.87
C ILE B 776 30.52 -39.24 28.54
N LYS B 777 30.60 -40.51 28.13
CA LYS B 777 29.70 -41.53 28.67
C LYS B 777 30.43 -42.49 29.58
N ALA B 778 29.89 -42.75 30.77
CA ALA B 778 30.36 -43.81 31.67
C ALA B 778 30.28 -45.13 30.94
N ALA B 779 31.20 -46.03 31.26
CA ALA B 779 31.19 -47.36 30.67
C ALA B 779 29.85 -48.09 30.94
N SER B 780 29.29 -47.87 32.13
CA SER B 780 28.02 -48.47 32.51
C SER B 780 26.78 -47.90 31.75
N MET B 781 26.96 -46.84 30.98
CA MET B 781 25.91 -46.32 30.10
C MET B 781 25.75 -47.15 28.83
N TYR B 782 26.76 -47.96 28.55
CA TYR B 782 26.70 -48.96 27.50
C TYR B 782 25.91 -50.19 27.99
N ASN B 783 24.81 -50.50 27.30
CA ASN B 783 23.84 -51.46 27.82
C ASN B 783 24.12 -52.88 27.43
N ASN B 784 23.54 -53.81 28.18
CA ASN B 784 23.60 -55.22 27.85
C ASN B 784 25.01 -55.78 27.84
N ASP B 785 25.83 -55.23 28.74
CA ASP B 785 27.22 -55.65 28.94
C ASP B 785 27.42 -55.78 30.46
N SER B 786 27.80 -56.97 30.90
CA SER B 786 28.02 -57.19 32.32
C SER B 786 29.52 -57.17 32.71
N ASN B 787 30.37 -56.74 31.80
CA ASN B 787 31.76 -56.47 32.12
C ASN B 787 32.10 -54.96 32.26
N VAL B 788 31.24 -54.08 31.77
CA VAL B 788 31.61 -52.67 31.71
C VAL B 788 31.72 -51.99 33.10
N ARG B 789 31.01 -52.49 34.09
CA ARG B 789 31.10 -51.91 35.43
C ARG B 789 32.53 -52.04 35.99
N ARG B 790 33.15 -53.19 35.75
CA ARG B 790 34.52 -53.44 36.16
C ARG B 790 35.53 -52.50 35.47
N ALA B 791 35.26 -52.11 34.23
CA ALA B 791 36.18 -51.26 33.48
C ALA B 791 35.84 -49.78 33.57
N GLN B 792 34.81 -49.45 34.35
CA GLN B 792 34.30 -48.07 34.41
C GLN B 792 35.23 -47.00 34.99
N ASN B 793 36.29 -47.38 35.70
CA ASN B 793 37.20 -46.35 36.24
C ASN B 793 37.97 -45.54 35.20
N ASP B 794 38.37 -46.19 34.12
CA ASP B 794 39.26 -45.56 33.18
C ASP B 794 38.88 -45.73 31.69
N HIS B 795 37.86 -46.54 31.39
CA HIS B 795 37.29 -46.61 30.03
C HIS B 795 36.06 -45.68 29.92
N PHE B 796 36.00 -44.86 28.87
CA PHE B 796 34.79 -44.06 28.57
C PHE B 796 34.51 -43.91 27.08
N LEU B 797 33.34 -43.37 26.75
CA LEU B 797 32.86 -43.32 25.35
C LEU B 797 32.37 -41.93 25.03
N LEU B 798 32.46 -41.59 23.75
CA LEU B 798 31.91 -40.34 23.23
C LEU B 798 31.72 -40.47 21.71
N GLY B 799 30.98 -39.53 21.14
CA GLY B 799 31.10 -39.24 19.72
C GLY B 799 30.17 -39.93 18.74
N GLY B 800 29.96 -39.28 17.59
CA GLY B 800 29.25 -39.89 16.47
C GLY B 800 27.75 -39.75 16.58
N HIS B 801 27.01 -40.56 15.82
CA HIS B 801 25.57 -40.30 15.70
C HIS B 801 24.81 -40.47 17.02
N ASP B 802 25.21 -41.49 17.80
CA ASP B 802 24.57 -41.82 19.06
C ASP B 802 25.43 -41.46 20.30
N GLY B 803 26.70 -41.09 20.11
CA GLY B 803 27.59 -40.74 21.21
C GLY B 803 28.38 -41.90 21.81
N TYR B 804 28.41 -43.01 21.09
CA TYR B 804 29.07 -44.24 21.54
C TYR B 804 29.94 -44.85 20.47
N ARG B 805 30.42 -44.01 19.56
CA ARG B 805 31.24 -44.47 18.43
C ARG B 805 32.73 -44.50 18.76
N ILE B 806 33.12 -43.89 19.88
CA ILE B 806 34.55 -43.79 20.26
C ILE B 806 34.78 -44.25 21.70
N LEU B 807 35.60 -45.28 21.86
CA LEU B 807 36.00 -45.79 23.16
C LEU B 807 37.43 -45.36 23.54
N CYS B 808 37.59 -44.71 24.70
CA CYS B 808 38.91 -44.34 25.26
C CYS B 808 39.22 -45.04 26.59
N ALA B 809 40.37 -45.71 26.66
CA ALA B 809 40.89 -46.20 27.94
C ALA B 809 42.35 -45.77 28.15
N PRO B 810 42.56 -44.52 28.59
CA PRO B 810 43.89 -43.92 28.79
C PRO B 810 44.74 -44.63 29.86
N VAL B 811 46.05 -44.69 29.66
CA VAL B 811 46.94 -45.22 30.69
C VAL B 811 47.00 -44.21 31.85
N VAL B 812 46.74 -44.67 33.08
CA VAL B 812 46.63 -43.72 34.21
C VAL B 812 47.74 -43.82 35.23
N TRP B 813 48.81 -44.55 34.88
CA TRP B 813 50.00 -44.55 35.75
C TRP B 813 51.24 -44.10 35.02
N GLU B 814 52.14 -43.45 35.75
CA GLU B 814 53.41 -43.01 35.19
C GLU B 814 54.31 -44.24 35.00
N ASN B 815 55.17 -44.17 34.00
CA ASN B 815 56.17 -45.22 33.73
C ASN B 815 55.52 -46.60 33.61
N SER B 816 54.50 -46.64 32.76
CA SER B 816 53.74 -47.84 32.46
C SER B 816 53.58 -47.98 30.94
N THR B 817 53.80 -49.19 30.40
CA THR B 817 53.61 -49.38 28.95
C THR B 817 52.58 -50.49 28.62
N GLU B 818 51.66 -50.73 29.55
CA GLU B 818 50.58 -51.69 29.35
C GLU B 818 49.41 -51.38 30.29
N ARG B 819 48.23 -51.91 29.94
CA ARG B 819 47.05 -51.77 30.80
C ARG B 819 46.03 -52.87 30.47
N GLU B 820 45.08 -53.10 31.37
CA GLU B 820 44.01 -54.06 31.12
C GLU B 820 42.91 -53.38 30.30
N LEU B 821 42.59 -53.97 29.15
CA LEU B 821 41.65 -53.38 28.21
C LEU B 821 40.38 -54.20 28.09
N TYR B 822 39.25 -53.52 28.22
CA TYR B 822 37.97 -54.13 27.94
C TYR B 822 37.20 -53.46 26.80
N LEU B 823 36.90 -54.22 25.74
CA LEU B 823 36.06 -53.69 24.66
C LEU B 823 34.62 -54.21 24.84
N PRO B 824 33.63 -53.30 24.87
CA PRO B 824 32.21 -53.61 24.99
C PRO B 824 31.68 -54.55 23.91
N VAL B 825 30.74 -55.40 24.33
CA VAL B 825 30.30 -56.58 23.59
C VAL B 825 29.28 -56.26 22.47
N LEU B 826 29.14 -57.21 21.55
CA LEU B 826 28.20 -57.15 20.43
C LEU B 826 28.44 -56.01 19.46
N THR B 827 29.70 -55.59 19.36
CA THR B 827 30.12 -54.71 18.29
C THR B 827 31.58 -55.01 17.93
N GLN B 828 32.05 -54.40 16.84
CA GLN B 828 33.46 -54.51 16.47
C GLN B 828 34.15 -53.18 16.72
N TRP B 829 35.47 -53.23 16.93
CA TRP B 829 36.26 -52.04 17.25
C TRP B 829 37.52 -51.98 16.41
N TYR B 830 37.88 -50.77 15.97
CA TYR B 830 39.16 -50.53 15.31
C TYR B 830 40.04 -49.60 16.13
N LYS B 831 41.25 -50.07 16.40
CA LYS B 831 42.31 -49.26 16.93
C LYS B 831 42.49 -48.02 16.08
N PHE B 832 42.62 -46.88 16.77
CA PHE B 832 42.74 -45.57 16.16
C PHE B 832 43.64 -44.66 17.00
N GLY B 833 43.80 -43.41 16.60
CA GLY B 833 44.70 -42.53 17.31
C GLY B 833 45.48 -41.78 16.26
N PRO B 834 46.37 -40.87 16.71
CA PRO B 834 47.06 -39.92 15.86
C PRO B 834 47.74 -40.49 14.62
N ASP B 835 48.35 -41.67 14.73
CA ASP B 835 49.03 -42.32 13.58
C ASP B 835 48.10 -42.76 12.44
N PHE B 836 46.83 -43.01 12.78
CA PHE B 836 45.93 -43.72 11.87
C PHE B 836 45.35 -42.94 10.70
N ASP B 837 45.39 -41.62 10.78
CA ASP B 837 44.96 -40.76 9.68
C ASP B 837 45.82 -40.94 8.41
N THR B 838 47.02 -41.51 8.53
CA THR B 838 47.95 -41.56 7.40
C THR B 838 48.42 -42.98 7.02
N LYS B 839 47.67 -43.98 7.51
CA LYS B 839 47.94 -45.39 7.26
C LYS B 839 46.61 -46.19 7.35
N PRO B 840 46.59 -47.41 6.79
CA PRO B 840 45.39 -48.25 6.84
C PRO B 840 44.99 -48.67 8.26
N LEU B 841 43.70 -48.88 8.47
CA LEU B 841 43.21 -49.49 9.69
C LEU B 841 43.82 -50.87 9.84
N GLU B 842 43.90 -51.36 11.06
CA GLU B 842 44.22 -52.77 11.27
C GLU B 842 42.92 -53.57 11.32
N GLY B 843 43.06 -54.89 11.52
CA GLY B 843 41.91 -55.77 11.62
C GLY B 843 40.91 -55.39 12.70
N ALA B 844 39.66 -55.78 12.48
CA ALA B 844 38.60 -55.53 13.46
C ALA B 844 38.93 -56.23 14.77
N MET B 845 38.69 -55.56 15.88
CA MET B 845 38.88 -56.15 17.20
C MET B 845 37.53 -56.51 17.81
N ASN B 846 37.46 -57.72 18.35
CA ASN B 846 36.21 -58.29 18.78
C ASN B 846 35.72 -57.75 20.10
N GLY B 847 34.53 -57.16 20.08
CA GLY B 847 33.89 -56.71 21.30
C GLY B 847 33.68 -57.86 22.28
N GLY B 848 33.78 -57.55 23.56
CA GLY B 848 33.63 -58.58 24.59
C GLY B 848 34.97 -59.15 25.03
N ASP B 849 36.03 -58.80 24.29
CA ASP B 849 37.38 -59.21 24.66
C ASP B 849 37.94 -58.36 25.79
N ARG B 850 38.55 -59.05 26.76
CA ARG B 850 39.33 -58.43 27.81
C ARG B 850 40.77 -58.88 27.60
N ILE B 851 41.66 -57.92 27.31
CA ILE B 851 43.07 -58.21 27.07
C ILE B 851 43.91 -57.70 28.25
N TYR B 852 44.54 -58.64 28.94
CA TYR B 852 45.48 -58.34 30.01
C TYR B 852 46.78 -57.86 29.39
N ASN B 853 47.43 -56.90 30.04
CA ASN B 853 48.71 -56.38 29.57
C ASN B 853 48.65 -55.94 28.09
N TYR B 854 47.65 -55.13 27.75
CA TYR B 854 47.54 -54.63 26.38
C TYR B 854 48.64 -53.60 26.11
N PRO B 855 49.49 -53.84 25.09
CA PRO B 855 50.67 -52.96 24.87
C PRO B 855 50.33 -51.48 24.62
N VAL B 856 50.80 -50.60 25.52
CA VAL B 856 50.63 -49.15 25.35
C VAL B 856 51.95 -48.37 25.53
N PRO B 857 52.78 -48.30 24.46
CA PRO B 857 53.96 -47.45 24.54
C PRO B 857 53.65 -45.98 24.89
N GLN B 858 54.69 -45.24 25.26
CA GLN B 858 54.56 -43.82 25.59
C GLN B 858 53.92 -43.01 24.46
N SER B 859 54.29 -43.34 23.22
CA SER B 859 53.80 -42.62 22.03
C SER B 859 52.37 -43.03 21.62
N GLU B 860 51.76 -43.97 22.34
CA GLU B 860 50.40 -44.43 22.02
C GLU B 860 49.42 -44.14 23.15
N SER B 861 48.12 -44.30 22.87
CA SER B 861 47.03 -44.23 23.86
C SER B 861 45.80 -45.01 23.34
N PRO B 862 45.26 -45.96 24.14
CA PRO B 862 44.14 -46.82 23.69
C PRO B 862 42.86 -46.06 23.37
N ILE B 863 42.61 -45.88 22.07
CA ILE B 863 41.41 -45.22 21.53
C ILE B 863 40.93 -46.09 20.37
N PHE B 864 39.61 -46.25 20.26
CA PHE B 864 39.02 -47.20 19.32
C PHE B 864 37.79 -46.58 18.67
N VAL B 865 37.67 -46.77 17.35
CA VAL B 865 36.47 -46.33 16.66
C VAL B 865 35.60 -47.55 16.44
N ARG B 866 34.31 -47.41 16.78
CA ARG B 866 33.32 -48.47 16.58
C ARG B 866 32.99 -48.59 15.10
N GLU B 867 32.78 -49.82 14.64
CA GLU B 867 32.19 -50.09 13.33
C GLU B 867 30.86 -49.33 13.20
N GLY B 868 30.45 -49.03 11.96
CA GLY B 868 29.21 -48.29 11.74
C GLY B 868 29.34 -46.79 12.03
N ALA B 869 30.57 -46.29 12.12
CA ALA B 869 30.79 -44.87 12.39
C ALA B 869 31.15 -44.03 11.16
N ILE B 870 30.54 -42.85 11.07
CA ILE B 870 30.89 -41.81 10.11
C ILE B 870 31.21 -40.57 10.96
N LEU B 871 32.46 -40.17 10.97
CA LEU B 871 32.85 -39.05 11.82
C LEU B 871 33.25 -37.87 10.96
N PRO B 872 32.72 -36.68 11.29
CA PRO B 872 33.11 -35.44 10.62
C PRO B 872 34.50 -34.99 11.09
N THR B 873 35.37 -34.73 10.13
CA THR B 873 36.81 -34.58 10.33
C THR B 873 37.22 -33.28 9.63
N ARG B 874 38.12 -32.52 10.23
CA ARG B 874 38.53 -31.22 9.68
C ARG B 874 40.02 -31.22 9.42
N TYR B 875 40.39 -30.58 8.32
CA TYR B 875 41.78 -30.34 7.95
C TYR B 875 41.95 -28.88 7.62
N THR B 876 43.18 -28.42 7.67
CA THR B 876 43.51 -27.10 7.13
C THR B 876 43.75 -27.22 5.63
N LEU B 877 43.38 -26.18 4.89
CA LEU B 877 43.59 -26.19 3.44
C LEU B 877 45.09 -26.27 3.08
N ASN B 878 45.97 -25.77 3.93
CA ASN B 878 47.41 -25.80 3.65
C ASN B 878 48.31 -26.78 4.43
N GLY B 879 47.75 -27.52 5.38
CA GLY B 879 48.54 -28.44 6.22
C GLY B 879 49.35 -27.82 7.36
N GLU B 880 49.12 -26.54 7.63
CA GLU B 880 49.69 -25.87 8.80
C GLU B 880 48.74 -26.02 9.99
N ASN B 881 49.29 -26.25 11.17
CA ASN B 881 48.47 -26.32 12.37
C ASN B 881 48.00 -24.92 12.71
N LYS B 882 46.70 -24.70 12.72
CA LYS B 882 46.16 -23.41 13.18
C LYS B 882 45.11 -23.58 14.26
N SER B 883 44.83 -22.46 14.91
CA SER B 883 43.78 -22.36 15.90
C SER B 883 42.44 -22.57 15.27
N LEU B 884 41.55 -23.21 16.04
CA LEU B 884 40.19 -23.50 15.58
C LEU B 884 39.52 -22.22 15.12
N ASN B 885 39.78 -21.14 15.84
CA ASN B 885 39.09 -19.87 15.62
C ASN B 885 39.49 -19.20 14.30
N THR B 886 40.47 -19.79 13.60
CA THR B 886 40.92 -19.23 12.30
C THR B 886 40.64 -20.18 11.12
N TYR B 887 39.94 -21.27 11.40
CA TYR B 887 39.38 -22.09 10.32
C TYR B 887 38.30 -21.28 9.63
N THR B 888 38.16 -21.50 8.33
CA THR B 888 36.97 -21.04 7.61
C THR B 888 36.40 -22.28 6.91
N ASP B 889 35.27 -22.12 6.23
CA ASP B 889 34.65 -23.20 5.46
C ASP B 889 35.48 -23.66 4.24
N GLU B 890 36.55 -22.92 3.92
CA GLU B 890 37.53 -23.37 2.91
C GLU B 890 38.49 -24.44 3.45
N ASP B 891 38.42 -24.71 4.75
CA ASP B 891 39.25 -25.76 5.33
C ASP B 891 38.39 -27.01 5.35
N PRO B 892 38.88 -28.11 4.71
CA PRO B 892 38.04 -29.24 4.36
C PRO B 892 37.22 -29.85 5.51
N LEU B 893 35.93 -30.02 5.26
CA LEU B 893 35.07 -30.86 6.07
C LEU B 893 34.95 -32.23 5.41
N VAL B 894 35.33 -33.26 6.13
CA VAL B 894 35.43 -34.60 5.58
C VAL B 894 34.60 -35.59 6.43
N PHE B 895 33.72 -36.33 5.76
CA PHE B 895 32.94 -37.33 6.46
C PHE B 895 33.63 -38.66 6.29
N GLU B 896 34.20 -39.14 7.38
CA GLU B 896 34.99 -40.37 7.38
C GLU B 896 34.17 -41.59 7.76
N VAL B 897 33.98 -42.44 6.77
CA VAL B 897 33.17 -43.62 6.90
C VAL B 897 34.10 -44.75 7.27
N PHE B 898 33.94 -45.24 8.51
CA PHE B 898 34.68 -46.39 9.00
C PHE B 898 33.99 -47.64 8.54
N PRO B 899 34.64 -48.81 8.67
CA PRO B 899 33.99 -50.06 8.28
C PRO B 899 32.57 -50.18 8.83
N LEU B 900 31.71 -50.72 7.99
CA LEU B 900 30.29 -50.80 8.24
C LEU B 900 29.96 -51.79 9.34
N GLY B 901 28.98 -51.41 10.17
CA GLY B 901 28.41 -52.31 11.16
C GLY B 901 27.09 -52.83 10.65
N ASN B 902 26.95 -54.15 10.58
CA ASN B 902 25.74 -54.80 10.01
C ASN B 902 25.34 -54.15 8.67
N ASN B 903 26.34 -54.02 7.79
CA ASN B 903 26.20 -53.43 6.44
C ASN B 903 25.78 -51.96 6.36
N ARG B 904 25.93 -51.24 7.47
CA ARG B 904 25.60 -49.83 7.51
C ARG B 904 26.55 -48.99 8.36
N ALA B 905 26.45 -47.67 8.19
CA ALA B 905 27.17 -46.71 9.02
C ALA B 905 26.36 -45.43 9.05
N ASP B 906 26.38 -44.74 10.19
CA ASP B 906 25.65 -43.47 10.35
C ASP B 906 26.58 -42.40 10.85
N GLY B 907 26.17 -41.15 10.63
CA GLY B 907 26.90 -40.02 11.14
C GLY B 907 26.02 -38.82 11.39
N MET B 908 26.61 -37.80 11.99
CA MET B 908 25.92 -36.54 12.25
C MET B 908 26.90 -35.37 12.42
N CYS B 909 26.55 -34.19 11.92
CA CYS B 909 27.39 -32.99 12.07
C CYS B 909 26.65 -31.64 12.26
N TYR B 910 26.86 -30.99 13.40
CA TYR B 910 26.35 -29.62 13.61
C TYR B 910 27.23 -28.64 12.83
N LEU B 911 26.62 -27.67 12.16
CA LEU B 911 27.39 -26.63 11.45
C LEU B 911 26.80 -25.26 11.71
N ASP B 912 27.67 -24.33 12.12
CA ASP B 912 27.34 -22.88 12.19
C ASP B 912 28.59 -21.98 11.95
N ASP B 913 28.46 -20.68 12.19
CA ASP B 913 29.59 -19.78 11.96
C ASP B 913 30.65 -19.79 13.09
N GLY B 914 30.52 -20.72 14.02
CA GLY B 914 31.52 -21.01 15.03
C GLY B 914 31.41 -20.03 16.20
N GLY B 915 30.49 -19.07 16.13
CA GLY B 915 30.30 -18.17 17.23
C GLY B 915 30.64 -16.74 16.85
N VAL B 916 31.03 -16.54 15.60
CA VAL B 916 31.27 -15.18 15.06
C VAL B 916 30.07 -14.32 15.35
N THR B 917 28.88 -14.88 15.13
CA THR B 917 27.60 -14.26 15.47
C THR B 917 26.84 -15.17 16.45
N THR B 918 25.72 -14.66 17.00
CA THR B 918 24.86 -15.47 17.85
C THR B 918 23.55 -15.81 17.13
N ASN B 919 23.61 -15.82 15.81
CA ASN B 919 22.42 -16.08 14.99
C ASN B 919 21.94 -17.53 15.03
N ALA B 920 22.85 -18.47 15.29
CA ALA B 920 22.45 -19.87 15.47
C ALA B 920 21.47 -20.03 16.64
N GLU B 921 21.84 -19.49 17.80
CA GLU B 921 21.07 -19.59 19.04
C GLU B 921 19.90 -18.62 19.12
N ASP B 922 20.03 -17.48 18.43
CA ASP B 922 18.99 -16.44 18.45
C ASP B 922 17.95 -16.63 17.35
N ASN B 923 18.40 -17.04 16.15
CA ASN B 923 17.59 -16.99 14.94
C ASN B 923 17.55 -18.29 14.18
N GLY B 924 18.18 -19.32 14.72
CA GLY B 924 18.13 -20.65 14.13
C GLY B 924 19.11 -20.91 13.00
N LYS B 925 20.16 -20.10 12.92
CA LYS B 925 21.07 -20.15 11.78
C LYS B 925 22.15 -21.20 12.00
N PHE B 926 21.72 -22.46 11.97
CA PHE B 926 22.60 -23.59 12.05
C PHE B 926 22.11 -24.72 11.15
N SER B 927 23.01 -25.66 10.84
CA SER B 927 22.67 -26.88 10.12
C SER B 927 22.93 -28.12 10.97
N VAL B 928 22.04 -29.09 10.85
CA VAL B 928 22.26 -30.41 11.43
C VAL B 928 22.25 -31.41 10.29
N VAL B 929 23.45 -31.76 9.84
CA VAL B 929 23.60 -32.66 8.70
C VAL B 929 23.48 -34.08 9.25
N LYS B 930 22.82 -34.96 8.50
CA LYS B 930 22.79 -36.37 8.84
C LYS B 930 23.24 -37.15 7.63
N VAL B 931 23.99 -38.21 7.89
CA VAL B 931 24.45 -39.07 6.82
C VAL B 931 24.24 -40.55 7.18
N ALA B 932 23.81 -41.31 6.19
CA ALA B 932 23.65 -42.75 6.29
C ALA B 932 24.39 -43.43 5.14
N ALA B 933 25.01 -44.56 5.45
CA ALA B 933 25.68 -45.38 4.44
C ALA B 933 25.08 -46.78 4.50
N GLU B 934 24.85 -47.39 3.34
CA GLU B 934 24.30 -48.74 3.28
C GLU B 934 24.97 -49.56 2.19
N GLN B 935 25.45 -50.74 2.58
CA GLN B 935 25.98 -51.72 1.64
C GLN B 935 24.92 -52.75 1.24
N ASP B 936 24.87 -53.05 -0.06
CA ASP B 936 23.81 -53.82 -0.68
C ASP B 936 24.45 -54.59 -1.84
N GLY B 937 24.82 -55.85 -1.61
CA GLY B 937 25.58 -56.64 -2.59
C GLY B 937 26.85 -55.94 -3.10
N GLY B 938 26.73 -55.26 -4.24
CA GLY B 938 27.83 -54.51 -4.83
C GLY B 938 27.57 -53.01 -4.94
N THR B 939 26.50 -52.53 -4.30
CA THR B 939 26.16 -51.10 -4.30
C THR B 939 26.22 -50.49 -2.91
N GLU B 940 26.94 -49.37 -2.79
CA GLU B 940 27.03 -48.62 -1.55
C GLU B 940 26.34 -47.26 -1.72
N THR B 941 25.25 -47.05 -1.00
CA THR B 941 24.48 -45.82 -1.09
C THR B 941 24.78 -44.94 0.10
N ILE B 942 25.38 -43.78 -0.16
CA ILE B 942 25.64 -42.80 0.88
C ILE B 942 24.71 -41.58 0.72
N THR B 943 23.90 -41.34 1.74
CA THR B 943 22.78 -40.42 1.67
C THR B 943 22.88 -39.30 2.69
N PHE B 944 22.82 -38.06 2.19
CA PHE B 944 22.87 -36.91 3.06
C PHE B 944 21.48 -36.33 3.23
N THR B 945 21.05 -36.21 4.48
CA THR B 945 19.81 -35.54 4.80
C THR B 945 20.13 -34.42 5.80
N ASN B 946 19.10 -33.74 6.29
CA ASN B 946 19.29 -32.81 7.39
C ASN B 946 18.05 -32.66 8.25
N ASP B 947 18.24 -32.29 9.51
CA ASP B 947 17.12 -31.94 10.37
C ASP B 947 16.78 -30.47 10.15
N CYS B 948 17.80 -29.71 9.75
CA CYS B 948 17.62 -28.34 9.24
C CYS B 948 18.87 -27.91 8.49
N TYR B 949 18.73 -26.84 7.71
CA TYR B 949 19.83 -26.31 6.95
C TYR B 949 19.66 -24.79 6.77
N GLU B 950 19.94 -24.06 7.83
CA GLU B 950 19.82 -22.61 7.86
C GLU B 950 21.17 -21.91 7.84
N TYR B 951 22.24 -22.71 7.87
CA TYR B 951 23.60 -22.22 7.74
C TYR B 951 24.27 -22.95 6.57
N VAL B 952 24.71 -22.17 5.58
CA VAL B 952 25.32 -22.70 4.35
C VAL B 952 26.84 -22.88 4.52
N PHE B 953 27.31 -24.13 4.50
CA PHE B 953 28.74 -24.41 4.50
C PHE B 953 29.32 -23.93 3.19
N GLY B 954 30.28 -23.01 3.25
CA GLY B 954 30.80 -22.33 2.08
C GLY B 954 32.09 -22.87 1.49
N GLY B 955 32.21 -24.19 1.40
CA GLY B 955 33.33 -24.80 0.69
C GLY B 955 33.00 -26.22 0.25
N PRO B 956 33.92 -26.86 -0.51
CA PRO B 956 33.79 -28.29 -0.81
C PRO B 956 33.78 -29.20 0.45
N PHE B 957 32.94 -30.20 0.46
CA PHE B 957 33.02 -31.21 1.50
C PHE B 957 33.44 -32.52 0.89
N TYR B 958 33.87 -33.43 1.74
CA TYR B 958 34.38 -34.71 1.24
C TYR B 958 33.71 -35.89 1.93
N VAL B 959 33.73 -37.03 1.23
CA VAL B 959 33.50 -38.32 1.86
C VAL B 959 34.77 -39.14 1.68
N ARG B 960 35.21 -39.79 2.75
CA ARG B 960 36.37 -40.66 2.71
C ARG B 960 35.91 -42.04 3.17
N VAL B 961 35.92 -42.99 2.24
CA VAL B 961 35.45 -44.33 2.53
C VAL B 961 36.63 -45.22 2.92
N ARG B 962 36.72 -45.52 4.21
CA ARG B 962 37.71 -46.46 4.72
C ARG B 962 37.47 -47.86 4.18
N GLY B 963 38.49 -48.43 3.54
CA GLY B 963 38.45 -49.80 3.07
C GLY B 963 37.93 -50.01 1.67
N ALA B 964 37.82 -48.92 0.90
CA ALA B 964 37.46 -49.02 -0.52
C ALA B 964 38.62 -48.61 -1.46
N GLN B 965 38.64 -49.02 -2.60
CA GLN B 965 39.61 -48.52 -3.59
C GLN B 965 38.82 -48.03 -5.02
N SER B 966 39.19 -48.58 -6.18
CA SER B 966 38.61 -48.17 -7.45
C SER B 966 37.15 -48.61 -7.59
N PRO B 967 36.24 -47.64 -7.75
CA PRO B 967 34.87 -47.93 -8.15
C PRO B 967 34.76 -48.00 -9.68
N SER B 968 33.73 -48.66 -10.17
CA SER B 968 33.46 -48.69 -11.61
C SER B 968 32.73 -47.40 -12.00
N ASN B 969 31.93 -46.90 -11.05
CA ASN B 969 31.15 -45.69 -11.25
C ASN B 969 30.65 -45.12 -9.93
N ILE B 970 30.67 -43.79 -9.82
CA ILE B 970 30.08 -43.12 -8.67
C ILE B 970 29.05 -42.09 -9.16
N HIS B 971 27.81 -42.24 -8.70
CA HIS B 971 26.74 -41.33 -9.10
C HIS B 971 26.29 -40.43 -7.96
N VAL B 972 26.12 -39.14 -8.26
CA VAL B 972 25.68 -38.18 -7.27
C VAL B 972 24.41 -37.52 -7.77
N SER B 973 23.36 -37.65 -6.99
CA SER B 973 22.08 -37.08 -7.34
C SER B 973 21.71 -35.97 -6.33
N SER B 974 21.15 -34.87 -6.82
CA SER B 974 20.71 -33.78 -5.94
C SER B 974 19.67 -32.88 -6.62
N GLY B 975 18.81 -32.25 -5.81
CA GLY B 975 17.88 -31.22 -6.31
C GLY B 975 18.61 -30.01 -6.84
N ALA B 976 19.89 -29.91 -6.51
CA ALA B 976 20.76 -28.85 -7.03
C ALA B 976 21.37 -29.27 -8.37
N GLY B 977 21.05 -30.47 -8.82
CA GLY B 977 21.60 -31.02 -10.06
C GLY B 977 22.34 -32.32 -9.84
N SER B 978 22.28 -33.20 -10.84
CA SER B 978 22.86 -34.54 -10.77
C SER B 978 24.07 -34.68 -11.69
N GLN B 979 24.98 -35.59 -11.33
CA GLN B 979 26.27 -35.71 -12.03
C GLN B 979 26.91 -37.08 -11.73
N ASP B 980 27.74 -37.57 -12.64
CA ASP B 980 28.60 -38.72 -12.37
C ASP B 980 29.97 -38.21 -11.98
N MET B 981 30.64 -38.91 -11.08
CA MET B 981 31.97 -38.49 -10.61
C MET B 981 33.07 -39.02 -11.51
N LYS B 982 34.24 -38.37 -11.50
CA LYS B 982 35.36 -38.82 -12.33
C LYS B 982 36.64 -38.95 -11.53
N VAL B 983 37.55 -39.85 -11.95
CA VAL B 983 38.85 -39.97 -11.30
C VAL B 983 39.59 -38.62 -11.40
N SER B 984 39.96 -38.06 -10.25
CA SER B 984 40.75 -36.83 -10.21
C SER B 984 42.12 -37.08 -10.81
N SER B 985 42.70 -36.05 -11.41
CA SER B 985 44.08 -36.14 -11.84
C SER B 985 45.07 -35.80 -10.70
N ALA B 986 44.55 -35.56 -9.50
CA ALA B 986 45.36 -35.43 -8.28
C ALA B 986 45.72 -36.80 -7.73
N THR B 987 46.94 -36.96 -7.23
CA THR B 987 47.36 -38.22 -6.59
C THR B 987 47.94 -38.02 -5.19
N SER B 988 47.59 -36.90 -4.55
CA SER B 988 47.85 -36.71 -3.12
C SER B 988 46.70 -35.95 -2.49
N ARG B 989 46.59 -36.06 -1.17
CA ARG B 989 45.52 -35.44 -0.41
C ARG B 989 45.59 -33.93 -0.50
N ALA B 990 46.78 -33.38 -0.32
CA ALA B 990 46.99 -31.94 -0.47
C ALA B 990 46.58 -31.43 -1.85
N ALA B 991 46.91 -32.19 -2.89
CA ALA B 991 46.52 -31.88 -4.28
C ALA B 991 45.02 -31.98 -4.51
N LEU B 992 44.38 -32.96 -3.90
CA LEU B 992 42.94 -33.07 -4.02
C LEU B 992 42.26 -31.84 -3.42
N PHE B 993 42.69 -31.46 -2.21
CA PHE B 993 42.14 -30.29 -1.52
C PHE B 993 42.37 -29.01 -2.31
N ASN B 994 43.58 -28.83 -2.83
CA ASN B 994 43.99 -27.57 -3.44
C ASN B 994 43.63 -27.38 -4.93
N ASP B 995 43.65 -28.48 -5.69
CA ASP B 995 43.53 -28.41 -7.16
C ASP B 995 42.49 -29.35 -7.74
N GLY B 996 41.98 -30.26 -6.90
CA GLY B 996 40.96 -31.21 -7.31
C GLY B 996 39.65 -30.52 -7.65
N GLU B 997 38.95 -31.05 -8.64
CA GLU B 997 37.69 -30.50 -9.11
C GLU B 997 36.55 -30.97 -8.25
N ASN B 998 35.54 -30.12 -8.12
CA ASN B 998 34.25 -30.57 -7.62
C ASN B 998 33.69 -31.69 -8.49
N GLY B 999 33.41 -32.84 -7.87
CA GLY B 999 32.96 -34.02 -8.61
C GLY B 999 34.05 -35.07 -8.84
N ASP B 1000 35.26 -34.82 -8.34
CA ASP B 1000 36.40 -35.73 -8.47
C ASP B 1000 36.44 -36.78 -7.36
N PHE B 1001 37.03 -37.94 -7.65
CA PHE B 1001 37.38 -38.90 -6.63
C PHE B 1001 38.88 -39.26 -6.70
N TRP B 1002 39.46 -39.56 -5.54
CA TRP B 1002 40.85 -40.00 -5.45
C TRP B 1002 40.97 -41.33 -4.71
N VAL B 1003 41.58 -42.30 -5.39
CA VAL B 1003 41.88 -43.62 -4.83
C VAL B 1003 43.17 -43.51 -4.01
N ASP B 1004 42.99 -43.37 -2.70
CA ASP B 1004 44.07 -43.19 -1.74
C ASP B 1004 44.61 -44.55 -1.32
N GLN B 1005 45.68 -44.97 -2.00
CA GLN B 1005 46.29 -46.28 -1.78
C GLN B 1005 47.01 -46.40 -0.43
N GLU B 1006 47.65 -45.31 0.00
CA GLU B 1006 48.50 -45.31 1.21
C GLU B 1006 47.73 -45.42 2.55
N THR B 1007 46.46 -44.99 2.55
CA THR B 1007 45.59 -45.16 3.73
C THR B 1007 44.40 -46.12 3.51
N ASP B 1008 44.39 -46.81 2.37
CA ASP B 1008 43.30 -47.71 2.00
C ASP B 1008 41.93 -47.01 2.01
N SER B 1009 41.90 -45.80 1.46
CA SER B 1009 40.69 -44.99 1.46
C SER B 1009 40.24 -44.63 0.06
N LEU B 1010 39.01 -44.10 -0.02
CA LEU B 1010 38.49 -43.53 -1.26
C LEU B 1010 37.85 -42.17 -0.98
N TRP B 1011 38.36 -41.11 -1.61
CA TRP B 1011 37.89 -39.76 -1.31
C TRP B 1011 37.02 -39.20 -2.42
N LEU B 1012 35.99 -38.44 -2.04
CA LEU B 1012 35.04 -37.86 -2.98
C LEU B 1012 34.91 -36.39 -2.67
N LYS B 1013 35.21 -35.54 -3.66
CA LYS B 1013 35.11 -34.11 -3.51
C LYS B 1013 33.81 -33.63 -4.12
N LEU B 1014 33.02 -32.93 -3.32
CA LEU B 1014 31.65 -32.60 -3.67
C LEU B 1014 31.36 -31.13 -3.41
N PRO B 1015 30.58 -30.49 -4.31
CA PRO B 1015 30.36 -29.05 -4.10
C PRO B 1015 29.40 -28.81 -2.94
N ASN B 1016 29.51 -27.64 -2.33
CA ASN B 1016 28.71 -27.33 -1.17
C ASN B 1016 27.18 -27.40 -1.38
N VAL B 1017 26.70 -27.05 -2.57
CA VAL B 1017 25.26 -27.03 -2.89
C VAL B 1017 24.54 -28.38 -2.75
N VAL B 1018 25.29 -29.49 -2.80
CA VAL B 1018 24.71 -30.82 -2.66
C VAL B 1018 24.76 -31.43 -1.24
N LEU B 1019 25.37 -30.70 -0.30
CA LEU B 1019 25.46 -31.14 1.10
C LEU B 1019 24.11 -31.48 1.77
N PRO B 1020 23.07 -30.63 1.60
CA PRO B 1020 21.81 -30.89 2.32
C PRO B 1020 21.02 -32.12 1.86
N ASP B 1021 21.20 -32.57 0.62
CA ASP B 1021 20.31 -33.61 0.06
C ASP B 1021 20.91 -34.73 -0.83
N ALA B 1022 22.22 -34.81 -0.94
CA ALA B 1022 22.85 -35.72 -1.90
C ALA B 1022 22.63 -37.22 -1.66
N VAL B 1023 22.35 -37.92 -2.74
CA VAL B 1023 22.33 -39.38 -2.73
C VAL B 1023 23.52 -39.80 -3.59
N ILE B 1024 24.44 -40.53 -2.99
CA ILE B 1024 25.65 -40.99 -3.66
C ILE B 1024 25.59 -42.50 -3.79
N THR B 1025 25.72 -42.98 -5.03
CA THR B 1025 25.69 -44.41 -5.34
C THR B 1025 27.02 -44.91 -5.84
N ILE B 1026 27.65 -45.81 -5.09
CA ILE B 1026 28.94 -46.34 -5.49
C ILE B 1026 28.82 -47.78 -5.94
N THR B 1027 29.19 -48.01 -7.18
CA THR B 1027 29.18 -49.34 -7.75
C THR B 1027 30.57 -49.76 -8.26
N THR C 3 -13.74 6.79 -56.89
CA THR C 3 -14.88 7.58 -56.32
C THR C 3 -14.77 9.10 -56.54
N ASP C 4 -13.62 9.59 -57.05
CA ASP C 4 -13.46 11.03 -57.32
C ASP C 4 -14.48 11.51 -58.36
N ASN C 5 -15.23 12.57 -58.03
CA ASN C 5 -16.28 13.13 -58.88
C ASN C 5 -17.24 12.07 -59.41
N PRO C 6 -17.98 11.39 -58.51
CA PRO C 6 -18.75 10.22 -58.93
C PRO C 6 -20.01 10.51 -59.78
N ASP C 7 -20.47 11.76 -59.77
CA ASP C 7 -21.60 12.15 -60.65
C ASP C 7 -21.14 12.59 -62.04
N GLY C 8 -19.86 12.93 -62.17
CA GLY C 8 -19.27 13.26 -63.48
C GLY C 8 -19.49 14.70 -63.89
N ILE C 9 -19.66 15.55 -62.88
CA ILE C 9 -19.85 16.99 -63.06
C ILE C 9 -18.64 17.66 -63.69
N ASP C 10 -18.88 18.71 -64.47
CA ASP C 10 -17.81 19.54 -65.00
C ASP C 10 -17.79 20.89 -64.30
N TYR C 11 -16.72 21.12 -63.54
CA TYR C 11 -16.61 22.25 -62.63
C TYR C 11 -16.14 23.49 -63.36
N LYS C 12 -17.04 24.45 -63.50
CA LYS C 12 -16.81 25.55 -64.42
C LYS C 12 -16.46 26.85 -63.71
N THR C 13 -16.64 26.89 -62.39
CA THR C 13 -16.25 28.07 -61.64
C THR C 13 -15.60 27.68 -60.33
N TYR C 14 -14.43 28.27 -60.07
CA TYR C 14 -13.74 28.06 -58.82
C TYR C 14 -13.61 29.28 -57.91
N ASP C 15 -13.51 30.48 -58.49
CA ASP C 15 -13.25 31.69 -57.73
C ASP C 15 -14.49 32.21 -57.01
N TYR C 16 -14.28 33.11 -56.05
CA TYR C 16 -15.33 33.97 -55.51
C TYR C 16 -16.08 34.69 -56.63
N VAL C 17 -17.39 34.62 -56.60
CA VAL C 17 -18.24 35.41 -57.49
C VAL C 17 -19.09 36.34 -56.59
N GLY C 18 -18.78 37.63 -56.57
CA GLY C 18 -19.57 38.57 -55.78
C GLY C 18 -21.01 38.72 -56.27
N VAL C 19 -21.85 39.38 -55.47
CA VAL C 19 -23.24 39.64 -55.87
C VAL C 19 -23.36 40.34 -57.23
N TRP C 20 -22.33 41.12 -57.58
CA TRP C 20 -22.25 41.85 -58.86
C TRP C 20 -22.04 40.94 -60.08
N GLY C 21 -21.70 39.67 -59.85
CA GLY C 21 -21.53 38.70 -60.95
C GLY C 21 -22.45 37.50 -60.85
N PHE C 22 -23.44 37.58 -59.98
CA PHE C 22 -24.52 36.59 -59.91
C PHE C 22 -25.84 37.25 -60.32
N SER C 23 -26.36 36.88 -61.49
CA SER C 23 -27.61 37.50 -61.94
C SER C 23 -28.51 36.56 -62.74
N PRO C 24 -29.33 35.78 -62.01
CA PRO C 24 -30.28 34.85 -62.61
C PRO C 24 -31.35 35.57 -63.45
N LEU C 25 -31.67 36.83 -63.12
CA LEU C 25 -32.69 37.55 -63.86
C LEU C 25 -32.28 38.00 -65.29
N SER C 26 -31.00 37.89 -65.61
CA SER C 26 -30.52 38.06 -66.98
C SER C 26 -30.94 36.93 -67.92
N ASN C 27 -31.41 35.81 -67.37
CA ASN C 27 -32.05 34.71 -68.12
C ASN C 27 -31.14 33.90 -69.04
N THR C 28 -30.26 34.56 -69.78
CA THR C 28 -29.43 33.89 -70.80
C THR C 28 -28.66 32.69 -70.24
N ASN C 29 -28.81 31.54 -70.90
CA ASN C 29 -28.17 30.27 -70.53
C ASN C 29 -28.74 29.55 -69.30
N TRP C 30 -29.82 30.10 -68.75
CA TRP C 30 -30.53 29.53 -67.60
C TRP C 30 -31.76 28.74 -68.01
N PHE C 31 -31.85 27.50 -67.54
CA PHE C 31 -33.09 26.74 -67.62
C PHE C 31 -34.09 27.23 -66.58
N ALA C 32 -35.37 27.27 -66.95
CA ALA C 32 -36.47 27.45 -65.99
C ALA C 32 -37.59 26.43 -66.26
N ALA C 33 -38.40 26.14 -65.25
CA ALA C 33 -39.46 25.13 -65.42
C ALA C 33 -40.54 25.59 -66.43
N GLY C 34 -40.86 24.71 -67.37
CA GLY C 34 -41.77 25.05 -68.48
C GLY C 34 -43.06 24.25 -68.52
N SER C 35 -42.97 22.97 -68.15
CA SER C 35 -44.10 22.03 -68.16
C SER C 35 -43.72 20.78 -67.34
N SER C 36 -44.70 19.93 -67.06
CA SER C 36 -44.50 18.72 -66.27
C SER C 36 -45.57 17.66 -66.49
N THR C 37 -45.30 16.46 -65.99
CA THR C 37 -46.28 15.37 -65.91
C THR C 37 -46.15 14.71 -64.53
N PRO C 38 -47.27 14.25 -63.94
CA PRO C 38 -47.22 13.68 -62.60
C PRO C 38 -46.32 12.45 -62.51
N GLY C 39 -45.74 12.20 -61.33
CA GLY C 39 -44.71 11.18 -61.20
C GLY C 39 -44.73 10.40 -59.91
N GLY C 40 -45.91 10.33 -59.27
CA GLY C 40 -46.09 9.55 -58.05
C GLY C 40 -46.10 10.35 -56.75
N ILE C 41 -46.80 9.81 -55.76
CA ILE C 41 -46.84 10.38 -54.42
C ILE C 41 -46.60 9.25 -53.44
N THR C 42 -45.47 9.32 -52.73
CA THR C 42 -45.08 8.33 -51.72
C THR C 42 -44.93 9.02 -50.37
N ASP C 43 -45.61 8.47 -49.35
CA ASP C 43 -45.78 9.12 -48.06
C ASP C 43 -46.21 10.58 -48.34
N TRP C 44 -45.35 11.55 -48.00
CA TRP C 44 -45.67 12.97 -48.17
C TRP C 44 -44.81 13.66 -49.22
N THR C 45 -44.22 12.87 -50.11
CA THR C 45 -43.38 13.38 -51.18
C THR C 45 -43.97 13.02 -52.55
N ALA C 46 -44.40 14.05 -53.26
CA ALA C 46 -44.84 13.95 -54.65
C ALA C 46 -43.68 14.29 -55.56
N THR C 47 -43.59 13.57 -56.68
CA THR C 47 -42.56 13.81 -57.69
C THR C 47 -43.24 14.36 -58.94
N MET C 48 -42.65 15.39 -59.53
CA MET C 48 -43.10 15.89 -60.81
C MET C 48 -41.97 15.78 -61.83
N ASN C 49 -42.28 15.22 -62.98
CA ASN C 49 -41.31 15.11 -64.07
C ASN C 49 -41.28 16.42 -64.81
N VAL C 50 -40.29 17.26 -64.48
CA VAL C 50 -40.30 18.65 -64.96
C VAL C 50 -39.40 18.84 -66.18
N ASN C 51 -40.01 19.38 -67.22
CA ASN C 51 -39.30 19.82 -68.41
C ASN C 51 -38.84 21.23 -68.22
N PHE C 52 -37.52 21.41 -68.24
CA PHE C 52 -36.92 22.73 -68.13
C PHE C 52 -36.54 23.18 -69.53
N ASP C 53 -36.83 24.45 -69.81
CA ASP C 53 -36.54 25.01 -71.13
C ASP C 53 -35.59 26.18 -70.93
N ARG C 54 -34.65 26.36 -71.87
CA ARG C 54 -33.75 27.51 -71.84
C ARG C 54 -34.55 28.77 -72.11
N ILE C 55 -34.51 29.73 -71.20
CA ILE C 55 -35.34 30.93 -71.31
C ILE C 55 -35.12 31.68 -72.64
N ASP C 56 -33.84 31.84 -73.01
CA ASP C 56 -33.43 32.54 -74.24
C ASP C 56 -33.65 31.71 -75.53
N ASN C 57 -33.65 30.38 -75.38
CA ASN C 57 -33.91 29.45 -76.50
C ASN C 57 -34.79 28.28 -76.07
N PRO C 58 -36.12 28.50 -75.96
CA PRO C 58 -36.97 27.51 -75.30
C PRO C 58 -37.10 26.15 -76.01
N SER C 59 -36.61 26.07 -77.25
CA SER C 59 -36.52 24.80 -77.98
C SER C 59 -35.54 23.82 -77.31
N ILE C 60 -34.51 24.32 -76.64
CA ILE C 60 -33.62 23.43 -75.88
C ILE C 60 -34.25 23.07 -74.54
N THR C 61 -34.53 21.78 -74.38
CA THR C 61 -35.26 21.31 -73.21
C THR C 61 -34.60 20.09 -72.55
N VAL C 62 -34.68 20.03 -71.23
CA VAL C 62 -34.21 18.88 -70.47
C VAL C 62 -35.23 18.53 -69.38
N GLN C 63 -35.25 17.26 -68.96
CA GLN C 63 -36.19 16.85 -67.93
C GLN C 63 -35.52 16.26 -66.69
N HIS C 64 -35.93 16.74 -65.52
CA HIS C 64 -35.47 16.23 -64.23
C HIS C 64 -36.65 16.06 -63.28
N PRO C 65 -36.63 14.98 -62.45
CA PRO C 65 -37.63 14.84 -61.40
C PRO C 65 -37.47 15.93 -60.33
N VAL C 66 -38.58 16.52 -59.90
CA VAL C 66 -38.57 17.52 -58.84
C VAL C 66 -39.42 17.01 -57.67
N GLN C 67 -38.81 16.92 -56.48
CA GLN C 67 -39.56 16.45 -55.30
C GLN C 67 -40.21 17.59 -54.53
N VAL C 68 -41.48 17.39 -54.16
CA VAL C 68 -42.21 18.33 -53.35
C VAL C 68 -42.70 17.56 -52.13
N GLN C 69 -42.17 17.92 -50.97
CA GLN C 69 -42.40 17.17 -49.74
C GLN C 69 -42.90 18.09 -48.64
N VAL C 70 -44.07 17.78 -48.10
CA VAL C 70 -44.57 18.41 -46.89
C VAL C 70 -43.73 17.89 -45.71
N THR C 71 -43.16 18.82 -44.93
CA THR C 71 -42.21 18.42 -43.88
C THR C 71 -42.85 18.49 -42.52
N SER C 72 -43.82 19.39 -42.40
CA SER C 72 -44.68 19.44 -41.23
C SER C 72 -46.06 19.99 -41.58
N TYR C 73 -47.10 19.27 -41.14
CA TYR C 73 -48.48 19.68 -41.32
C TYR C 73 -48.86 20.70 -40.25
N ASN C 74 -48.58 20.38 -39.00
CA ASN C 74 -48.87 21.28 -37.89
C ASN C 74 -48.08 22.57 -37.91
N ASN C 75 -46.87 22.51 -38.48
CA ASN C 75 -46.00 23.67 -38.50
C ASN C 75 -45.90 24.34 -39.85
N ASN C 76 -46.79 23.93 -40.76
CA ASN C 76 -47.00 24.61 -42.04
C ASN C 76 -45.67 24.79 -42.82
N SER C 77 -45.04 23.68 -43.17
CA SER C 77 -43.77 23.72 -43.85
C SER C 77 -43.69 22.62 -44.91
N TYR C 78 -43.12 22.99 -46.05
CA TYR C 78 -42.81 22.05 -47.10
C TYR C 78 -41.48 22.39 -47.74
N ARG C 79 -41.09 21.51 -48.65
CA ARG C 79 -39.76 21.45 -49.19
C ARG C 79 -39.81 21.10 -50.69
N VAL C 80 -38.99 21.81 -51.47
CA VAL C 80 -38.90 21.55 -52.89
C VAL C 80 -37.45 21.18 -53.21
N ARG C 81 -37.23 20.04 -53.83
CA ARG C 81 -35.86 19.59 -54.02
C ARG C 81 -35.68 18.89 -55.37
N PHE C 82 -34.56 19.17 -56.04
CA PHE C 82 -34.13 18.44 -57.24
C PHE C 82 -32.62 18.55 -57.49
N ASN C 83 -32.10 17.66 -58.34
CA ASN C 83 -30.68 17.64 -58.67
C ASN C 83 -30.48 17.60 -60.19
N PRO C 84 -30.08 18.74 -60.79
CA PRO C 84 -29.88 18.78 -62.24
C PRO C 84 -28.64 18.04 -62.70
N ASP C 85 -27.91 17.45 -61.76
CA ASP C 85 -26.60 16.83 -62.05
C ASP C 85 -26.53 15.32 -61.86
N GLY C 86 -27.58 14.74 -61.29
CA GLY C 86 -27.62 13.31 -61.04
C GLY C 86 -28.79 12.91 -60.17
N PRO C 87 -28.76 11.70 -59.57
CA PRO C 87 -29.83 11.28 -58.67
C PRO C 87 -29.93 12.19 -57.46
N ILE C 88 -31.17 12.51 -57.07
CA ILE C 88 -31.42 13.27 -55.84
C ILE C 88 -30.98 12.43 -54.61
N ARG C 89 -30.11 12.98 -53.75
CA ARG C 89 -29.72 12.21 -52.55
C ARG C 89 -29.74 12.96 -51.23
N ASP C 90 -30.14 12.24 -50.18
CA ASP C 90 -30.13 12.75 -48.82
C ASP C 90 -28.72 12.91 -48.32
N VAL C 91 -28.43 14.12 -47.83
CA VAL C 91 -27.17 14.38 -47.13
C VAL C 91 -27.11 13.54 -45.85
N THR C 92 -25.89 13.11 -45.51
CA THR C 92 -25.66 12.37 -44.27
C THR C 92 -25.23 13.36 -43.18
N ARG C 93 -24.93 14.60 -43.59
CA ARG C 93 -24.50 15.66 -42.68
C ARG C 93 -25.14 17.01 -43.02
N GLY C 94 -25.60 17.71 -41.98
CA GLY C 94 -26.16 19.05 -42.16
C GLY C 94 -27.35 19.29 -41.27
N PRO C 95 -27.87 20.53 -41.25
CA PRO C 95 -28.95 20.98 -40.39
C PRO C 95 -30.24 20.17 -40.55
N ILE C 96 -30.51 19.68 -41.77
CA ILE C 96 -31.76 18.97 -42.09
C ILE C 96 -31.43 17.55 -42.51
N LEU C 97 -31.88 16.59 -41.70
CA LEU C 97 -31.59 15.18 -41.94
C LEU C 97 -32.86 14.40 -42.17
N LYS C 98 -32.77 13.36 -43.00
CA LYS C 98 -33.87 12.45 -43.29
C LYS C 98 -34.49 11.89 -42.01
N GLN C 99 -33.65 11.42 -41.08
CA GLN C 99 -34.12 10.79 -39.85
C GLN C 99 -35.07 11.67 -39.04
N GLN C 100 -34.81 12.98 -39.00
CA GLN C 100 -35.67 13.91 -38.24
C GLN C 100 -36.99 14.19 -38.95
N LEU C 101 -36.92 14.40 -40.27
CA LEU C 101 -38.13 14.59 -41.10
C LEU C 101 -39.05 13.38 -41.01
N ASP C 102 -38.47 12.18 -40.98
CA ASP C 102 -39.21 10.95 -40.75
C ASP C 102 -39.94 10.92 -39.41
N TRP C 103 -39.22 11.33 -38.36
CA TRP C 103 -39.75 11.34 -37.01
C TRP C 103 -40.93 12.33 -36.93
N ILE C 104 -40.79 13.51 -37.52
CA ILE C 104 -41.86 14.51 -37.51
C ILE C 104 -43.13 13.92 -38.15
N ARG C 105 -42.94 13.28 -39.31
CA ARG C 105 -44.05 12.78 -40.11
C ARG C 105 -44.71 11.60 -39.41
N THR C 106 -43.91 10.66 -38.90
CA THR C 106 -44.39 9.49 -38.15
C THR C 106 -45.23 9.98 -36.97
N GLN C 107 -44.72 11.00 -36.29
CA GLN C 107 -45.44 11.65 -35.21
C GLN C 107 -46.76 12.20 -35.68
N GLU C 108 -46.72 13.05 -36.70
CA GLU C 108 -47.93 13.70 -37.19
C GLU C 108 -48.96 12.75 -37.82
N LEU C 109 -48.52 11.66 -38.47
CA LEU C 109 -49.44 10.63 -38.96
C LEU C 109 -50.22 9.95 -37.83
N SER C 110 -49.57 9.73 -36.69
CA SER C 110 -50.22 9.13 -35.53
C SER C 110 -51.25 10.09 -34.90
N GLU C 111 -51.12 11.38 -35.13
CA GLU C 111 -52.14 12.34 -34.71
C GLU C 111 -53.26 12.47 -35.77
N GLY C 112 -53.09 11.79 -36.90
CA GLY C 112 -54.10 11.84 -37.95
C GLY C 112 -54.06 13.11 -38.77
N CYS C 113 -52.86 13.67 -38.93
CA CYS C 113 -52.65 14.77 -39.85
C CYS C 113 -52.64 14.20 -41.27
N ASP C 114 -53.34 14.89 -42.20
CA ASP C 114 -53.42 14.45 -43.59
C ASP C 114 -53.36 15.67 -44.53
N PRO C 115 -52.22 15.84 -45.24
CA PRO C 115 -52.03 16.93 -46.22
C PRO C 115 -52.86 16.77 -47.50
N GLY C 116 -53.40 15.58 -47.74
CA GLY C 116 -54.30 15.30 -48.86
C GLY C 116 -53.64 15.62 -50.19
N MET C 117 -52.38 15.20 -50.33
CA MET C 117 -51.60 15.50 -51.51
C MET C 117 -52.18 14.78 -52.71
N THR C 118 -52.46 15.52 -53.78
CA THR C 118 -53.04 14.91 -54.95
C THR C 118 -52.81 15.70 -56.25
N PHE C 119 -52.68 14.95 -57.34
CA PHE C 119 -52.63 15.53 -58.67
C PHE C 119 -54.03 15.67 -59.28
N THR C 120 -54.33 16.86 -59.79
CA THR C 120 -55.60 17.13 -60.47
C THR C 120 -55.58 16.56 -61.90
N SER C 121 -56.73 16.57 -62.55
CA SER C 121 -56.85 16.06 -63.92
C SER C 121 -55.96 16.85 -64.88
N GLU C 122 -55.74 18.14 -64.60
CA GLU C 122 -54.79 18.93 -65.38
C GLU C 122 -53.32 18.72 -65.02
N GLY C 123 -53.01 17.86 -64.05
CA GLY C 123 -51.62 17.59 -63.67
C GLY C 123 -51.04 18.49 -62.57
N PHE C 124 -51.86 19.38 -62.04
CA PHE C 124 -51.48 20.31 -60.98
C PHE C 124 -51.30 19.58 -59.65
N LEU C 125 -50.33 19.99 -58.84
CA LEU C 125 -50.20 19.42 -57.50
C LEU C 125 -50.92 20.26 -56.46
N THR C 126 -51.64 19.59 -55.58
CA THR C 126 -52.44 20.27 -54.59
C THR C 126 -52.18 19.67 -53.21
N PHE C 127 -52.08 20.53 -52.20
CA PHE C 127 -51.96 20.04 -50.83
C PHE C 127 -52.32 21.10 -49.80
N GLU C 128 -52.56 20.62 -48.58
CA GLU C 128 -52.88 21.45 -47.46
C GLU C 128 -51.92 21.19 -46.31
N THR C 129 -51.77 22.17 -45.44
CA THR C 129 -51.20 21.95 -44.13
C THR C 129 -52.29 22.43 -43.16
N LYS C 130 -51.99 22.46 -41.87
CA LYS C 130 -52.95 22.92 -40.87
C LYS C 130 -53.60 24.27 -41.24
N ASP C 131 -52.79 25.24 -41.64
CA ASP C 131 -53.29 26.59 -41.89
C ASP C 131 -53.28 27.05 -43.36
N LEU C 132 -52.63 26.28 -44.24
CA LEU C 132 -52.43 26.73 -45.62
C LEU C 132 -52.91 25.74 -46.65
N SER C 133 -53.16 26.23 -47.87
CA SER C 133 -53.30 25.35 -49.02
C SER C 133 -52.39 25.81 -50.16
N VAL C 134 -51.84 24.84 -50.87
CA VAL C 134 -50.82 25.10 -51.88
C VAL C 134 -51.21 24.50 -53.22
N ILE C 135 -51.09 25.31 -54.27
CA ILE C 135 -51.27 24.81 -55.65
C ILE C 135 -49.98 24.98 -56.48
N ILE C 136 -49.53 23.91 -57.10
CA ILE C 136 -48.36 23.93 -57.99
C ILE C 136 -48.81 23.54 -59.40
N TYR C 137 -48.66 24.46 -60.36
CA TYR C 137 -49.14 24.25 -61.74
C TYR C 137 -48.15 23.46 -62.60
N GLY C 138 -48.54 23.22 -63.86
CA GLY C 138 -47.75 22.49 -64.84
C GLY C 138 -46.34 22.97 -65.03
N ASN C 139 -46.14 24.30 -65.04
CA ASN C 139 -44.79 24.91 -65.16
C ASN C 139 -44.11 25.21 -63.82
N PHE C 140 -44.67 24.62 -62.74
CA PHE C 140 -44.24 24.84 -61.35
C PHE C 140 -44.58 26.21 -60.72
N LYS C 141 -45.40 27.03 -61.37
CA LYS C 141 -45.87 28.27 -60.73
C LYS C 141 -46.63 27.89 -59.46
N THR C 142 -46.27 28.50 -58.34
CA THR C 142 -46.78 28.11 -57.02
C THR C 142 -47.47 29.27 -56.35
N ARG C 143 -48.65 29.01 -55.80
CA ARG C 143 -49.33 29.99 -54.97
C ARG C 143 -49.65 29.35 -53.61
N VAL C 144 -49.25 30.02 -52.54
CA VAL C 144 -49.50 29.55 -51.17
C VAL C 144 -50.56 30.46 -50.56
N THR C 145 -51.68 29.86 -50.16
CA THR C 145 -52.84 30.60 -49.67
C THR C 145 -53.10 30.25 -48.21
N ARG C 146 -53.44 31.25 -47.41
CA ARG C 146 -53.82 31.06 -46.02
C ARG C 146 -55.34 30.84 -45.95
N LYS C 147 -55.74 29.73 -45.34
CA LYS C 147 -57.14 29.29 -45.34
C LYS C 147 -58.10 30.26 -44.67
N SER C 148 -57.74 30.75 -43.49
CA SER C 148 -58.65 31.56 -42.66
C SER C 148 -59.21 32.80 -43.38
N ASP C 149 -58.41 33.40 -44.25
CA ASP C 149 -58.81 34.64 -44.89
C ASP C 149 -58.66 34.63 -46.41
N GLY C 150 -58.11 33.54 -46.94
CA GLY C 150 -57.88 33.41 -48.39
C GLY C 150 -56.74 34.24 -48.96
N LYS C 151 -55.84 34.72 -48.11
CA LYS C 151 -54.74 35.59 -48.54
C LYS C 151 -53.62 34.79 -49.21
N VAL C 152 -53.19 35.26 -50.39
CA VAL C 152 -52.03 34.70 -51.06
C VAL C 152 -50.80 35.18 -50.30
N ILE C 153 -50.07 34.24 -49.71
CA ILE C 153 -48.99 34.56 -48.77
C ILE C 153 -47.65 34.62 -49.51
N MET C 154 -47.48 33.71 -50.46
CA MET C 154 -46.27 33.63 -51.24
C MET C 154 -46.64 33.16 -52.66
N GLU C 155 -45.94 33.68 -53.66
CA GLU C 155 -45.96 33.09 -55.00
C GLU C 155 -44.64 33.30 -55.67
N ASN C 156 -44.23 32.30 -56.45
CA ASN C 156 -42.99 32.43 -57.20
C ASN C 156 -43.21 33.17 -58.52
N ASP C 157 -42.16 33.23 -59.31
CA ASP C 157 -42.09 34.18 -60.40
C ASP C 157 -42.09 33.45 -61.73
N GLU C 158 -42.78 34.05 -62.71
CA GLU C 158 -42.75 33.59 -64.10
C GLU C 158 -42.16 34.64 -65.02
N VAL C 159 -41.41 34.21 -66.02
CA VAL C 159 -40.97 35.10 -67.09
C VAL C 159 -41.57 34.66 -68.43
N GLY C 160 -42.01 35.63 -69.22
CA GLY C 160 -42.59 35.34 -70.52
C GLY C 160 -41.51 35.18 -71.57
N THR C 161 -41.75 34.29 -72.53
CA THR C 161 -40.94 34.16 -73.73
C THR C 161 -41.82 34.47 -74.95
N ALA C 162 -41.18 34.78 -76.08
CA ALA C 162 -41.91 35.10 -77.31
C ALA C 162 -42.57 33.88 -77.93
N SER C 163 -41.87 32.75 -77.89
CA SER C 163 -42.30 31.54 -78.61
C SER C 163 -43.07 30.54 -77.75
N SER C 164 -42.60 30.27 -76.52
CA SER C 164 -43.07 29.11 -75.76
C SER C 164 -43.76 29.38 -74.44
N GLY C 165 -44.44 30.52 -74.32
CA GLY C 165 -45.17 30.85 -73.09
C GLY C 165 -44.32 31.07 -71.83
N ASN C 166 -44.96 30.96 -70.67
CA ASN C 166 -44.34 31.31 -69.39
C ASN C 166 -43.45 30.23 -68.76
N LYS C 167 -42.24 30.63 -68.35
CA LYS C 167 -41.35 29.74 -67.61
C LYS C 167 -41.29 30.19 -66.16
N CYS C 168 -41.34 29.24 -65.24
CA CYS C 168 -41.29 29.58 -63.82
C CYS C 168 -39.86 29.70 -63.30
N ARG C 169 -39.49 30.89 -62.85
CA ARG C 169 -38.13 31.08 -62.33
C ARG C 169 -38.02 30.68 -60.86
N GLY C 170 -39.10 30.08 -60.33
CA GLY C 170 -39.05 29.42 -59.02
C GLY C 170 -38.13 28.21 -59.03
N LEU C 171 -37.90 27.65 -60.22
CA LEU C 171 -36.86 26.63 -60.39
C LEU C 171 -35.96 27.01 -61.57
N MET C 172 -34.69 27.29 -61.26
CA MET C 172 -33.71 27.76 -62.24
C MET C 172 -32.40 27.02 -62.09
N PHE C 173 -31.76 26.74 -63.22
CA PHE C 173 -30.33 26.39 -63.21
C PHE C 173 -29.64 26.71 -64.53
N VAL C 174 -28.37 27.07 -64.44
CA VAL C 174 -27.54 27.32 -65.62
C VAL C 174 -27.34 25.99 -66.37
N ASP C 175 -27.57 26.03 -67.69
CA ASP C 175 -27.23 24.94 -68.60
C ASP C 175 -25.82 24.46 -68.24
N ARG C 176 -25.64 23.16 -67.97
CA ARG C 176 -24.32 22.67 -67.58
C ARG C 176 -23.23 22.82 -68.66
N LEU C 177 -23.62 23.14 -69.89
CA LEU C 177 -22.66 23.49 -70.94
C LEU C 177 -21.87 24.76 -70.58
N TYR C 178 -22.47 25.59 -69.73
CA TYR C 178 -21.89 26.89 -69.38
C TYR C 178 -21.56 27.09 -67.89
N GLY C 179 -22.34 26.47 -67.00
CA GLY C 179 -22.16 26.67 -65.57
C GLY C 179 -22.78 25.65 -64.65
N ASN C 180 -22.84 26.01 -63.38
CA ASN C 180 -23.25 25.09 -62.32
C ASN C 180 -24.28 25.68 -61.38
N ALA C 181 -24.57 26.96 -61.51
CA ALA C 181 -25.45 27.66 -60.56
C ALA C 181 -26.93 27.24 -60.57
N ILE C 182 -27.61 27.50 -59.45
CA ILE C 182 -29.02 27.25 -59.29
C ILE C 182 -29.63 28.53 -58.73
N ALA C 183 -30.94 28.72 -58.89
CA ALA C 183 -31.64 29.89 -58.36
C ALA C 183 -33.13 29.61 -58.21
N SER C 184 -33.83 30.49 -57.50
CA SER C 184 -35.24 30.34 -57.24
C SER C 184 -35.77 31.72 -56.97
N VAL C 185 -36.74 32.15 -57.77
CA VAL C 185 -37.24 33.51 -57.73
C VAL C 185 -38.70 33.57 -57.27
N ASN C 186 -39.00 34.47 -56.32
CA ASN C 186 -40.37 34.70 -55.84
C ASN C 186 -40.79 36.11 -56.10
N LYS C 187 -42.09 36.36 -56.10
CA LYS C 187 -42.61 37.72 -56.20
C LYS C 187 -42.31 38.43 -54.86
N ASN C 188 -41.92 39.71 -54.94
CA ASN C 188 -41.47 40.50 -53.78
C ASN C 188 -42.36 41.72 -53.64
N PHE C 189 -43.07 41.79 -52.51
CA PHE C 189 -44.07 42.84 -52.30
C PHE C 189 -43.54 43.94 -51.40
N ARG C 190 -42.22 44.13 -51.37
CA ARG C 190 -41.59 45.19 -50.58
C ARG C 190 -42.23 46.57 -50.88
N ASN C 191 -42.56 46.80 -52.15
CA ASN C 191 -43.12 48.09 -52.60
C ASN C 191 -44.64 48.20 -52.53
N ASP C 192 -45.32 47.13 -52.10
CA ASP C 192 -46.77 47.15 -51.95
C ASP C 192 -47.19 48.11 -50.82
N ALA C 193 -48.13 49.00 -51.12
CA ALA C 193 -48.59 49.99 -50.14
C ALA C 193 -49.14 49.36 -48.86
N VAL C 194 -49.83 48.22 -48.99
CA VAL C 194 -50.42 47.57 -47.83
C VAL C 194 -49.49 46.51 -47.22
N LYS C 195 -48.85 45.70 -48.05
CA LYS C 195 -48.01 44.63 -47.53
C LYS C 195 -46.71 45.13 -46.91
N GLN C 196 -46.02 46.05 -47.61
CA GLN C 196 -44.72 46.59 -47.18
C GLN C 196 -43.77 45.50 -46.67
N GLU C 197 -43.69 44.42 -47.45
CA GLU C 197 -42.87 43.26 -47.07
C GLU C 197 -41.47 43.66 -46.59
N GLY C 198 -41.05 43.05 -45.48
CA GLY C 198 -39.71 43.15 -45.00
C GLY C 198 -39.06 41.77 -44.92
N PHE C 199 -37.76 41.72 -45.19
CA PHE C 199 -36.97 40.49 -45.12
C PHE C 199 -35.91 40.63 -44.00
N TYR C 200 -35.91 39.66 -43.09
CA TYR C 200 -35.05 39.65 -41.93
C TYR C 200 -34.19 38.39 -41.89
N GLY C 201 -33.12 38.41 -41.09
CA GLY C 201 -32.31 37.21 -40.84
C GLY C 201 -30.93 37.29 -41.45
N ALA C 202 -30.59 36.29 -42.25
CA ALA C 202 -29.30 36.20 -42.97
C ALA C 202 -28.03 36.24 -42.10
N GLY C 203 -28.12 35.78 -40.84
CA GLY C 203 -26.93 35.57 -39.99
C GLY C 203 -26.19 36.84 -39.61
N GLU C 204 -24.94 36.98 -40.07
CA GLU C 204 -24.07 38.08 -39.63
C GLU C 204 -23.90 39.26 -40.61
N VAL C 205 -24.67 39.27 -41.71
CA VAL C 205 -24.59 40.36 -42.69
C VAL C 205 -24.80 41.70 -41.98
N ASN C 206 -23.95 42.67 -42.30
CA ASN C 206 -24.04 44.04 -41.82
C ASN C 206 -24.62 44.92 -42.95
N CYS C 207 -25.43 45.91 -42.61
CA CYS C 207 -26.06 46.75 -43.61
C CYS C 207 -26.18 48.15 -43.07
N LYS C 208 -25.64 49.08 -43.82
CA LYS C 208 -25.54 50.45 -43.39
C LYS C 208 -26.69 51.25 -44.00
N TYR C 209 -27.31 52.11 -43.22
CA TYR C 209 -28.31 53.04 -43.76
C TYR C 209 -27.91 54.42 -43.31
N GLN C 210 -27.53 55.25 -44.28
CA GLN C 210 -26.94 56.56 -44.01
C GLN C 210 -25.72 56.40 -43.07
N ASP C 211 -25.83 56.72 -41.78
CA ASP C 211 -24.67 56.58 -40.87
C ASP C 211 -24.78 55.52 -39.78
N THR C 212 -25.81 54.67 -39.88
CA THR C 212 -26.24 53.74 -38.84
C THR C 212 -26.25 52.34 -39.43
N TYR C 213 -25.95 51.34 -38.61
CA TYR C 213 -26.13 49.97 -39.02
C TYR C 213 -27.52 49.53 -38.57
N ILE C 214 -28.23 48.82 -39.44
CA ILE C 214 -29.64 48.51 -39.22
C ILE C 214 -29.88 47.02 -39.23
N LEU C 215 -31.09 46.63 -38.81
CA LEU C 215 -31.47 45.22 -38.64
C LEU C 215 -32.08 44.55 -39.90
N GLU C 216 -33.04 45.24 -40.53
CA GLU C 216 -33.75 44.70 -41.71
C GLU C 216 -32.85 44.53 -42.93
N ARG C 217 -33.07 43.43 -43.66
CA ARG C 217 -32.27 43.08 -44.83
C ARG C 217 -33.12 43.09 -46.12
N THR C 218 -33.88 44.15 -46.34
CA THR C 218 -34.71 44.24 -47.55
C THR C 218 -34.12 45.15 -48.62
N GLY C 219 -34.18 44.70 -49.87
CA GLY C 219 -33.81 45.52 -51.02
C GLY C 219 -32.33 45.46 -51.29
N ILE C 220 -31.70 44.39 -50.82
CA ILE C 220 -30.23 44.29 -50.84
C ILE C 220 -29.77 42.96 -51.47
N ALA C 221 -28.54 42.95 -52.00
CA ALA C 221 -27.97 41.74 -52.56
C ALA C 221 -26.89 41.22 -51.61
N MET C 222 -27.12 40.03 -51.04
CA MET C 222 -26.17 39.40 -50.09
C MET C 222 -25.61 38.06 -50.57
N THR C 223 -24.52 37.63 -49.93
CA THR C 223 -23.92 36.33 -50.20
C THR C 223 -23.40 35.64 -48.95
N ASN C 224 -23.36 34.30 -48.98
CA ASN C 224 -22.73 33.48 -47.95
C ASN C 224 -21.52 32.83 -48.56
N TYR C 225 -20.39 33.20 -47.98
CA TYR C 225 -19.07 32.85 -48.51
C TYR C 225 -18.15 33.02 -47.30
N ASN C 226 -18.10 31.99 -46.45
CA ASN C 226 -17.38 32.10 -45.16
C ASN C 226 -15.96 32.60 -45.39
N TYR C 227 -15.62 33.68 -44.70
CA TYR C 227 -14.39 34.39 -45.01
C TYR C 227 -13.65 34.88 -43.75
N ASP C 228 -12.31 34.91 -43.84
CA ASP C 228 -11.43 35.45 -42.80
C ASP C 228 -11.59 36.95 -42.74
N ASN C 229 -12.76 37.41 -42.35
CA ASN C 229 -13.10 38.78 -42.64
C ASN C 229 -12.80 39.75 -41.51
N LEU C 230 -11.52 39.89 -41.15
CA LEU C 230 -11.11 40.81 -40.09
C LEU C 230 -11.71 42.20 -40.36
N ASN C 231 -12.37 42.76 -39.34
CA ASN C 231 -13.07 44.05 -39.39
C ASN C 231 -14.37 44.11 -40.22
N TYR C 232 -14.75 42.97 -40.81
CA TYR C 232 -16.01 42.86 -41.58
C TYR C 232 -15.89 43.55 -42.95
N ASN C 233 -14.67 43.92 -43.34
CA ASN C 233 -14.47 44.74 -44.56
C ASN C 233 -13.13 44.45 -45.23
N GLN C 234 -12.73 43.18 -45.31
CA GLN C 234 -11.48 42.82 -45.96
C GLN C 234 -11.39 43.35 -47.40
N TRP C 235 -10.24 43.91 -47.77
CA TRP C 235 -10.05 44.60 -49.09
C TRP C 235 -10.31 43.74 -50.32
N ASP C 236 -9.88 42.48 -50.30
CA ASP C 236 -10.19 41.54 -51.39
C ASP C 236 -11.69 41.24 -51.64
N LEU C 237 -12.59 41.83 -50.83
CA LEU C 237 -14.04 41.66 -50.97
C LEU C 237 -14.76 42.90 -51.54
N ARG C 238 -13.98 43.93 -51.88
CA ARG C 238 -14.52 45.15 -52.52
C ARG C 238 -15.17 44.91 -53.90
N PRO C 239 -16.25 45.67 -54.20
CA PRO C 239 -16.84 45.68 -55.54
C PRO C 239 -15.81 46.19 -56.55
N PRO C 240 -15.95 45.77 -57.83
CA PRO C 240 -15.08 46.25 -58.89
C PRO C 240 -14.90 47.76 -58.81
N HIS C 241 -13.65 48.20 -58.94
CA HIS C 241 -13.30 49.64 -59.04
C HIS C 241 -13.74 50.48 -57.85
N HIS C 242 -13.86 49.86 -56.67
CA HIS C 242 -14.18 50.60 -55.45
C HIS C 242 -13.07 51.60 -55.10
N ASP C 243 -13.46 52.86 -54.92
CA ASP C 243 -12.54 53.89 -54.41
C ASP C 243 -12.85 54.15 -52.95
N GLY C 244 -11.83 54.54 -52.19
CA GLY C 244 -12.05 54.96 -50.82
C GLY C 244 -12.19 53.79 -49.88
N ALA C 245 -12.44 54.09 -48.61
CA ALA C 245 -12.62 53.05 -47.60
C ALA C 245 -13.73 52.07 -48.03
N LEU C 246 -13.48 50.79 -47.81
CA LEU C 246 -14.55 49.78 -47.89
C LEU C 246 -15.12 49.63 -46.48
N ASN C 247 -16.36 50.06 -46.32
CA ASN C 247 -17.02 49.97 -45.04
C ASN C 247 -17.80 48.68 -45.02
N PRO C 248 -17.96 48.07 -43.82
CA PRO C 248 -18.77 46.86 -43.66
C PRO C 248 -20.15 47.14 -44.22
N ASP C 249 -20.62 46.22 -45.07
CA ASP C 249 -21.91 46.42 -45.74
C ASP C 249 -22.48 45.16 -46.33
N TYR C 250 -23.67 45.28 -46.93
CA TYR C 250 -24.55 44.13 -47.17
C TYR C 250 -24.05 43.12 -48.21
N TYR C 251 -23.20 43.61 -49.13
CA TYR C 251 -22.64 42.82 -50.21
C TYR C 251 -21.37 42.04 -49.82
N ILE C 252 -21.00 42.08 -48.52
CA ILE C 252 -19.75 41.48 -48.04
C ILE C 252 -20.07 40.23 -47.21
N PRO C 253 -19.49 39.09 -47.59
CA PRO C 253 -19.77 37.88 -46.83
C PRO C 253 -19.16 37.96 -45.41
N MET C 254 -19.66 37.13 -44.50
CA MET C 254 -19.15 37.12 -43.17
C MET C 254 -18.57 35.75 -42.80
N TYR C 255 -18.60 35.40 -41.52
CA TYR C 255 -18.06 34.14 -41.01
C TYR C 255 -19.07 32.99 -40.97
N TYR C 256 -20.36 33.34 -40.97
CA TYR C 256 -21.42 32.34 -40.77
C TYR C 256 -22.30 32.17 -42.02
N ALA C 257 -22.43 30.95 -42.52
CA ALA C 257 -23.30 30.73 -43.70
C ALA C 257 -24.79 30.57 -43.31
N ALA C 258 -25.59 31.60 -43.59
CA ALA C 258 -27.03 31.58 -43.32
C ALA C 258 -27.90 31.99 -44.53
N PRO C 259 -28.07 31.06 -45.50
CA PRO C 259 -29.04 31.28 -46.59
C PRO C 259 -30.50 31.17 -46.09
N TRP C 260 -30.92 32.17 -45.33
CA TRP C 260 -32.13 32.10 -44.54
C TRP C 260 -32.68 33.49 -44.36
N LEU C 261 -33.91 33.71 -44.82
CA LEU C 261 -34.62 34.96 -44.62
C LEU C 261 -35.99 34.66 -44.04
N ILE C 262 -36.50 35.61 -43.25
CA ILE C 262 -37.86 35.55 -42.78
C ILE C 262 -38.59 36.76 -43.32
N VAL C 263 -39.68 36.50 -44.02
CA VAL C 263 -40.43 37.54 -44.71
C VAL C 263 -41.59 37.91 -43.80
N ASN C 264 -41.78 39.20 -43.59
CA ASN C 264 -42.85 39.65 -42.73
C ASN C 264 -43.67 40.71 -43.45
N GLY C 265 -44.98 40.47 -43.54
CA GLY C 265 -45.87 41.34 -44.34
C GLY C 265 -47.12 41.72 -43.58
N CYS C 266 -47.65 42.90 -43.87
CA CYS C 266 -48.83 43.43 -43.18
C CYS C 266 -48.59 43.51 -41.65
N ALA C 267 -47.37 43.92 -41.29
CA ALA C 267 -46.90 43.92 -39.91
C ALA C 267 -47.78 44.73 -38.98
N GLY C 268 -48.05 44.17 -37.80
CA GLY C 268 -48.80 44.86 -36.74
C GLY C 268 -50.32 44.84 -36.85
N THR C 269 -50.84 44.27 -37.95
CA THR C 269 -52.28 44.17 -38.18
C THR C 269 -52.71 42.72 -37.99
N SER C 270 -54.01 42.50 -37.91
CA SER C 270 -54.56 41.15 -37.72
C SER C 270 -54.32 40.24 -38.93
N GLU C 271 -53.98 40.83 -40.07
CA GLU C 271 -53.67 40.03 -41.26
C GLU C 271 -52.17 39.82 -41.50
N GLN C 272 -51.35 40.16 -40.51
CA GLN C 272 -49.91 39.97 -40.60
C GLN C 272 -49.59 38.55 -41.04
N TYR C 273 -48.61 38.40 -41.92
CA TYR C 273 -48.11 37.08 -42.29
C TYR C 273 -46.58 37.01 -42.23
N SER C 274 -46.07 35.83 -41.92
CA SER C 274 -44.64 35.63 -41.73
C SER C 274 -44.31 34.28 -42.30
N TYR C 275 -43.15 34.16 -42.93
CA TYR C 275 -42.69 32.84 -43.35
C TYR C 275 -41.18 32.78 -43.58
N GLY C 276 -40.64 31.58 -43.45
CA GLY C 276 -39.21 31.34 -43.56
C GLY C 276 -38.87 30.75 -44.89
N TRP C 277 -37.70 31.12 -45.40
CA TRP C 277 -37.18 30.63 -46.65
C TRP C 277 -35.71 30.18 -46.50
N PHE C 278 -35.48 28.89 -46.62
CA PHE C 278 -34.16 28.30 -46.41
C PHE C 278 -33.73 27.62 -47.69
N MET C 279 -32.54 27.95 -48.19
CA MET C 279 -32.01 27.22 -49.31
C MET C 279 -30.80 26.42 -48.78
N ASP C 280 -31.01 25.12 -48.69
CA ASP C 280 -30.06 24.25 -48.03
C ASP C 280 -28.93 23.92 -48.99
N ASN C 281 -27.95 24.82 -49.03
CA ASN C 281 -26.82 24.67 -49.91
C ASN C 281 -25.56 25.18 -49.23
N VAL C 282 -24.47 24.42 -49.37
CA VAL C 282 -23.21 24.78 -48.77
C VAL C 282 -22.12 25.25 -49.74
N SER C 283 -22.47 25.42 -51.01
CA SER C 283 -21.60 26.15 -51.91
C SER C 283 -21.89 27.65 -51.68
N GLN C 284 -21.13 28.53 -52.35
CA GLN C 284 -21.41 29.96 -52.21
C GLN C 284 -22.89 30.21 -52.53
N SER C 285 -23.59 30.91 -51.64
CA SER C 285 -25.01 31.13 -51.86
C SER C 285 -25.34 32.61 -51.87
N TYR C 286 -26.53 32.96 -52.40
CA TYR C 286 -26.91 34.37 -52.60
C TYR C 286 -28.31 34.57 -52.10
N MET C 287 -28.60 35.78 -51.60
CA MET C 287 -29.96 36.15 -51.21
C MET C 287 -30.17 37.59 -51.69
N ASN C 288 -31.05 37.78 -52.66
CA ASN C 288 -31.34 39.11 -53.19
C ASN C 288 -32.75 39.50 -52.85
N THR C 289 -32.91 40.57 -52.07
CA THR C 289 -34.23 40.94 -51.56
C THR C 289 -34.79 42.17 -52.28
N GLY C 290 -34.44 42.28 -53.56
CA GLY C 290 -34.96 43.32 -54.43
C GLY C 290 -33.98 44.44 -54.72
N ASP C 291 -32.73 44.09 -55.02
CA ASP C 291 -31.65 45.07 -55.27
C ASP C 291 -31.33 45.26 -56.77
N THR C 292 -31.48 46.47 -57.29
CA THR C 292 -31.14 46.73 -58.70
C THR C 292 -29.66 47.03 -58.92
N THR C 293 -28.88 47.05 -57.83
CA THR C 293 -27.47 47.41 -57.89
C THR C 293 -26.72 46.33 -58.66
N TRP C 294 -25.82 46.77 -59.55
CA TRP C 294 -25.08 45.89 -60.46
C TRP C 294 -25.99 45.03 -61.35
N ASN C 295 -27.26 45.42 -61.50
CA ASN C 295 -28.27 44.54 -62.11
C ASN C 295 -28.26 43.13 -61.52
N SER C 296 -28.20 43.06 -60.19
CA SER C 296 -28.15 41.79 -59.51
C SER C 296 -29.58 41.27 -59.40
N GLY C 297 -30.53 42.18 -59.20
CA GLY C 297 -31.94 41.83 -59.08
C GLY C 297 -32.88 42.91 -59.56
N GLN C 298 -34.15 42.79 -59.15
CA GLN C 298 -35.22 43.72 -59.53
C GLN C 298 -35.98 44.11 -58.27
N GLU C 299 -36.38 45.36 -58.15
CA GLU C 299 -37.12 45.78 -56.97
C GLU C 299 -38.28 44.83 -56.57
N ASP C 300 -38.99 44.27 -57.56
CA ASP C 300 -40.20 43.48 -57.27
C ASP C 300 -39.99 41.96 -57.29
N LEU C 301 -38.74 41.51 -57.26
CA LEU C 301 -38.45 40.08 -57.18
C LEU C 301 -37.52 39.84 -56.01
N ALA C 302 -37.47 38.59 -55.56
CA ALA C 302 -36.53 38.17 -54.54
C ALA C 302 -36.06 36.80 -54.95
N TYR C 303 -34.78 36.53 -54.73
CA TYR C 303 -34.24 35.20 -55.03
C TYR C 303 -33.17 34.67 -54.10
N MET C 304 -33.10 33.35 -54.05
CA MET C 304 -31.98 32.71 -53.45
C MET C 304 -31.32 31.91 -54.54
N GLY C 305 -30.00 31.75 -54.42
CA GLY C 305 -29.24 30.98 -55.39
C GLY C 305 -27.92 30.46 -54.84
N ALA C 306 -27.21 29.72 -55.68
CA ALA C 306 -25.93 29.13 -55.30
C ALA C 306 -25.10 28.81 -56.55
N GLN C 307 -23.78 28.76 -56.37
CA GLN C 307 -22.85 28.49 -57.46
C GLN C 307 -22.92 27.03 -57.92
N TYR C 308 -23.34 26.14 -57.03
CA TYR C 308 -23.39 24.70 -57.32
C TYR C 308 -24.67 24.08 -56.81
N GLY C 309 -25.04 22.95 -57.40
CA GLY C 309 -26.20 22.18 -56.93
C GLY C 309 -25.79 21.31 -55.76
N PRO C 310 -26.74 20.53 -55.19
CA PRO C 310 -28.10 20.34 -55.66
C PRO C 310 -29.07 21.44 -55.20
N PHE C 311 -30.32 21.35 -55.63
CA PHE C 311 -31.39 22.30 -55.27
C PHE C 311 -32.21 21.68 -54.13
N ASP C 312 -32.35 22.44 -53.04
CA ASP C 312 -33.08 21.99 -51.86
C ASP C 312 -33.53 23.19 -51.02
N GLN C 313 -34.83 23.44 -51.01
CA GLN C 313 -35.39 24.67 -50.52
C GLN C 313 -36.55 24.40 -49.55
N HIS C 314 -36.60 25.13 -48.43
CA HIS C 314 -37.69 24.97 -47.46
C HIS C 314 -38.48 26.25 -47.32
N PHE C 315 -39.80 26.12 -47.25
CA PHE C 315 -40.74 27.21 -46.96
C PHE C 315 -41.32 26.88 -45.58
N VAL C 316 -41.16 27.78 -44.63
CA VAL C 316 -41.46 27.51 -43.23
C VAL C 316 -42.43 28.58 -42.70
N TYR C 317 -43.72 28.27 -42.67
CA TYR C 317 -44.69 29.28 -42.23
C TYR C 317 -44.87 29.32 -40.70
N GLY C 318 -44.61 28.20 -40.04
CA GLY C 318 -44.76 28.13 -38.58
C GLY C 318 -46.20 27.86 -38.12
N ALA C 319 -46.38 27.61 -36.82
CA ALA C 319 -47.67 27.17 -36.28
C ALA C 319 -48.56 28.32 -35.79
N GLY C 320 -48.08 29.07 -34.81
CA GLY C 320 -48.81 30.26 -34.37
C GLY C 320 -48.59 31.38 -35.38
N GLY C 321 -48.89 32.61 -34.98
CA GLY C 321 -48.65 33.79 -35.82
C GLY C 321 -47.38 34.55 -35.44
N GLY C 322 -46.78 35.23 -36.41
CA GLY C 322 -45.65 36.11 -36.13
C GLY C 322 -44.29 35.47 -36.39
N MET C 323 -43.27 36.32 -36.36
CA MET C 323 -41.92 35.92 -36.74
C MET C 323 -41.29 34.84 -35.84
N GLU C 324 -41.44 34.97 -34.52
CA GLU C 324 -40.86 34.01 -33.60
C GLU C 324 -41.28 32.57 -33.90
N VAL C 326 -41.87 31.30 -36.81
CA VAL C 326 -41.05 30.82 -37.94
C VAL C 326 -39.74 30.21 -37.45
N VAL C 327 -39.10 30.91 -36.51
CA VAL C 327 -37.83 30.46 -35.93
C VAL C 327 -38.03 29.11 -35.23
N THR C 328 -39.06 29.01 -34.39
CA THR C 328 -39.32 27.75 -33.65
C THR C 328 -39.58 26.52 -34.56
N ALA C 329 -40.28 26.71 -35.68
CA ALA C 329 -40.60 25.63 -36.62
C ALA C 329 -39.38 25.23 -37.45
N PHE C 330 -38.55 26.21 -37.81
CA PHE C 330 -37.27 25.94 -38.45
C PHE C 330 -36.37 25.09 -37.55
N SER C 331 -36.38 25.39 -36.24
CA SER C 331 -35.60 24.65 -35.25
C SER C 331 -36.07 23.20 -35.09
N LEU C 332 -37.38 22.96 -35.27
CA LEU C 332 -37.92 21.60 -35.29
C LEU C 332 -37.38 20.78 -36.46
N LEU C 333 -37.30 21.38 -37.66
CA LEU C 333 -36.78 20.69 -38.84
C LEU C 333 -35.32 20.25 -38.59
N GLN C 334 -34.60 21.05 -37.80
CA GLN C 334 -33.21 20.79 -37.42
C GLN C 334 -33.09 20.01 -36.11
N GLY C 335 -34.21 19.53 -35.56
CA GLY C 335 -34.27 19.03 -34.17
C GLY C 335 -33.65 17.66 -33.97
N LYS C 336 -33.43 17.27 -32.72
CA LYS C 336 -32.89 15.93 -32.40
C LYS C 336 -33.88 14.99 -31.68
N GLU C 337 -35.17 15.31 -31.79
CA GLU C 337 -36.24 14.43 -31.28
C GLU C 337 -36.09 12.97 -31.76
N PHE C 338 -35.55 12.77 -32.96
CA PHE C 338 -35.36 11.42 -33.49
C PHE C 338 -34.31 10.60 -32.73
N GLU C 339 -33.45 11.27 -31.97
CA GLU C 339 -32.45 10.60 -31.15
C GLU C 339 -32.93 10.46 -29.71
N ASN C 340 -34.18 10.85 -29.47
CA ASN C 340 -34.78 10.89 -28.12
C ASN C 340 -34.09 11.79 -27.09
N GLN C 341 -33.54 12.91 -27.53
CA GLN C 341 -32.87 13.83 -26.59
C GLN C 341 -33.83 14.30 -25.53
N VAL C 342 -33.48 14.09 -24.25
CA VAL C 342 -34.37 14.51 -23.18
C VAL C 342 -34.33 16.02 -22.94
N LEU C 343 -33.19 16.62 -23.25
CA LEU C 343 -32.97 18.06 -23.04
C LEU C 343 -32.61 18.83 -24.32
N ASN C 344 -31.63 18.30 -25.05
CA ASN C 344 -30.97 18.96 -26.17
C ASN C 344 -31.68 18.74 -27.53
N LYS C 345 -32.96 19.08 -27.56
CA LYS C 345 -33.80 18.87 -28.72
C LYS C 345 -33.49 19.82 -29.87
N ARG C 346 -33.39 21.11 -29.56
CA ARG C 346 -33.25 22.14 -30.59
C ARG C 346 -31.87 22.82 -30.66
N SER C 347 -31.00 22.52 -29.69
CA SER C 347 -29.63 23.08 -29.54
C SER C 347 -29.02 22.38 -28.31
N VAL C 348 -27.73 22.57 -28.05
CA VAL C 348 -27.13 21.97 -26.87
C VAL C 348 -26.98 23.00 -25.78
N MET C 349 -27.50 22.67 -24.58
CA MET C 349 -27.30 23.47 -23.35
C MET C 349 -25.80 23.68 -22.98
N PRO C 350 -25.39 24.92 -22.64
CA PRO C 350 -24.02 25.16 -22.18
C PRO C 350 -23.94 24.82 -20.70
N PRO C 351 -22.72 24.76 -20.12
CA PRO C 351 -22.66 24.85 -18.65
C PRO C 351 -23.06 26.27 -18.29
N LYS C 352 -23.53 26.49 -17.07
CA LYS C 352 -23.96 27.82 -16.60
C LYS C 352 -22.89 28.92 -16.73
N TYR C 353 -21.63 28.55 -16.47
CA TYR C 353 -20.48 29.47 -16.57
C TYR C 353 -20.36 30.23 -17.91
N VAL C 354 -20.84 29.65 -19.01
CA VAL C 354 -20.80 30.31 -20.33
C VAL C 354 -21.48 31.71 -20.31
N PHE C 355 -22.38 31.90 -19.36
CA PHE C 355 -23.02 33.20 -19.19
C PHE C 355 -22.21 34.18 -18.35
N GLY C 356 -21.01 33.78 -17.95
CA GLY C 356 -20.12 34.64 -17.16
C GLY C 356 -19.50 35.76 -17.98
N PHE C 357 -18.90 36.74 -17.30
CA PHE C 357 -18.05 37.71 -18.00
C PHE C 357 -16.60 37.19 -18.14
N PHE C 358 -16.12 37.12 -19.38
CA PHE C 358 -14.75 36.63 -19.67
C PHE C 358 -13.86 37.72 -20.24
N GLN C 359 -12.54 37.61 -19.97
CA GLN C 359 -11.54 38.49 -20.57
C GLN C 359 -10.59 37.65 -21.39
N GLY C 360 -10.48 37.96 -22.68
CA GLY C 360 -9.39 37.45 -23.50
C GLY C 360 -8.40 38.57 -23.83
N VAL C 361 -7.14 38.19 -24.03
CA VAL C 361 -6.13 39.10 -24.55
C VAL C 361 -5.26 38.39 -25.58
N PHE C 362 -5.27 38.91 -26.80
CA PHE C 362 -4.26 38.52 -27.77
C PHE C 362 -2.98 39.36 -27.57
N GLY C 363 -1.99 38.71 -26.96
CA GLY C 363 -0.73 39.35 -26.52
C GLY C 363 -0.44 39.26 -25.02
N THR C 364 -0.68 38.09 -24.40
CA THR C 364 -0.23 37.81 -23.02
C THR C 364 1.06 37.00 -23.10
N SER C 365 2.00 37.21 -22.18
CA SER C 365 3.37 36.65 -22.31
C SER C 365 3.67 35.48 -21.36
N SER C 366 2.87 35.38 -20.30
CA SER C 366 3.09 34.37 -19.27
C SER C 366 1.87 34.25 -18.37
N LEU C 367 1.88 33.17 -17.58
CA LEU C 367 0.91 33.00 -16.49
C LEU C 367 1.19 33.99 -15.37
N LEU C 368 2.40 33.92 -14.82
CA LEU C 368 2.79 34.66 -13.58
C LEU C 368 3.70 35.84 -13.91
N ARG C 369 3.60 36.90 -13.11
CA ARG C 369 4.54 38.00 -13.24
C ARG C 369 5.98 37.52 -13.10
N ALA C 370 6.21 36.56 -12.20
CA ALA C 370 7.57 36.11 -11.87
C ALA C 370 8.28 35.38 -13.03
N HIS C 371 7.51 35.02 -14.06
CA HIS C 371 8.09 34.38 -15.24
C HIS C 371 7.72 35.08 -16.55
N MET C 372 7.21 36.31 -16.42
CA MET C 372 6.95 37.17 -17.59
C MET C 372 8.26 37.68 -18.22
N PRO C 373 8.52 37.37 -19.51
CA PRO C 373 9.70 37.94 -20.21
C PRO C 373 9.57 39.46 -20.26
N ALA C 374 10.67 40.19 -20.22
CA ALA C 374 10.57 41.64 -20.33
C ALA C 374 10.29 42.04 -21.80
N GLY C 375 9.53 43.12 -21.97
CA GLY C 375 9.19 43.66 -23.27
C GLY C 375 8.17 44.76 -23.01
N GLU C 376 8.15 45.76 -23.90
CA GLU C 376 7.31 46.92 -23.73
C GLU C 376 5.83 46.51 -23.79
N ASN C 377 5.07 46.96 -22.78
CA ASN C 377 3.65 46.65 -22.58
C ASN C 377 3.28 45.18 -22.32
N ASN C 378 4.27 44.31 -22.15
CA ASN C 378 3.99 42.92 -21.77
C ASN C 378 3.14 42.83 -20.51
N ILE C 379 2.34 41.77 -20.48
CA ILE C 379 1.44 41.50 -19.37
C ILE C 379 1.29 40.00 -19.12
N SER C 380 1.10 39.64 -17.84
CA SER C 380 0.77 38.28 -17.43
C SER C 380 -0.74 38.08 -17.19
N VAL C 381 -1.19 36.85 -17.35
CA VAL C 381 -2.50 36.38 -16.88
C VAL C 381 -2.76 36.86 -15.43
N GLU C 382 -1.72 36.73 -14.58
CA GLU C 382 -1.84 37.07 -13.17
C GLU C 382 -2.28 38.53 -12.97
N GLU C 383 -1.63 39.47 -13.64
CA GLU C 383 -2.01 40.88 -13.52
C GLU C 383 -3.45 41.18 -13.96
N ILE C 384 -3.92 40.48 -15.01
CA ILE C 384 -5.32 40.59 -15.48
C ILE C 384 -6.29 40.06 -14.41
N VAL C 385 -6.01 38.86 -13.90
CA VAL C 385 -6.88 38.32 -12.82
C VAL C 385 -6.88 39.24 -11.59
N GLU C 386 -5.69 39.75 -11.26
CA GLU C 386 -5.53 40.59 -10.08
C GLU C 386 -6.33 41.88 -10.25
N GLY C 387 -6.27 42.49 -11.42
CA GLY C 387 -7.02 43.73 -11.66
C GLY C 387 -8.54 43.56 -11.46
N TYR C 388 -9.09 42.49 -12.03
CA TYR C 388 -10.52 42.16 -11.84
C TYR C 388 -10.93 41.77 -10.42
N GLN C 389 -10.18 40.88 -9.79
CA GLN C 389 -10.53 40.44 -8.45
C GLN C 389 -10.26 41.49 -7.37
N ASN C 390 -9.15 42.22 -7.42
CA ASN C 390 -8.86 43.30 -6.47
C ASN C 390 -9.88 44.43 -6.50
N ASN C 391 -10.52 44.57 -7.67
CA ASN C 391 -11.48 45.62 -7.90
C ASN C 391 -12.94 45.14 -7.79
N ASN C 392 -13.07 43.92 -7.28
CA ASN C 392 -14.37 43.28 -7.02
C ASN C 392 -15.32 43.30 -8.21
N PHE C 393 -14.81 42.93 -9.38
CA PHE C 393 -15.63 42.59 -10.52
C PHE C 393 -16.12 41.15 -10.44
N PRO C 394 -17.40 40.91 -10.75
CA PRO C 394 -17.79 39.53 -11.02
C PRO C 394 -17.01 39.12 -12.26
N PHE C 395 -16.36 37.97 -12.23
CA PHE C 395 -15.43 37.67 -13.30
C PHE C 395 -15.26 36.18 -13.41
N GLU C 396 -15.43 35.67 -14.61
CA GLU C 396 -15.64 34.26 -14.76
C GLU C 396 -14.36 33.52 -15.12
N GLY C 397 -13.45 34.22 -15.78
CA GLY C 397 -12.29 33.53 -16.34
C GLY C 397 -11.75 34.12 -17.62
N LEU C 398 -10.91 33.33 -18.28
CA LEU C 398 -10.04 33.84 -19.31
C LEU C 398 -10.24 33.13 -20.62
N ALA C 399 -10.07 33.88 -21.70
CA ALA C 399 -9.91 33.29 -23.02
C ALA C 399 -8.40 33.35 -23.28
N VAL C 400 -7.75 32.20 -23.17
CA VAL C 400 -6.30 32.12 -23.32
C VAL C 400 -5.93 31.87 -24.79
N ASP C 401 -5.20 32.80 -25.37
CA ASP C 401 -5.06 32.81 -26.80
C ASP C 401 -3.90 31.94 -27.26
N VAL C 402 -3.64 32.05 -28.55
CA VAL C 402 -2.64 31.25 -29.22
C VAL C 402 -1.20 31.52 -28.67
N ASP C 403 -1.05 32.59 -27.87
CA ASP C 403 0.19 32.91 -27.12
C ASP C 403 0.68 31.80 -26.22
N MET C 404 -0.26 31.04 -25.66
CA MET C 404 0.08 30.00 -24.70
C MET C 404 0.78 28.79 -25.33
N GLN C 405 0.53 28.55 -26.62
CA GLN C 405 1.05 27.37 -27.33
C GLN C 405 2.57 27.43 -27.57
N ASP C 406 3.20 26.28 -27.73
CA ASP C 406 4.60 26.23 -28.16
C ASP C 406 4.71 26.57 -29.65
N ASN C 407 4.97 27.84 -29.96
CA ASN C 407 5.19 28.27 -31.36
C ASN C 407 4.09 27.80 -32.33
N LEU C 408 2.85 28.18 -32.04
CA LEU C 408 1.66 27.94 -32.89
C LEU C 408 1.31 26.45 -33.13
N ARG C 409 1.75 25.58 -32.21
CA ARG C 409 1.42 24.15 -32.27
C ARG C 409 0.16 23.90 -31.44
N VAL C 410 -0.92 23.54 -32.13
CA VAL C 410 -2.18 23.42 -31.42
C VAL C 410 -2.12 22.22 -30.49
N PHE C 411 -2.78 22.35 -29.34
CA PHE C 411 -2.87 21.34 -28.26
C PHE C 411 -1.60 21.27 -27.40
N THR C 412 -0.65 22.19 -27.60
CA THR C 412 0.55 22.32 -26.75
C THR C 412 0.47 23.56 -25.86
N THR C 413 1.32 23.59 -24.82
CA THR C 413 1.55 24.78 -23.98
C THR C 413 3.05 24.99 -23.89
N LYS C 414 3.49 26.22 -23.61
CA LYS C 414 4.89 26.44 -23.22
C LYS C 414 5.09 26.69 -21.71
N GLY C 415 6.35 26.54 -21.26
CA GLY C 415 6.70 26.68 -19.84
C GLY C 415 6.26 27.95 -19.13
N GLU C 416 6.28 29.10 -19.82
CA GLU C 416 5.88 30.38 -19.22
C GLU C 416 4.44 30.42 -18.77
N PHE C 417 3.66 29.43 -19.17
CA PHE C 417 2.24 29.38 -18.79
C PHE C 417 1.93 28.38 -17.67
N TRP C 418 2.98 27.98 -16.96
CA TRP C 418 2.93 27.09 -15.80
C TRP C 418 3.61 27.80 -14.65
N THR C 419 3.13 27.52 -13.44
CA THR C 419 3.60 28.22 -12.23
C THR C 419 5.07 27.91 -11.91
N ALA C 420 5.57 26.73 -12.27
CA ALA C 420 7.00 26.44 -12.11
C ALA C 420 7.84 26.77 -13.35
N ASN C 421 7.29 27.53 -14.30
CA ASN C 421 7.97 27.86 -15.56
C ASN C 421 8.52 26.65 -16.37
N ARG C 422 7.80 25.53 -16.33
CA ARG C 422 8.10 24.36 -17.16
C ARG C 422 6.79 23.59 -17.40
N VAL C 423 6.69 22.86 -18.54
CA VAL C 423 5.50 22.08 -18.89
C VAL C 423 5.40 20.81 -18.02
N GLY C 424 4.29 20.61 -17.32
CA GLY C 424 4.05 19.31 -16.63
C GLY C 424 2.95 18.52 -17.30
N THR C 425 2.56 17.38 -16.74
CA THR C 425 1.47 16.60 -17.32
C THR C 425 0.11 16.73 -16.59
N GLY C 426 0.01 17.61 -15.59
CA GLY C 426 -1.25 17.84 -14.87
C GLY C 426 -1.27 17.20 -13.50
N GLY C 427 -1.97 17.83 -12.56
CA GLY C 427 -2.20 17.23 -11.23
C GLY C 427 -1.05 17.33 -10.23
N ASP C 428 -0.06 18.17 -10.55
CA ASP C 428 1.09 18.45 -9.70
C ASP C 428 0.81 19.76 -8.93
N PRO C 429 0.60 19.69 -7.59
CA PRO C 429 0.32 20.95 -6.85
C PRO C 429 1.51 21.93 -6.83
N ASN C 430 2.69 21.41 -7.11
CA ASN C 430 3.88 22.28 -7.21
C ASN C 430 4.21 22.89 -8.60
N ASN C 431 3.40 22.60 -9.62
CA ASN C 431 3.58 23.16 -10.97
C ASN C 431 2.22 23.16 -11.64
N ARG C 432 1.44 24.21 -11.39
CA ARG C 432 0.08 24.31 -11.93
C ARG C 432 0.10 24.98 -13.31
N SER C 433 -0.70 24.43 -14.23
CA SER C 433 -0.87 25.03 -15.54
C SER C 433 -1.69 26.27 -15.32
N VAL C 434 -1.74 27.12 -16.35
CA VAL C 434 -2.64 28.28 -16.34
C VAL C 434 -4.08 27.90 -15.97
N PHE C 435 -4.54 26.73 -16.44
CA PHE C 435 -5.92 26.28 -16.22
C PHE C 435 -6.14 25.81 -14.77
N GLU C 436 -5.15 25.14 -14.19
CA GLU C 436 -5.26 24.68 -12.80
C GLU C 436 -5.15 25.84 -11.80
N TRP C 437 -4.22 26.75 -12.09
CA TRP C 437 -4.04 28.00 -11.34
C TRP C 437 -5.33 28.83 -11.35
N ALA C 438 -5.94 28.94 -12.53
CA ALA C 438 -7.19 29.68 -12.67
C ALA C 438 -8.35 29.05 -11.85
N HIS C 439 -8.41 27.73 -11.86
CA HIS C 439 -9.37 26.98 -11.03
C HIS C 439 -9.25 27.38 -9.57
N ASP C 440 -7.99 27.56 -9.13
CA ASP C 440 -7.69 27.89 -7.73
C ASP C 440 -8.11 29.31 -7.41
N LYS C 441 -8.30 30.13 -8.45
CA LYS C 441 -8.82 31.49 -8.30
C LYS C 441 -10.36 31.56 -8.42
N GLY C 442 -11.01 30.41 -8.56
CA GLY C 442 -12.44 30.37 -8.77
C GLY C 442 -12.89 30.58 -10.23
N LEU C 443 -11.96 30.49 -11.20
CA LEU C 443 -12.26 30.79 -12.59
C LEU C 443 -12.29 29.56 -13.45
N VAL C 444 -12.80 29.75 -14.68
CA VAL C 444 -12.73 28.72 -15.74
C VAL C 444 -12.20 29.34 -17.02
N CYS C 445 -11.64 28.53 -17.90
CA CYS C 445 -11.03 29.06 -19.12
C CYS C 445 -11.47 28.33 -20.39
N GLN C 446 -11.49 29.08 -21.49
CA GLN C 446 -11.41 28.51 -22.83
C GLN C 446 -10.05 28.84 -23.40
N THR C 447 -9.63 28.04 -24.38
CA THR C 447 -8.39 28.31 -25.07
C THR C 447 -8.64 28.19 -26.58
N ASN C 448 -7.91 28.99 -27.37
CA ASN C 448 -8.02 29.04 -28.80
C ASN C 448 -7.53 27.74 -29.45
N ILE C 449 -8.44 26.99 -30.05
CA ILE C 449 -8.11 25.81 -30.86
C ILE C 449 -8.35 26.11 -32.35
N THR C 450 -7.28 26.03 -33.13
CA THR C 450 -7.35 26.17 -34.57
C THR C 450 -7.21 24.81 -35.22
N CYS C 451 -7.56 24.75 -36.51
CA CYS C 451 -7.64 23.53 -37.35
C CYS C 451 -6.39 23.28 -38.15
N PHE C 452 -5.34 24.05 -37.91
CA PHE C 452 -4.11 23.79 -38.66
C PHE C 452 -3.04 23.14 -37.80
N LEU C 453 -2.38 22.14 -38.38
CA LEU C 453 -1.36 21.37 -37.69
C LEU C 453 0.00 21.76 -38.25
N ARG C 454 0.71 22.57 -37.47
CA ARG C 454 2.02 23.09 -37.86
C ARG C 454 2.93 22.04 -38.48
N ASN C 455 3.47 22.35 -39.66
CA ASN C 455 4.21 21.42 -40.50
C ASN C 455 5.73 21.59 -40.48
N ASP C 456 6.20 22.82 -40.30
CA ASP C 456 7.64 23.13 -40.26
C ASP C 456 8.14 23.17 -38.82
N ASN C 457 8.61 22.02 -38.34
CA ASN C 457 8.87 21.87 -36.91
C ASN C 457 10.33 21.90 -36.49
N GLU C 458 11.20 22.15 -37.46
CA GLU C 458 12.60 22.47 -37.23
C GLU C 458 13.28 21.46 -36.30
N GLY C 459 13.17 20.18 -36.64
CA GLY C 459 13.75 19.09 -35.84
C GLY C 459 13.07 18.79 -34.50
N GLN C 460 12.02 19.55 -34.17
CA GLN C 460 11.31 19.38 -32.91
C GLN C 460 10.07 18.51 -33.06
N ASP C 461 9.94 17.51 -32.19
CA ASP C 461 8.81 16.59 -32.24
C ASP C 461 7.49 17.29 -32.01
N TYR C 462 6.57 17.07 -32.95
CA TYR C 462 5.20 17.51 -32.78
C TYR C 462 4.28 16.34 -33.14
N GLU C 463 3.92 15.58 -32.11
CA GLU C 463 3.14 14.37 -32.24
C GLU C 463 1.82 14.54 -33.02
N VAL C 464 1.13 15.67 -32.82
CA VAL C 464 -0.16 15.88 -33.50
C VAL C 464 0.01 15.80 -35.02
N ASN C 465 0.94 16.61 -35.54
CA ASN C 465 1.28 16.58 -36.96
C ASN C 465 1.77 15.19 -37.39
N GLN C 466 2.70 14.63 -36.63
CA GLN C 466 3.30 13.36 -36.98
C GLN C 466 2.27 12.23 -37.11
N THR C 467 1.29 12.17 -36.19
CA THR C 467 0.25 11.15 -36.30
C THR C 467 -0.79 11.50 -37.36
N LEU C 468 -0.95 12.77 -37.70
CA LEU C 468 -1.77 13.15 -38.85
C LEU C 468 -1.18 12.50 -40.11
N ARG C 469 0.14 12.57 -40.21
CA ARG C 469 0.90 12.10 -41.37
C ARG C 469 0.86 10.58 -41.56
N GLU C 470 1.28 9.84 -40.53
CA GLU C 470 1.34 8.38 -40.61
C GLU C 470 -0.05 7.75 -40.79
N ARG C 471 -1.07 8.35 -40.17
CA ARG C 471 -2.46 7.93 -40.32
C ARG C 471 -3.07 8.41 -41.65
N GLN C 472 -2.33 9.27 -42.37
CA GLN C 472 -2.77 9.86 -43.64
C GLN C 472 -4.16 10.45 -43.58
N LEU C 473 -4.32 11.42 -42.67
CA LEU C 473 -5.63 12.03 -42.44
C LEU C 473 -5.70 13.46 -42.97
N TYR C 474 -4.57 13.92 -43.52
CA TYR C 474 -4.45 15.24 -44.10
C TYR C 474 -5.13 15.33 -45.48
N THR C 475 -5.61 16.53 -45.79
CA THR C 475 -6.11 16.84 -47.11
C THR C 475 -4.97 16.70 -48.10
N LYS C 476 -5.27 16.18 -49.28
CA LYS C 476 -4.25 15.90 -50.28
C LYS C 476 -4.02 17.11 -51.17
N ASN C 477 -3.03 17.02 -52.04
CA ASN C 477 -2.71 18.09 -52.96
C ASN C 477 -3.30 17.83 -54.37
N ASP C 478 -4.29 16.93 -54.43
CA ASP C 478 -4.93 16.47 -55.66
C ASP C 478 -5.99 17.44 -56.19
N SER C 479 -6.17 17.46 -57.51
CA SER C 479 -7.22 18.25 -58.14
C SER C 479 -7.64 17.72 -59.51
N LEU C 480 -8.75 18.23 -60.03
CA LEU C 480 -9.24 17.80 -61.34
C LEU C 480 -8.60 18.63 -62.45
N THR C 481 -7.93 19.70 -62.07
CA THR C 481 -7.34 20.65 -63.00
C THR C 481 -5.82 20.60 -63.01
N GLY C 482 -5.23 19.69 -62.24
CA GLY C 482 -3.78 19.64 -62.10
C GLY C 482 -3.18 20.97 -61.70
N THR C 483 -3.84 21.65 -60.75
CA THR C 483 -3.32 22.87 -60.14
C THR C 483 -2.22 22.52 -59.09
N ASP C 484 -1.07 23.19 -59.18
CA ASP C 484 0.06 23.01 -58.25
C ASP C 484 -0.06 23.92 -57.00
N PHE C 485 -0.56 23.37 -55.91
CA PHE C 485 -0.84 24.14 -54.69
C PHE C 485 0.44 24.49 -53.91
N GLY C 486 1.51 23.74 -54.21
CA GLY C 486 2.83 24.01 -53.64
C GLY C 486 3.34 22.86 -52.81
N MET C 487 4.65 22.86 -52.55
CA MET C 487 5.32 21.82 -51.77
C MET C 487 6.51 22.41 -51.00
N THR C 488 6.77 21.87 -49.80
CA THR C 488 8.03 22.16 -49.08
C THR C 488 8.87 20.90 -48.87
N ASP C 489 10.03 21.08 -48.25
CA ASP C 489 10.97 19.98 -47.95
C ASP C 489 10.41 19.02 -46.89
N ASP C 490 9.51 19.53 -46.06
CA ASP C 490 8.89 18.76 -45.00
C ASP C 490 7.99 17.65 -45.56
N GLY C 491 7.35 17.92 -46.70
CA GLY C 491 6.36 16.99 -47.23
C GLY C 491 5.11 17.01 -46.36
N PRO C 492 4.27 15.95 -46.45
CA PRO C 492 4.40 14.81 -47.36
C PRO C 492 4.23 15.26 -48.82
N SER C 493 4.75 14.49 -49.77
CA SER C 493 4.69 14.88 -51.18
C SER C 493 3.25 14.99 -51.71
N ASP C 494 2.33 14.24 -51.11
CA ASP C 494 0.95 14.25 -51.59
C ASP C 494 0.00 15.12 -50.77
N ALA C 495 0.52 16.07 -49.99
CA ALA C 495 -0.33 16.86 -49.08
C ALA C 495 -0.55 18.30 -49.46
N TYR C 496 -1.76 18.78 -49.19
CA TYR C 496 -2.01 20.20 -49.26
C TYR C 496 -1.31 20.89 -48.10
N ILE C 497 -0.39 21.77 -48.44
CA ILE C 497 0.30 22.53 -47.43
C ILE C 497 -0.10 23.97 -47.57
N GLY C 498 -0.77 24.47 -46.54
CA GLY C 498 -1.10 25.89 -46.44
C GLY C 498 -0.15 26.65 -45.54
N HIS C 499 -0.41 27.94 -45.40
CA HIS C 499 0.42 28.80 -44.59
C HIS C 499 -0.41 29.75 -43.74
N LEU C 500 0.10 30.04 -42.55
CA LEU C 500 -0.51 30.97 -41.63
C LEU C 500 0.47 32.08 -41.28
N ASP C 501 -0.03 33.29 -41.14
CA ASP C 501 0.79 34.46 -40.84
C ASP C 501 -0.04 35.37 -39.96
N TYR C 502 0.36 35.46 -38.68
CA TYR C 502 -0.38 36.20 -37.66
C TYR C 502 0.07 37.65 -37.52
N GLY C 503 1.38 37.85 -37.45
CA GLY C 503 1.97 39.17 -37.19
C GLY C 503 3.28 39.35 -37.92
N GLY C 504 4.34 39.65 -37.17
CA GLY C 504 5.66 39.82 -37.74
C GLY C 504 6.56 38.65 -37.40
N GLY C 505 6.74 37.75 -38.37
CA GLY C 505 7.50 36.52 -38.15
C GLY C 505 6.71 35.50 -37.37
N VAL C 506 5.46 35.84 -37.03
CA VAL C 506 4.57 34.92 -36.31
C VAL C 506 3.82 34.08 -37.36
N GLU C 507 4.48 33.06 -37.87
CA GLU C 507 3.98 32.34 -39.07
C GLU C 507 4.37 30.86 -39.07
N CYS C 508 3.63 30.03 -39.81
CA CYS C 508 4.02 28.62 -40.04
C CYS C 508 3.33 27.94 -41.21
N ASP C 509 3.98 26.91 -41.75
CA ASP C 509 3.35 25.98 -42.69
C ASP C 509 2.45 25.02 -41.92
N ALA C 510 1.37 24.59 -42.56
CA ALA C 510 0.43 23.68 -41.90
C ALA C 510 -0.24 22.66 -42.81
N LEU C 511 -0.53 21.50 -42.22
CA LEU C 511 -1.41 20.50 -42.81
C LEU C 511 -2.82 20.72 -42.24
N PHE C 512 -3.83 20.15 -42.89
CA PHE C 512 -5.22 20.27 -42.43
C PHE C 512 -5.95 18.92 -42.53
N PRO C 513 -6.80 18.58 -41.53
CA PRO C 513 -7.54 17.29 -41.58
C PRO C 513 -8.59 17.25 -42.69
N ASP C 514 -8.63 16.15 -43.43
CA ASP C 514 -9.65 15.91 -44.44
C ASP C 514 -10.94 15.44 -43.78
N TRP C 515 -11.68 16.39 -43.21
CA TRP C 515 -12.82 16.13 -42.33
C TRP C 515 -13.83 15.13 -42.83
N GLY C 516 -13.99 15.05 -44.15
CA GLY C 516 -14.97 14.18 -44.79
C GLY C 516 -14.71 12.70 -44.56
N ARG C 517 -13.44 12.37 -44.30
CA ARG C 517 -13.02 11.00 -44.02
C ARG C 517 -13.58 10.51 -42.68
N PRO C 518 -14.11 9.26 -42.66
CA PRO C 518 -14.77 8.72 -41.43
C PRO C 518 -13.85 8.49 -40.21
N ASP C 519 -12.54 8.39 -40.43
CA ASP C 519 -11.57 8.12 -39.36
C ASP C 519 -10.97 9.39 -38.73
N VAL C 520 -11.19 10.55 -39.35
CA VAL C 520 -10.60 11.81 -38.89
C VAL C 520 -11.16 12.32 -37.55
N ALA C 521 -12.48 12.33 -37.41
CA ALA C 521 -13.14 12.85 -36.21
C ALA C 521 -12.62 12.25 -34.91
N GLU C 522 -12.42 10.93 -34.88
CA GLU C 522 -11.92 10.22 -33.69
C GLU C 522 -10.47 10.62 -33.35
N TRP C 523 -9.64 10.74 -34.38
CA TRP C 523 -8.25 11.19 -34.19
C TRP C 523 -8.22 12.59 -33.59
N TRP C 524 -9.05 13.47 -34.16
CA TRP C 524 -9.08 14.88 -33.78
C TRP C 524 -9.56 15.08 -32.34
N GLY C 525 -10.65 14.40 -31.99
CA GLY C 525 -11.19 14.51 -30.63
C GLY C 525 -10.22 14.04 -29.56
N ASN C 526 -9.45 13.01 -29.87
CA ASN C 526 -8.50 12.46 -28.93
C ASN C 526 -7.43 13.47 -28.49
N ASN C 527 -7.12 14.42 -29.37
CA ASN C 527 -6.15 15.47 -29.08
C ASN C 527 -6.56 16.39 -27.95
N TYR C 528 -7.86 16.57 -27.75
CA TYR C 528 -8.40 17.41 -26.67
C TYR C 528 -8.04 16.90 -25.27
N LYS C 529 -7.67 15.63 -25.16
CA LYS C 529 -7.24 15.04 -23.89
C LYS C 529 -6.02 15.79 -23.37
N LYS C 530 -5.12 16.17 -24.28
CA LYS C 530 -3.90 16.92 -23.94
C LYS C 530 -4.12 18.27 -23.26
N LEU C 531 -5.31 18.85 -23.41
CA LEU C 531 -5.67 20.11 -22.74
C LEU C 531 -6.62 19.88 -21.57
N PHE C 532 -7.58 18.96 -21.76
CA PHE C 532 -8.54 18.69 -20.69
C PHE C 532 -7.81 18.13 -19.45
N SER C 533 -6.83 17.27 -19.65
CA SER C 533 -6.11 16.72 -18.49
C SER C 533 -5.19 17.74 -17.77
N ILE C 534 -4.97 18.90 -18.37
CA ILE C 534 -4.25 19.95 -17.65
C ILE C 534 -5.21 21.06 -17.16
N GLY C 535 -6.50 20.76 -17.17
CA GLY C 535 -7.52 21.55 -16.52
C GLY C 535 -8.36 22.50 -17.38
N LEU C 536 -8.24 22.41 -18.71
CA LEU C 536 -9.01 23.27 -19.62
C LEU C 536 -10.52 22.96 -19.52
N ASP C 537 -11.34 24.01 -19.46
CA ASP C 537 -12.79 23.84 -19.30
C ASP C 537 -13.63 23.80 -20.56
N PHE C 538 -13.31 24.67 -21.53
CA PHE C 538 -14.04 24.67 -22.80
C PHE C 538 -13.25 25.33 -23.88
N VAL C 539 -13.79 25.32 -25.10
CA VAL C 539 -12.97 25.65 -26.24
C VAL C 539 -13.52 26.80 -27.05
N TRP C 540 -12.59 27.44 -27.72
CA TRP C 540 -12.83 28.56 -28.58
C TRP C 540 -12.20 28.14 -29.93
N GLN C 541 -13.04 27.89 -30.94
CA GLN C 541 -12.60 27.44 -32.30
C GLN C 541 -12.39 28.63 -33.22
N ASP C 542 -11.17 28.82 -33.66
CA ASP C 542 -10.83 29.99 -34.45
C ASP C 542 -10.30 29.58 -35.85
N MET C 543 -10.26 30.54 -36.78
CA MET C 543 -9.69 30.33 -38.13
C MET C 543 -10.34 29.13 -38.85
N THR C 544 -11.67 29.10 -38.82
CA THR C 544 -12.41 27.86 -39.14
C THR C 544 -12.78 27.64 -40.62
N VAL C 545 -12.40 28.57 -41.50
CA VAL C 545 -12.81 28.49 -42.93
C VAL C 545 -12.37 27.18 -43.64
N PRO C 546 -11.10 26.72 -43.46
CA PRO C 546 -9.99 27.18 -42.62
C PRO C 546 -9.35 28.48 -43.13
N ALA C 547 -9.05 29.40 -42.21
CA ALA C 547 -8.43 30.67 -42.58
C ALA C 547 -6.96 30.45 -42.92
N MET C 548 -6.59 30.80 -44.14
CA MET C 548 -5.20 30.66 -44.56
C MET C 548 -4.66 32.00 -45.06
N MET C 549 -3.35 32.19 -44.95
CA MET C 549 -2.72 33.38 -45.55
C MET C 549 -3.10 33.50 -47.04
N PRO C 550 -3.45 34.71 -47.50
CA PRO C 550 -3.70 34.91 -48.95
C PRO C 550 -2.54 34.39 -49.82
N HIS C 551 -2.87 33.70 -50.91
CA HIS C 551 -1.84 33.05 -51.73
C HIS C 551 -2.25 32.81 -53.18
N LYS C 552 -1.25 32.88 -54.07
CA LYS C 552 -1.42 32.70 -55.52
C LYS C 552 -0.62 31.49 -56.04
N ILE C 553 -1.28 30.63 -56.82
CA ILE C 553 -0.63 29.47 -57.45
C ILE C 553 0.69 29.87 -58.12
N GLY C 554 1.75 29.12 -57.82
CA GLY C 554 3.06 29.35 -58.45
C GLY C 554 4.03 30.06 -57.52
N ASP C 555 3.47 30.87 -56.63
CA ASP C 555 4.27 31.50 -55.58
C ASP C 555 4.70 30.48 -54.51
N ASP C 556 5.83 30.74 -53.87
CA ASP C 556 6.25 29.94 -52.72
C ASP C 556 5.14 29.92 -51.67
N ILE C 557 5.03 28.79 -50.97
CA ILE C 557 3.96 28.61 -49.97
C ILE C 557 3.89 29.75 -48.94
N ASN C 558 5.04 30.35 -48.64
CA ASN C 558 5.12 31.40 -47.65
C ASN C 558 5.02 32.83 -48.19
N VAL C 559 4.77 33.00 -49.48
CA VAL C 559 4.64 34.38 -50.01
C VAL C 559 3.18 34.76 -50.26
N LYS C 560 2.77 35.93 -49.78
CA LYS C 560 1.44 36.49 -50.10
C LYS C 560 1.48 37.43 -51.31
N PRO C 561 0.35 37.57 -52.03
CA PRO C 561 0.40 38.54 -53.13
C PRO C 561 0.23 39.97 -52.61
N ASP C 562 0.42 40.95 -53.48
CA ASP C 562 0.07 42.34 -53.21
C ASP C 562 -1.35 42.37 -52.67
N GLY C 563 -1.57 43.20 -51.64
CA GLY C 563 -2.90 43.34 -51.01
C GLY C 563 -4.00 43.87 -51.92
N ASN C 564 -3.61 44.36 -53.09
CA ASN C 564 -4.53 44.87 -54.10
C ASN C 564 -4.94 43.81 -55.09
N TRP C 565 -4.23 42.69 -55.10
CA TRP C 565 -4.50 41.59 -55.99
C TRP C 565 -5.26 40.50 -55.22
N PRO C 566 -6.31 39.91 -55.83
CA PRO C 566 -6.85 40.16 -57.19
C PRO C 566 -7.74 41.41 -57.27
N ASN C 567 -8.02 41.88 -58.47
CA ASN C 567 -8.99 42.97 -58.66
C ASN C 567 -9.71 42.86 -60.00
N ALA C 568 -10.64 43.78 -60.27
CA ALA C 568 -11.43 43.71 -61.51
C ALA C 568 -10.59 43.64 -62.80
N ASP C 569 -9.47 44.37 -62.84
CA ASP C 569 -8.60 44.48 -64.03
C ASP C 569 -7.43 43.51 -64.06
N ASP C 570 -7.28 42.77 -62.96
CA ASP C 570 -6.26 41.73 -62.82
C ASP C 570 -6.90 40.63 -61.95
N PRO C 571 -7.89 39.91 -62.51
CA PRO C 571 -8.74 39.03 -61.69
C PRO C 571 -7.98 37.77 -61.27
N SER C 572 -8.59 36.95 -60.42
CA SER C 572 -7.92 35.74 -59.93
C SER C 572 -7.59 34.76 -61.06
N ASN C 573 -8.57 34.47 -61.92
CA ASN C 573 -8.44 33.47 -62.99
C ASN C 573 -8.06 32.10 -62.48
N GLY C 574 -8.66 31.71 -61.35
CA GLY C 574 -8.40 30.43 -60.71
C GLY C 574 -7.03 30.29 -60.05
N GLN C 575 -6.38 31.40 -59.72
CA GLN C 575 -5.07 31.36 -59.08
C GLN C 575 -5.03 31.77 -57.60
N TYR C 576 -6.04 32.52 -57.17
CA TYR C 576 -6.15 33.02 -55.79
C TYR C 576 -6.80 31.99 -54.87
N ASN C 577 -6.41 32.01 -53.61
CA ASN C 577 -6.96 31.07 -52.64
C ASN C 577 -8.14 31.63 -51.83
N TRP C 578 -8.45 32.91 -51.97
CA TRP C 578 -9.57 33.50 -51.21
C TRP C 578 -9.45 33.18 -49.71
N LYS C 579 -8.20 33.28 -49.25
CA LYS C 579 -7.83 33.15 -47.83
C LYS C 579 -8.26 31.86 -47.19
N THR C 580 -8.05 30.77 -47.91
CA THR C 580 -8.41 29.45 -47.43
C THR C 580 -7.79 28.42 -48.38
N TYR C 581 -8.31 27.20 -48.40
CA TYR C 581 -7.89 26.22 -49.43
C TYR C 581 -8.04 26.83 -50.82
N HIS C 582 -7.08 26.56 -51.71
CA HIS C 582 -7.30 26.89 -53.11
C HIS C 582 -8.51 26.08 -53.54
N PRO C 583 -9.52 26.75 -54.17
CA PRO C 583 -10.84 26.10 -54.22
C PRO C 583 -10.94 24.86 -55.14
N GLN C 584 -9.85 24.55 -55.85
CA GLN C 584 -9.80 23.36 -56.72
C GLN C 584 -9.47 22.08 -55.96
N VAL C 585 -9.08 22.21 -54.69
CA VAL C 585 -8.56 21.05 -53.94
C VAL C 585 -9.62 19.95 -53.78
N LEU C 586 -9.24 18.72 -54.12
CA LEU C 586 -10.13 17.57 -53.91
C LEU C 586 -10.22 17.20 -52.41
N VAL C 587 -11.39 17.46 -51.82
CA VAL C 587 -11.64 17.14 -50.40
C VAL C 587 -12.60 15.98 -50.32
N THR C 588 -12.45 15.11 -49.32
CA THR C 588 -13.44 14.07 -49.09
C THR C 588 -14.79 14.73 -48.79
N ASP C 589 -15.83 14.26 -49.47
CA ASP C 589 -17.17 14.89 -49.44
C ASP C 589 -17.74 14.98 -48.01
N MET C 590 -18.00 16.21 -47.56
CA MET C 590 -18.57 16.39 -46.22
C MET C 590 -20.09 16.26 -46.19
N ARG C 591 -20.75 16.35 -47.33
CA ARG C 591 -22.23 16.26 -47.41
C ARG C 591 -22.69 14.81 -47.40
N TYR C 592 -21.92 13.94 -48.05
CA TYR C 592 -22.28 12.54 -48.22
C TYR C 592 -21.14 11.62 -47.77
N GLU C 593 -21.28 11.01 -46.59
CA GLU C 593 -20.31 10.04 -46.07
C GLU C 593 -19.95 8.96 -47.11
N ASN C 594 -18.65 8.70 -47.24
CA ASN C 594 -18.11 7.68 -48.14
C ASN C 594 -18.72 7.73 -49.54
N HIS C 595 -18.63 8.91 -50.15
CA HIS C 595 -19.17 9.16 -51.48
C HIS C 595 -18.16 10.04 -52.26
N GLY C 596 -16.88 9.67 -52.16
CA GLY C 596 -15.82 10.26 -52.97
C GLY C 596 -15.28 11.61 -52.56
N ARG C 597 -14.54 12.23 -53.46
CA ARG C 597 -13.99 13.57 -53.25
C ARG C 597 -14.52 14.53 -54.30
N GLU C 598 -14.82 15.75 -53.86
CA GLU C 598 -15.25 16.82 -54.72
C GLU C 598 -14.39 18.07 -54.46
N PRO C 599 -14.26 18.95 -55.46
CA PRO C 599 -13.69 20.26 -55.26
C PRO C 599 -14.32 20.97 -54.08
N MET C 600 -13.48 21.50 -53.21
CA MET C 600 -13.90 22.26 -52.05
C MET C 600 -14.89 23.37 -52.42
N VAL C 601 -14.82 23.88 -53.65
CA VAL C 601 -15.72 24.96 -54.09
C VAL C 601 -17.22 24.57 -53.94
N THR C 602 -17.51 23.29 -53.98
CA THR C 602 -18.88 22.79 -53.89
C THR C 602 -19.46 22.80 -52.46
N GLN C 603 -18.59 23.00 -51.45
CA GLN C 603 -18.99 22.80 -50.05
C GLN C 603 -18.18 23.64 -49.09
N ARG C 604 -17.67 24.77 -49.57
CA ARG C 604 -16.96 25.76 -48.75
C ARG C 604 -17.62 26.00 -47.38
N ASN C 605 -18.94 26.25 -47.39
CA ASN C 605 -19.63 26.71 -46.20
C ASN C 605 -20.02 25.61 -45.20
N ILE C 606 -19.54 24.38 -45.44
CA ILE C 606 -19.73 23.33 -44.45
C ILE C 606 -18.48 22.94 -43.62
N HIS C 607 -17.31 23.48 -43.97
CA HIS C 607 -16.07 23.15 -43.24
C HIS C 607 -16.13 23.47 -41.74
N ALA C 608 -16.43 24.71 -41.37
CA ALA C 608 -16.47 25.10 -39.95
C ALA C 608 -17.50 24.28 -39.20
N TYR C 609 -18.67 24.15 -39.83
CA TYR C 609 -19.73 23.30 -39.32
C TYR C 609 -19.20 21.89 -39.00
N THR C 610 -18.46 21.30 -39.94
CA THR C 610 -18.01 19.91 -39.81
C THR C 610 -16.90 19.81 -38.77
N LEU C 611 -16.12 20.88 -38.62
CA LEU C 611 -15.08 20.90 -37.61
C LEU C 611 -15.73 20.90 -36.22
N CYS C 612 -16.73 21.77 -36.03
CA CYS C 612 -17.48 21.86 -34.78
C CYS C 612 -18.20 20.58 -34.43
N GLU C 613 -18.75 19.93 -35.44
CA GLU C 613 -19.44 18.67 -35.24
C GLU C 613 -18.55 17.61 -34.61
N SER C 614 -17.32 17.49 -35.15
CA SER C 614 -16.33 16.55 -34.66
C SER C 614 -15.83 16.93 -33.26
N THR C 615 -15.48 18.19 -33.07
CA THR C 615 -15.11 18.69 -31.74
C THR C 615 -16.19 18.35 -30.70
N ARG C 616 -17.44 18.64 -31.05
CA ARG C 616 -18.55 18.42 -30.13
C ARG C 616 -18.67 16.95 -29.71
N LYS C 617 -18.60 16.04 -30.70
CA LYS C 617 -18.85 14.62 -30.45
C LYS C 617 -17.62 13.87 -29.93
N GLU C 618 -16.50 14.03 -30.61
CA GLU C 618 -15.32 13.23 -30.29
C GLU C 618 -14.41 13.98 -29.35
N GLY C 619 -14.59 15.30 -29.30
CA GLY C 619 -13.77 16.15 -28.48
C GLY C 619 -14.36 16.36 -27.12
N ILE C 620 -15.59 16.85 -27.07
CA ILE C 620 -16.23 17.20 -25.81
C ILE C 620 -17.03 16.05 -25.17
N VAL C 621 -17.88 15.39 -25.95
CA VAL C 621 -18.75 14.35 -25.41
C VAL C 621 -17.96 13.10 -25.09
N GLU C 622 -17.12 12.65 -26.02
CA GLU C 622 -16.34 11.43 -25.80
C GLU C 622 -15.26 11.53 -24.73
N ASN C 623 -14.82 12.74 -24.39
CA ASN C 623 -13.79 12.95 -23.36
C ASN C 623 -14.27 13.54 -22.06
N ALA C 624 -15.54 13.35 -21.76
CA ALA C 624 -16.07 13.84 -20.51
C ALA C 624 -15.30 13.25 -19.31
N ASP C 625 -14.75 12.04 -19.43
CA ASP C 625 -14.01 11.42 -18.32
C ASP C 625 -12.69 12.16 -18.02
N THR C 626 -12.13 12.81 -19.03
CA THR C 626 -10.88 13.60 -18.88
C THR C 626 -11.10 15.04 -18.42
N LEU C 627 -12.34 15.55 -18.52
CA LEU C 627 -12.62 16.87 -17.95
C LEU C 627 -12.46 16.85 -16.43
N THR C 628 -11.98 17.94 -15.85
CA THR C 628 -11.63 17.96 -14.44
C THR C 628 -12.83 18.44 -13.63
N LYS C 629 -13.09 19.74 -13.67
CA LYS C 629 -14.09 20.36 -12.80
C LYS C 629 -15.56 20.26 -13.26
N PHE C 630 -15.81 20.54 -14.54
CA PHE C 630 -17.17 20.46 -15.08
C PHE C 630 -17.18 19.44 -16.22
N ARG C 631 -18.01 18.38 -16.13
CA ARG C 631 -18.06 17.36 -17.20
C ARG C 631 -18.80 17.87 -18.46
N ARG C 632 -19.64 18.90 -18.29
CA ARG C 632 -20.26 19.54 -19.43
C ARG C 632 -19.28 20.60 -19.89
N SER C 633 -19.10 20.73 -21.20
CA SER C 633 -18.21 21.74 -21.76
C SER C 633 -18.99 22.41 -22.90
N TYR C 634 -18.32 23.15 -23.77
CA TYR C 634 -18.99 23.94 -24.79
C TYR C 634 -18.00 24.41 -25.81
N ILE C 635 -18.52 24.82 -26.96
CA ILE C 635 -17.69 25.36 -28.04
C ILE C 635 -18.19 26.75 -28.32
N ILE C 636 -17.29 27.73 -28.43
CA ILE C 636 -17.64 28.99 -29.01
C ILE C 636 -16.85 29.04 -30.32
N SER C 637 -17.55 28.88 -31.45
CA SER C 637 -16.95 28.97 -32.79
C SER C 637 -16.96 30.36 -33.45
N ARG C 638 -15.96 30.58 -34.30
CA ARG C 638 -15.90 31.73 -35.16
C ARG C 638 -16.67 31.47 -36.46
N GLY C 639 -16.73 30.22 -36.93
CA GLY C 639 -17.43 29.95 -38.17
C GLY C 639 -18.45 28.81 -38.08
N GLY C 640 -19.35 28.76 -39.05
CA GLY C 640 -20.29 27.64 -39.19
C GLY C 640 -21.36 27.81 -40.27
N TYR C 641 -22.43 27.03 -40.13
CA TYR C 641 -23.56 27.01 -41.05
C TYR C 641 -24.83 26.77 -40.22
N ILE C 642 -25.99 27.02 -40.82
CA ILE C 642 -27.27 26.74 -40.16
C ILE C 642 -27.20 25.32 -39.57
N GLY C 643 -27.55 25.15 -38.29
CA GLY C 643 -27.39 23.84 -37.63
C GLY C 643 -26.30 23.79 -36.56
N ASN C 644 -25.45 24.82 -36.54
CA ASN C 644 -24.33 24.96 -35.61
C ASN C 644 -24.69 24.98 -34.12
N GLN C 645 -25.91 25.40 -33.80
CA GLN C 645 -26.38 25.44 -32.41
C GLN C 645 -26.36 24.07 -31.73
N HIS C 646 -26.30 22.99 -32.51
CA HIS C 646 -26.20 21.65 -31.90
C HIS C 646 -24.78 21.32 -31.46
N PHE C 647 -23.84 22.21 -31.78
CA PHE C 647 -22.44 22.05 -31.38
C PHE C 647 -22.02 23.06 -30.33
N GLY C 648 -22.61 24.27 -30.40
CA GLY C 648 -22.30 25.29 -29.45
C GLY C 648 -22.79 26.68 -29.83
N GLY C 649 -21.95 27.67 -29.51
CA GLY C 649 -22.20 29.08 -29.75
C GLY C 649 -21.25 29.73 -30.74
N MET C 650 -21.33 31.06 -30.84
CA MET C 650 -20.54 31.81 -31.82
C MET C 650 -20.10 33.14 -31.25
N TRP C 651 -18.95 33.63 -31.68
CA TRP C 651 -18.68 35.06 -31.53
C TRP C 651 -18.46 35.60 -32.90
N VAL C 652 -18.82 36.87 -33.10
CA VAL C 652 -18.76 37.45 -34.47
C VAL C 652 -17.34 37.99 -34.76
N GLY C 653 -16.35 37.10 -34.63
CA GLY C 653 -15.02 37.31 -35.20
C GLY C 653 -14.33 38.58 -34.75
N ASP C 654 -13.64 39.24 -35.68
CA ASP C 654 -12.76 40.32 -35.28
C ASP C 654 -13.46 41.65 -35.60
N ASN C 655 -14.24 42.15 -34.65
CA ASN C 655 -14.83 43.49 -34.76
C ASN C 655 -13.85 44.59 -34.35
N SER C 656 -14.31 45.82 -34.26
CA SER C 656 -13.41 46.93 -33.91
C SER C 656 -14.10 47.88 -32.92
N THR C 657 -13.40 48.94 -32.58
CA THR C 657 -13.77 49.76 -31.42
C THR C 657 -14.39 51.06 -31.91
N THR C 658 -15.66 51.02 -32.31
CA THR C 658 -16.44 52.21 -32.71
C THR C 658 -17.92 52.02 -32.39
N SER C 659 -18.67 53.13 -32.33
CA SER C 659 -20.13 53.11 -32.32
C SER C 659 -20.77 52.17 -33.37
N ASN C 660 -20.37 52.30 -34.64
CA ASN C 660 -20.91 51.43 -35.70
C ASN C 660 -20.78 49.95 -35.36
N TYR C 661 -19.67 49.57 -34.70
CA TYR C 661 -19.50 48.20 -34.22
C TYR C 661 -20.41 47.82 -33.06
N ILE C 662 -20.79 48.78 -32.23
CA ILE C 662 -21.81 48.49 -31.23
C ILE C 662 -23.13 48.15 -31.95
N GLN C 663 -23.53 49.00 -32.90
CA GLN C 663 -24.75 48.83 -33.66
C GLN C 663 -24.75 47.50 -34.38
N MET C 664 -23.62 47.16 -34.96
CA MET C 664 -23.47 45.91 -35.63
C MET C 664 -23.59 44.72 -34.69
N MET C 665 -23.05 44.84 -33.47
CA MET C 665 -23.14 43.77 -32.45
C MET C 665 -24.62 43.41 -32.13
N ILE C 666 -25.43 44.44 -31.94
CA ILE C 666 -26.83 44.31 -31.59
C ILE C 666 -27.62 43.67 -32.74
N ALA C 667 -27.44 44.18 -33.96
CA ALA C 667 -28.13 43.63 -35.14
C ALA C 667 -27.68 42.20 -35.41
N ASN C 668 -26.38 41.95 -35.35
CA ASN C 668 -25.83 40.59 -35.47
C ASN C 668 -26.44 39.64 -34.43
N ASN C 669 -26.62 40.14 -33.22
CA ASN C 669 -27.13 39.28 -32.16
C ASN C 669 -28.59 38.91 -32.40
N ILE C 670 -29.40 39.90 -32.75
CA ILE C 670 -30.80 39.70 -33.13
C ILE C 670 -30.96 38.76 -34.35
N ASN C 671 -30.14 38.97 -35.37
CA ASN C 671 -30.30 38.27 -36.65
C ASN C 671 -29.80 36.85 -36.53
N MET C 672 -28.76 36.69 -35.72
CA MET C 672 -28.21 35.38 -35.48
C MET C 672 -29.20 34.51 -34.68
N ASN C 673 -29.83 35.09 -33.65
CA ASN C 673 -30.86 34.37 -32.90
C ASN C 673 -32.03 33.93 -33.75
N MET C 674 -32.49 34.77 -34.67
CA MET C 674 -33.61 34.38 -35.53
C MET C 674 -33.18 33.42 -36.65
N SER C 675 -31.86 33.23 -36.77
CA SER C 675 -31.27 32.19 -37.65
C SER C 675 -31.00 30.90 -36.91
N CYS C 676 -31.58 30.75 -35.73
CA CYS C 676 -31.39 29.55 -34.89
C CYS C 676 -29.98 29.36 -34.34
N LEU C 677 -29.23 30.47 -34.16
CA LEU C 677 -27.98 30.47 -33.38
C LEU C 677 -28.11 31.44 -32.18
N PRO C 678 -28.53 30.91 -31.02
CA PRO C 678 -28.89 31.79 -29.91
C PRO C 678 -27.71 32.22 -29.02
N LEU C 679 -26.73 31.33 -28.80
CA LEU C 679 -25.63 31.65 -27.90
C LEU C 679 -24.49 32.31 -28.68
N VAL C 680 -24.62 33.65 -28.78
CA VAL C 680 -23.81 34.45 -29.69
C VAL C 680 -23.48 35.78 -29.02
N GLY C 681 -22.33 36.37 -29.38
CA GLY C 681 -21.97 37.70 -28.89
C GLY C 681 -20.82 38.26 -29.70
N SER C 682 -20.43 39.49 -29.41
CA SER C 682 -19.29 40.10 -30.12
C SER C 682 -18.27 40.57 -29.08
N ASP C 683 -16.99 40.65 -29.46
CA ASP C 683 -15.97 41.06 -28.51
C ASP C 683 -16.32 42.43 -27.91
N ILE C 684 -16.47 42.48 -26.59
CA ILE C 684 -16.88 43.70 -25.87
C ILE C 684 -15.72 44.69 -25.83
N GLY C 685 -16.01 45.93 -26.27
CA GLY C 685 -14.97 46.94 -26.43
C GLY C 685 -14.32 46.96 -27.80
N GLY C 686 -14.52 45.89 -28.58
CA GLY C 686 -13.98 45.82 -29.93
C GLY C 686 -12.63 45.14 -29.95
N PHE C 687 -12.39 44.26 -30.94
CA PHE C 687 -11.14 43.50 -30.96
C PHE C 687 -9.95 44.37 -31.45
N THR C 688 -10.05 44.93 -32.66
CA THR C 688 -8.92 45.63 -33.33
C THR C 688 -8.74 47.07 -32.89
N SER C 689 -7.56 47.62 -33.19
CA SER C 689 -7.33 49.08 -33.10
C SER C 689 -8.33 49.85 -33.96
N TYR C 690 -8.63 51.06 -33.53
CA TYR C 690 -9.56 51.93 -34.25
C TYR C 690 -8.95 53.29 -34.65
N ASP C 691 -7.96 53.76 -33.88
CA ASP C 691 -7.37 55.10 -34.07
C ASP C 691 -6.39 55.10 -35.27
N ASN C 692 -6.73 55.85 -36.30
CA ASN C 692 -5.94 55.88 -37.53
C ASN C 692 -4.58 56.57 -37.44
N GLU C 693 -4.40 57.45 -36.44
CA GLU C 693 -3.12 58.15 -36.22
C GLU C 693 -2.22 57.54 -35.13
N ASN C 694 -2.81 56.89 -34.12
CA ASN C 694 -2.04 56.02 -33.24
C ASN C 694 -2.83 54.78 -32.86
N GLN C 695 -2.49 53.68 -33.51
CA GLN C 695 -3.22 52.45 -33.37
C GLN C 695 -3.34 51.98 -31.91
N ARG C 696 -2.45 52.46 -31.05
CA ARG C 696 -2.32 51.93 -29.68
C ARG C 696 -3.34 52.53 -28.70
N THR C 697 -4.00 53.60 -29.15
CA THR C 697 -5.01 54.29 -28.36
C THR C 697 -6.13 53.32 -27.95
N PRO C 698 -6.33 53.11 -26.63
CA PRO C 698 -7.40 52.24 -26.13
C PRO C 698 -8.82 52.80 -26.39
N CYS C 699 -9.81 51.94 -26.23
CA CYS C 699 -11.20 52.33 -26.21
C CYS C 699 -11.43 53.45 -25.17
N THR C 700 -12.14 54.50 -25.57
CA THR C 700 -12.45 55.60 -24.64
C THR C 700 -13.33 55.11 -23.49
N GLY C 701 -13.34 55.81 -22.37
CA GLY C 701 -14.19 55.38 -21.27
C GLY C 701 -15.66 55.32 -21.66
N ASP C 702 -16.12 56.30 -22.43
CA ASP C 702 -17.55 56.37 -22.78
C ASP C 702 -17.98 55.23 -23.70
N LEU C 703 -17.19 54.96 -24.73
CA LEU C 703 -17.53 53.91 -25.65
C LEU C 703 -17.53 52.56 -24.93
N MET C 704 -16.63 52.37 -23.97
CA MET C 704 -16.58 51.07 -23.29
C MET C 704 -17.81 50.85 -22.40
N VAL C 705 -18.27 51.90 -21.73
CA VAL C 705 -19.51 51.85 -20.96
C VAL C 705 -20.72 51.44 -21.82
N ARG C 706 -20.87 52.09 -22.97
CA ARG C 706 -21.96 51.79 -23.90
C ARG C 706 -21.82 50.38 -24.48
N TYR C 707 -20.58 49.97 -24.71
CA TYR C 707 -20.31 48.64 -25.21
C TYR C 707 -20.77 47.59 -24.16
N VAL C 708 -20.42 47.83 -22.89
CA VAL C 708 -20.78 46.91 -21.81
C VAL C 708 -22.30 46.93 -21.56
N GLN C 709 -22.88 48.13 -21.53
CA GLN C 709 -24.34 48.24 -21.39
C GLN C 709 -25.10 47.52 -22.49
N ALA C 710 -24.64 47.68 -23.74
CA ALA C 710 -25.30 47.06 -24.88
C ALA C 710 -25.21 45.55 -24.79
N GLY C 711 -24.07 45.04 -24.30
CA GLY C 711 -23.79 43.62 -24.32
C GLY C 711 -24.12 42.84 -23.07
N CYS C 712 -24.51 43.54 -22.00
CA CYS C 712 -24.66 42.91 -20.67
C CYS C 712 -25.76 41.86 -20.55
N LEU C 713 -26.74 41.89 -21.43
CA LEU C 713 -27.74 40.84 -21.42
C LEU C 713 -27.79 40.10 -22.75
N LEU C 714 -26.75 40.26 -23.58
CA LEU C 714 -26.63 39.37 -24.74
C LEU C 714 -25.99 38.05 -24.27
N PRO C 715 -26.26 36.93 -24.97
CA PRO C 715 -25.89 35.60 -24.47
C PRO C 715 -24.40 35.39 -24.21
N TRP C 716 -23.52 35.91 -25.07
CA TRP C 716 -22.08 35.69 -24.92
C TRP C 716 -21.33 37.00 -24.70
N PHE C 717 -20.73 37.11 -23.49
CA PHE C 717 -20.26 38.37 -22.94
C PHE C 717 -18.76 38.28 -22.59
N ARG C 718 -17.93 38.55 -23.59
CA ARG C 718 -16.49 38.53 -23.42
C ARG C 718 -15.81 39.78 -23.97
N ASN C 719 -15.01 40.45 -23.11
CA ASN C 719 -14.12 41.55 -23.50
C ASN C 719 -12.85 40.89 -24.02
N HIS C 720 -12.47 41.21 -25.25
CA HIS C 720 -11.32 40.54 -25.89
C HIS C 720 -10.72 41.50 -26.91
N TYR C 721 -9.39 41.51 -26.98
CA TYR C 721 -8.73 42.52 -27.80
C TYR C 721 -7.31 42.15 -28.23
N ASP C 722 -6.89 42.73 -29.35
CA ASP C 722 -5.52 42.65 -29.84
C ASP C 722 -4.67 43.64 -29.00
N ARG C 723 -3.75 43.11 -28.19
CA ARG C 723 -2.94 43.97 -27.31
C ARG C 723 -1.60 44.33 -27.96
N TRP C 724 -1.31 45.63 -28.07
CA TRP C 724 0.04 46.03 -28.51
C TRP C 724 1.10 45.53 -27.50
N ILE C 725 2.05 44.71 -27.98
CA ILE C 725 3.27 44.38 -27.22
C ILE C 725 4.53 44.43 -28.10
N GLU C 726 5.70 44.62 -27.48
CA GLU C 726 6.97 44.69 -28.21
C GLU C 726 7.12 43.60 -29.28
N SER C 727 6.79 42.36 -28.93
CA SER C 727 7.03 41.24 -29.86
C SER C 727 5.88 41.02 -30.84
N LYS C 728 4.80 41.77 -30.68
CA LYS C 728 3.66 41.71 -31.60
C LYS C 728 3.09 43.11 -31.65
N ASP C 729 3.74 43.97 -32.44
CA ASP C 729 3.54 45.40 -32.39
C ASP C 729 2.33 45.86 -33.20
N HIS C 730 1.18 45.24 -32.93
CA HIS C 730 -0.09 45.73 -33.46
C HIS C 730 -1.14 45.61 -32.39
N GLY C 731 -1.96 46.65 -32.23
CA GLY C 731 -3.06 46.61 -31.26
C GLY C 731 -3.15 47.80 -30.31
N LYS C 732 -3.93 47.62 -29.25
CA LYS C 732 -4.22 48.67 -28.26
C LYS C 732 -3.43 48.45 -26.96
N ASP C 733 -3.21 49.51 -26.19
CA ASP C 733 -2.40 49.41 -24.97
C ASP C 733 -3.06 48.53 -23.90
N TYR C 734 -4.37 48.71 -23.75
CA TYR C 734 -5.17 48.02 -22.74
C TYR C 734 -6.65 48.07 -23.09
N GLN C 735 -7.45 47.17 -22.49
CA GLN C 735 -8.90 47.21 -22.66
C GLN C 735 -9.71 46.69 -21.44
N GLU C 736 -9.02 46.18 -20.42
CA GLU C 736 -9.67 45.64 -19.24
C GLU C 736 -10.52 46.70 -18.53
N LEU C 737 -11.68 46.30 -17.99
CA LEU C 737 -12.62 47.22 -17.37
C LEU C 737 -12.07 47.88 -16.10
N TYR C 738 -11.19 47.16 -15.40
CA TYR C 738 -10.59 47.70 -14.20
C TYR C 738 -9.57 48.77 -14.58
N MET C 739 -9.25 48.87 -15.88
CA MET C 739 -8.35 49.93 -16.38
C MET C 739 -9.07 51.26 -16.62
N TYR C 740 -10.36 51.33 -16.30
CA TYR C 740 -11.11 52.58 -16.51
C TYR C 740 -11.59 53.12 -15.16
N PRO C 741 -10.75 53.95 -14.49
CA PRO C 741 -11.01 54.43 -13.12
C PRO C 741 -12.27 55.30 -12.98
N ASN C 742 -12.46 56.28 -13.86
CA ASN C 742 -13.67 57.11 -13.80
C ASN C 742 -14.97 56.37 -14.11
N GLU C 743 -14.89 55.24 -14.79
CA GLU C 743 -16.08 54.54 -15.21
C GLU C 743 -16.25 53.23 -14.46
N MET C 744 -15.25 52.87 -13.65
CA MET C 744 -15.23 51.57 -13.01
C MET C 744 -16.51 51.23 -12.26
N ASP C 745 -17.08 52.22 -11.57
CA ASP C 745 -18.27 52.01 -10.76
C ASP C 745 -19.44 51.56 -11.66
N THR C 746 -19.59 52.20 -12.82
CA THR C 746 -20.62 51.83 -13.80
C THR C 746 -20.37 50.46 -14.40
N LEU C 747 -19.13 50.21 -14.81
CA LEU C 747 -18.78 48.97 -15.46
C LEU C 747 -19.11 47.82 -14.50
N ARG C 748 -18.60 47.90 -13.29
CA ARG C 748 -18.85 46.87 -12.31
C ARG C 748 -20.33 46.59 -12.11
N LYS C 749 -21.14 47.63 -11.93
CA LYS C 749 -22.56 47.43 -11.60
C LYS C 749 -23.35 46.74 -12.71
N PHE C 750 -22.95 46.95 -13.96
CA PHE C 750 -23.58 46.27 -15.09
C PHE C 750 -23.20 44.80 -15.22
N VAL C 751 -21.95 44.46 -14.87
CA VAL C 751 -21.60 43.03 -14.79
C VAL C 751 -22.36 42.38 -13.60
N GLU C 752 -22.50 43.14 -12.52
CA GLU C 752 -23.23 42.65 -11.33
C GLU C 752 -24.71 42.38 -11.68
N PHE C 753 -25.29 43.29 -12.47
CA PHE C 753 -26.68 43.22 -12.95
C PHE C 753 -26.90 41.97 -13.82
N ARG C 754 -25.93 41.69 -14.69
CA ARG C 754 -25.99 40.47 -15.48
C ARG C 754 -25.98 39.23 -14.57
N TYR C 755 -25.02 39.14 -13.64
CA TYR C 755 -24.92 37.98 -12.75
C TYR C 755 -26.20 37.68 -11.95
N ARG C 756 -26.85 38.72 -11.44
CA ARG C 756 -28.14 38.59 -10.77
C ARG C 756 -29.26 38.00 -11.62
N TRP C 757 -29.23 38.30 -12.92
CA TRP C 757 -30.12 37.68 -13.90
C TRP C 757 -29.51 36.48 -14.62
N GLN C 758 -28.55 35.80 -13.99
CA GLN C 758 -27.97 34.58 -14.59
C GLN C 758 -29.03 33.46 -14.87
N GLU C 759 -30.05 33.33 -14.03
CA GLU C 759 -31.07 32.32 -14.26
C GLU C 759 -32.04 32.76 -15.37
N VAL C 760 -32.21 34.07 -15.55
CA VAL C 760 -32.97 34.57 -16.69
C VAL C 760 -32.34 34.14 -18.00
N LEU C 761 -31.02 34.34 -18.14
CA LEU C 761 -30.28 33.89 -19.32
C LEU C 761 -30.28 32.38 -19.42
N TYR C 762 -30.01 31.69 -18.30
CA TYR C 762 -29.96 30.21 -18.30
C TYR C 762 -31.30 29.56 -18.65
N THR C 763 -32.39 30.12 -18.13
CA THR C 763 -33.73 29.64 -18.47
C THR C 763 -34.09 29.94 -19.95
N ALA C 764 -33.68 31.09 -20.48
CA ALA C 764 -33.86 31.36 -21.91
C ALA C 764 -33.21 30.25 -22.72
N MET C 765 -31.95 29.90 -22.39
CA MET C 765 -31.26 28.85 -23.14
C MET C 765 -31.98 27.53 -23.07
N TYR C 766 -32.51 27.19 -21.89
CA TYR C 766 -33.40 26.03 -21.77
C TYR C 766 -34.59 26.13 -22.70
N GLN C 767 -35.25 27.29 -22.71
CA GLN C 767 -36.35 27.50 -23.63
C GLN C 767 -35.91 27.29 -25.08
N ASN C 768 -34.63 27.53 -25.39
CA ASN C 768 -34.12 27.36 -26.76
C ASN C 768 -33.83 25.90 -27.07
N ALA C 769 -33.16 25.18 -26.14
CA ALA C 769 -32.86 23.75 -26.33
C ALA C 769 -34.13 22.89 -26.39
N ALA C 770 -35.14 23.32 -25.65
CA ALA C 770 -36.37 22.55 -25.53
C ALA C 770 -37.41 22.91 -26.58
N PHE C 771 -37.63 24.21 -26.83
CA PHE C 771 -38.67 24.65 -27.76
C PHE C 771 -38.17 25.39 -29.00
N GLY C 772 -36.88 25.72 -29.05
CA GLY C 772 -36.33 26.49 -30.17
C GLY C 772 -36.62 27.99 -30.14
N LYS C 773 -37.10 28.51 -29.01
CA LYS C 773 -37.37 29.95 -28.90
C LYS C 773 -36.06 30.74 -28.95
N PRO C 774 -36.00 31.83 -29.72
CA PRO C 774 -34.72 32.54 -29.65
C PRO C 774 -34.63 33.24 -28.32
N ILE C 775 -33.40 33.38 -27.83
CA ILE C 775 -33.13 34.08 -26.57
C ILE C 775 -33.46 35.56 -26.78
N ILE C 776 -32.84 36.15 -27.78
CA ILE C 776 -32.99 37.56 -28.07
C ILE C 776 -34.03 37.71 -29.17
N LYS C 777 -35.07 38.52 -28.91
CA LYS C 777 -36.16 38.68 -29.85
C LYS C 777 -36.09 40.04 -30.56
N ALA C 778 -36.21 40.02 -31.89
CA ALA C 778 -36.37 41.26 -32.67
C ALA C 778 -37.64 41.95 -32.23
N ALA C 779 -37.63 43.28 -32.21
CA ALA C 779 -38.84 44.03 -31.87
C ALA C 779 -40.04 43.61 -32.73
N SER C 780 -39.82 43.33 -34.02
CA SER C 780 -40.89 42.92 -34.92
C SER C 780 -41.54 41.55 -34.59
N MET C 781 -40.90 40.79 -33.70
CA MET C 781 -41.46 39.54 -33.19
C MET C 781 -42.59 39.78 -32.19
N TYR C 782 -42.67 41.00 -31.68
CA TYR C 782 -43.75 41.46 -30.80
C TYR C 782 -44.97 41.79 -31.66
N ASN C 783 -46.04 41.03 -31.44
CA ASN C 783 -47.19 41.07 -32.35
C ASN C 783 -48.13 42.21 -32.10
N ASN C 784 -48.93 42.55 -33.12
CA ASN C 784 -49.98 43.56 -33.03
C ASN C 784 -49.53 44.95 -32.59
N ASP C 785 -48.31 45.29 -33.01
CA ASP C 785 -47.75 46.62 -32.80
C ASP C 785 -47.23 47.08 -34.16
N SER C 786 -47.71 48.25 -34.61
CA SER C 786 -47.32 48.77 -35.91
C SER C 786 -46.18 49.80 -35.83
N ASN C 787 -45.60 49.95 -34.64
CA ASN C 787 -44.47 50.82 -34.44
C ASN C 787 -43.15 50.10 -34.12
N VAL C 788 -43.21 48.81 -33.79
CA VAL C 788 -41.97 48.08 -33.49
C VAL C 788 -40.99 48.06 -34.67
N ARG C 789 -41.51 48.16 -35.88
CA ARG C 789 -40.65 48.09 -37.07
C ARG C 789 -39.67 49.28 -37.14
N ARG C 790 -40.18 50.45 -36.82
CA ARG C 790 -39.37 51.64 -36.74
C ARG C 790 -38.25 51.45 -35.69
N ALA C 791 -38.58 50.82 -34.57
CA ALA C 791 -37.65 50.69 -33.46
C ALA C 791 -36.77 49.45 -33.50
N GLN C 792 -36.87 48.65 -34.55
CA GLN C 792 -36.17 47.36 -34.56
C GLN C 792 -34.62 47.37 -34.56
N ASN C 793 -34.00 48.52 -34.85
CA ASN C 793 -32.53 48.55 -34.98
C ASN C 793 -31.76 48.37 -33.68
N ASP C 794 -32.34 48.94 -32.61
CA ASP C 794 -31.67 49.07 -31.33
C ASP C 794 -32.60 48.76 -30.11
N HIS C 795 -33.81 48.25 -30.36
CA HIS C 795 -34.69 47.70 -29.32
C HIS C 795 -34.82 46.20 -29.49
N PHE C 796 -34.69 45.43 -28.40
CA PHE C 796 -34.90 43.97 -28.43
C PHE C 796 -35.48 43.46 -27.13
N LEU C 797 -36.03 42.26 -27.14
CA LEU C 797 -36.64 41.72 -25.92
C LEU C 797 -36.08 40.35 -25.58
N LEU C 798 -36.17 39.98 -24.31
CA LEU C 798 -35.75 38.67 -23.82
C LEU C 798 -36.45 38.35 -22.50
N GLY C 799 -36.37 37.09 -22.08
CA GLY C 799 -36.59 36.71 -20.68
C GLY C 799 -38.03 36.51 -20.20
N GLY C 800 -38.16 35.82 -19.08
CA GLY C 800 -39.48 35.56 -18.51
C GLY C 800 -40.09 34.28 -19.02
N HIS C 801 -41.33 34.03 -18.62
CA HIS C 801 -42.01 32.78 -18.97
C HIS C 801 -42.22 32.63 -20.48
N ASP C 802 -42.42 33.75 -21.19
CA ASP C 802 -42.65 33.72 -22.64
C ASP C 802 -41.47 34.22 -23.48
N GLY C 803 -40.49 34.85 -22.82
CA GLY C 803 -39.31 35.43 -23.51
C GLY C 803 -39.48 36.86 -23.95
N TYR C 804 -40.50 37.55 -23.45
CA TYR C 804 -40.81 38.93 -23.81
C TYR C 804 -41.01 39.83 -22.61
N ARG C 805 -40.37 39.51 -21.49
CA ARG C 805 -40.60 40.26 -20.24
C ARG C 805 -39.62 41.42 -20.03
N ILE C 806 -38.54 41.45 -20.82
CA ILE C 806 -37.52 42.48 -20.64
C ILE C 806 -37.29 43.21 -21.94
N LEU C 807 -37.40 44.54 -21.91
CA LEU C 807 -37.06 45.35 -23.07
C LEU C 807 -35.73 46.08 -22.86
N CYS C 808 -34.83 46.01 -23.86
CA CYS C 808 -33.57 46.77 -23.84
C CYS C 808 -33.48 47.68 -25.05
N ALA C 809 -33.16 48.94 -24.80
CA ALA C 809 -32.93 49.87 -25.89
C ALA C 809 -31.63 50.66 -25.71
N PRO C 810 -30.46 49.99 -25.82
CA PRO C 810 -29.13 50.55 -25.52
C PRO C 810 -28.81 51.81 -26.32
N VAL C 811 -28.09 52.75 -25.71
CA VAL C 811 -27.54 53.90 -26.42
C VAL C 811 -26.40 53.39 -27.32
N VAL C 812 -26.44 53.76 -28.60
CA VAL C 812 -25.48 53.18 -29.59
C VAL C 812 -24.57 54.22 -30.22
N TRP C 813 -24.49 55.39 -29.59
CA TRP C 813 -23.53 56.43 -29.97
C TRP C 813 -22.67 56.88 -28.79
N GLU C 814 -21.42 57.21 -29.06
CA GLU C 814 -20.51 57.79 -28.05
C GLU C 814 -20.88 59.25 -27.75
N ASN C 815 -20.58 59.70 -26.53
CA ASN C 815 -20.84 61.10 -26.10
C ASN C 815 -22.28 61.52 -26.25
N SER C 816 -23.15 60.57 -25.98
CA SER C 816 -24.57 60.71 -26.19
C SER C 816 -25.25 60.44 -24.87
N THR C 817 -26.15 61.32 -24.47
CA THR C 817 -26.81 61.20 -23.18
C THR C 817 -28.34 61.14 -23.28
N GLU C 818 -28.82 60.76 -24.46
CA GLU C 818 -30.24 60.59 -24.73
C GLU C 818 -30.49 59.72 -25.97
N ARG C 819 -31.74 59.35 -26.17
CA ARG C 819 -32.14 58.51 -27.30
C ARG C 819 -33.66 58.46 -27.43
N GLU C 820 -34.12 58.07 -28.61
CA GLU C 820 -35.54 57.86 -28.87
C GLU C 820 -35.98 56.50 -28.37
N LEU C 821 -36.98 56.50 -27.50
CA LEU C 821 -37.45 55.28 -26.87
C LEU C 821 -38.88 54.94 -27.30
N TYR C 822 -39.11 53.70 -27.69
CA TYR C 822 -40.47 53.25 -27.94
C TYR C 822 -40.81 52.06 -27.06
N LEU C 823 -41.94 52.14 -26.35
CA LEU C 823 -42.40 51.03 -25.54
C LEU C 823 -43.51 50.25 -26.27
N PRO C 824 -43.30 48.95 -26.50
CA PRO C 824 -44.34 48.10 -27.11
C PRO C 824 -45.75 48.25 -26.49
N VAL C 825 -46.77 48.29 -27.35
CA VAL C 825 -48.15 48.64 -26.97
C VAL C 825 -48.92 47.49 -26.28
N LEU C 826 -50.02 47.86 -25.62
CA LEU C 826 -50.94 46.95 -24.92
C LEU C 826 -50.30 46.11 -23.81
N THR C 827 -49.37 46.74 -23.08
CA THR C 827 -48.80 46.20 -21.85
C THR C 827 -48.17 47.36 -21.06
N GLN C 828 -47.89 47.13 -19.77
CA GLN C 828 -47.21 48.15 -18.96
C GLN C 828 -45.73 47.83 -18.77
N TRP C 829 -44.90 48.87 -18.75
CA TRP C 829 -43.43 48.72 -18.56
C TRP C 829 -42.90 49.45 -17.33
N TYR C 830 -41.93 48.81 -16.68
CA TYR C 830 -41.29 49.38 -15.49
C TYR C 830 -39.82 49.63 -15.72
N LYS C 831 -39.41 50.87 -15.55
CA LYS C 831 -37.99 51.21 -15.64
C LYS C 831 -37.18 50.33 -14.69
N PHE C 832 -36.07 49.81 -15.19
CA PHE C 832 -35.19 48.95 -14.39
C PHE C 832 -33.70 49.26 -14.67
N GLY C 833 -32.82 48.33 -14.33
CA GLY C 833 -31.39 48.57 -14.41
C GLY C 833 -30.71 48.24 -13.10
N PRO C 834 -29.37 48.37 -13.05
CA PRO C 834 -28.56 47.89 -11.92
C PRO C 834 -28.90 48.50 -10.55
N ASP C 835 -29.35 49.75 -10.52
CA ASP C 835 -29.68 50.43 -9.26
C ASP C 835 -30.95 49.94 -8.55
N PHE C 836 -31.89 49.40 -9.32
CA PHE C 836 -33.25 49.11 -8.85
C PHE C 836 -33.40 47.85 -7.97
N ASP C 837 -32.33 47.06 -7.83
CA ASP C 837 -32.32 45.97 -6.85
C ASP C 837 -32.40 46.52 -5.42
N THR C 838 -31.93 47.75 -5.20
CA THR C 838 -31.78 48.30 -3.85
C THR C 838 -32.65 49.52 -3.54
N LYS C 839 -33.65 49.79 -4.40
CA LYS C 839 -34.66 50.84 -4.18
C LYS C 839 -36.06 50.43 -4.72
N PRO C 840 -37.11 51.21 -4.41
CA PRO C 840 -38.42 50.83 -4.95
C PRO C 840 -38.53 51.13 -6.45
N LEU C 841 -39.31 50.32 -7.16
CA LEU C 841 -39.62 50.57 -8.58
C LEU C 841 -40.30 51.92 -8.71
N GLU C 842 -40.20 52.51 -9.89
CA GLU C 842 -40.91 53.77 -10.19
C GLU C 842 -42.33 53.49 -10.70
N GLY C 843 -43.03 54.56 -11.09
CA GLY C 843 -44.38 54.44 -11.67
C GLY C 843 -44.38 53.69 -12.99
N ALA C 844 -45.53 53.09 -13.32
CA ALA C 844 -45.68 52.33 -14.56
C ALA C 844 -45.57 53.25 -15.78
N MET C 845 -44.84 52.80 -16.79
CA MET C 845 -44.83 53.47 -18.10
C MET C 845 -45.82 52.78 -19.03
N ASN C 846 -46.64 53.58 -19.69
CA ASN C 846 -47.69 53.05 -20.56
C ASN C 846 -47.11 52.54 -21.88
N GLY C 847 -47.40 51.28 -22.19
CA GLY C 847 -46.97 50.68 -23.45
C GLY C 847 -47.64 51.36 -24.63
N GLY C 848 -46.90 51.53 -25.71
CA GLY C 848 -47.34 52.34 -26.83
C GLY C 848 -46.70 53.72 -26.83
N ASP C 849 -46.23 54.14 -25.66
CA ASP C 849 -45.52 55.42 -25.50
C ASP C 849 -44.24 55.53 -26.34
N ARG C 850 -44.11 56.67 -27.04
CA ARG C 850 -42.91 56.96 -27.80
C ARG C 850 -42.32 58.24 -27.27
N ILE C 851 -41.10 58.15 -26.75
CA ILE C 851 -40.51 59.27 -26.02
C ILE C 851 -39.22 59.70 -26.71
N TYR C 852 -39.23 60.93 -27.22
CA TYR C 852 -38.05 61.50 -27.82
C TYR C 852 -37.14 62.03 -26.74
N ASN C 853 -35.83 61.90 -26.97
CA ASN C 853 -34.84 62.52 -26.10
C ASN C 853 -34.97 62.05 -24.66
N TYR C 854 -35.29 60.77 -24.50
CA TYR C 854 -35.36 60.14 -23.20
C TYR C 854 -33.96 60.21 -22.56
N PRO C 855 -33.85 60.85 -21.36
CA PRO C 855 -32.56 61.04 -20.65
C PRO C 855 -31.84 59.73 -20.33
N VAL C 856 -30.62 59.58 -20.84
CA VAL C 856 -29.78 58.41 -20.54
C VAL C 856 -28.34 58.85 -20.19
N PRO C 857 -28.07 59.10 -18.89
CA PRO C 857 -26.70 59.43 -18.48
C PRO C 857 -25.78 58.24 -18.77
N GLN C 858 -24.48 58.48 -18.67
CA GLN C 858 -23.47 57.42 -18.83
C GLN C 858 -23.70 56.23 -17.92
N SER C 859 -24.08 56.53 -16.67
CA SER C 859 -24.27 55.53 -15.63
C SER C 859 -25.56 54.69 -15.81
N GLU C 860 -26.40 55.04 -16.80
CA GLU C 860 -27.67 54.33 -17.05
C GLU C 860 -27.79 53.78 -18.47
N SER C 861 -28.72 52.84 -18.64
CA SER C 861 -29.06 52.22 -19.93
C SER C 861 -30.55 51.85 -19.89
N PRO C 862 -31.31 52.16 -20.97
CA PRO C 862 -32.78 51.91 -20.92
C PRO C 862 -33.15 50.43 -20.98
N ILE C 863 -33.62 49.92 -19.84
CA ILE C 863 -33.95 48.51 -19.66
C ILE C 863 -35.26 48.50 -18.87
N PHE C 864 -36.25 47.71 -19.33
CA PHE C 864 -37.57 47.74 -18.71
C PHE C 864 -38.08 46.35 -18.48
N VAL C 865 -38.67 46.12 -17.31
CA VAL C 865 -39.35 44.85 -17.04
C VAL C 865 -40.86 45.02 -17.21
N ARG C 866 -41.46 44.02 -17.84
CA ARG C 866 -42.87 44.04 -18.17
C ARG C 866 -43.71 43.59 -16.98
N GLU C 867 -44.90 44.16 -16.83
CA GLU C 867 -45.84 43.74 -15.78
C GLU C 867 -46.15 42.26 -15.96
N GLY C 868 -46.53 41.58 -14.89
CA GLY C 868 -46.82 40.15 -14.97
C GLY C 868 -45.60 39.25 -15.00
N ALA C 869 -44.41 39.84 -14.86
CA ALA C 869 -43.16 39.06 -14.83
C ALA C 869 -42.78 38.52 -13.46
N ILE C 870 -42.38 37.25 -13.43
CA ILE C 870 -41.73 36.69 -12.27
C ILE C 870 -40.36 36.24 -12.77
N LEU C 871 -39.32 36.91 -12.29
CA LEU C 871 -37.95 36.62 -12.75
C LEU C 871 -37.12 35.96 -11.67
N PRO C 872 -36.53 34.80 -11.99
CA PRO C 872 -35.60 34.16 -11.08
C PRO C 872 -34.33 35.01 -10.96
N THR C 873 -33.86 35.19 -9.74
CA THR C 873 -32.75 36.11 -9.43
C THR C 873 -31.78 35.42 -8.49
N ARG C 874 -30.49 35.75 -8.60
CA ARG C 874 -29.44 35.13 -7.77
C ARG C 874 -28.66 36.15 -6.97
N TYR C 875 -28.28 35.77 -5.76
CA TYR C 875 -27.40 36.57 -4.90
C TYR C 875 -26.38 35.67 -4.27
N THR C 876 -25.25 36.24 -3.86
CA THR C 876 -24.26 35.48 -3.10
C THR C 876 -24.67 35.52 -1.63
N LEU C 877 -24.47 34.41 -0.91
CA LEU C 877 -24.77 34.37 0.52
C LEU C 877 -23.94 35.38 1.31
N ASN C 878 -22.74 35.70 0.83
CA ASN C 878 -21.84 36.57 1.59
C ASN C 878 -21.69 38.02 1.12
N GLY C 879 -22.44 38.40 0.10
CA GLY C 879 -22.41 39.76 -0.46
C GLY C 879 -21.22 40.15 -1.34
N GLU C 880 -20.30 39.19 -1.58
CA GLU C 880 -19.17 39.45 -2.46
C GLU C 880 -19.44 38.94 -3.87
N ASN C 881 -18.89 39.62 -4.87
CA ASN C 881 -19.04 39.20 -6.26
C ASN C 881 -18.17 38.01 -6.55
N LYS C 882 -18.75 36.89 -6.96
CA LYS C 882 -17.93 35.74 -7.38
C LYS C 882 -18.32 35.24 -8.76
N SER C 883 -17.50 34.34 -9.30
CA SER C 883 -17.80 33.66 -10.56
C SER C 883 -19.05 32.80 -10.42
N LEU C 884 -19.79 32.67 -11.50
CA LEU C 884 -20.99 31.80 -11.58
C LEU C 884 -20.64 30.34 -11.27
N ASN C 885 -19.45 29.93 -11.66
CA ASN C 885 -19.08 28.52 -11.53
C ASN C 885 -18.82 28.12 -10.08
N THR C 886 -18.72 29.10 -9.19
CA THR C 886 -18.51 28.87 -7.74
C THR C 886 -19.76 29.12 -6.86
N TYR C 887 -20.87 29.55 -7.45
CA TYR C 887 -22.18 29.55 -6.77
C TYR C 887 -22.56 28.14 -6.34
N THR C 888 -23.20 28.00 -5.20
CA THR C 888 -23.84 26.74 -4.82
C THR C 888 -25.33 27.01 -4.60
N ASP C 889 -26.13 25.97 -4.34
CA ASP C 889 -27.55 26.17 -4.05
C ASP C 889 -27.80 26.94 -2.73
N GLU C 890 -26.75 27.12 -1.92
CA GLU C 890 -26.83 27.95 -0.72
C GLU C 890 -26.77 29.44 -1.05
N ASP C 891 -26.42 29.78 -2.29
CA ASP C 891 -26.49 31.17 -2.73
C ASP C 891 -27.94 31.39 -3.16
N PRO C 892 -28.66 32.35 -2.52
CA PRO C 892 -30.12 32.54 -2.61
C PRO C 892 -30.69 32.54 -4.01
N LEU C 893 -31.75 31.75 -4.24
CA LEU C 893 -32.56 31.84 -5.43
C LEU C 893 -33.85 32.55 -5.04
N VAL C 894 -34.14 33.64 -5.74
CA VAL C 894 -35.24 34.51 -5.39
C VAL C 894 -36.16 34.69 -6.62
N PHE C 895 -37.42 34.29 -6.46
CA PHE C 895 -38.43 34.56 -7.48
C PHE C 895 -39.02 35.93 -7.22
N GLU C 896 -38.55 36.91 -7.98
CA GLU C 896 -39.03 38.29 -7.90
C GLU C 896 -40.30 38.50 -8.70
N VAL C 897 -41.35 38.91 -8.01
CA VAL C 897 -42.66 39.19 -8.61
C VAL C 897 -42.83 40.69 -8.82
N PHE C 898 -42.82 41.08 -10.10
CA PHE C 898 -43.03 42.47 -10.49
C PHE C 898 -44.53 42.80 -10.43
N PRO C 899 -44.92 44.09 -10.50
CA PRO C 899 -46.35 44.38 -10.41
C PRO C 899 -47.14 43.50 -11.40
N LEU C 900 -48.35 43.12 -11.00
CA LEU C 900 -49.12 42.17 -11.80
C LEU C 900 -49.67 42.82 -13.06
N GLY C 901 -49.75 42.00 -14.12
CA GLY C 901 -50.42 42.41 -15.35
C GLY C 901 -51.75 41.70 -15.42
N ASN C 902 -52.83 42.49 -15.39
CA ASN C 902 -54.19 41.93 -15.35
C ASN C 902 -54.40 41.04 -14.14
N ASN C 903 -53.92 41.53 -13.00
CA ASN C 903 -53.99 40.79 -11.74
C ASN C 903 -53.31 39.42 -11.70
N ARG C 904 -52.36 39.18 -12.60
CA ARG C 904 -51.54 37.97 -12.52
C ARG C 904 -50.07 38.20 -12.88
N ALA C 905 -49.22 37.25 -12.51
CA ALA C 905 -47.85 37.19 -12.99
C ALA C 905 -47.43 35.75 -13.17
N ASP C 906 -46.38 35.57 -13.96
CA ASP C 906 -45.95 34.26 -14.44
C ASP C 906 -44.45 34.25 -14.53
N GLY C 907 -43.86 33.10 -14.23
CA GLY C 907 -42.44 32.99 -14.17
C GLY C 907 -42.04 31.56 -14.42
N MET C 908 -40.77 31.40 -14.76
CA MET C 908 -40.23 30.09 -15.02
C MET C 908 -38.74 30.04 -14.65
N CYS C 909 -38.28 28.88 -14.17
CA CYS C 909 -36.86 28.71 -13.88
C CYS C 909 -36.34 27.29 -14.16
N TYR C 910 -35.36 27.17 -15.05
CA TYR C 910 -34.66 25.90 -15.26
C TYR C 910 -33.60 25.70 -14.17
N LEU C 911 -33.50 24.49 -13.63
CA LEU C 911 -32.54 24.18 -12.55
C LEU C 911 -31.81 22.87 -12.77
N ASP C 912 -30.49 22.95 -12.73
CA ASP C 912 -29.64 21.75 -12.76
C ASP C 912 -28.34 21.98 -11.98
N ASP C 913 -27.40 21.04 -12.05
CA ASP C 913 -26.14 21.20 -11.30
C ASP C 913 -25.15 22.16 -11.97
N GLY C 914 -25.60 22.90 -12.99
CA GLY C 914 -24.78 23.89 -13.69
C GLY C 914 -23.79 23.31 -14.68
N GLY C 915 -23.76 21.99 -14.82
CA GLY C 915 -22.80 21.34 -15.70
C GLY C 915 -21.66 20.61 -15.02
N VAL C 916 -21.76 20.43 -13.71
CA VAL C 916 -20.78 19.64 -12.95
C VAL C 916 -20.78 18.26 -13.58
N THR C 917 -21.98 17.78 -13.86
CA THR C 917 -22.25 16.50 -14.56
C THR C 917 -23.02 16.76 -15.86
N THR C 918 -23.17 15.72 -16.68
CA THR C 918 -24.00 15.78 -17.87
C THR C 918 -25.28 14.98 -17.64
N ASN C 919 -25.69 14.84 -16.37
CA ASN C 919 -26.85 14.04 -16.06
C ASN C 919 -28.18 14.69 -16.44
N ALA C 920 -28.18 16.02 -16.56
CA ALA C 920 -29.33 16.73 -17.10
C ALA C 920 -29.65 16.26 -18.53
N GLU C 921 -28.68 16.37 -19.43
CA GLU C 921 -28.90 16.08 -20.85
C GLU C 921 -28.88 14.60 -21.16
N ASP C 922 -28.16 13.83 -20.34
CA ASP C 922 -27.96 12.40 -20.53
C ASP C 922 -29.06 11.56 -19.91
N ASN C 923 -29.53 11.99 -18.74
CA ASN C 923 -30.34 11.16 -17.86
C ASN C 923 -31.57 11.89 -17.36
N GLY C 924 -31.76 13.10 -17.88
CA GLY C 924 -32.91 13.92 -17.55
C GLY C 924 -32.88 14.47 -16.14
N LYS C 925 -31.69 14.57 -15.54
CA LYS C 925 -31.60 15.13 -14.18
C LYS C 925 -31.64 16.66 -14.18
N PHE C 926 -32.83 17.20 -14.44
CA PHE C 926 -33.07 18.64 -14.33
C PHE C 926 -34.48 18.92 -13.79
N SER C 927 -34.71 20.17 -13.39
CA SER C 927 -36.02 20.64 -12.95
C SER C 927 -36.44 21.83 -13.77
N VAL C 928 -37.74 21.96 -13.98
CA VAL C 928 -38.28 23.13 -14.62
C VAL C 928 -39.35 23.68 -13.72
N VAL C 929 -39.02 24.74 -13.01
CA VAL C 929 -39.99 25.33 -12.08
C VAL C 929 -40.93 26.29 -12.79
N LYS C 930 -42.21 26.21 -12.44
CA LYS C 930 -43.21 27.17 -12.91
C LYS C 930 -43.86 27.79 -11.70
N VAL C 931 -44.07 29.11 -11.80
CA VAL C 931 -44.74 29.86 -10.76
C VAL C 931 -45.78 30.79 -11.38
N ALA C 932 -46.92 30.91 -10.71
CA ALA C 932 -47.97 31.84 -11.11
C ALA C 932 -48.42 32.57 -9.87
N ALA C 933 -48.62 33.87 -10.00
CA ALA C 933 -49.24 34.65 -8.97
C ALA C 933 -50.58 35.14 -9.51
N GLU C 934 -51.60 35.14 -8.67
CA GLU C 934 -52.92 35.68 -9.03
C GLU C 934 -53.47 36.49 -7.88
N GLN C 935 -53.91 37.71 -8.20
CA GLN C 935 -54.55 38.58 -7.23
C GLN C 935 -56.08 38.51 -7.36
N ASP C 936 -56.76 38.28 -6.26
CA ASP C 936 -58.22 38.36 -6.26
C ASP C 936 -58.74 39.06 -5.01
N GLY C 937 -59.12 40.33 -5.17
CA GLY C 937 -59.48 41.16 -4.03
C GLY C 937 -58.34 41.15 -3.02
N GLY C 938 -58.65 40.86 -1.77
CA GLY C 938 -57.63 40.87 -0.71
C GLY C 938 -56.65 39.70 -0.65
N THR C 939 -56.78 38.72 -1.55
CA THR C 939 -56.01 37.47 -1.46
C THR C 939 -55.11 37.21 -2.67
N GLU C 940 -53.81 37.13 -2.42
CA GLU C 940 -52.86 36.85 -3.48
C GLU C 940 -52.32 35.44 -3.32
N THR C 941 -52.48 34.64 -4.37
CA THR C 941 -52.10 33.24 -4.32
C THR C 941 -50.93 33.02 -5.27
N ILE C 942 -49.83 32.48 -4.72
CA ILE C 942 -48.61 32.18 -5.49
C ILE C 942 -48.34 30.67 -5.52
N THR C 943 -48.41 30.09 -6.71
CA THR C 943 -48.47 28.65 -6.86
C THR C 943 -47.22 28.13 -7.55
N PHE C 944 -46.59 27.13 -6.96
CA PHE C 944 -45.44 26.54 -7.59
C PHE C 944 -45.79 25.20 -8.19
N THR C 945 -45.45 25.07 -9.47
CA THR C 945 -45.58 23.80 -10.14
C THR C 945 -44.27 23.51 -10.86
N ASN C 946 -44.19 22.34 -11.48
CA ASN C 946 -43.02 21.99 -12.29
C ASN C 946 -43.46 21.14 -13.48
N ASP C 947 -42.77 21.26 -14.61
CA ASP C 947 -42.95 20.29 -15.69
C ASP C 947 -42.21 19.02 -15.34
N CYS C 948 -41.16 19.17 -14.52
CA CYS C 948 -40.42 18.04 -13.95
C CYS C 948 -39.54 18.52 -12.78
N TYR C 949 -39.25 17.59 -11.86
CA TYR C 949 -38.38 17.87 -10.72
C TYR C 949 -37.46 16.68 -10.50
N GLU C 950 -36.38 16.62 -11.28
CA GLU C 950 -35.42 15.55 -11.13
C GLU C 950 -34.08 16.04 -10.58
N TYR C 951 -33.99 17.36 -10.40
CA TYR C 951 -32.83 17.97 -9.76
C TYR C 951 -33.32 18.73 -8.54
N VAL C 952 -32.85 18.31 -7.38
CA VAL C 952 -33.30 18.84 -6.10
C VAL C 952 -32.45 20.07 -5.73
N PHE C 953 -33.08 21.24 -5.66
CA PHE C 953 -32.39 22.47 -5.27
C PHE C 953 -32.07 22.42 -3.78
N GLY C 954 -30.77 22.46 -3.47
CA GLY C 954 -30.26 22.18 -2.13
C GLY C 954 -30.43 23.22 -1.03
N GLY C 955 -30.71 24.47 -1.37
CA GLY C 955 -30.85 25.49 -0.34
C GLY C 955 -32.26 26.02 -0.23
N PRO C 956 -32.48 27.02 0.66
CA PRO C 956 -33.79 27.66 0.72
C PRO C 956 -34.01 28.57 -0.49
N PHE C 957 -35.27 28.75 -0.90
CA PHE C 957 -35.56 29.71 -1.97
C PHE C 957 -36.39 30.82 -1.42
N TYR C 958 -36.57 31.86 -2.21
CA TYR C 958 -37.31 33.02 -1.74
C TYR C 958 -38.34 33.46 -2.76
N VAL C 959 -39.37 34.15 -2.27
CA VAL C 959 -40.26 34.95 -3.10
C VAL C 959 -40.10 36.40 -2.66
N ARG C 960 -39.94 37.29 -3.63
CA ARG C 960 -39.87 38.73 -3.35
C ARG C 960 -40.96 39.38 -4.16
N VAL C 961 -42.00 39.81 -3.46
CA VAL C 961 -43.19 40.42 -4.08
C VAL C 961 -43.03 41.94 -4.02
N ARG C 962 -42.92 42.58 -5.18
CA ARG C 962 -42.81 44.05 -5.29
C ARG C 962 -44.17 44.74 -5.10
N GLY C 963 -44.17 45.87 -4.42
CA GLY C 963 -45.40 46.61 -4.12
C GLY C 963 -46.17 46.05 -2.93
N ALA C 964 -45.59 45.08 -2.23
CA ALA C 964 -46.20 44.57 -1.00
C ALA C 964 -45.40 45.06 0.20
N GLN C 965 -46.13 45.55 1.19
CA GLN C 965 -45.57 45.75 2.53
C GLN C 965 -46.20 44.73 3.49
N SER C 966 -46.75 45.22 4.61
CA SER C 966 -47.18 44.37 5.71
C SER C 966 -48.43 43.53 5.40
N PRO C 967 -48.34 42.18 5.52
CA PRO C 967 -49.50 41.26 5.42
C PRO C 967 -50.07 40.91 6.80
N SER C 968 -51.31 40.41 6.86
CA SER C 968 -51.87 39.99 8.15
C SER C 968 -51.66 38.50 8.41
N ASN C 969 -51.62 37.72 7.35
CA ASN C 969 -51.26 36.30 7.42
C ASN C 969 -50.67 35.81 6.10
N ILE C 970 -49.70 34.89 6.18
CA ILE C 970 -49.23 34.19 5.00
C ILE C 970 -49.23 32.69 5.25
N HIS C 971 -49.95 31.96 4.41
CA HIS C 971 -50.07 30.51 4.56
C HIS C 971 -49.31 29.80 3.45
N VAL C 972 -48.71 28.67 3.79
CA VAL C 972 -47.97 27.89 2.81
C VAL C 972 -48.45 26.44 2.88
N SER C 973 -48.80 25.88 1.73
CA SER C 973 -49.38 24.54 1.63
C SER C 973 -48.49 23.63 0.75
N SER C 974 -48.23 22.41 1.23
CA SER C 974 -47.41 21.48 0.48
C SER C 974 -47.57 20.03 0.93
N GLY C 975 -47.41 19.12 -0.02
CA GLY C 975 -47.36 17.68 0.26
C GLY C 975 -46.20 17.34 1.19
N ALA C 976 -45.26 18.27 1.30
CA ALA C 976 -44.13 18.15 2.19
C ALA C 976 -44.52 18.62 3.60
N GLY C 977 -45.66 19.29 3.73
CA GLY C 977 -46.09 19.84 5.00
C GLY C 977 -46.50 21.30 4.91
N SER C 978 -47.55 21.64 5.66
CA SER C 978 -48.17 22.98 5.60
C SER C 978 -47.95 23.80 6.88
N GLN C 979 -47.68 25.09 6.72
CA GLN C 979 -47.47 26.03 7.84
C GLN C 979 -47.93 27.44 7.51
N ASP C 980 -48.23 28.23 8.54
CA ASP C 980 -48.37 29.67 8.42
C ASP C 980 -46.97 30.25 8.58
N MET C 981 -46.68 31.35 7.90
CA MET C 981 -45.38 32.00 8.05
C MET C 981 -45.38 32.98 9.22
N LYS C 982 -44.20 33.34 9.71
CA LYS C 982 -44.06 34.33 10.79
C LYS C 982 -43.10 35.46 10.39
N VAL C 983 -43.27 36.64 11.00
CA VAL C 983 -42.33 37.74 10.76
C VAL C 983 -40.91 37.37 11.31
N SER C 984 -39.87 37.57 10.49
CA SER C 984 -38.50 37.18 10.86
C SER C 984 -37.93 38.12 11.92
N SER C 985 -37.02 37.63 12.76
CA SER C 985 -36.34 38.55 13.68
C SER C 985 -35.21 39.32 12.99
N ALA C 986 -34.93 38.99 11.72
CA ALA C 986 -34.01 39.75 10.86
C ALA C 986 -34.68 41.00 10.28
N THR C 987 -33.90 42.06 10.08
CA THR C 987 -34.40 43.32 9.47
C THR C 987 -33.47 43.91 8.40
N SER C 988 -32.61 43.08 7.82
CA SER C 988 -31.96 43.43 6.55
C SER C 988 -31.94 42.20 5.65
N ARG C 989 -31.54 42.38 4.40
CA ARG C 989 -31.50 41.29 3.45
C ARG C 989 -30.42 40.28 3.85
N ALA C 990 -29.25 40.79 4.20
CA ALA C 990 -28.11 39.95 4.59
C ALA C 990 -28.47 39.08 5.80
N ALA C 991 -29.12 39.69 6.79
CA ALA C 991 -29.63 38.97 7.96
C ALA C 991 -30.66 37.88 7.66
N LEU C 992 -31.50 38.11 6.65
CA LEU C 992 -32.50 37.10 6.28
C LEU C 992 -31.84 35.92 5.58
N PHE C 993 -30.88 36.22 4.70
CA PHE C 993 -30.16 35.18 3.96
C PHE C 993 -29.39 34.25 4.93
N ASN C 994 -28.65 34.86 5.84
CA ASN C 994 -27.78 34.16 6.79
C ASN C 994 -28.42 33.62 8.07
N ASP C 995 -29.31 34.40 8.69
CA ASP C 995 -29.87 34.05 10.01
C ASP C 995 -31.39 33.85 10.04
N GLY C 996 -32.07 34.20 8.95
CA GLY C 996 -33.53 34.06 8.89
C GLY C 996 -33.84 32.58 8.81
N GLU C 997 -34.97 32.14 9.36
CA GLU C 997 -35.27 30.74 9.15
C GLU C 997 -36.38 30.48 8.14
N ASN C 998 -36.48 29.21 7.76
CA ASN C 998 -37.51 28.78 6.83
C ASN C 998 -38.87 29.01 7.45
N GLY C 999 -39.77 29.59 6.67
CA GLY C 999 -41.07 30.02 7.20
C GLY C 999 -41.09 31.50 7.57
N ASP C 1000 -39.92 32.12 7.63
CA ASP C 1000 -39.81 33.54 7.96
C ASP C 1000 -40.24 34.46 6.82
N PHE C 1001 -40.80 35.61 7.15
CA PHE C 1001 -40.96 36.68 6.15
C PHE C 1001 -40.41 38.03 6.64
N TRP C 1002 -40.00 38.87 5.70
CA TRP C 1002 -39.41 40.18 6.00
C TRP C 1002 -40.12 41.24 5.19
N VAL C 1003 -40.53 42.32 5.85
CA VAL C 1003 -41.14 43.47 5.21
C VAL C 1003 -40.05 44.48 4.88
N ASP C 1004 -39.66 44.52 3.61
CA ASP C 1004 -38.51 45.31 3.13
C ASP C 1004 -38.94 46.73 2.81
N GLN C 1005 -38.93 47.59 3.82
CA GLN C 1005 -39.35 48.99 3.65
C GLN C 1005 -38.55 49.76 2.61
N GLU C 1006 -37.25 49.50 2.51
CA GLU C 1006 -36.36 50.31 1.65
C GLU C 1006 -36.57 50.11 0.12
N THR C 1007 -36.94 48.88 -0.28
CA THR C 1007 -37.21 48.56 -1.70
C THR C 1007 -38.69 48.24 -2.01
N ASP C 1008 -39.58 48.63 -1.09
CA ASP C 1008 -41.01 48.30 -1.12
C ASP C 1008 -41.24 46.87 -1.58
N SER C 1009 -40.76 45.93 -0.76
CA SER C 1009 -40.87 44.50 -1.09
C SER C 1009 -41.22 43.64 0.11
N LEU C 1010 -41.87 42.51 -0.16
CA LEU C 1010 -42.10 41.52 0.88
C LEU C 1010 -41.34 40.26 0.50
N TRP C 1011 -40.48 39.78 1.41
CA TRP C 1011 -39.62 38.63 1.13
C TRP C 1011 -40.07 37.43 1.96
N LEU C 1012 -40.05 36.25 1.35
CA LEU C 1012 -40.51 35.02 1.99
C LEU C 1012 -39.42 33.98 1.84
N LYS C 1013 -38.97 33.43 2.97
CA LYS C 1013 -37.94 32.40 2.98
C LYS C 1013 -38.58 31.01 3.14
N LEU C 1014 -38.23 30.08 2.24
CA LEU C 1014 -38.94 28.79 2.14
C LEU C 1014 -38.02 27.55 2.00
N PRO C 1015 -38.37 26.45 2.71
CA PRO C 1015 -37.47 25.28 2.65
C PRO C 1015 -37.49 24.64 1.26
N ASN C 1016 -36.35 24.10 0.85
CA ASN C 1016 -36.20 23.51 -0.48
C ASN C 1016 -37.27 22.46 -0.82
N VAL C 1017 -37.79 21.78 0.22
CA VAL C 1017 -38.78 20.71 0.07
C VAL C 1017 -40.14 21.13 -0.51
N VAL C 1018 -40.49 22.42 -0.39
CA VAL C 1018 -41.76 22.96 -0.92
C VAL C 1018 -41.68 23.58 -2.33
N LEU C 1019 -40.48 23.62 -2.90
CA LEU C 1019 -40.26 24.18 -4.23
C LEU C 1019 -41.12 23.50 -5.31
N PRO C 1020 -41.26 22.14 -5.25
CA PRO C 1020 -41.96 21.51 -6.37
C PRO C 1020 -43.48 21.82 -6.42
N ASP C 1021 -44.11 22.06 -5.27
CA ASP C 1021 -45.57 22.07 -5.20
C ASP C 1021 -46.23 23.16 -4.33
N ALA C 1022 -45.46 24.13 -3.84
CA ALA C 1022 -45.97 25.11 -2.86
C ALA C 1022 -47.17 25.88 -3.37
N VAL C 1023 -48.12 26.14 -2.49
CA VAL C 1023 -49.24 27.02 -2.77
C VAL C 1023 -49.20 28.00 -1.61
N ILE C 1024 -48.88 29.24 -1.93
CA ILE C 1024 -48.67 30.28 -0.96
C ILE C 1024 -49.84 31.23 -1.05
N THR C 1025 -50.46 31.54 0.07
CA THR C 1025 -51.60 32.47 0.10
C THR C 1025 -51.35 33.66 1.03
N ILE C 1026 -51.45 34.86 0.48
CA ILE C 1026 -51.17 36.11 1.20
C ILE C 1026 -52.45 36.91 1.41
N THR C 1027 -52.77 37.18 2.67
CA THR C 1027 -53.91 38.02 3.03
C THR C 1027 -53.45 39.32 3.72
N THR D 3 11.27 -55.52 -46.70
CA THR D 3 9.94 -55.20 -46.14
C THR D 3 10.07 -54.09 -45.11
N ASP D 4 11.03 -54.24 -44.19
CA ASP D 4 11.42 -53.18 -43.23
C ASP D 4 11.95 -51.95 -43.99
N ASN D 5 11.47 -50.75 -43.65
CA ASN D 5 11.90 -49.49 -44.30
C ASN D 5 11.86 -49.60 -45.84
N PRO D 6 10.64 -49.78 -46.41
CA PRO D 6 10.52 -50.05 -47.87
C PRO D 6 11.06 -48.94 -48.79
N ASP D 7 10.92 -47.68 -48.38
CA ASP D 7 11.35 -46.53 -49.20
C ASP D 7 12.82 -46.16 -49.10
N GLY D 8 13.55 -46.79 -48.19
CA GLY D 8 14.98 -46.55 -48.06
C GLY D 8 15.33 -45.23 -47.42
N ILE D 9 14.48 -44.79 -46.49
CA ILE D 9 14.74 -43.57 -45.71
C ILE D 9 15.92 -43.80 -44.76
N ASP D 10 16.74 -42.77 -44.61
CA ASP D 10 17.77 -42.73 -43.58
C ASP D 10 17.22 -41.88 -42.43
N TYR D 11 16.93 -42.51 -41.29
CA TYR D 11 16.29 -41.81 -40.17
C TYR D 11 17.32 -41.12 -39.29
N LYS D 12 17.38 -39.80 -39.37
CA LYS D 12 18.49 -39.07 -38.78
C LYS D 12 18.21 -38.53 -37.37
N THR D 13 16.92 -38.40 -37.00
CA THR D 13 16.53 -38.01 -35.64
C THR D 13 15.64 -39.06 -34.96
N TYR D 14 15.94 -39.38 -33.69
CA TYR D 14 15.06 -40.21 -32.90
C TYR D 14 14.48 -39.57 -31.66
N ASP D 15 15.23 -38.64 -31.05
CA ASP D 15 14.83 -38.02 -29.79
C ASP D 15 13.77 -36.97 -29.98
N TYR D 16 13.02 -36.69 -28.91
CA TYR D 16 12.16 -35.50 -28.80
C TYR D 16 12.99 -34.31 -29.22
N VAL D 17 12.41 -33.42 -30.03
CA VAL D 17 13.07 -32.18 -30.38
C VAL D 17 12.04 -31.11 -30.01
N GLY D 18 12.32 -30.36 -28.95
CA GLY D 18 11.37 -29.38 -28.44
C GLY D 18 11.24 -28.20 -29.39
N VAL D 19 10.27 -27.32 -29.14
CA VAL D 19 10.01 -26.20 -30.07
C VAL D 19 11.25 -25.27 -30.28
N TRP D 20 12.08 -25.18 -29.24
CA TRP D 20 13.38 -24.49 -29.27
C TRP D 20 14.36 -25.07 -30.29
N GLY D 21 14.14 -26.31 -30.71
CA GLY D 21 15.05 -26.99 -31.64
C GLY D 21 14.52 -27.18 -33.05
N PHE D 22 13.36 -26.60 -33.33
CA PHE D 22 12.72 -26.77 -34.64
C PHE D 22 12.61 -25.42 -35.28
N SER D 23 13.41 -25.19 -36.32
CA SER D 23 13.43 -23.84 -36.90
C SER D 23 13.62 -23.72 -38.41
N PRO D 24 12.50 -23.91 -39.14
CA PRO D 24 12.42 -23.78 -40.58
C PRO D 24 12.82 -22.42 -41.03
N LEU D 25 12.53 -21.38 -40.24
CA LEU D 25 12.82 -20.04 -40.72
C LEU D 25 14.31 -19.67 -40.75
N SER D 26 15.16 -20.45 -40.11
CA SER D 26 16.58 -20.20 -40.21
C SER D 26 17.17 -20.66 -41.56
N ASN D 27 16.38 -21.44 -42.31
CA ASN D 27 16.61 -21.75 -43.75
C ASN D 27 17.70 -22.72 -44.11
N THR D 28 18.76 -22.77 -43.30
CA THR D 28 19.94 -23.50 -43.73
C THR D 28 19.67 -24.99 -43.79
N ASN D 29 20.13 -25.57 -44.89
CA ASN D 29 19.85 -26.97 -45.20
C ASN D 29 18.39 -27.31 -45.61
N TRP D 30 17.50 -26.32 -45.64
CA TRP D 30 16.12 -26.51 -46.13
C TRP D 30 15.93 -26.26 -47.66
N PHE D 31 15.16 -27.14 -48.29
CA PHE D 31 14.60 -26.91 -49.64
C PHE D 31 13.34 -26.10 -49.53
N ALA D 32 13.12 -25.13 -50.43
CA ALA D 32 11.79 -24.52 -50.61
C ALA D 32 11.47 -24.52 -52.12
N ALA D 33 10.19 -24.41 -52.48
CA ALA D 33 9.73 -24.44 -53.86
C ALA D 33 10.26 -23.25 -54.67
N GLY D 34 10.93 -23.52 -55.79
CA GLY D 34 11.55 -22.41 -56.54
C GLY D 34 10.95 -22.12 -57.91
N SER D 35 10.41 -23.17 -58.55
CA SER D 35 9.79 -23.08 -59.88
C SER D 35 8.94 -24.33 -60.09
N SER D 36 8.21 -24.40 -61.21
CA SER D 36 7.40 -25.57 -61.58
C SER D 36 6.97 -25.50 -63.02
N THR D 37 6.56 -26.66 -63.54
CA THR D 37 5.77 -26.76 -64.77
C THR D 37 4.51 -27.62 -64.48
N PRO D 38 3.42 -27.42 -65.25
CA PRO D 38 2.17 -28.17 -65.04
C PRO D 38 2.34 -29.67 -65.31
N GLY D 39 1.66 -30.50 -64.51
CA GLY D 39 1.75 -31.95 -64.65
C GLY D 39 0.36 -32.59 -64.78
N GLY D 40 -0.62 -31.82 -65.23
CA GLY D 40 -1.94 -32.34 -65.57
C GLY D 40 -2.96 -32.30 -64.46
N ILE D 41 -4.19 -32.60 -64.83
CA ILE D 41 -5.31 -32.61 -63.89
C ILE D 41 -6.14 -33.86 -64.12
N THR D 42 -6.46 -34.56 -63.03
CA THR D 42 -7.32 -35.73 -63.05
C THR D 42 -8.33 -35.50 -61.93
N ASP D 43 -9.62 -35.70 -62.26
CA ASP D 43 -10.71 -35.38 -61.33
C ASP D 43 -10.50 -33.98 -60.82
N TRP D 44 -10.52 -33.78 -59.50
CA TRP D 44 -10.18 -32.49 -58.93
C TRP D 44 -8.74 -32.35 -58.37
N THR D 45 -7.80 -33.10 -58.94
CA THR D 45 -6.42 -33.08 -58.44
C THR D 45 -5.48 -32.61 -59.52
N ALA D 46 -4.88 -31.44 -59.31
CA ALA D 46 -3.79 -30.95 -60.17
C ALA D 46 -2.44 -31.44 -59.67
N THR D 47 -1.57 -31.87 -60.59
CA THR D 47 -0.17 -32.10 -60.28
C THR D 47 0.72 -31.00 -60.90
N MET D 48 1.59 -30.44 -60.07
CA MET D 48 2.65 -29.52 -60.49
C MET D 48 3.99 -30.22 -60.23
N ASN D 49 4.83 -30.29 -61.26
CA ASN D 49 6.18 -30.81 -61.12
C ASN D 49 7.07 -29.70 -60.58
N VAL D 50 7.28 -29.68 -59.26
CA VAL D 50 7.94 -28.55 -58.62
C VAL D 50 9.45 -28.77 -58.46
N ASN D 51 10.23 -27.74 -58.82
CA ASN D 51 11.66 -27.70 -58.51
C ASN D 51 11.92 -27.01 -57.17
N PHE D 52 12.41 -27.81 -56.22
CA PHE D 52 12.81 -27.37 -54.89
C PHE D 52 14.29 -26.98 -54.93
N ASP D 53 14.58 -25.77 -54.44
CA ASP D 53 15.93 -25.24 -54.38
C ASP D 53 16.39 -25.10 -52.92
N ARG D 54 17.66 -25.41 -52.64
CA ARG D 54 18.21 -25.14 -51.29
C ARG D 54 18.20 -23.65 -51.03
N ILE D 55 17.56 -23.18 -49.97
CA ILE D 55 17.48 -21.72 -49.77
C ILE D 55 18.86 -21.03 -49.62
N ASP D 56 19.78 -21.72 -48.93
CA ASP D 56 21.14 -21.27 -48.68
C ASP D 56 22.13 -21.53 -49.85
N ASN D 57 21.74 -22.37 -50.81
CA ASN D 57 22.57 -22.66 -52.00
C ASN D 57 21.65 -23.06 -53.17
N PRO D 58 20.98 -22.06 -53.78
CA PRO D 58 19.86 -22.32 -54.67
C PRO D 58 20.21 -23.10 -55.95
N SER D 59 21.50 -23.20 -56.29
CA SER D 59 21.88 -24.03 -57.41
C SER D 59 21.66 -25.52 -57.11
N ILE D 60 21.62 -25.89 -55.82
CA ILE D 60 21.28 -27.27 -55.45
C ILE D 60 19.75 -27.44 -55.52
N THR D 61 19.31 -28.35 -56.39
CA THR D 61 17.90 -28.42 -56.79
C THR D 61 17.38 -29.84 -56.92
N VAL D 62 16.11 -30.02 -56.58
CA VAL D 62 15.51 -31.34 -56.75
C VAL D 62 14.01 -31.19 -57.15
N GLN D 63 13.50 -32.21 -57.83
CA GLN D 63 12.16 -32.18 -58.42
C GLN D 63 11.24 -33.19 -57.70
N HIS D 64 10.07 -32.73 -57.26
CA HIS D 64 9.02 -33.65 -56.75
C HIS D 64 7.63 -33.25 -57.25
N PRO D 65 6.77 -34.24 -57.55
CA PRO D 65 5.40 -33.87 -57.93
C PRO D 65 4.64 -33.40 -56.71
N VAL D 66 3.83 -32.36 -56.87
CA VAL D 66 3.03 -31.80 -55.78
C VAL D 66 1.55 -31.76 -56.22
N GLN D 67 0.68 -32.37 -55.44
CA GLN D 67 -0.72 -32.53 -55.82
C GLN D 67 -1.52 -31.47 -55.12
N VAL D 68 -2.36 -30.78 -55.87
CA VAL D 68 -3.31 -29.82 -55.32
C VAL D 68 -4.74 -30.27 -55.62
N GLN D 69 -5.52 -30.50 -54.57
CA GLN D 69 -6.83 -31.15 -54.71
C GLN D 69 -7.92 -30.35 -54.04
N VAL D 70 -8.95 -29.95 -54.80
CA VAL D 70 -10.15 -29.38 -54.19
C VAL D 70 -10.90 -30.57 -53.55
N THR D 71 -11.13 -30.48 -52.25
CA THR D 71 -11.77 -31.57 -51.51
C THR D 71 -13.27 -31.30 -51.34
N SER D 72 -13.67 -30.02 -51.21
CA SER D 72 -15.10 -29.64 -51.19
C SER D 72 -15.30 -28.27 -51.80
N TYR D 73 -16.17 -28.21 -52.82
CA TYR D 73 -16.54 -26.96 -53.47
C TYR D 73 -17.49 -26.17 -52.55
N ASN D 74 -18.47 -26.88 -51.99
CA ASN D 74 -19.53 -26.24 -51.16
C ASN D 74 -19.04 -25.73 -49.82
N ASN D 75 -18.08 -26.44 -49.26
CA ASN D 75 -17.51 -26.10 -47.97
C ASN D 75 -16.09 -25.56 -48.09
N ASN D 76 -15.69 -25.20 -49.32
CA ASN D 76 -14.53 -24.33 -49.56
C ASN D 76 -13.24 -24.88 -48.93
N SER D 77 -12.82 -26.05 -49.38
CA SER D 77 -11.66 -26.63 -48.77
C SER D 77 -10.84 -27.30 -49.87
N TYR D 78 -9.52 -27.30 -49.68
CA TYR D 78 -8.60 -27.99 -50.58
C TYR D 78 -7.40 -28.52 -49.83
N ARG D 79 -6.57 -29.28 -50.52
CA ARG D 79 -5.53 -30.06 -49.90
C ARG D 79 -4.24 -29.97 -50.77
N VAL D 80 -3.08 -29.86 -50.12
CA VAL D 80 -1.79 -29.87 -50.82
C VAL D 80 -0.95 -31.00 -50.28
N ARG D 81 -0.48 -31.87 -51.18
CA ARG D 81 0.34 -32.96 -50.70
C ARG D 81 1.51 -33.35 -51.61
N PHE D 82 2.59 -33.80 -50.97
CA PHE D 82 3.72 -34.39 -51.67
C PHE D 82 4.57 -35.25 -50.75
N ASN D 83 5.39 -36.09 -51.37
CA ASN D 83 6.30 -36.97 -50.64
C ASN D 83 7.76 -36.80 -51.08
N PRO D 84 8.60 -36.14 -50.26
CA PRO D 84 9.94 -35.94 -50.78
C PRO D 84 10.80 -37.18 -50.69
N ASP D 85 10.24 -38.31 -50.22
CA ASP D 85 11.01 -39.53 -49.95
C ASP D 85 10.55 -40.71 -50.77
N GLY D 86 9.50 -40.53 -51.58
CA GLY D 86 8.94 -41.60 -52.41
C GLY D 86 7.65 -41.14 -53.08
N PRO D 87 6.91 -42.07 -53.71
CA PRO D 87 5.58 -41.81 -54.29
C PRO D 87 4.55 -41.37 -53.24
N ILE D 88 3.64 -40.50 -53.66
CA ILE D 88 2.54 -40.01 -52.83
C ILE D 88 1.61 -41.17 -52.57
N ARG D 89 1.24 -41.39 -51.31
CA ARG D 89 0.52 -42.61 -50.95
C ARG D 89 -0.69 -42.27 -50.17
N ASP D 90 -1.77 -43.02 -50.35
CA ASP D 90 -3.00 -42.75 -49.56
C ASP D 90 -2.88 -43.58 -48.29
N VAL D 91 -3.06 -42.95 -47.13
CA VAL D 91 -3.07 -43.68 -45.87
C VAL D 91 -4.29 -44.65 -45.85
N THR D 92 -4.11 -45.83 -45.28
CA THR D 92 -5.26 -46.70 -44.99
C THR D 92 -5.93 -46.37 -43.65
N ARG D 93 -5.20 -45.74 -42.74
CA ARG D 93 -5.76 -45.40 -41.44
C ARG D 93 -5.48 -43.94 -41.11
N GLY D 94 -6.50 -43.26 -40.61
CA GLY D 94 -6.30 -41.89 -40.24
C GLY D 94 -7.63 -41.18 -40.36
N PRO D 95 -7.67 -39.94 -39.89
CA PRO D 95 -8.90 -39.13 -39.91
C PRO D 95 -9.45 -38.86 -41.33
N ILE D 96 -8.54 -38.71 -42.30
CA ILE D 96 -8.90 -38.32 -43.69
C ILE D 96 -8.65 -39.46 -44.66
N LEU D 97 -9.72 -40.09 -45.14
CA LEU D 97 -9.60 -41.30 -45.99
C LEU D 97 -10.01 -40.95 -47.42
N LYS D 98 -9.38 -41.60 -48.40
CA LYS D 98 -9.74 -41.40 -49.79
C LYS D 98 -11.25 -41.69 -50.09
N GLN D 99 -11.85 -42.65 -49.39
CA GLN D 99 -13.23 -43.05 -49.66
C GLN D 99 -14.19 -41.89 -49.35
N GLN D 100 -13.88 -41.15 -48.30
CA GLN D 100 -14.77 -40.08 -47.89
C GLN D 100 -14.58 -38.91 -48.81
N LEU D 101 -13.32 -38.63 -49.15
CA LEU D 101 -13.02 -37.60 -50.15
C LEU D 101 -13.75 -37.86 -51.48
N ASP D 102 -13.63 -39.08 -52.01
CA ASP D 102 -14.34 -39.51 -53.22
C ASP D 102 -15.85 -39.38 -53.11
N TRP D 103 -16.40 -39.59 -51.91
CA TRP D 103 -17.82 -39.58 -51.69
C TRP D 103 -18.30 -38.16 -51.81
N ILE D 104 -17.61 -37.25 -51.12
CA ILE D 104 -17.91 -35.82 -51.18
C ILE D 104 -17.85 -35.25 -52.62
N ARG D 105 -16.70 -35.40 -53.30
CA ARG D 105 -16.58 -35.01 -54.72
C ARG D 105 -17.73 -35.59 -55.60
N THR D 106 -18.01 -36.89 -55.48
CA THR D 106 -19.09 -37.52 -56.24
C THR D 106 -20.44 -36.84 -56.05
N GLN D 107 -20.78 -36.48 -54.80
CA GLN D 107 -22.05 -35.77 -54.49
C GLN D 107 -22.07 -34.36 -55.05
N GLU D 108 -20.96 -33.63 -54.91
CA GLU D 108 -20.91 -32.27 -55.41
C GLU D 108 -20.96 -32.19 -56.95
N LEU D 109 -20.31 -33.15 -57.60
CA LEU D 109 -20.34 -33.24 -59.04
C LEU D 109 -21.76 -33.47 -59.56
N SER D 110 -22.50 -34.33 -58.87
CA SER D 110 -23.87 -34.63 -59.27
C SER D 110 -24.77 -33.40 -59.08
N GLU D 111 -24.33 -32.45 -58.26
CA GLU D 111 -25.03 -31.17 -58.08
C GLU D 111 -24.57 -30.09 -59.05
N GLY D 112 -23.66 -30.45 -59.97
CA GLY D 112 -23.07 -29.47 -60.88
C GLY D 112 -21.98 -28.56 -60.33
N CYS D 113 -21.40 -28.86 -59.15
CA CYS D 113 -20.24 -28.09 -58.67
C CYS D 113 -19.07 -28.21 -59.64
N ASP D 114 -18.49 -27.08 -60.05
CA ASP D 114 -17.35 -27.10 -60.96
C ASP D 114 -16.32 -26.08 -60.49
N PRO D 115 -15.23 -26.59 -59.88
CA PRO D 115 -14.13 -25.68 -59.46
C PRO D 115 -13.36 -25.05 -60.64
N GLY D 116 -13.60 -25.55 -61.84
CA GLY D 116 -12.92 -25.07 -63.06
C GLY D 116 -11.40 -25.01 -62.90
N MET D 117 -10.81 -26.07 -62.34
CA MET D 117 -9.37 -26.12 -62.16
C MET D 117 -8.72 -26.08 -63.51
N THR D 118 -7.77 -25.15 -63.69
CA THR D 118 -7.16 -24.94 -64.99
C THR D 118 -5.71 -24.41 -64.81
N PHE D 119 -4.83 -24.80 -65.72
CA PHE D 119 -3.53 -24.16 -65.77
C PHE D 119 -3.64 -23.00 -66.73
N THR D 120 -3.28 -21.79 -66.28
CA THR D 120 -3.22 -20.65 -67.20
C THR D 120 -2.12 -20.93 -68.25
N SER D 121 -2.02 -20.05 -69.24
CA SER D 121 -1.00 -20.20 -70.29
C SER D 121 0.42 -20.11 -69.68
N GLU D 122 0.55 -19.25 -68.65
CA GLU D 122 1.81 -19.07 -67.86
C GLU D 122 2.20 -20.26 -66.99
N GLY D 123 1.30 -21.21 -66.79
CA GLY D 123 1.61 -22.42 -66.03
C GLY D 123 1.13 -22.31 -64.60
N PHE D 124 0.39 -21.23 -64.31
CA PHE D 124 -0.20 -20.98 -62.97
C PHE D 124 -1.45 -21.82 -62.79
N LEU D 125 -1.61 -22.42 -61.61
CA LEU D 125 -2.81 -23.20 -61.36
C LEU D 125 -3.88 -22.30 -60.78
N THR D 126 -5.07 -22.45 -61.30
CA THR D 126 -6.17 -21.64 -60.79
C THR D 126 -7.44 -22.48 -60.60
N PHE D 127 -8.24 -22.15 -59.59
CA PHE D 127 -9.48 -22.86 -59.32
C PHE D 127 -10.37 -22.03 -58.40
N GLU D 128 -11.61 -22.46 -58.26
CA GLU D 128 -12.50 -21.76 -57.35
C GLU D 128 -13.34 -22.73 -56.57
N THR D 129 -13.84 -22.25 -55.43
CA THR D 129 -14.83 -23.01 -54.71
C THR D 129 -16.07 -22.12 -54.70
N LYS D 130 -17.04 -22.41 -53.82
CA LYS D 130 -18.25 -21.66 -53.85
C LYS D 130 -18.01 -20.16 -53.57
N ASP D 131 -17.18 -19.88 -52.55
CA ASP D 131 -17.01 -18.51 -52.05
C ASP D 131 -15.65 -17.91 -52.29
N LEU D 132 -14.73 -18.76 -52.75
CA LEU D 132 -13.34 -18.43 -52.87
C LEU D 132 -12.78 -18.69 -54.28
N SER D 133 -11.71 -17.96 -54.57
CA SER D 133 -10.89 -18.27 -55.72
C SER D 133 -9.39 -18.29 -55.35
N VAL D 134 -8.69 -19.22 -55.98
CA VAL D 134 -7.33 -19.54 -55.65
C VAL D 134 -6.43 -19.46 -56.90
N ILE D 135 -5.28 -18.83 -56.73
CA ILE D 135 -4.22 -18.87 -57.75
C ILE D 135 -2.88 -19.27 -57.10
N ILE D 136 -2.16 -20.15 -57.80
CA ILE D 136 -0.87 -20.64 -57.37
C ILE D 136 0.15 -20.41 -58.50
N TYR D 137 1.18 -19.60 -58.23
CA TYR D 137 2.17 -19.21 -59.23
C TYR D 137 3.24 -20.28 -59.43
N GLY D 138 4.20 -20.04 -60.32
CA GLY D 138 5.24 -21.04 -60.62
C GLY D 138 6.03 -21.55 -59.43
N ASN D 139 6.38 -20.67 -58.47
CA ASN D 139 7.21 -21.06 -57.30
C ASN D 139 6.38 -21.60 -56.15
N PHE D 140 5.08 -21.70 -56.43
CA PHE D 140 4.05 -22.16 -55.54
C PHE D 140 3.49 -21.09 -54.62
N LYS D 141 3.90 -19.85 -54.83
CA LYS D 141 3.24 -18.74 -54.17
C LYS D 141 1.72 -18.84 -54.36
N THR D 142 0.98 -18.83 -53.23
CA THR D 142 -0.48 -19.02 -53.20
C THR D 142 -1.19 -17.80 -52.57
N ARG D 143 -2.26 -17.38 -53.23
CA ARG D 143 -3.20 -16.39 -52.69
C ARG D 143 -4.64 -16.91 -52.76
N VAL D 144 -5.38 -16.75 -51.66
CA VAL D 144 -6.78 -17.20 -51.55
C VAL D 144 -7.61 -15.93 -51.37
N THR D 145 -8.56 -15.71 -52.28
CA THR D 145 -9.39 -14.49 -52.29
C THR D 145 -10.86 -14.90 -52.11
N ARG D 146 -11.56 -14.16 -51.27
CA ARG D 146 -13.01 -14.23 -51.13
C ARG D 146 -13.70 -13.46 -52.25
N LYS D 147 -14.65 -14.10 -52.92
CA LYS D 147 -15.29 -13.53 -54.11
C LYS D 147 -16.21 -12.38 -53.81
N SER D 148 -16.96 -12.45 -52.72
CA SER D 148 -17.94 -11.41 -52.41
C SER D 148 -17.27 -10.04 -52.34
N ASP D 149 -16.12 -9.95 -51.67
CA ASP D 149 -15.44 -8.69 -51.48
C ASP D 149 -14.02 -8.63 -52.07
N GLY D 150 -13.55 -9.70 -52.70
CA GLY D 150 -12.19 -9.70 -53.17
C GLY D 150 -11.11 -9.65 -52.09
N LYS D 151 -11.46 -9.94 -50.84
CA LYS D 151 -10.48 -9.86 -49.77
C LYS D 151 -9.54 -11.04 -49.82
N VAL D 152 -8.24 -10.77 -49.70
CA VAL D 152 -7.23 -11.83 -49.61
C VAL D 152 -7.34 -12.47 -48.23
N ILE D 153 -7.82 -13.69 -48.20
CA ILE D 153 -8.11 -14.41 -46.95
C ILE D 153 -6.87 -15.13 -46.36
N MET D 154 -6.08 -15.72 -47.25
CA MET D 154 -4.83 -16.33 -46.90
C MET D 154 -3.75 -16.14 -48.00
N GLU D 155 -2.49 -16.05 -47.57
CA GLU D 155 -1.32 -15.89 -48.41
C GLU D 155 -0.19 -16.73 -47.82
N ASN D 156 0.46 -17.59 -48.61
CA ASN D 156 1.64 -18.25 -48.08
C ASN D 156 2.95 -17.43 -48.15
N ASP D 157 4.04 -17.97 -47.61
CA ASP D 157 5.26 -17.18 -47.44
C ASP D 157 6.38 -17.46 -48.46
N GLU D 158 7.10 -16.40 -48.84
CA GLU D 158 8.29 -16.48 -49.71
C GLU D 158 9.51 -15.86 -49.03
N VAL D 159 10.67 -16.48 -49.25
CA VAL D 159 11.96 -15.97 -48.82
C VAL D 159 12.81 -15.55 -50.03
N GLY D 160 13.37 -14.35 -49.95
CA GLY D 160 14.24 -13.84 -51.00
C GLY D 160 15.59 -14.54 -50.96
N THR D 161 16.22 -14.70 -52.12
CA THR D 161 17.63 -15.08 -52.18
C THR D 161 18.45 -13.89 -52.73
N ALA D 162 19.76 -14.06 -52.70
CA ALA D 162 20.66 -13.00 -53.16
C ALA D 162 20.40 -12.64 -54.63
N SER D 163 20.29 -13.63 -55.52
CA SER D 163 20.07 -13.35 -56.94
C SER D 163 19.43 -14.51 -57.68
N SER D 164 18.80 -15.41 -56.95
CA SER D 164 18.23 -16.60 -57.54
C SER D 164 16.71 -16.63 -57.52
N GLY D 165 16.07 -15.52 -57.17
CA GLY D 165 14.61 -15.50 -57.10
C GLY D 165 14.01 -15.80 -55.74
N ASN D 166 12.73 -15.49 -55.57
CA ASN D 166 12.01 -15.84 -54.36
C ASN D 166 11.67 -17.33 -54.31
N LYS D 167 11.90 -17.94 -53.16
CA LYS D 167 11.53 -19.33 -52.94
C LYS D 167 10.29 -19.36 -52.03
N CYS D 168 9.36 -20.29 -52.28
CA CYS D 168 8.12 -20.35 -51.49
C CYS D 168 8.25 -21.23 -50.28
N ARG D 169 8.10 -20.65 -49.09
CA ARG D 169 8.23 -21.47 -47.88
C ARG D 169 6.92 -22.15 -47.49
N GLY D 170 5.93 -22.01 -48.38
CA GLY D 170 4.69 -22.81 -48.33
C GLY D 170 5.02 -24.27 -48.48
N LEU D 171 6.11 -24.58 -49.14
CA LEU D 171 6.50 -26.00 -49.31
C LEU D 171 7.94 -26.11 -48.89
N MET D 172 8.26 -26.79 -47.80
CA MET D 172 9.67 -26.92 -47.31
C MET D 172 9.97 -28.33 -46.82
N PHE D 173 11.20 -28.76 -47.03
CA PHE D 173 11.72 -29.98 -46.42
C PHE D 173 13.24 -29.92 -46.29
N VAL D 174 13.79 -30.56 -45.25
CA VAL D 174 15.21 -30.48 -45.01
C VAL D 174 15.79 -31.43 -46.01
N ASP D 175 16.92 -31.04 -46.61
CA ASP D 175 17.73 -31.90 -47.45
C ASP D 175 17.95 -33.20 -46.74
N ARG D 176 17.75 -34.27 -47.46
CA ARG D 176 17.78 -35.59 -46.88
C ARG D 176 19.20 -36.13 -46.66
N LEU D 177 20.21 -35.37 -47.11
CA LEU D 177 21.61 -35.59 -46.69
C LEU D 177 21.74 -35.32 -45.19
N TYR D 178 20.86 -34.45 -44.68
CA TYR D 178 20.95 -33.85 -43.33
C TYR D 178 19.78 -34.17 -42.38
N GLY D 179 18.57 -34.38 -42.89
CA GLY D 179 17.41 -34.57 -42.02
C GLY D 179 16.15 -35.05 -42.71
N ASN D 180 15.03 -35.00 -42.00
CA ASN D 180 13.80 -35.60 -42.50
C ASN D 180 12.58 -34.70 -42.34
N ALA D 181 12.77 -33.51 -41.78
CA ALA D 181 11.66 -32.66 -41.41
C ALA D 181 10.99 -31.96 -42.64
N ILE D 182 9.79 -31.36 -42.40
CA ILE D 182 8.99 -30.67 -43.41
C ILE D 182 8.35 -29.48 -42.72
N ALA D 183 7.97 -28.46 -43.46
CA ALA D 183 7.31 -27.30 -42.85
C ALA D 183 6.49 -26.59 -43.90
N SER D 184 5.60 -25.68 -43.51
CA SER D 184 4.84 -24.90 -44.49
C SER D 184 4.51 -23.62 -43.77
N VAL D 185 4.74 -22.50 -44.45
CA VAL D 185 4.79 -21.20 -43.83
C VAL D 185 3.83 -20.28 -44.55
N ASN D 186 3.07 -19.51 -43.75
CA ASN D 186 2.04 -18.63 -44.26
C ASN D 186 2.36 -17.27 -43.65
N LYS D 187 1.87 -16.25 -44.31
CA LYS D 187 1.88 -14.88 -43.74
C LYS D 187 0.87 -14.80 -42.60
N ASN D 188 1.24 -14.08 -41.54
CA ASN D 188 0.49 -14.16 -40.29
C ASN D 188 0.21 -12.74 -39.96
N PHE D 189 -1.06 -12.44 -39.86
CA PHE D 189 -1.49 -11.07 -39.76
C PHE D 189 -1.94 -10.74 -38.34
N ARG D 190 -1.35 -11.45 -37.36
CA ARG D 190 -1.64 -11.17 -35.93
C ARG D 190 -1.50 -9.70 -35.59
N ASN D 191 -0.49 -9.03 -36.15
CA ASN D 191 -0.18 -7.64 -35.75
C ASN D 191 -0.80 -6.58 -36.63
N ASP D 192 -1.55 -6.99 -37.64
CA ASP D 192 -2.20 -6.02 -38.52
C ASP D 192 -3.33 -5.27 -37.76
N ALA D 193 -3.35 -3.95 -37.84
CA ALA D 193 -4.30 -3.20 -37.01
C ALA D 193 -5.75 -3.62 -37.27
N VAL D 194 -6.10 -3.87 -38.53
CA VAL D 194 -7.49 -4.17 -38.86
C VAL D 194 -7.84 -5.67 -38.74
N LYS D 195 -6.99 -6.52 -39.29
CA LYS D 195 -7.22 -7.98 -39.30
C LYS D 195 -7.10 -8.60 -37.88
N GLN D 196 -6.03 -8.20 -37.17
CA GLN D 196 -5.73 -8.65 -35.80
C GLN D 196 -5.91 -10.14 -35.64
N GLU D 197 -5.30 -10.90 -36.53
CA GLU D 197 -5.50 -12.33 -36.59
C GLU D 197 -5.23 -13.05 -35.26
N GLY D 198 -5.99 -14.13 -35.05
CA GLY D 198 -6.02 -14.85 -33.79
C GLY D 198 -6.06 -16.31 -34.21
N PHE D 199 -5.31 -17.16 -33.52
CA PHE D 199 -5.22 -18.58 -33.87
C PHE D 199 -5.82 -19.38 -32.72
N TYR D 200 -6.60 -20.41 -33.08
CA TYR D 200 -7.31 -21.19 -32.08
C TYR D 200 -7.23 -22.67 -32.42
N GLY D 201 -7.52 -23.49 -31.42
CA GLY D 201 -7.57 -24.95 -31.60
C GLY D 201 -6.41 -25.55 -30.87
N ALA D 202 -5.67 -26.43 -31.54
CA ALA D 202 -4.49 -27.09 -30.98
C ALA D 202 -4.70 -28.14 -29.83
N GLY D 203 -5.86 -28.80 -29.84
CA GLY D 203 -6.21 -29.79 -28.81
C GLY D 203 -6.06 -29.32 -27.37
N GLU D 204 -5.08 -29.88 -26.66
CA GLU D 204 -4.97 -29.77 -25.22
C GLU D 204 -3.91 -28.78 -24.66
N VAL D 205 -3.22 -28.06 -25.56
CA VAL D 205 -2.16 -27.12 -25.17
C VAL D 205 -2.67 -26.14 -24.11
N ASN D 206 -1.87 -25.94 -23.07
CA ASN D 206 -2.11 -24.90 -22.09
C ASN D 206 -1.21 -23.68 -22.29
N CYS D 207 -1.73 -22.50 -22.03
CA CYS D 207 -0.94 -21.34 -22.25
C CYS D 207 -1.28 -20.35 -21.16
N LYS D 208 -0.23 -19.93 -20.47
CA LYS D 208 -0.38 -19.07 -19.31
C LYS D 208 -0.19 -17.64 -19.75
N TYR D 209 -0.97 -16.73 -19.21
CA TYR D 209 -0.70 -15.32 -19.41
C TYR D 209 -0.85 -14.56 -18.09
N GLN D 210 0.22 -13.88 -17.66
CA GLN D 210 0.30 -13.32 -16.29
C GLN D 210 -0.06 -14.41 -15.27
N ASP D 211 -1.18 -14.32 -14.55
CA ASP D 211 -1.51 -15.39 -13.62
C ASP D 211 -2.57 -16.41 -14.16
N THR D 212 -3.04 -16.20 -15.40
CA THR D 212 -4.26 -16.85 -15.87
C THR D 212 -4.00 -17.72 -17.09
N TYR D 213 -4.70 -18.85 -17.14
CA TYR D 213 -4.65 -19.69 -18.31
C TYR D 213 -5.74 -19.25 -19.29
N ILE D 214 -5.34 -19.16 -20.55
CA ILE D 214 -6.10 -18.48 -21.57
C ILE D 214 -6.49 -19.40 -22.69
N LEU D 215 -7.39 -18.95 -23.57
CA LEU D 215 -7.86 -19.85 -24.62
C LEU D 215 -7.13 -19.71 -25.95
N GLU D 216 -6.87 -18.47 -26.39
CA GLU D 216 -6.24 -18.21 -27.70
C GLU D 216 -4.81 -18.73 -27.77
N ARG D 217 -4.37 -19.03 -28.97
CA ARG D 217 -3.09 -19.69 -29.17
C ARG D 217 -2.26 -18.88 -30.21
N THR D 218 -2.20 -17.55 -30.03
CA THR D 218 -1.44 -16.72 -30.98
C THR D 218 -0.08 -16.24 -30.44
N GLY D 219 0.93 -16.31 -31.30
CA GLY D 219 2.28 -15.88 -30.95
C GLY D 219 3.07 -16.90 -30.14
N ILE D 220 2.79 -18.20 -30.31
CA ILE D 220 3.42 -19.24 -29.50
C ILE D 220 3.91 -20.43 -30.34
N ALA D 221 4.94 -21.13 -29.85
CA ALA D 221 5.48 -22.36 -30.47
C ALA D 221 4.99 -23.59 -29.70
N MET D 222 4.29 -24.50 -30.38
CA MET D 222 3.65 -25.68 -29.81
C MET D 222 4.18 -26.88 -30.59
N THR D 223 4.05 -28.05 -29.96
CA THR D 223 4.37 -29.32 -30.56
C THR D 223 3.30 -30.35 -30.09
N ASN D 224 3.03 -31.33 -30.96
CA ASN D 224 2.20 -32.44 -30.62
C ASN D 224 3.19 -33.54 -30.59
N TYR D 225 3.26 -34.15 -29.41
CA TYR D 225 4.23 -35.16 -29.09
C TYR D 225 3.58 -35.88 -27.89
N ASN D 226 2.69 -36.81 -28.19
CA ASN D 226 1.87 -37.43 -27.18
C ASN D 226 2.76 -38.01 -26.08
N TYR D 227 2.42 -37.65 -24.86
CA TYR D 227 3.30 -37.79 -23.72
C TYR D 227 2.53 -38.11 -22.43
N ASP D 228 3.15 -38.95 -21.57
CA ASP D 228 2.68 -39.23 -20.21
C ASP D 228 2.88 -37.97 -19.33
N ASN D 229 2.06 -36.94 -19.53
CA ASN D 229 2.42 -35.66 -18.97
C ASN D 229 1.66 -35.32 -17.68
N LEU D 230 1.94 -36.07 -16.64
CA LEU D 230 1.30 -35.86 -15.34
C LEU D 230 1.45 -34.42 -14.81
N ASN D 231 0.32 -33.82 -14.48
CA ASN D 231 0.25 -32.41 -14.02
C ASN D 231 0.43 -31.36 -15.12
N TYR D 232 0.77 -31.84 -16.32
CA TYR D 232 0.87 -31.06 -17.55
C TYR D 232 2.25 -30.36 -17.63
N ASN D 233 3.16 -30.78 -16.76
CA ASN D 233 4.46 -30.14 -16.59
C ASN D 233 5.61 -31.09 -16.24
N GLN D 234 5.62 -32.27 -16.82
CA GLN D 234 6.72 -33.20 -16.59
C GLN D 234 8.12 -32.56 -16.78
N TRP D 235 8.98 -32.84 -15.80
CA TRP D 235 10.30 -32.24 -15.68
C TRP D 235 11.17 -32.49 -16.93
N ASP D 236 11.10 -33.70 -17.48
CA ASP D 236 11.89 -34.02 -18.69
C ASP D 236 11.48 -33.19 -19.92
N LEU D 237 10.33 -32.51 -19.84
CA LEU D 237 9.86 -31.61 -20.89
C LEU D 237 10.33 -30.14 -20.78
N ARG D 238 11.19 -29.84 -19.82
CA ARG D 238 11.66 -28.47 -19.62
C ARG D 238 12.53 -27.97 -20.78
N PRO D 239 12.45 -26.66 -21.08
CA PRO D 239 13.35 -26.06 -22.07
C PRO D 239 14.83 -26.17 -21.61
N PRO D 240 15.79 -26.05 -22.55
CA PRO D 240 17.21 -26.17 -22.21
C PRO D 240 17.62 -25.19 -21.11
N HIS D 241 18.30 -25.70 -20.07
CA HIS D 241 18.84 -24.92 -18.94
C HIS D 241 17.77 -24.20 -18.16
N HIS D 242 16.58 -24.78 -18.11
CA HIS D 242 15.48 -24.19 -17.36
C HIS D 242 15.71 -24.32 -15.85
N ASP D 243 15.50 -23.22 -15.13
CA ASP D 243 15.72 -23.18 -13.69
C ASP D 243 14.45 -22.93 -12.90
N GLY D 244 14.29 -23.69 -11.82
CA GLY D 244 13.11 -23.56 -10.98
C GLY D 244 11.92 -24.35 -11.49
N ALA D 245 10.75 -24.04 -10.93
CA ALA D 245 9.52 -24.77 -11.22
C ALA D 245 9.17 -24.68 -12.70
N LEU D 246 8.64 -25.78 -13.23
CA LEU D 246 8.14 -25.82 -14.62
C LEU D 246 6.64 -25.74 -14.51
N ASN D 247 6.05 -24.65 -15.00
CA ASN D 247 4.62 -24.54 -14.98
C ASN D 247 4.02 -25.10 -16.28
N PRO D 248 2.78 -25.67 -16.23
CA PRO D 248 2.09 -25.95 -17.51
C PRO D 248 2.12 -24.71 -18.40
N ASP D 249 2.42 -24.91 -19.68
CA ASP D 249 2.58 -23.80 -20.63
C ASP D 249 2.68 -24.28 -22.09
N TYR D 250 2.70 -23.33 -23.02
CA TYR D 250 2.45 -23.61 -24.44
C TYR D 250 3.43 -24.52 -25.16
N TYR D 251 4.66 -24.62 -24.64
CA TYR D 251 5.76 -25.34 -25.29
C TYR D 251 5.90 -26.76 -24.80
N ILE D 252 4.90 -27.24 -24.08
CA ILE D 252 4.93 -28.58 -23.50
C ILE D 252 3.87 -29.48 -24.21
N PRO D 253 4.29 -30.65 -24.74
CA PRO D 253 3.29 -31.46 -25.42
C PRO D 253 2.27 -31.99 -24.41
N MET D 254 1.06 -32.27 -24.91
CA MET D 254 -0.01 -32.85 -24.09
C MET D 254 -0.29 -34.30 -24.50
N TYR D 255 -1.49 -34.80 -24.23
CA TYR D 255 -1.80 -36.23 -24.51
C TYR D 255 -2.49 -36.49 -25.87
N TYR D 256 -3.04 -35.43 -26.48
CA TYR D 256 -3.78 -35.49 -27.75
C TYR D 256 -3.01 -34.71 -28.83
N ALA D 257 -2.89 -35.32 -29.99
CA ALA D 257 -2.17 -34.75 -31.11
C ALA D 257 -3.16 -34.07 -32.07
N ALA D 258 -3.13 -32.73 -32.10
CA ALA D 258 -4.03 -31.92 -32.90
C ALA D 258 -3.24 -30.86 -33.67
N PRO D 259 -2.64 -31.19 -34.80
CA PRO D 259 -1.93 -30.21 -35.61
C PRO D 259 -2.93 -29.52 -36.47
N TRP D 260 -3.65 -28.57 -35.83
CA TRP D 260 -4.86 -28.10 -36.39
C TRP D 260 -5.05 -26.75 -35.73
N LEU D 261 -5.17 -25.69 -36.55
CA LEU D 261 -5.52 -24.32 -36.01
C LEU D 261 -6.62 -23.68 -36.81
N ILE D 262 -7.37 -22.80 -36.16
CA ILE D 262 -8.33 -22.02 -36.84
C ILE D 262 -7.97 -20.55 -36.68
N VAL D 263 -7.86 -19.85 -37.81
CA VAL D 263 -7.45 -18.49 -37.92
C VAL D 263 -8.70 -17.64 -38.05
N ASN D 264 -8.76 -16.54 -37.33
CA ASN D 264 -9.98 -15.80 -37.31
C ASN D 264 -9.51 -14.36 -37.33
N GLY D 265 -9.89 -13.63 -38.40
CA GLY D 265 -9.46 -12.25 -38.64
C GLY D 265 -10.67 -11.37 -38.84
N CYS D 266 -10.48 -10.07 -38.58
CA CYS D 266 -11.56 -9.09 -38.63
C CYS D 266 -12.76 -9.51 -37.78
N ALA D 267 -12.48 -10.02 -36.58
CA ALA D 267 -13.53 -10.57 -35.71
C ALA D 267 -14.59 -9.54 -35.34
N GLY D 268 -15.86 -9.93 -35.40
CA GLY D 268 -16.99 -9.08 -34.95
C GLY D 268 -17.49 -8.06 -35.97
N THR D 269 -16.85 -8.06 -37.14
CA THR D 269 -17.27 -7.22 -38.28
C THR D 269 -17.84 -8.09 -39.39
N SER D 270 -18.55 -7.42 -40.30
CA SER D 270 -19.03 -7.98 -41.58
C SER D 270 -17.95 -8.63 -42.48
N GLU D 271 -16.70 -8.15 -42.41
CA GLU D 271 -15.61 -8.72 -43.20
C GLU D 271 -14.84 -9.87 -42.50
N GLN D 272 -15.30 -10.24 -41.30
CA GLN D 272 -14.67 -11.36 -40.59
C GLN D 272 -14.43 -12.56 -41.53
N TYR D 273 -13.29 -13.25 -41.41
CA TYR D 273 -13.01 -14.49 -42.13
C TYR D 273 -12.46 -15.53 -41.16
N SER D 274 -12.63 -16.81 -41.48
CA SER D 274 -11.99 -17.83 -40.70
C SER D 274 -11.51 -18.88 -41.65
N TYR D 275 -10.45 -19.56 -41.24
CA TYR D 275 -10.10 -20.78 -41.92
C TYR D 275 -9.32 -21.70 -41.00
N GLY D 276 -9.43 -22.98 -41.28
CA GLY D 276 -8.72 -23.95 -40.50
C GLY D 276 -7.56 -24.51 -41.35
N TRP D 277 -6.54 -24.98 -40.64
CA TRP D 277 -5.31 -25.45 -41.24
C TRP D 277 -4.93 -26.78 -40.62
N PHE D 278 -4.87 -27.86 -41.38
CA PHE D 278 -4.59 -29.13 -40.76
C PHE D 278 -3.38 -29.75 -41.47
N MET D 279 -2.32 -30.06 -40.72
CA MET D 279 -1.21 -30.79 -41.31
C MET D 279 -1.41 -32.18 -40.79
N ASP D 280 -1.77 -33.05 -41.70
CA ASP D 280 -2.11 -34.41 -41.37
C ASP D 280 -0.80 -35.19 -41.31
N ASN D 281 -0.18 -35.15 -40.14
CA ASN D 281 1.08 -35.83 -39.94
C ASN D 281 1.05 -36.45 -38.55
N VAL D 282 1.51 -37.69 -38.48
CA VAL D 282 1.53 -38.46 -37.24
C VAL D 282 2.92 -38.58 -36.55
N SER D 283 3.97 -38.06 -37.15
CA SER D 283 5.22 -37.91 -36.42
C SER D 283 5.14 -36.63 -35.60
N GLN D 284 6.16 -36.33 -34.81
CA GLN D 284 6.11 -35.11 -33.97
C GLN D 284 5.93 -33.94 -34.91
N SER D 285 4.98 -33.08 -34.57
CA SER D 285 4.57 -31.96 -35.40
C SER D 285 4.62 -30.69 -34.58
N TYR D 286 4.55 -29.56 -35.27
CA TYR D 286 4.78 -28.26 -34.66
C TYR D 286 3.77 -27.30 -35.22
N MET D 287 3.36 -26.32 -34.41
CA MET D 287 2.52 -25.27 -34.87
C MET D 287 3.07 -24.01 -34.19
N ASN D 288 3.51 -23.01 -34.98
CA ASN D 288 4.10 -21.76 -34.46
C ASN D 288 3.28 -20.62 -34.99
N THR D 289 2.69 -19.86 -34.08
CA THR D 289 1.80 -18.77 -34.48
C THR D 289 2.42 -17.39 -34.29
N GLY D 290 3.75 -17.32 -34.43
CA GLY D 290 4.48 -16.03 -34.47
C GLY D 290 5.27 -15.74 -33.20
N ASP D 291 5.96 -16.77 -32.72
CA ASP D 291 6.66 -16.72 -31.43
C ASP D 291 8.14 -16.48 -31.71
N THR D 292 8.70 -15.37 -31.24
CA THR D 292 10.15 -15.14 -31.39
C THR D 292 11.04 -15.92 -30.40
N THR D 293 10.42 -16.52 -29.38
CA THR D 293 11.17 -17.17 -28.29
C THR D 293 12.06 -18.24 -28.91
N TRP D 294 13.34 -18.29 -28.51
CA TRP D 294 14.37 -19.22 -29.05
C TRP D 294 14.59 -19.06 -30.53
N ASN D 295 14.12 -17.95 -31.08
CA ASN D 295 14.18 -17.78 -32.52
C ASN D 295 13.48 -18.93 -33.25
N SER D 296 12.39 -19.44 -32.66
CA SER D 296 11.64 -20.51 -33.28
C SER D 296 10.82 -20.01 -34.45
N GLY D 297 10.34 -18.78 -34.36
CA GLY D 297 9.49 -18.18 -35.41
C GLY D 297 9.68 -16.69 -35.57
N GLN D 298 8.79 -16.05 -36.36
CA GLN D 298 8.83 -14.59 -36.52
C GLN D 298 7.45 -14.01 -36.33
N GLU D 299 7.36 -12.81 -35.75
CA GLU D 299 6.07 -12.23 -35.40
C GLU D 299 5.01 -12.29 -36.51
N ASP D 300 5.43 -12.14 -37.77
CA ASP D 300 4.52 -11.99 -38.89
C ASP D 300 4.42 -13.21 -39.80
N LEU D 301 4.88 -14.35 -39.30
CA LEU D 301 4.73 -15.61 -40.02
C LEU D 301 4.12 -16.65 -39.10
N ALA D 302 3.48 -17.69 -39.67
CA ALA D 302 2.98 -18.85 -38.93
C ALA D 302 3.39 -20.07 -39.71
N TYR D 303 3.67 -21.14 -39.02
CA TYR D 303 3.99 -22.32 -39.73
C TYR D 303 3.52 -23.58 -39.02
N MET D 304 3.41 -24.63 -39.84
CA MET D 304 3.24 -25.97 -39.34
C MET D 304 4.37 -26.80 -39.92
N GLY D 305 4.81 -27.82 -39.20
CA GLY D 305 5.85 -28.74 -39.72
C GLY D 305 5.88 -29.98 -38.86
N ALA D 306 6.84 -30.86 -39.13
CA ALA D 306 6.86 -32.19 -38.54
C ALA D 306 8.27 -32.78 -38.71
N GLN D 307 8.66 -33.70 -37.82
CA GLN D 307 10.03 -34.27 -37.85
C GLN D 307 10.23 -35.18 -39.06
N TYR D 308 9.14 -35.80 -39.49
CA TYR D 308 9.16 -36.72 -40.62
C TYR D 308 8.06 -36.41 -41.65
N GLY D 309 8.30 -36.87 -42.86
CA GLY D 309 7.32 -36.88 -43.93
C GLY D 309 6.24 -37.96 -43.78
N PRO D 310 5.22 -37.94 -44.68
CA PRO D 310 5.15 -37.09 -45.86
C PRO D 310 4.42 -35.81 -45.61
N PHE D 311 4.20 -35.05 -46.66
CA PHE D 311 3.63 -33.71 -46.52
C PHE D 311 2.18 -33.81 -46.96
N ASP D 312 1.24 -33.24 -46.20
CA ASP D 312 -0.17 -33.40 -46.54
C ASP D 312 -0.95 -32.48 -45.70
N GLN D 313 -1.36 -31.37 -46.29
CA GLN D 313 -2.14 -30.41 -45.52
C GLN D 313 -3.46 -29.95 -46.17
N HIS D 314 -4.38 -29.44 -45.32
CA HIS D 314 -5.75 -29.17 -45.76
C HIS D 314 -6.03 -27.78 -45.20
N PHE D 315 -6.64 -26.96 -46.04
CA PHE D 315 -7.13 -25.60 -45.65
C PHE D 315 -8.62 -25.70 -45.80
N VAL D 316 -9.33 -25.39 -44.72
CA VAL D 316 -10.76 -25.59 -44.61
C VAL D 316 -11.39 -24.24 -44.26
N TYR D 317 -12.12 -23.64 -45.20
CA TYR D 317 -12.70 -22.31 -44.97
C TYR D 317 -14.11 -22.32 -44.42
N GLY D 318 -14.84 -23.37 -44.72
CA GLY D 318 -16.20 -23.56 -44.23
C GLY D 318 -17.22 -23.04 -45.24
N ALA D 319 -18.47 -23.47 -45.10
CA ALA D 319 -19.56 -23.03 -45.95
C ALA D 319 -20.12 -21.69 -45.52
N GLY D 320 -20.56 -21.63 -44.28
CA GLY D 320 -21.14 -20.40 -43.73
C GLY D 320 -19.96 -19.53 -43.34
N GLY D 321 -20.23 -18.41 -42.68
CA GLY D 321 -19.12 -17.67 -42.08
C GLY D 321 -19.15 -17.90 -40.57
N GLY D 322 -17.99 -17.80 -39.93
CA GLY D 322 -17.91 -17.96 -38.47
C GLY D 322 -17.02 -19.13 -38.21
N MET D 323 -16.42 -19.20 -37.02
CA MET D 323 -15.43 -20.30 -36.76
C MET D 323 -16.07 -21.65 -36.63
N GLU D 324 -17.31 -21.69 -36.16
CA GLU D 324 -18.00 -22.98 -36.06
C GLU D 324 -18.14 -23.66 -37.43
N VAL D 326 -16.06 -23.60 -39.75
CA VAL D 326 -14.77 -24.28 -40.03
C VAL D 326 -14.73 -25.66 -39.37
N VAL D 327 -15.23 -25.73 -38.15
CA VAL D 327 -15.24 -26.97 -37.37
C VAL D 327 -16.15 -28.02 -38.07
N THR D 328 -17.37 -27.63 -38.46
CA THR D 328 -18.28 -28.56 -39.17
C THR D 328 -17.75 -29.06 -40.53
N ALA D 329 -17.13 -28.15 -41.30
CA ALA D 329 -16.45 -28.49 -42.57
C ALA D 329 -15.31 -29.48 -42.37
N PHE D 330 -14.45 -29.25 -41.36
CA PHE D 330 -13.41 -30.24 -40.98
C PHE D 330 -13.98 -31.62 -40.65
N SER D 331 -15.04 -31.62 -39.84
CA SER D 331 -15.71 -32.88 -39.47
C SER D 331 -16.27 -33.63 -40.70
N LEU D 332 -16.82 -32.90 -41.67
CA LEU D 332 -17.20 -33.49 -42.95
C LEU D 332 -16.08 -34.27 -43.65
N LEU D 333 -14.87 -33.70 -43.76
CA LEU D 333 -13.70 -34.39 -44.39
C LEU D 333 -13.32 -35.65 -43.66
N GLN D 334 -13.61 -35.64 -42.36
CA GLN D 334 -13.38 -36.83 -41.51
C GLN D 334 -14.61 -37.75 -41.40
N GLY D 335 -15.69 -37.36 -42.08
CA GLY D 335 -17.00 -38.07 -41.98
C GLY D 335 -17.11 -39.48 -42.52
N LYS D 336 -18.22 -40.17 -42.18
CA LYS D 336 -18.45 -41.57 -42.58
C LYS D 336 -19.69 -41.70 -43.48
N GLU D 337 -20.08 -40.58 -44.09
CA GLU D 337 -21.11 -40.62 -45.13
C GLU D 337 -20.89 -41.69 -46.19
N PHE D 338 -19.64 -41.86 -46.62
CA PHE D 338 -19.29 -42.93 -47.57
C PHE D 338 -19.70 -44.35 -47.13
N GLU D 339 -19.84 -44.57 -45.82
CA GLU D 339 -20.31 -45.84 -45.30
C GLU D 339 -21.82 -45.88 -45.09
N ASN D 340 -22.50 -44.78 -45.44
CA ASN D 340 -23.94 -44.71 -45.29
C ASN D 340 -24.39 -44.88 -43.86
N GLN D 341 -23.70 -44.21 -42.94
CA GLN D 341 -24.08 -44.16 -41.52
C GLN D 341 -25.39 -43.36 -41.42
N VAL D 342 -26.41 -43.94 -40.79
CA VAL D 342 -27.70 -43.21 -40.66
C VAL D 342 -27.64 -42.21 -39.51
N LEU D 343 -26.77 -42.46 -38.52
CA LEU D 343 -26.69 -41.62 -37.34
C LEU D 343 -25.27 -41.12 -37.11
N ASN D 344 -24.29 -42.05 -37.05
CA ASN D 344 -22.92 -41.73 -36.67
C ASN D 344 -22.11 -41.12 -37.82
N LYS D 345 -22.49 -39.93 -38.25
CA LYS D 345 -21.84 -39.41 -39.47
C LYS D 345 -20.48 -38.75 -39.18
N ARG D 346 -20.46 -37.88 -38.16
CA ARG D 346 -19.34 -36.98 -37.86
C ARG D 346 -18.64 -37.39 -36.55
N SER D 347 -19.31 -38.23 -35.75
CA SER D 347 -18.76 -38.87 -34.53
C SER D 347 -19.62 -40.10 -34.16
N VAL D 348 -19.36 -40.77 -33.03
CA VAL D 348 -20.22 -41.90 -32.61
C VAL D 348 -21.00 -41.42 -31.39
N MET D 349 -22.29 -41.72 -31.36
CA MET D 349 -23.16 -41.31 -30.26
C MET D 349 -22.82 -42.20 -29.07
N PRO D 350 -22.72 -41.62 -27.86
CA PRO D 350 -22.58 -42.43 -26.63
C PRO D 350 -23.95 -42.97 -26.18
N PRO D 351 -23.99 -43.92 -25.19
CA PRO D 351 -25.21 -44.16 -24.42
C PRO D 351 -25.52 -42.90 -23.66
N LYS D 352 -26.80 -42.62 -23.41
CA LYS D 352 -27.22 -41.45 -22.60
C LYS D 352 -26.43 -41.38 -21.28
N TYR D 353 -26.08 -42.55 -20.73
CA TYR D 353 -25.44 -42.63 -19.43
C TYR D 353 -24.06 -42.00 -19.37
N VAL D 354 -23.44 -41.84 -20.54
CA VAL D 354 -22.12 -41.24 -20.55
C VAL D 354 -22.18 -39.80 -20.02
N PHE D 355 -23.35 -39.20 -20.05
CA PHE D 355 -23.56 -37.81 -19.52
C PHE D 355 -23.88 -37.69 -18.03
N GLY D 356 -23.73 -38.80 -17.34
CA GLY D 356 -24.04 -38.85 -15.90
C GLY D 356 -22.87 -38.39 -15.07
N PHE D 357 -23.07 -38.30 -13.75
CA PHE D 357 -21.96 -38.02 -12.85
C PHE D 357 -21.27 -39.32 -12.40
N PHE D 358 -19.96 -39.45 -12.69
CA PHE D 358 -19.17 -40.63 -12.30
C PHE D 358 -18.15 -40.30 -11.23
N GLN D 359 -17.88 -41.26 -10.32
CA GLN D 359 -16.78 -41.14 -9.38
C GLN D 359 -15.75 -42.20 -9.67
N GLY D 360 -14.49 -41.79 -9.84
CA GLY D 360 -13.39 -42.74 -9.88
C GLY D 360 -12.50 -42.58 -8.65
N VAL D 361 -11.80 -43.64 -8.26
CA VAL D 361 -10.84 -43.56 -7.17
C VAL D 361 -9.66 -44.47 -7.51
N PHE D 362 -8.46 -43.90 -7.58
CA PHE D 362 -7.25 -44.72 -7.68
C PHE D 362 -6.80 -45.06 -6.23
N GLY D 363 -7.02 -46.30 -5.83
CA GLY D 363 -6.81 -46.72 -4.43
C GLY D 363 -8.02 -47.26 -3.68
N THR D 364 -8.90 -47.99 -4.37
CA THR D 364 -9.97 -48.72 -3.68
C THR D 364 -9.47 -50.11 -3.41
N SER D 365 -9.94 -50.74 -2.34
CA SER D 365 -9.35 -52.01 -1.91
C SER D 365 -10.24 -53.23 -2.11
N SER D 366 -11.54 -52.95 -2.31
CA SER D 366 -12.50 -54.03 -2.49
C SER D 366 -13.85 -53.53 -2.99
N LEU D 367 -14.73 -54.48 -3.30
CA LEU D 367 -16.11 -54.15 -3.57
C LEU D 367 -16.83 -53.92 -2.24
N LEU D 368 -16.88 -54.96 -1.41
CA LEU D 368 -17.68 -54.83 -0.19
C LEU D 368 -16.86 -54.42 1.00
N ARG D 369 -17.48 -53.67 1.92
CA ARG D 369 -16.89 -53.46 3.25
C ARG D 369 -16.48 -54.77 3.91
N ALA D 370 -17.36 -55.79 3.82
CA ALA D 370 -17.13 -57.04 4.52
C ALA D 370 -15.89 -57.76 4.02
N HIS D 371 -15.39 -57.37 2.85
CA HIS D 371 -14.16 -58.01 2.36
C HIS D 371 -13.00 -57.02 2.16
N MET D 372 -13.11 -55.84 2.76
CA MET D 372 -12.01 -54.88 2.65
C MET D 372 -10.83 -55.24 3.54
N PRO D 373 -9.65 -55.49 2.93
CA PRO D 373 -8.44 -55.68 3.74
C PRO D 373 -8.19 -54.41 4.60
N ALA D 374 -7.74 -54.65 5.84
CA ALA D 374 -7.36 -53.59 6.78
C ALA D 374 -6.18 -52.81 6.24
N GLY D 375 -6.21 -51.50 6.37
CA GLY D 375 -5.10 -50.66 5.93
C GLY D 375 -5.47 -49.20 6.11
N GLU D 376 -4.48 -48.38 6.45
CA GLU D 376 -4.77 -46.98 6.75
C GLU D 376 -5.44 -46.32 5.53
N ASN D 377 -6.59 -45.69 5.76
CA ASN D 377 -7.38 -44.97 4.74
C ASN D 377 -7.99 -45.84 3.64
N ASN D 378 -7.90 -47.16 3.75
CA ASN D 378 -8.52 -48.02 2.75
C ASN D 378 -10.01 -47.72 2.61
N ILE D 379 -10.52 -47.85 1.38
CA ILE D 379 -11.95 -47.70 1.10
C ILE D 379 -12.50 -48.83 0.19
N SER D 380 -13.76 -49.21 0.43
CA SER D 380 -14.50 -50.13 -0.42
C SER D 380 -15.35 -49.38 -1.46
N VAL D 381 -15.57 -50.01 -2.62
CA VAL D 381 -16.55 -49.50 -3.58
C VAL D 381 -17.91 -49.26 -2.92
N GLU D 382 -18.30 -50.20 -2.07
CA GLU D 382 -19.57 -50.11 -1.33
C GLU D 382 -19.73 -48.79 -0.58
N GLU D 383 -18.70 -48.40 0.16
CA GLU D 383 -18.70 -47.12 0.91
C GLU D 383 -18.99 -45.92 0.01
N ILE D 384 -18.38 -45.91 -1.16
CA ILE D 384 -18.53 -44.77 -2.10
C ILE D 384 -19.97 -44.65 -2.63
N VAL D 385 -20.55 -45.78 -3.03
CA VAL D 385 -21.95 -45.86 -3.47
C VAL D 385 -22.88 -45.39 -2.36
N GLU D 386 -22.72 -45.97 -1.16
CA GLU D 386 -23.47 -45.49 0.01
C GLU D 386 -23.41 -43.98 0.18
N GLY D 387 -22.20 -43.42 0.14
CA GLY D 387 -22.07 -41.97 0.40
C GLY D 387 -22.91 -41.17 -0.60
N TYR D 388 -22.86 -41.56 -1.87
CA TYR D 388 -23.64 -40.83 -2.86
C TYR D 388 -25.13 -41.16 -2.78
N GLN D 389 -25.49 -42.44 -2.67
CA GLN D 389 -26.92 -42.76 -2.69
C GLN D 389 -27.64 -42.34 -1.39
N ASN D 390 -27.01 -42.55 -0.23
CA ASN D 390 -27.61 -42.16 1.04
C ASN D 390 -27.84 -40.67 1.13
N ASN D 391 -26.98 -39.93 0.46
CA ASN D 391 -27.08 -38.47 0.41
C ASN D 391 -27.92 -37.87 -0.73
N ASN D 392 -28.58 -38.75 -1.48
CA ASN D 392 -29.48 -38.37 -2.59
C ASN D 392 -28.74 -37.55 -3.65
N PHE D 393 -27.52 -37.97 -4.03
CA PHE D 393 -26.87 -37.36 -5.21
C PHE D 393 -27.36 -38.09 -6.46
N PRO D 394 -27.58 -37.35 -7.57
CA PRO D 394 -27.67 -37.96 -8.88
C PRO D 394 -26.31 -38.62 -9.09
N PHE D 395 -26.27 -39.92 -9.37
CA PHE D 395 -25.00 -40.63 -9.42
C PHE D 395 -25.08 -41.81 -10.38
N GLU D 396 -24.20 -41.82 -11.37
CA GLU D 396 -24.33 -42.73 -12.50
C GLU D 396 -23.62 -44.00 -12.23
N GLY D 397 -22.55 -43.91 -11.44
CA GLY D 397 -21.66 -45.07 -11.20
C GLY D 397 -20.19 -44.70 -11.15
N LEU D 398 -19.37 -45.69 -11.51
CA LEU D 398 -18.01 -45.74 -11.03
C LEU D 398 -16.99 -45.92 -12.13
N ALA D 399 -15.82 -45.31 -11.94
CA ALA D 399 -14.67 -45.63 -12.75
C ALA D 399 -13.80 -46.52 -11.85
N VAL D 400 -13.79 -47.82 -12.13
CA VAL D 400 -13.04 -48.80 -11.36
C VAL D 400 -11.63 -48.92 -11.97
N ASP D 401 -10.60 -48.69 -11.15
CA ASP D 401 -9.25 -48.48 -11.61
C ASP D 401 -8.49 -49.80 -11.63
N VAL D 402 -7.21 -49.76 -12.02
CA VAL D 402 -6.36 -50.98 -12.11
C VAL D 402 -6.25 -51.78 -10.82
N ASP D 403 -6.70 -51.24 -9.69
CA ASP D 403 -6.53 -52.02 -8.49
C ASP D 403 -7.55 -53.18 -8.37
N MET D 404 -8.55 -53.21 -9.25
CA MET D 404 -9.47 -54.34 -9.36
C MET D 404 -8.79 -55.53 -10.06
N GLN D 405 -7.72 -55.27 -10.78
CA GLN D 405 -7.03 -56.31 -11.53
C GLN D 405 -6.21 -57.21 -10.61
N ASP D 406 -6.02 -58.46 -11.03
CA ASP D 406 -5.11 -59.33 -10.31
C ASP D 406 -3.68 -58.93 -10.62
N ASN D 407 -3.08 -58.17 -9.72
CA ASN D 407 -1.68 -57.81 -9.88
C ASN D 407 -1.35 -57.20 -11.27
N LEU D 408 -2.12 -56.22 -11.72
CA LEU D 408 -1.81 -55.46 -12.96
C LEU D 408 -1.90 -56.28 -14.28
N ARG D 409 -2.67 -57.35 -14.24
CA ARG D 409 -3.00 -58.11 -15.44
C ARG D 409 -4.30 -57.57 -16.03
N VAL D 410 -4.19 -56.81 -17.12
CA VAL D 410 -5.36 -56.23 -17.79
C VAL D 410 -6.34 -57.36 -18.23
N PHE D 411 -7.64 -57.07 -18.16
CA PHE D 411 -8.75 -58.05 -18.40
C PHE D 411 -8.99 -59.09 -17.29
N THR D 412 -8.28 -58.98 -16.16
CA THR D 412 -8.57 -59.81 -14.98
C THR D 412 -9.24 -59.01 -13.85
N THR D 413 -9.72 -59.71 -12.82
CA THR D 413 -10.23 -59.09 -11.61
C THR D 413 -9.68 -59.95 -10.50
N LYS D 414 -9.68 -59.47 -9.26
CA LYS D 414 -9.35 -60.37 -8.15
C LYS D 414 -10.54 -60.52 -7.22
N GLY D 415 -10.44 -61.52 -6.35
CA GLY D 415 -11.51 -61.96 -5.45
C GLY D 415 -12.18 -60.85 -4.65
N GLU D 416 -11.37 -59.91 -4.14
CA GLU D 416 -11.89 -58.84 -3.31
C GLU D 416 -12.89 -57.92 -3.98
N PHE D 417 -13.04 -58.04 -5.30
CA PHE D 417 -14.00 -57.20 -6.06
C PHE D 417 -15.22 -58.02 -6.50
N TRP D 418 -15.40 -59.16 -5.83
CA TRP D 418 -16.58 -60.01 -5.92
C TRP D 418 -17.28 -60.08 -4.55
N THR D 419 -18.59 -60.27 -4.54
CA THR D 419 -19.34 -60.30 -3.28
C THR D 419 -19.02 -61.56 -2.45
N ALA D 420 -18.66 -62.66 -3.10
CA ALA D 420 -18.29 -63.82 -2.33
C ALA D 420 -16.76 -63.97 -2.19
N ASN D 421 -16.03 -62.88 -2.47
CA ASN D 421 -14.58 -62.84 -2.25
C ASN D 421 -13.81 -63.87 -3.11
N ARG D 422 -14.41 -64.24 -4.24
CA ARG D 422 -13.73 -65.08 -5.22
C ARG D 422 -14.19 -64.73 -6.63
N VAL D 423 -13.31 -64.93 -7.60
CA VAL D 423 -13.60 -64.58 -9.00
C VAL D 423 -14.51 -65.65 -9.58
N GLY D 424 -15.64 -65.22 -10.12
CA GLY D 424 -16.56 -66.13 -10.81
C GLY D 424 -16.51 -65.86 -12.30
N THR D 425 -17.38 -66.52 -13.06
CA THR D 425 -17.44 -66.31 -14.50
C THR D 425 -18.64 -65.45 -14.92
N GLY D 426 -19.40 -64.94 -13.97
CA GLY D 426 -20.52 -64.05 -14.26
C GLY D 426 -21.89 -64.72 -14.20
N GLY D 427 -22.92 -63.95 -13.83
CA GLY D 427 -24.29 -64.47 -13.81
C GLY D 427 -24.71 -65.32 -12.59
N ASP D 428 -23.82 -65.48 -11.62
CA ASP D 428 -24.10 -66.19 -10.35
C ASP D 428 -24.71 -65.21 -9.32
N PRO D 429 -26.02 -65.35 -8.99
CA PRO D 429 -26.60 -64.35 -8.06
C PRO D 429 -26.06 -64.44 -6.63
N ASN D 430 -25.34 -65.53 -6.33
CA ASN D 430 -24.66 -65.66 -5.04
C ASN D 430 -23.19 -65.23 -5.03
N ASN D 431 -22.71 -64.74 -6.17
CA ASN D 431 -21.36 -64.17 -6.25
C ASN D 431 -21.25 -63.21 -7.42
N ARG D 432 -21.54 -61.93 -7.16
CA ARG D 432 -21.63 -60.91 -8.18
C ARG D 432 -20.32 -60.14 -8.27
N SER D 433 -19.88 -59.80 -9.48
CA SER D 433 -18.69 -58.97 -9.59
C SER D 433 -19.09 -57.56 -9.23
N VAL D 434 -18.09 -56.70 -9.15
CA VAL D 434 -18.30 -55.28 -8.95
C VAL D 434 -19.32 -54.66 -9.92
N PHE D 435 -19.30 -55.14 -11.17
CA PHE D 435 -20.14 -54.58 -12.25
C PHE D 435 -21.59 -55.05 -12.16
N GLU D 436 -21.77 -56.33 -11.85
CA GLU D 436 -23.10 -56.91 -11.60
C GLU D 436 -23.72 -56.27 -10.35
N TRP D 437 -22.91 -56.11 -9.30
CA TRP D 437 -23.40 -55.54 -8.04
C TRP D 437 -23.80 -54.07 -8.30
N ALA D 438 -22.98 -53.38 -9.08
CA ALA D 438 -23.28 -51.96 -9.47
C ALA D 438 -24.59 -51.85 -10.28
N HIS D 439 -24.84 -52.78 -11.21
CA HIS D 439 -26.15 -52.86 -11.90
C HIS D 439 -27.33 -52.88 -10.91
N ASP D 440 -27.26 -53.69 -9.86
CA ASP D 440 -28.33 -53.79 -8.86
C ASP D 440 -28.49 -52.54 -8.00
N LYS D 441 -27.50 -51.68 -8.05
CA LYS D 441 -27.61 -50.35 -7.46
C LYS D 441 -28.10 -49.30 -8.48
N GLY D 442 -28.44 -49.73 -9.70
CA GLY D 442 -28.86 -48.83 -10.78
C GLY D 442 -27.70 -48.01 -11.35
N LEU D 443 -26.49 -48.55 -11.23
CA LEU D 443 -25.30 -47.82 -11.73
C LEU D 443 -24.74 -48.52 -12.98
N VAL D 444 -23.83 -47.86 -13.68
CA VAL D 444 -23.03 -48.51 -14.72
C VAL D 444 -21.54 -48.24 -14.46
N CYS D 445 -20.65 -49.07 -15.00
CA CYS D 445 -19.23 -48.85 -14.75
C CYS D 445 -18.36 -48.76 -16.00
N GLN D 446 -17.34 -47.92 -15.91
CA GLN D 446 -16.17 -48.03 -16.77
C GLN D 446 -15.03 -48.69 -15.96
N THR D 447 -14.08 -49.26 -16.65
CA THR D 447 -12.90 -49.77 -16.00
C THR D 447 -11.67 -49.50 -16.85
N ASN D 448 -10.54 -49.46 -16.17
CA ASN D 448 -9.30 -48.98 -16.72
C ASN D 448 -8.70 -50.08 -17.55
N ILE D 449 -8.61 -49.83 -18.85
CA ILE D 449 -7.88 -50.73 -19.75
C ILE D 449 -6.63 -50.04 -20.32
N THR D 450 -5.46 -50.67 -20.13
CA THR D 450 -4.25 -50.23 -20.78
C THR D 450 -3.82 -51.36 -21.73
N CYS D 451 -2.83 -51.08 -22.56
CA CYS D 451 -2.40 -52.01 -23.59
C CYS D 451 -1.04 -52.62 -23.24
N PHE D 452 -0.78 -52.78 -21.95
CA PHE D 452 0.43 -53.46 -21.58
C PHE D 452 0.03 -54.79 -20.97
N LEU D 453 0.71 -55.83 -21.42
CA LEU D 453 0.36 -57.21 -21.08
C LEU D 453 1.47 -57.71 -20.17
N ARG D 454 1.14 -57.91 -18.91
CA ARG D 454 2.15 -58.13 -17.90
C ARG D 454 3.00 -59.32 -18.32
N ASN D 455 4.31 -59.17 -18.20
CA ASN D 455 5.26 -60.20 -18.61
C ASN D 455 5.93 -60.93 -17.45
N ASP D 456 6.17 -60.25 -16.32
CA ASP D 456 6.77 -60.91 -15.14
C ASP D 456 5.67 -61.52 -14.28
N ASN D 457 5.36 -62.79 -14.56
CA ASN D 457 4.15 -63.43 -14.06
C ASN D 457 4.36 -64.46 -12.94
N GLU D 458 5.63 -64.64 -12.57
CA GLU D 458 6.05 -65.39 -11.36
C GLU D 458 5.49 -66.82 -11.32
N GLY D 459 5.50 -67.47 -12.48
CA GLY D 459 4.98 -68.83 -12.58
C GLY D 459 3.46 -68.94 -12.48
N GLN D 460 2.78 -67.81 -12.30
CA GLN D 460 1.33 -67.80 -12.29
C GLN D 460 0.87 -67.56 -13.71
N ASP D 461 -0.24 -68.17 -14.10
CA ASP D 461 -0.62 -68.08 -15.49
C ASP D 461 -1.45 -66.86 -15.87
N TYR D 462 -1.29 -66.44 -17.13
CA TYR D 462 -1.98 -65.28 -17.66
C TYR D 462 -2.12 -65.50 -19.18
N GLU D 463 -3.30 -65.99 -19.55
CA GLU D 463 -3.64 -66.38 -20.93
C GLU D 463 -3.48 -65.26 -21.96
N VAL D 464 -3.76 -64.01 -21.56
CA VAL D 464 -3.67 -62.89 -22.50
C VAL D 464 -2.23 -62.73 -22.99
N ASN D 465 -1.28 -62.72 -22.05
CA ASN D 465 0.13 -62.69 -22.40
C ASN D 465 0.50 -63.95 -23.20
N GLN D 466 0.09 -65.13 -22.70
CA GLN D 466 0.42 -66.40 -23.35
C GLN D 466 0.04 -66.39 -24.83
N THR D 467 -1.21 -66.05 -25.11
CA THR D 467 -1.71 -65.98 -26.48
C THR D 467 -1.00 -64.90 -27.33
N LEU D 468 -0.71 -63.75 -26.75
CA LEU D 468 0.10 -62.75 -27.47
C LEU D 468 1.46 -63.32 -27.94
N ARG D 469 2.11 -64.10 -27.07
CA ARG D 469 3.39 -64.71 -27.38
C ARG D 469 3.28 -65.75 -28.50
N GLU D 470 2.36 -66.70 -28.36
CA GLU D 470 2.34 -67.85 -29.27
C GLU D 470 1.77 -67.46 -30.64
N ARG D 471 0.86 -66.48 -30.65
CA ARG D 471 0.33 -65.89 -31.88
C ARG D 471 1.34 -64.94 -32.52
N GLN D 472 2.40 -64.58 -31.80
CA GLN D 472 3.46 -63.69 -32.29
C GLN D 472 2.99 -62.27 -32.59
N LEU D 473 2.08 -61.76 -31.76
CA LEU D 473 1.41 -60.49 -32.04
C LEU D 473 2.07 -59.29 -31.34
N TYR D 474 3.19 -59.53 -30.66
CA TYR D 474 3.85 -58.48 -29.87
C TYR D 474 4.85 -57.68 -30.70
N THR D 475 5.07 -56.44 -30.27
CA THR D 475 6.14 -55.63 -30.85
C THR D 475 7.50 -56.30 -30.57
N LYS D 476 8.31 -56.43 -31.61
CA LYS D 476 9.60 -57.06 -31.47
C LYS D 476 10.69 -56.06 -31.03
N ASN D 477 11.88 -56.58 -30.72
CA ASN D 477 13.00 -55.75 -30.25
C ASN D 477 13.97 -55.37 -31.39
N ASP D 478 13.44 -55.24 -32.58
CA ASP D 478 14.24 -54.97 -33.77
C ASP D 478 14.44 -53.48 -33.94
N SER D 479 15.58 -53.08 -34.50
CA SER D 479 15.78 -51.67 -34.87
C SER D 479 16.85 -51.57 -35.94
N LEU D 480 16.93 -50.42 -36.60
CA LEU D 480 17.94 -50.20 -37.66
C LEU D 480 19.29 -49.73 -37.11
N THR D 481 19.28 -49.29 -35.85
CA THR D 481 20.44 -48.66 -35.24
C THR D 481 21.23 -49.66 -34.39
N GLY D 482 20.74 -50.89 -34.30
CA GLY D 482 21.32 -51.90 -33.44
C GLY D 482 21.21 -51.59 -31.95
N THR D 483 20.26 -50.73 -31.57
CA THR D 483 20.01 -50.40 -30.17
C THR D 483 19.58 -51.65 -29.41
N ASP D 484 20.02 -51.78 -28.16
CA ASP D 484 19.63 -52.91 -27.30
C ASP D 484 18.58 -52.47 -26.27
N PHE D 485 17.31 -52.79 -26.54
CA PHE D 485 16.18 -52.33 -25.72
C PHE D 485 16.04 -53.02 -24.35
N GLY D 486 16.84 -54.07 -24.15
CA GLY D 486 16.84 -54.81 -22.91
C GLY D 486 16.18 -56.18 -23.01
N MET D 487 16.34 -56.96 -21.94
CA MET D 487 15.83 -58.31 -21.91
C MET D 487 15.58 -58.74 -20.46
N THR D 488 14.71 -59.73 -20.28
CA THR D 488 14.56 -60.42 -19.00
C THR D 488 14.61 -61.92 -19.26
N ASP D 489 14.59 -62.69 -18.17
CA ASP D 489 14.54 -64.15 -18.24
C ASP D 489 13.20 -64.66 -18.73
N ASP D 490 12.17 -63.84 -18.59
CA ASP D 490 10.82 -64.18 -19.06
C ASP D 490 10.76 -64.35 -20.57
N GLY D 491 11.56 -63.56 -21.30
CA GLY D 491 11.50 -63.52 -22.74
C GLY D 491 10.20 -62.87 -23.20
N PRO D 492 9.78 -63.12 -24.45
CA PRO D 492 10.53 -63.89 -25.45
C PRO D 492 11.79 -63.13 -25.89
N SER D 493 12.77 -63.85 -26.42
CA SER D 493 14.07 -63.26 -26.76
C SER D 493 14.06 -62.21 -27.90
N ASP D 494 12.99 -62.18 -28.69
CA ASP D 494 12.82 -61.19 -29.79
C ASP D 494 11.74 -60.13 -29.51
N ALA D 495 11.38 -59.94 -28.25
CA ALA D 495 10.28 -59.05 -27.93
C ALA D 495 10.77 -57.78 -27.29
N TYR D 496 10.06 -56.68 -27.57
CA TYR D 496 10.23 -55.44 -26.85
C TYR D 496 9.64 -55.61 -25.48
N ILE D 497 10.44 -55.46 -24.43
CA ILE D 497 9.93 -55.55 -23.07
C ILE D 497 9.97 -54.17 -22.40
N GLY D 498 8.80 -53.64 -22.06
CA GLY D 498 8.71 -52.38 -21.36
C GLY D 498 8.45 -52.56 -19.88
N HIS D 499 8.32 -51.45 -19.17
CA HIS D 499 8.08 -51.47 -17.75
C HIS D 499 7.01 -50.46 -17.38
N LEU D 500 6.07 -50.86 -16.52
CA LEU D 500 5.07 -49.90 -16.06
C LEU D 500 5.28 -49.55 -14.60
N ASP D 501 4.83 -48.35 -14.21
CA ASP D 501 5.11 -47.80 -12.89
C ASP D 501 4.06 -46.75 -12.51
N TYR D 502 3.24 -47.08 -11.51
CA TYR D 502 2.17 -46.21 -11.01
C TYR D 502 2.56 -45.41 -9.77
N GLY D 503 3.83 -45.45 -9.40
CA GLY D 503 4.30 -44.93 -8.12
C GLY D 503 4.04 -45.96 -7.04
N GLY D 504 4.67 -45.79 -5.87
CA GLY D 504 4.70 -46.84 -4.84
C GLY D 504 5.47 -48.03 -5.38
N GLY D 505 5.15 -49.23 -4.91
CA GLY D 505 5.79 -50.43 -5.45
C GLY D 505 5.04 -50.97 -6.66
N VAL D 506 3.94 -50.30 -7.00
CA VAL D 506 2.95 -50.79 -7.98
C VAL D 506 3.48 -50.84 -9.43
N GLU D 507 4.17 -51.93 -9.76
CA GLU D 507 4.87 -52.04 -11.04
C GLU D 507 4.98 -53.45 -11.66
N CYS D 508 5.32 -53.49 -12.95
CA CYS D 508 5.56 -54.76 -13.66
C CYS D 508 6.25 -54.57 -15.03
N ASP D 509 6.68 -55.69 -15.63
CA ASP D 509 7.17 -55.76 -17.00
C ASP D 509 6.02 -56.12 -17.98
N ALA D 510 6.12 -55.65 -19.22
CA ALA D 510 5.02 -55.83 -20.16
C ALA D 510 5.46 -56.06 -21.58
N LEU D 511 4.68 -56.84 -22.32
CA LEU D 511 4.71 -56.85 -23.78
C LEU D 511 3.61 -55.92 -24.28
N PHE D 512 3.67 -55.60 -25.58
CA PHE D 512 2.78 -54.64 -26.21
C PHE D 512 2.32 -55.16 -27.57
N PRO D 513 1.07 -54.85 -27.96
CA PRO D 513 0.60 -55.34 -29.24
C PRO D 513 1.17 -54.50 -30.37
N ASP D 514 1.60 -55.18 -31.41
CA ASP D 514 2.12 -54.51 -32.59
C ASP D 514 0.92 -54.15 -33.49
N TRP D 515 0.23 -53.04 -33.20
CA TRP D 515 -1.05 -52.70 -33.84
C TRP D 515 -1.11 -52.83 -35.34
N GLY D 516 -0.03 -52.46 -36.01
CA GLY D 516 -0.01 -52.38 -37.46
C GLY D 516 -0.32 -53.68 -38.19
N ARG D 517 -0.10 -54.82 -37.51
CA ARG D 517 -0.37 -56.15 -38.10
C ARG D 517 -1.89 -56.43 -38.19
N PRO D 518 -2.34 -57.15 -39.25
CA PRO D 518 -3.80 -57.21 -39.49
C PRO D 518 -4.57 -58.22 -38.61
N ASP D 519 -3.86 -59.04 -37.83
CA ASP D 519 -4.45 -60.01 -36.92
C ASP D 519 -4.47 -59.52 -35.47
N VAL D 520 -3.80 -58.40 -35.18
CA VAL D 520 -3.68 -57.86 -33.81
C VAL D 520 -5.01 -57.28 -33.30
N ALA D 521 -5.73 -56.54 -34.14
CA ALA D 521 -6.97 -55.89 -33.70
C ALA D 521 -8.05 -56.89 -33.23
N GLU D 522 -8.26 -57.94 -34.01
CA GLU D 522 -9.26 -58.97 -33.68
C GLU D 522 -8.88 -59.70 -32.39
N TRP D 523 -7.59 -60.01 -32.24
CA TRP D 523 -7.09 -60.59 -30.99
C TRP D 523 -7.37 -59.67 -29.80
N TRP D 524 -7.09 -58.37 -29.93
CA TRP D 524 -7.30 -57.41 -28.83
C TRP D 524 -8.77 -57.32 -28.42
N GLY D 525 -9.63 -57.24 -29.41
CA GLY D 525 -11.07 -57.10 -29.22
C GLY D 525 -11.72 -58.28 -28.54
N ASN D 526 -11.33 -59.50 -28.92
CA ASN D 526 -11.82 -60.68 -28.21
C ASN D 526 -11.58 -60.62 -26.70
N ASN D 527 -10.51 -59.96 -26.26
CA ASN D 527 -10.18 -59.94 -24.81
C ASN D 527 -11.22 -59.26 -23.94
N TYR D 528 -11.96 -58.33 -24.53
CA TYR D 528 -12.96 -57.52 -23.82
C TYR D 528 -14.13 -58.41 -23.39
N LYS D 529 -14.34 -59.52 -24.08
CA LYS D 529 -15.34 -60.51 -23.65
C LYS D 529 -15.15 -60.92 -22.20
N LYS D 530 -13.93 -60.85 -21.69
CA LYS D 530 -13.62 -61.29 -20.34
C LYS D 530 -14.19 -60.38 -19.26
N LEU D 531 -14.46 -59.14 -19.66
CA LEU D 531 -15.04 -58.09 -18.82
C LEU D 531 -16.52 -57.82 -19.11
N PHE D 532 -16.91 -57.77 -20.38
CA PHE D 532 -18.32 -57.57 -20.72
C PHE D 532 -19.24 -58.64 -20.15
N SER D 533 -18.77 -59.90 -20.17
CA SER D 533 -19.49 -61.06 -19.68
C SER D 533 -19.64 -61.08 -18.15
N ILE D 534 -18.86 -60.27 -17.44
CA ILE D 534 -19.03 -60.15 -15.98
C ILE D 534 -19.71 -58.82 -15.63
N GLY D 535 -20.27 -58.19 -16.65
CA GLY D 535 -21.09 -56.99 -16.44
C GLY D 535 -20.48 -55.63 -16.78
N LEU D 536 -19.26 -55.57 -17.31
CA LEU D 536 -18.71 -54.22 -17.62
C LEU D 536 -19.54 -53.48 -18.70
N ASP D 537 -19.80 -52.18 -18.46
CA ASP D 537 -20.57 -51.35 -19.39
C ASP D 537 -19.74 -50.58 -20.41
N PHE D 538 -18.70 -49.91 -19.98
CA PHE D 538 -17.88 -49.17 -20.93
C PHE D 538 -16.41 -49.05 -20.53
N VAL D 539 -15.62 -48.34 -21.31
CA VAL D 539 -14.19 -48.40 -21.08
C VAL D 539 -13.50 -47.06 -20.98
N TRP D 540 -12.39 -47.12 -20.28
CA TRP D 540 -11.59 -46.00 -19.91
C TRP D 540 -10.20 -46.46 -20.39
N GLN D 541 -9.71 -45.85 -21.48
CA GLN D 541 -8.46 -46.28 -22.11
C GLN D 541 -7.29 -45.42 -21.61
N ASP D 542 -6.34 -46.03 -20.92
CA ASP D 542 -5.34 -45.27 -20.18
C ASP D 542 -3.92 -45.61 -20.68
N MET D 543 -2.92 -44.81 -20.30
CA MET D 543 -1.50 -45.05 -20.64
C MET D 543 -1.28 -45.38 -22.12
N THR D 544 -1.91 -44.61 -22.99
CA THR D 544 -2.07 -44.99 -24.40
C THR D 544 -0.91 -44.63 -25.34
N VAL D 545 0.15 -44.00 -24.82
CA VAL D 545 1.20 -43.46 -25.68
C VAL D 545 1.85 -44.53 -26.55
N PRO D 546 2.16 -45.72 -26.01
CA PRO D 546 2.02 -46.30 -24.65
C PRO D 546 2.93 -45.64 -23.58
N ALA D 547 2.40 -45.42 -22.38
CA ALA D 547 3.06 -44.57 -21.39
C ALA D 547 4.05 -45.34 -20.53
N MET D 548 5.26 -45.60 -21.03
CA MET D 548 6.22 -46.44 -20.27
C MET D 548 7.03 -45.68 -19.19
N MET D 549 7.46 -46.42 -18.17
CA MET D 549 8.41 -45.90 -17.20
C MET D 549 9.63 -45.32 -17.94
N PRO D 550 10.06 -44.10 -17.56
CA PRO D 550 11.24 -43.54 -18.21
C PRO D 550 12.40 -44.53 -18.07
N HIS D 551 13.14 -44.71 -19.16
CA HIS D 551 14.24 -45.70 -19.18
C HIS D 551 15.37 -45.29 -20.13
N LYS D 552 16.62 -45.55 -19.67
CA LYS D 552 17.83 -45.28 -20.45
C LYS D 552 18.45 -46.59 -20.96
N ILE D 553 18.79 -46.61 -22.25
CA ILE D 553 19.45 -47.77 -22.85
C ILE D 553 20.64 -48.24 -21.99
N GLY D 554 20.70 -49.54 -21.73
CA GLY D 554 21.81 -50.10 -20.93
C GLY D 554 21.42 -50.40 -19.49
N ASP D 555 20.47 -49.64 -18.95
CA ASP D 555 19.99 -49.91 -17.59
C ASP D 555 19.04 -51.10 -17.61
N ASP D 556 18.89 -51.77 -16.47
CA ASP D 556 17.92 -52.85 -16.34
C ASP D 556 16.53 -52.30 -16.67
N ILE D 557 15.66 -53.08 -17.17
CA ILE D 557 14.31 -52.67 -17.58
C ILE D 557 13.49 -52.05 -16.45
N ASN D 558 13.72 -52.57 -15.25
CA ASN D 558 13.00 -52.07 -14.06
C ASN D 558 13.66 -50.85 -13.41
N VAL D 559 14.78 -50.42 -13.99
CA VAL D 559 15.56 -49.29 -13.49
C VAL D 559 15.31 -48.02 -14.31
N LYS D 560 14.85 -46.96 -13.64
CA LYS D 560 14.66 -45.68 -14.30
C LYS D 560 15.87 -44.76 -14.10
N PRO D 561 16.11 -43.83 -15.03
CA PRO D 561 17.25 -42.94 -14.84
C PRO D 561 16.97 -41.88 -13.78
N ASP D 562 18.04 -41.20 -13.38
CA ASP D 562 17.96 -40.00 -12.55
C ASP D 562 16.87 -39.06 -13.09
N GLY D 563 16.07 -38.51 -12.18
CA GLY D 563 14.96 -37.64 -12.54
C GLY D 563 15.40 -36.46 -13.39
N ASN D 564 16.59 -35.93 -13.12
CA ASN D 564 17.13 -34.77 -13.86
C ASN D 564 17.66 -35.06 -15.26
N TRP D 565 17.80 -36.35 -15.59
CA TRP D 565 18.32 -36.78 -16.89
C TRP D 565 17.16 -37.17 -17.83
N PRO D 566 17.21 -36.76 -19.11
CA PRO D 566 18.23 -36.00 -19.81
C PRO D 566 18.03 -34.50 -19.65
N ASN D 567 19.01 -33.74 -20.08
CA ASN D 567 18.98 -32.27 -19.95
C ASN D 567 19.92 -31.69 -20.96
N ALA D 568 19.94 -30.36 -21.06
CA ALA D 568 20.73 -29.67 -22.11
C ALA D 568 22.24 -29.95 -22.09
N ASP D 569 22.78 -30.28 -20.92
CA ASP D 569 24.22 -30.52 -20.76
C ASP D 569 24.56 -31.99 -20.85
N ASP D 570 23.55 -32.82 -20.60
CA ASP D 570 23.66 -34.26 -20.69
C ASP D 570 22.47 -34.78 -21.51
N PRO D 571 22.52 -34.60 -22.86
CA PRO D 571 21.37 -34.94 -23.70
C PRO D 571 21.10 -36.43 -23.75
N SER D 572 19.90 -36.80 -24.21
CA SER D 572 19.55 -38.18 -24.48
C SER D 572 20.59 -38.88 -25.38
N ASN D 573 20.92 -38.28 -26.53
CA ASN D 573 21.79 -38.94 -27.53
C ASN D 573 21.34 -40.32 -27.96
N GLY D 574 20.03 -40.48 -28.21
CA GLY D 574 19.48 -41.76 -28.63
C GLY D 574 19.35 -42.81 -27.53
N GLN D 575 19.38 -42.37 -26.28
CA GLN D 575 19.40 -43.30 -25.14
C GLN D 575 18.12 -43.30 -24.30
N TYR D 576 17.35 -42.22 -24.36
CA TYR D 576 16.12 -42.09 -23.62
C TYR D 576 14.89 -42.63 -24.39
N ASN D 577 13.91 -43.16 -23.65
CA ASN D 577 12.71 -43.67 -24.28
C ASN D 577 11.59 -42.64 -24.31
N TRP D 578 11.83 -41.46 -23.76
CA TRP D 578 10.81 -40.41 -23.71
C TRP D 578 9.47 -40.96 -23.19
N LYS D 579 9.56 -41.74 -22.11
CA LYS D 579 8.40 -42.26 -21.39
C LYS D 579 7.39 -43.02 -22.28
N THR D 580 7.94 -43.90 -23.13
CA THR D 580 7.17 -44.71 -24.07
C THR D 580 8.15 -45.70 -24.73
N TYR D 581 7.82 -46.25 -25.89
CA TYR D 581 8.78 -47.08 -26.66
C TYR D 581 10.05 -46.28 -26.95
N HIS D 582 11.22 -46.92 -26.81
CA HIS D 582 12.46 -46.34 -27.34
C HIS D 582 12.24 -46.09 -28.82
N PRO D 583 12.51 -44.85 -29.27
CA PRO D 583 11.95 -44.46 -30.56
C PRO D 583 12.52 -45.16 -31.81
N GLN D 584 13.63 -45.87 -31.63
CA GLN D 584 14.25 -46.67 -32.68
C GLN D 584 13.52 -47.97 -33.03
N VAL D 585 12.68 -48.45 -32.11
CA VAL D 585 11.96 -49.71 -32.32
C VAL D 585 11.12 -49.73 -33.61
N LEU D 586 11.33 -50.81 -34.37
CA LEU D 586 10.62 -51.11 -35.62
C LEU D 586 9.18 -51.58 -35.35
N VAL D 587 8.19 -50.73 -35.60
CA VAL D 587 6.78 -51.15 -35.43
C VAL D 587 6.15 -51.43 -36.80
N THR D 588 5.21 -52.35 -36.87
CA THR D 588 4.47 -52.56 -38.11
C THR D 588 3.63 -51.30 -38.44
N ASP D 589 3.72 -50.83 -39.69
CA ASP D 589 3.25 -49.50 -40.08
C ASP D 589 1.77 -49.35 -39.79
N MET D 590 1.38 -48.28 -39.12
CA MET D 590 -0.03 -48.11 -38.78
C MET D 590 -0.73 -47.16 -39.74
N ARG D 591 0.08 -46.47 -40.54
CA ARG D 591 -0.41 -45.52 -41.51
C ARG D 591 -0.86 -46.27 -42.77
N TYR D 592 -0.13 -47.33 -43.14
CA TYR D 592 -0.28 -47.97 -44.42
C TYR D 592 -0.31 -49.48 -44.20
N GLU D 593 -1.46 -50.12 -44.42
CA GLU D 593 -1.57 -51.58 -44.22
C GLU D 593 -0.62 -52.37 -45.16
N ASN D 594 -0.16 -53.53 -44.68
CA ASN D 594 0.83 -54.38 -45.36
C ASN D 594 2.00 -53.62 -46.00
N HIS D 595 2.68 -52.79 -45.21
CA HIS D 595 3.70 -51.87 -45.75
C HIS D 595 5.00 -52.03 -44.97
N GLY D 596 5.15 -53.17 -44.30
CA GLY D 596 6.38 -53.46 -43.57
C GLY D 596 6.50 -52.62 -42.31
N ARG D 597 7.73 -52.29 -41.94
CA ARG D 597 8.03 -51.71 -40.64
C ARG D 597 8.80 -50.42 -40.71
N GLU D 598 8.47 -49.51 -39.79
CA GLU D 598 9.10 -48.21 -39.63
C GLU D 598 9.42 -48.04 -38.15
N PRO D 599 10.44 -47.22 -37.82
CA PRO D 599 10.73 -46.95 -36.41
C PRO D 599 9.60 -46.07 -35.89
N MET D 600 9.22 -46.27 -34.62
CA MET D 600 8.06 -45.61 -34.03
C MET D 600 8.08 -44.09 -34.12
N VAL D 601 9.28 -43.53 -34.29
CA VAL D 601 9.45 -42.07 -34.34
C VAL D 601 8.69 -41.48 -35.52
N THR D 602 8.48 -42.28 -36.56
CA THR D 602 7.73 -41.79 -37.75
C THR D 602 6.22 -41.68 -37.57
N GLN D 603 5.72 -42.28 -36.50
CA GLN D 603 4.27 -42.40 -36.30
C GLN D 603 3.81 -42.45 -34.81
N ARG D 604 4.55 -41.74 -33.95
CA ARG D 604 4.34 -41.79 -32.53
C ARG D 604 2.90 -41.48 -32.20
N ASN D 605 2.38 -40.42 -32.85
CA ASN D 605 1.09 -39.84 -32.52
C ASN D 605 -0.12 -40.56 -33.10
N ILE D 606 0.11 -41.72 -33.71
CA ILE D 606 -1.00 -42.52 -34.20
C ILE D 606 -1.26 -43.80 -33.34
N HIS D 607 -0.39 -44.06 -32.36
CA HIS D 607 -0.46 -45.30 -31.56
C HIS D 607 -1.79 -45.39 -30.80
N ALA D 608 -2.15 -44.29 -30.13
CA ALA D 608 -3.34 -44.27 -29.29
C ALA D 608 -4.62 -44.25 -30.11
N TYR D 609 -4.58 -43.60 -31.27
CA TYR D 609 -5.70 -43.61 -32.21
C TYR D 609 -5.99 -45.01 -32.63
N THR D 610 -4.92 -45.74 -32.94
CA THR D 610 -5.00 -47.12 -33.41
C THR D 610 -5.51 -48.03 -32.31
N LEU D 611 -4.99 -47.85 -31.09
CA LEU D 611 -5.56 -48.59 -29.94
C LEU D 611 -7.08 -48.34 -29.83
N CYS D 612 -7.49 -47.08 -29.94
CA CYS D 612 -8.89 -46.74 -29.76
C CYS D 612 -9.79 -47.32 -30.85
N GLU D 613 -9.29 -47.32 -32.08
CA GLU D 613 -9.96 -47.89 -33.24
C GLU D 613 -10.21 -49.40 -33.07
N SER D 614 -9.16 -50.08 -32.63
CA SER D 614 -9.23 -51.53 -32.43
C SER D 614 -10.22 -51.92 -31.33
N THR D 615 -10.15 -51.24 -30.18
CA THR D 615 -11.13 -51.37 -29.11
C THR D 615 -12.59 -51.13 -29.63
N ARG D 616 -12.85 -49.97 -30.24
CA ARG D 616 -14.18 -49.66 -30.79
C ARG D 616 -14.74 -50.72 -31.78
N LYS D 617 -13.89 -51.22 -32.68
CA LYS D 617 -14.36 -52.04 -33.76
C LYS D 617 -14.38 -53.53 -33.35
N GLU D 618 -13.25 -54.05 -32.89
CA GLU D 618 -13.17 -55.46 -32.53
C GLU D 618 -13.63 -55.67 -31.09
N GLY D 619 -13.60 -54.61 -30.29
CA GLY D 619 -13.99 -54.73 -28.89
C GLY D 619 -15.47 -54.47 -28.76
N ILE D 620 -15.84 -53.20 -28.84
CA ILE D 620 -17.20 -52.79 -28.55
C ILE D 620 -18.21 -53.27 -29.63
N VAL D 621 -17.93 -53.01 -30.89
CA VAL D 621 -18.88 -53.34 -31.95
C VAL D 621 -19.00 -54.84 -32.17
N GLU D 622 -17.90 -55.54 -32.52
CA GLU D 622 -17.90 -57.00 -32.75
C GLU D 622 -18.44 -57.86 -31.60
N ASN D 623 -18.27 -57.39 -30.36
CA ASN D 623 -18.60 -58.19 -29.18
C ASN D 623 -19.79 -57.61 -28.43
N ALA D 624 -20.62 -56.85 -29.13
CA ALA D 624 -21.80 -56.21 -28.54
C ALA D 624 -22.82 -57.21 -27.99
N ASP D 625 -22.84 -58.43 -28.53
CA ASP D 625 -23.67 -59.52 -28.02
C ASP D 625 -23.27 -59.96 -26.59
N THR D 626 -22.01 -59.71 -26.21
CA THR D 626 -21.56 -60.07 -24.87
C THR D 626 -21.89 -59.00 -23.82
N LEU D 627 -22.26 -57.82 -24.27
CA LEU D 627 -22.65 -56.78 -23.34
C LEU D 627 -23.92 -57.19 -22.67
N THR D 628 -24.12 -56.71 -21.45
CA THR D 628 -25.25 -57.16 -20.65
C THR D 628 -26.41 -56.14 -20.73
N LYS D 629 -26.40 -55.11 -19.91
CA LYS D 629 -27.55 -54.20 -19.81
C LYS D 629 -27.74 -53.22 -20.97
N PHE D 630 -26.63 -52.72 -21.52
CA PHE D 630 -26.68 -51.79 -22.63
C PHE D 630 -25.82 -52.28 -23.77
N ARG D 631 -26.42 -52.42 -24.96
CA ARG D 631 -25.70 -52.95 -26.08
C ARG D 631 -24.85 -51.86 -26.71
N ARG D 632 -25.22 -50.58 -26.53
CA ARG D 632 -24.33 -49.50 -26.94
C ARG D 632 -23.26 -49.33 -25.88
N SER D 633 -22.01 -49.17 -26.30
CA SER D 633 -20.98 -48.87 -25.32
C SER D 633 -20.19 -47.63 -25.74
N TYR D 634 -19.05 -47.38 -25.09
CA TYR D 634 -18.27 -46.17 -25.35
C TYR D 634 -16.84 -46.30 -24.84
N ILE D 635 -15.96 -45.39 -25.29
CA ILE D 635 -14.58 -45.32 -24.83
C ILE D 635 -14.29 -43.93 -24.35
N ILE D 636 -13.77 -43.79 -23.13
CA ILE D 636 -13.19 -42.53 -22.69
C ILE D 636 -11.66 -42.76 -22.70
N SER D 637 -10.98 -42.06 -23.59
CA SER D 637 -9.54 -42.28 -23.84
C SER D 637 -8.65 -41.15 -23.29
N ARG D 638 -7.41 -41.51 -22.91
CA ARG D 638 -6.44 -40.52 -22.43
C ARG D 638 -5.67 -39.86 -23.58
N GLY D 639 -5.44 -40.60 -24.65
CA GLY D 639 -4.77 -40.01 -25.79
C GLY D 639 -5.49 -40.25 -27.10
N GLY D 640 -4.92 -39.73 -28.19
CA GLY D 640 -5.43 -39.96 -29.54
C GLY D 640 -4.91 -38.89 -30.47
N TYR D 641 -5.52 -38.85 -31.65
CA TYR D 641 -5.17 -37.94 -32.71
C TYR D 641 -6.48 -37.40 -33.28
N ILE D 642 -6.40 -36.39 -34.15
CA ILE D 642 -7.61 -35.85 -34.84
C ILE D 642 -8.33 -37.06 -35.47
N GLY D 643 -9.66 -37.14 -35.32
CA GLY D 643 -10.33 -38.37 -35.75
C GLY D 643 -10.78 -39.36 -34.66
N ASN D 644 -10.24 -39.20 -33.46
CA ASN D 644 -10.66 -39.98 -32.28
C ASN D 644 -12.17 -39.95 -31.95
N GLN D 645 -12.89 -38.95 -32.42
CA GLN D 645 -14.33 -38.84 -32.14
C GLN D 645 -15.19 -39.95 -32.79
N HIS D 646 -14.59 -40.71 -33.72
CA HIS D 646 -15.28 -41.83 -34.36
C HIS D 646 -15.06 -43.06 -33.50
N PHE D 647 -14.28 -42.89 -32.42
CA PHE D 647 -14.08 -43.96 -31.46
C PHE D 647 -14.66 -43.74 -30.09
N GLY D 648 -14.90 -42.49 -29.72
CA GLY D 648 -15.28 -42.18 -28.37
C GLY D 648 -15.01 -40.74 -27.96
N GLY D 649 -14.83 -40.54 -26.66
CA GLY D 649 -14.45 -39.25 -26.08
C GLY D 649 -13.08 -39.35 -25.42
N MET D 650 -12.77 -38.37 -24.59
CA MET D 650 -11.44 -38.23 -23.98
C MET D 650 -11.59 -37.62 -22.60
N TRP D 651 -10.65 -37.93 -21.70
CA TRP D 651 -10.44 -37.03 -20.58
C TRP D 651 -9.00 -36.51 -20.60
N VAL D 652 -8.80 -35.32 -20.06
CA VAL D 652 -7.50 -34.69 -20.15
C VAL D 652 -6.50 -35.17 -19.09
N GLY D 653 -6.23 -36.49 -19.10
CA GLY D 653 -5.33 -37.12 -18.12
C GLY D 653 -5.27 -36.64 -16.67
N ASP D 654 -4.05 -36.50 -16.18
CA ASP D 654 -3.81 -36.37 -14.74
C ASP D 654 -3.59 -34.92 -14.41
N ASN D 655 -4.70 -34.21 -14.14
CA ASN D 655 -4.64 -32.81 -13.73
C ASN D 655 -4.43 -32.66 -12.19
N SER D 656 -4.57 -31.45 -11.64
CA SER D 656 -4.38 -31.24 -10.20
C SER D 656 -5.39 -30.28 -9.62
N THR D 657 -5.29 -30.07 -8.32
CA THR D 657 -6.32 -29.45 -7.51
C THR D 657 -5.94 -28.01 -7.22
N THR D 658 -6.04 -27.16 -8.25
CA THR D 658 -5.84 -25.70 -8.07
C THR D 658 -6.73 -24.89 -9.00
N SER D 659 -6.88 -23.59 -8.72
CA SER D 659 -7.62 -22.71 -9.61
C SER D 659 -7.13 -22.76 -11.05
N ASN D 660 -5.80 -22.84 -11.25
CA ASN D 660 -5.24 -22.78 -12.59
C ASN D 660 -5.74 -23.97 -13.40
N TYR D 661 -5.85 -25.17 -12.78
CA TYR D 661 -6.41 -26.36 -13.43
C TYR D 661 -7.89 -26.28 -13.76
N ILE D 662 -8.63 -25.43 -13.07
CA ILE D 662 -9.99 -25.19 -13.49
C ILE D 662 -10.02 -24.38 -14.78
N GLN D 663 -9.25 -23.26 -14.79
CA GLN D 663 -9.07 -22.45 -15.98
C GLN D 663 -8.65 -23.31 -17.20
N MET D 664 -7.70 -24.19 -16.95
CA MET D 664 -7.22 -25.11 -17.97
C MET D 664 -8.32 -26.05 -18.39
N MET D 665 -9.11 -26.53 -17.43
CA MET D 665 -10.23 -27.43 -17.76
C MET D 665 -11.14 -26.85 -18.84
N ILE D 666 -11.55 -25.62 -18.62
CA ILE D 666 -12.48 -24.95 -19.47
C ILE D 666 -11.90 -24.68 -20.84
N ALA D 667 -10.63 -24.24 -20.86
CA ALA D 667 -9.97 -23.88 -22.09
C ALA D 667 -9.78 -25.12 -22.93
N ASN D 668 -9.34 -26.18 -22.29
CA ASN D 668 -9.11 -27.46 -22.98
C ASN D 668 -10.38 -28.03 -23.65
N ASN D 669 -11.48 -27.92 -22.92
CA ASN D 669 -12.77 -28.40 -23.35
C ASN D 669 -13.25 -27.68 -24.61
N ILE D 670 -13.16 -26.34 -24.57
CA ILE D 670 -13.46 -25.51 -25.70
C ILE D 670 -12.55 -25.81 -26.88
N ASN D 671 -11.24 -25.91 -26.65
CA ASN D 671 -10.28 -26.14 -27.73
C ASN D 671 -10.39 -27.54 -28.33
N MET D 672 -10.66 -28.49 -27.48
CA MET D 672 -10.89 -29.84 -27.95
C MET D 672 -12.24 -29.86 -28.73
N ASN D 673 -13.27 -29.11 -28.30
CA ASN D 673 -14.50 -29.11 -29.09
C ASN D 673 -14.27 -28.59 -30.53
N MET D 674 -13.44 -27.55 -30.68
CA MET D 674 -13.14 -27.05 -31.99
C MET D 674 -12.06 -27.86 -32.74
N SER D 675 -11.50 -28.88 -32.09
CA SER D 675 -10.62 -29.84 -32.83
C SER D 675 -11.38 -31.12 -33.19
N CYS D 676 -12.71 -31.00 -33.14
CA CYS D 676 -13.69 -32.02 -33.47
C CYS D 676 -13.68 -33.18 -32.49
N LEU D 677 -13.34 -32.93 -31.21
CA LEU D 677 -13.40 -33.95 -30.16
C LEU D 677 -14.31 -33.38 -29.08
N PRO D 678 -15.63 -33.59 -29.22
CA PRO D 678 -16.61 -32.92 -28.37
C PRO D 678 -16.84 -33.57 -26.99
N LEU D 679 -16.76 -34.89 -26.89
CA LEU D 679 -17.08 -35.55 -25.61
C LEU D 679 -15.82 -35.71 -24.81
N VAL D 680 -15.54 -34.69 -24.05
CA VAL D 680 -14.27 -34.58 -23.35
C VAL D 680 -14.55 -33.86 -22.00
N GLY D 681 -13.71 -34.12 -20.99
CA GLY D 681 -13.75 -33.39 -19.73
C GLY D 681 -12.47 -33.59 -18.93
N SER D 682 -12.40 -33.01 -17.74
CA SER D 682 -11.22 -33.19 -16.90
C SER D 682 -11.61 -33.61 -15.49
N ASP D 683 -10.75 -34.38 -14.81
CA ASP D 683 -11.09 -34.92 -13.47
C ASP D 683 -11.58 -33.80 -12.54
N ILE D 684 -12.83 -33.90 -12.09
CA ILE D 684 -13.44 -32.81 -11.31
C ILE D 684 -12.85 -32.83 -9.90
N GLY D 685 -12.28 -31.70 -9.47
CA GLY D 685 -11.59 -31.66 -8.19
C GLY D 685 -10.08 -31.83 -8.32
N GLY D 686 -9.62 -32.34 -9.47
CA GLY D 686 -8.19 -32.46 -9.71
C GLY D 686 -7.78 -33.88 -9.35
N PHE D 687 -7.00 -34.50 -10.20
CA PHE D 687 -6.56 -35.86 -9.91
C PHE D 687 -5.43 -35.91 -8.86
N THR D 688 -4.35 -35.15 -9.04
CA THR D 688 -3.20 -35.33 -8.14
C THR D 688 -3.30 -34.53 -6.84
N SER D 689 -2.49 -34.93 -5.84
CA SER D 689 -2.20 -34.08 -4.65
C SER D 689 -1.71 -32.70 -5.09
N TYR D 690 -2.05 -31.68 -4.30
CA TYR D 690 -1.63 -30.31 -4.58
C TYR D 690 -0.85 -29.61 -3.46
N ASP D 691 -1.07 -30.02 -2.20
CA ASP D 691 -0.47 -29.36 -1.02
C ASP D 691 0.98 -29.86 -0.81
N ASN D 692 1.98 -29.04 -1.12
CA ASN D 692 3.38 -29.47 -1.00
C ASN D 692 3.85 -29.84 0.42
N GLU D 693 3.24 -29.23 1.44
CA GLU D 693 3.58 -29.49 2.85
C GLU D 693 3.00 -30.79 3.41
N ASN D 694 1.90 -31.24 2.81
CA ASN D 694 1.26 -32.50 3.17
C ASN D 694 0.42 -32.93 1.99
N GLN D 695 0.86 -33.95 1.26
CA GLN D 695 0.17 -34.31 0.04
C GLN D 695 -1.27 -34.79 0.27
N ARG D 696 -1.54 -35.36 1.45
CA ARG D 696 -2.84 -35.92 1.81
C ARG D 696 -4.01 -34.93 1.96
N THR D 697 -3.71 -33.63 2.06
CA THR D 697 -4.78 -32.63 2.22
C THR D 697 -5.76 -32.70 1.04
N PRO D 698 -7.06 -32.94 1.31
CA PRO D 698 -8.10 -32.95 0.28
C PRO D 698 -8.28 -31.59 -0.35
N CYS D 699 -8.85 -31.54 -1.55
CA CYS D 699 -9.43 -30.33 -2.15
C CYS D 699 -10.26 -29.53 -1.16
N THR D 700 -10.11 -28.21 -1.10
CA THR D 700 -10.93 -27.40 -0.17
C THR D 700 -12.40 -27.45 -0.59
N GLY D 701 -13.32 -27.24 0.35
CA GLY D 701 -14.73 -27.07 0.01
C GLY D 701 -15.01 -26.05 -1.07
N ASP D 702 -14.32 -24.91 -1.04
CA ASP D 702 -14.60 -23.84 -2.02
C ASP D 702 -14.06 -24.18 -3.40
N LEU D 703 -12.87 -24.80 -3.46
CA LEU D 703 -12.38 -25.17 -4.74
C LEU D 703 -13.26 -26.21 -5.40
N MET D 704 -13.71 -27.19 -4.60
CA MET D 704 -14.57 -28.28 -5.10
C MET D 704 -15.86 -27.70 -5.68
N VAL D 705 -16.43 -26.74 -4.96
CA VAL D 705 -17.66 -26.11 -5.41
C VAL D 705 -17.42 -25.52 -6.79
N ARG D 706 -16.42 -24.63 -6.90
CA ARG D 706 -16.13 -23.95 -8.15
C ARG D 706 -15.82 -24.93 -9.27
N TYR D 707 -15.21 -26.05 -8.90
CA TYR D 707 -14.81 -27.08 -9.85
C TYR D 707 -16.03 -27.81 -10.40
N VAL D 708 -16.96 -28.16 -9.50
CA VAL D 708 -18.24 -28.78 -9.89
C VAL D 708 -19.06 -27.80 -10.74
N GLN D 709 -19.15 -26.55 -10.30
CA GLN D 709 -19.89 -25.53 -11.08
C GLN D 709 -19.33 -25.33 -12.51
N ALA D 710 -18.01 -25.27 -12.63
CA ALA D 710 -17.39 -25.09 -13.94
C ALA D 710 -17.57 -26.32 -14.83
N GLY D 711 -17.61 -27.52 -14.24
CA GLY D 711 -17.69 -28.73 -15.03
C GLY D 711 -19.12 -29.21 -15.29
N CYS D 712 -20.13 -28.60 -14.65
CA CYS D 712 -21.44 -29.26 -14.64
C CYS D 712 -22.19 -29.30 -15.98
N LEU D 713 -21.80 -28.49 -16.95
CA LEU D 713 -22.40 -28.54 -18.27
C LEU D 713 -21.37 -28.89 -19.34
N LEU D 714 -20.21 -29.45 -18.93
CA LEU D 714 -19.19 -29.86 -19.88
C LEU D 714 -19.48 -31.35 -20.21
N PRO D 715 -19.14 -31.81 -21.43
CA PRO D 715 -19.68 -33.09 -21.84
C PRO D 715 -19.34 -34.25 -20.92
N TRP D 716 -18.09 -34.37 -20.47
CA TRP D 716 -17.67 -35.52 -19.61
C TRP D 716 -17.42 -35.07 -18.16
N PHE D 717 -18.22 -35.64 -17.25
CA PHE D 717 -18.34 -35.17 -15.87
C PHE D 717 -18.01 -36.33 -14.88
N ARG D 718 -16.78 -36.32 -14.40
CA ARG D 718 -16.32 -37.36 -13.53
C ARG D 718 -15.34 -36.80 -12.54
N ASN D 719 -15.67 -36.99 -11.26
CA ASN D 719 -14.77 -36.74 -10.14
C ASN D 719 -13.86 -37.96 -10.05
N HIS D 720 -12.55 -37.77 -10.19
CA HIS D 720 -11.59 -38.88 -10.05
C HIS D 720 -10.30 -38.33 -9.41
N TYR D 721 -9.62 -39.14 -8.58
CA TYR D 721 -8.45 -38.68 -7.84
C TYR D 721 -7.53 -39.82 -7.35
N ASP D 722 -6.28 -39.47 -7.10
CA ASP D 722 -5.29 -40.36 -6.50
C ASP D 722 -5.57 -40.40 -5.00
N ARG D 723 -5.96 -41.55 -4.47
CA ARG D 723 -6.26 -41.62 -3.03
C ARG D 723 -5.10 -42.20 -2.26
N TRP D 724 -4.68 -41.49 -1.21
CA TRP D 724 -3.62 -42.03 -0.34
C TRP D 724 -4.15 -43.27 0.41
N ILE D 725 -3.44 -44.39 0.28
CA ILE D 725 -3.72 -45.57 1.13
C ILE D 725 -2.41 -46.21 1.53
N GLU D 726 -2.44 -47.12 2.50
CA GLU D 726 -1.25 -47.63 3.14
C GLU D 726 -0.33 -48.36 2.15
N SER D 727 -0.95 -49.11 1.25
CA SER D 727 -0.25 -49.90 0.23
C SER D 727 -0.03 -49.09 -1.06
N LYS D 728 -0.45 -47.83 -1.08
CA LYS D 728 -0.16 -46.92 -2.22
C LYS D 728 -0.09 -45.50 -1.71
N ASP D 729 1.05 -45.20 -1.09
CA ASP D 729 1.22 -44.03 -0.20
C ASP D 729 1.49 -42.69 -0.90
N HIS D 730 0.71 -42.41 -1.94
CA HIS D 730 0.66 -41.09 -2.54
C HIS D 730 -0.81 -40.76 -2.85
N GLY D 731 -1.12 -39.47 -2.85
CA GLY D 731 -2.45 -39.02 -3.19
C GLY D 731 -3.08 -38.34 -2.00
N LYS D 732 -4.38 -38.09 -2.10
CA LYS D 732 -5.15 -37.34 -1.13
C LYS D 732 -6.04 -38.25 -0.27
N ASP D 733 -6.47 -37.74 0.87
CA ASP D 733 -7.31 -38.54 1.79
C ASP D 733 -8.68 -38.89 1.23
N TYR D 734 -9.33 -37.91 0.60
CA TYR D 734 -10.67 -38.06 0.07
C TYR D 734 -11.01 -36.91 -0.91
N GLN D 735 -12.06 -37.11 -1.70
CA GLN D 735 -12.52 -36.13 -2.70
C GLN D 735 -14.01 -36.22 -3.07
N GLU D 736 -14.69 -37.27 -2.57
CA GLU D 736 -16.07 -37.55 -2.94
C GLU D 736 -16.94 -36.38 -2.49
N LEU D 737 -17.93 -35.99 -3.29
CA LEU D 737 -18.77 -34.80 -2.97
C LEU D 737 -19.55 -34.88 -1.64
N TYR D 738 -19.92 -36.11 -1.24
CA TYR D 738 -20.62 -36.36 0.03
C TYR D 738 -19.70 -36.15 1.25
N MET D 739 -18.40 -35.98 1.01
CA MET D 739 -17.42 -35.76 2.07
C MET D 739 -17.30 -34.29 2.46
N TYR D 740 -18.12 -33.44 1.83
CA TYR D 740 -18.09 -32.01 2.09
C TYR D 740 -19.41 -31.60 2.69
N PRO D 741 -19.55 -31.71 4.03
CA PRO D 741 -20.87 -31.46 4.63
C PRO D 741 -21.32 -29.99 4.57
N ASN D 742 -20.38 -29.05 4.54
CA ASN D 742 -20.78 -27.63 4.51
C ASN D 742 -21.22 -27.18 3.12
N GLU D 743 -20.68 -27.85 2.11
CA GLU D 743 -20.96 -27.53 0.72
C GLU D 743 -21.91 -28.57 0.06
N MET D 744 -22.31 -29.60 0.80
CA MET D 744 -23.10 -30.70 0.19
C MET D 744 -24.39 -30.25 -0.56
N ASP D 745 -25.17 -29.35 0.02
CA ASP D 745 -26.37 -28.85 -0.66
C ASP D 745 -26.09 -28.17 -2.00
N THR D 746 -25.01 -27.36 -2.08
CA THR D 746 -24.63 -26.72 -3.35
C THR D 746 -24.19 -27.81 -4.33
N LEU D 747 -23.31 -28.66 -3.85
CA LEU D 747 -22.71 -29.65 -4.70
C LEU D 747 -23.84 -30.42 -5.31
N ARG D 748 -24.77 -30.88 -4.46
CA ARG D 748 -25.89 -31.70 -4.92
C ARG D 748 -26.78 -30.95 -5.93
N LYS D 749 -27.15 -29.69 -5.62
CA LYS D 749 -28.04 -29.00 -6.55
C LYS D 749 -27.42 -28.80 -7.94
N PHE D 750 -26.10 -28.62 -8.04
CA PHE D 750 -25.51 -28.47 -9.37
C PHE D 750 -25.50 -29.78 -10.16
N VAL D 751 -25.37 -30.92 -9.48
CA VAL D 751 -25.50 -32.20 -10.20
C VAL D 751 -26.99 -32.42 -10.63
N GLU D 752 -27.96 -32.08 -9.79
CA GLU D 752 -29.37 -32.20 -10.18
C GLU D 752 -29.62 -31.35 -11.43
N PHE D 753 -29.02 -30.15 -11.44
CA PHE D 753 -29.12 -29.20 -12.55
C PHE D 753 -28.65 -29.84 -13.85
N ARG D 754 -27.45 -30.38 -13.85
CA ARG D 754 -26.97 -31.10 -15.01
C ARG D 754 -28.01 -32.14 -15.44
N TYR D 755 -28.51 -32.90 -14.49
CA TYR D 755 -29.41 -34.03 -14.76
C TYR D 755 -30.70 -33.62 -15.40
N ARG D 756 -31.26 -32.51 -14.94
CA ARG D 756 -32.39 -31.98 -15.58
C ARG D 756 -32.11 -31.63 -17.06
N TRP D 757 -30.91 -31.15 -17.39
CA TRP D 757 -30.62 -30.82 -18.77
C TRP D 757 -29.92 -31.92 -19.48
N GLN D 758 -30.24 -33.14 -19.10
CA GLN D 758 -29.60 -34.33 -19.73
C GLN D 758 -29.94 -34.38 -21.25
N GLU D 759 -31.14 -33.93 -21.62
CA GLU D 759 -31.52 -33.89 -23.06
C GLU D 759 -30.86 -32.76 -23.83
N VAL D 760 -30.57 -31.60 -23.21
CA VAL D 760 -29.73 -30.56 -23.83
C VAL D 760 -28.36 -31.16 -24.28
N LEU D 761 -27.67 -31.85 -23.37
CA LEU D 761 -26.40 -32.47 -23.70
C LEU D 761 -26.59 -33.57 -24.76
N TYR D 762 -27.60 -34.40 -24.54
CA TYR D 762 -27.76 -35.55 -25.42
C TYR D 762 -28.08 -35.08 -26.86
N THR D 763 -28.91 -34.05 -26.98
CA THR D 763 -29.28 -33.50 -28.27
C THR D 763 -28.10 -32.76 -28.94
N ALA D 764 -27.24 -32.14 -28.14
CA ALA D 764 -26.06 -31.47 -28.67
C ALA D 764 -25.13 -32.53 -29.24
N MET D 765 -25.07 -33.64 -28.52
CA MET D 765 -24.23 -34.76 -29.02
C MET D 765 -24.78 -35.29 -30.33
N TYR D 766 -26.11 -35.36 -30.46
CA TYR D 766 -26.75 -35.74 -31.73
C TYR D 766 -26.40 -34.71 -32.81
N GLN D 767 -26.52 -33.42 -32.49
CA GLN D 767 -26.12 -32.39 -33.45
C GLN D 767 -24.62 -32.55 -33.84
N ASN D 768 -23.85 -33.16 -32.94
CA ASN D 768 -22.45 -33.36 -33.26
C ASN D 768 -22.34 -34.55 -34.22
N ALA D 769 -22.97 -35.70 -33.89
CA ALA D 769 -22.78 -36.92 -34.71
C ALA D 769 -23.35 -36.69 -36.11
N ALA D 770 -24.44 -35.96 -36.17
CA ALA D 770 -25.14 -35.79 -37.46
C ALA D 770 -24.65 -34.62 -38.34
N PHE D 771 -24.26 -33.51 -37.71
CA PHE D 771 -23.87 -32.28 -38.40
C PHE D 771 -22.46 -31.76 -38.05
N GLY D 772 -21.85 -32.38 -37.05
CA GLY D 772 -20.49 -32.07 -36.65
C GLY D 772 -20.39 -30.74 -35.88
N LYS D 773 -21.50 -30.21 -35.34
CA LYS D 773 -21.39 -29.03 -34.55
C LYS D 773 -20.69 -29.38 -33.21
N PRO D 774 -19.71 -28.54 -32.78
CA PRO D 774 -19.23 -28.74 -31.41
C PRO D 774 -20.31 -28.48 -30.36
N ILE D 775 -20.31 -29.34 -29.35
CA ILE D 775 -21.17 -29.17 -28.16
C ILE D 775 -20.89 -27.82 -27.52
N ILE D 776 -19.62 -27.62 -27.18
CA ILE D 776 -19.21 -26.42 -26.47
C ILE D 776 -18.62 -25.43 -27.47
N LYS D 777 -19.13 -24.20 -27.47
CA LYS D 777 -18.67 -23.17 -28.40
C LYS D 777 -17.83 -22.08 -27.71
N ALA D 778 -16.73 -21.67 -28.37
CA ALA D 778 -15.92 -20.55 -27.91
C ALA D 778 -16.75 -19.31 -28.08
N ALA D 779 -16.54 -18.36 -27.19
CA ALA D 779 -17.24 -17.10 -27.26
C ALA D 779 -17.07 -16.45 -28.65
N SER D 780 -15.88 -16.58 -29.25
CA SER D 780 -15.63 -16.05 -30.61
C SER D 780 -16.37 -16.81 -31.73
N MET D 781 -17.15 -17.85 -31.40
CA MET D 781 -18.03 -18.48 -32.39
C MET D 781 -19.32 -17.71 -32.50
N TYR D 782 -19.52 -16.78 -31.57
CA TYR D 782 -20.71 -15.94 -31.60
C TYR D 782 -20.40 -14.78 -32.50
N ASN D 783 -21.07 -14.71 -33.64
CA ASN D 783 -20.75 -13.73 -34.67
C ASN D 783 -21.26 -12.31 -34.40
N ASN D 784 -20.68 -11.35 -35.11
CA ASN D 784 -21.08 -9.92 -35.05
C ASN D 784 -20.97 -9.26 -33.67
N ASP D 785 -20.02 -9.72 -32.86
CA ASP D 785 -19.76 -9.16 -31.51
C ASP D 785 -18.26 -8.85 -31.34
N SER D 786 -17.94 -7.57 -31.18
CA SER D 786 -16.53 -7.16 -31.02
C SER D 786 -15.93 -7.32 -29.61
N ASN D 787 -16.73 -7.80 -28.64
CA ASN D 787 -16.24 -8.01 -27.28
C ASN D 787 -16.09 -9.44 -26.81
N VAL D 788 -16.51 -10.39 -27.65
CA VAL D 788 -16.48 -11.77 -27.21
C VAL D 788 -15.06 -12.28 -27.07
N ARG D 789 -14.15 -11.73 -27.87
CA ARG D 789 -12.75 -12.16 -27.89
C ARG D 789 -12.10 -11.96 -26.52
N ARG D 790 -12.43 -10.83 -25.89
CA ARG D 790 -11.95 -10.47 -24.56
C ARG D 790 -12.52 -11.35 -23.46
N ALA D 791 -13.72 -11.89 -23.65
CA ALA D 791 -14.37 -12.73 -22.66
C ALA D 791 -14.08 -14.21 -22.88
N GLN D 792 -13.33 -14.56 -23.93
CA GLN D 792 -13.28 -15.95 -24.39
C GLN D 792 -12.51 -16.95 -23.54
N ASN D 793 -11.77 -16.50 -22.52
CA ASN D 793 -11.08 -17.49 -21.64
C ASN D 793 -12.00 -18.32 -20.77
N ASP D 794 -13.14 -17.74 -20.40
CA ASP D 794 -14.00 -18.30 -19.36
C ASP D 794 -15.53 -18.04 -19.56
N HIS D 795 -15.93 -17.32 -20.62
CA HIS D 795 -17.30 -17.44 -21.16
C HIS D 795 -17.40 -18.52 -22.30
N PHE D 796 -18.41 -19.40 -22.27
CA PHE D 796 -18.68 -20.33 -23.37
C PHE D 796 -20.19 -20.59 -23.56
N LEU D 797 -20.55 -21.20 -24.69
CA LEU D 797 -21.98 -21.36 -25.03
C LEU D 797 -22.28 -22.79 -25.43
N LEU D 798 -23.54 -23.17 -25.29
CA LEU D 798 -24.00 -24.52 -25.67
C LEU D 798 -25.55 -24.54 -25.76
N GLY D 799 -26.02 -25.60 -26.40
CA GLY D 799 -27.38 -26.09 -26.27
C GLY D 799 -28.47 -25.38 -27.05
N GLY D 800 -29.62 -26.03 -27.16
CA GLY D 800 -30.78 -25.41 -27.79
C GLY D 800 -30.76 -25.71 -29.27
N HIS D 801 -31.69 -25.11 -30.01
CA HIS D 801 -31.87 -25.52 -31.43
C HIS D 801 -30.63 -25.19 -32.24
N ASP D 802 -29.99 -24.07 -31.91
CA ASP D 802 -28.79 -23.62 -32.66
C ASP D 802 -27.46 -23.91 -31.93
N GLY D 803 -27.52 -24.37 -30.68
CA GLY D 803 -26.33 -24.53 -29.86
C GLY D 803 -25.75 -23.31 -29.19
N TYR D 804 -26.43 -22.18 -29.28
CA TYR D 804 -26.03 -20.96 -28.59
C TYR D 804 -27.11 -20.51 -27.65
N ARG D 805 -27.84 -21.41 -26.99
CA ARG D 805 -28.94 -20.91 -26.12
C ARG D 805 -28.56 -20.65 -24.67
N ILE D 806 -27.45 -21.25 -24.24
CA ILE D 806 -26.98 -21.18 -22.84
C ILE D 806 -25.59 -20.52 -22.79
N LEU D 807 -25.43 -19.45 -22.00
CA LEU D 807 -24.14 -18.78 -21.76
C LEU D 807 -23.60 -19.18 -20.39
N CYS D 808 -22.39 -19.77 -20.33
CA CYS D 808 -21.75 -20.11 -19.01
C CYS D 808 -20.50 -19.25 -18.77
N ALA D 809 -20.38 -18.64 -17.57
CA ALA D 809 -19.14 -17.90 -17.22
C ALA D 809 -18.70 -18.25 -15.79
N PRO D 810 -18.16 -19.46 -15.63
CA PRO D 810 -17.93 -19.91 -14.25
C PRO D 810 -16.79 -19.16 -13.56
N VAL D 811 -16.90 -19.00 -12.24
CA VAL D 811 -15.83 -18.38 -11.42
C VAL D 811 -14.61 -19.29 -11.46
N VAL D 812 -13.42 -18.76 -11.76
CA VAL D 812 -12.25 -19.65 -11.93
C VAL D 812 -11.10 -19.43 -10.92
N TRP D 813 -11.43 -18.78 -9.80
CA TRP D 813 -10.51 -18.52 -8.70
C TRP D 813 -11.13 -18.99 -7.37
N GLU D 814 -10.34 -19.72 -6.58
CA GLU D 814 -10.77 -20.05 -5.21
C GLU D 814 -10.99 -18.78 -4.40
N ASN D 815 -11.89 -18.87 -3.41
CA ASN D 815 -12.22 -17.75 -2.49
C ASN D 815 -12.60 -16.46 -3.20
N SER D 816 -13.37 -16.59 -4.28
CA SER D 816 -13.85 -15.44 -5.01
C SER D 816 -15.38 -15.45 -5.06
N THR D 817 -15.99 -14.27 -4.85
CA THR D 817 -17.44 -14.16 -4.90
C THR D 817 -17.93 -13.08 -5.89
N GLU D 818 -17.14 -12.85 -6.94
CA GLU D 818 -17.48 -11.92 -8.01
C GLU D 818 -16.66 -12.19 -9.27
N ARG D 819 -17.14 -11.68 -10.40
CA ARG D 819 -16.40 -11.78 -11.65
C ARG D 819 -16.87 -10.73 -12.63
N GLU D 820 -16.05 -10.46 -13.62
CA GLU D 820 -16.44 -9.62 -14.73
C GLU D 820 -17.25 -10.49 -15.73
N LEU D 821 -18.47 -10.04 -16.02
CA LEU D 821 -19.35 -10.77 -16.88
C LEU D 821 -19.56 -10.01 -18.19
N TYR D 822 -19.46 -10.72 -19.30
CA TYR D 822 -19.82 -10.11 -20.60
C TYR D 822 -21.00 -10.83 -21.27
N LEU D 823 -22.08 -10.08 -21.53
CA LEU D 823 -23.28 -10.61 -22.23
C LEU D 823 -23.26 -10.37 -23.75
N PRO D 824 -23.21 -11.43 -24.57
CA PRO D 824 -23.16 -11.19 -26.02
C PRO D 824 -24.31 -10.35 -26.58
N VAL D 825 -24.01 -9.58 -27.61
CA VAL D 825 -24.87 -8.46 -28.02
C VAL D 825 -25.99 -8.94 -28.93
N LEU D 826 -27.06 -8.14 -29.01
CA LEU D 826 -28.13 -8.34 -30.01
C LEU D 826 -29.02 -9.51 -29.65
N THR D 827 -29.04 -9.84 -28.36
CA THR D 827 -29.98 -10.79 -27.82
C THR D 827 -30.25 -10.44 -26.36
N GLN D 828 -31.25 -11.07 -25.75
CA GLN D 828 -31.57 -10.79 -24.34
C GLN D 828 -31.26 -12.01 -23.52
N TRP D 829 -30.87 -11.81 -22.27
CA TRP D 829 -30.46 -12.96 -21.42
C TRP D 829 -31.20 -13.01 -20.09
N TYR D 830 -31.43 -14.25 -19.63
CA TYR D 830 -32.06 -14.53 -18.35
C TYR D 830 -31.15 -15.36 -17.46
N LYS D 831 -30.87 -14.82 -16.29
CA LYS D 831 -30.15 -15.58 -15.27
C LYS D 831 -30.90 -16.89 -14.94
N PHE D 832 -30.11 -17.93 -14.77
CA PHE D 832 -30.63 -19.26 -14.57
C PHE D 832 -29.62 -20.06 -13.72
N GLY D 833 -29.96 -21.29 -13.41
CA GLY D 833 -29.11 -22.13 -12.59
C GLY D 833 -30.00 -22.95 -11.71
N PRO D 834 -29.40 -23.76 -10.79
CA PRO D 834 -30.09 -24.78 -9.98
C PRO D 834 -31.35 -24.28 -9.25
N ASP D 835 -31.34 -23.03 -8.81
CA ASP D 835 -32.45 -22.47 -8.02
C ASP D 835 -33.65 -22.04 -8.86
N PHE D 836 -33.42 -21.79 -10.14
CA PHE D 836 -34.50 -21.25 -10.96
C PHE D 836 -35.60 -22.24 -11.34
N ASP D 837 -35.36 -23.53 -11.17
CA ASP D 837 -36.43 -24.48 -11.45
C ASP D 837 -37.72 -24.30 -10.61
N THR D 838 -37.58 -23.68 -9.43
CA THR D 838 -38.64 -23.63 -8.44
C THR D 838 -38.95 -22.19 -8.09
N LYS D 839 -38.51 -21.26 -8.93
CA LYS D 839 -38.91 -19.84 -8.70
C LYS D 839 -39.06 -19.13 -10.06
N PRO D 840 -39.71 -17.96 -10.08
CA PRO D 840 -39.77 -17.26 -11.36
C PRO D 840 -38.41 -16.75 -11.85
N LEU D 841 -38.31 -16.60 -13.17
CA LEU D 841 -37.20 -15.90 -13.83
C LEU D 841 -37.17 -14.45 -13.29
N GLU D 842 -36.01 -13.78 -13.33
CA GLU D 842 -35.89 -12.35 -13.03
C GLU D 842 -36.03 -11.54 -14.34
N GLY D 843 -35.93 -10.21 -14.29
CA GLY D 843 -35.87 -9.38 -15.52
C GLY D 843 -34.83 -9.80 -16.58
N ALA D 844 -35.08 -9.40 -17.82
CA ALA D 844 -34.15 -9.73 -18.93
C ALA D 844 -32.92 -8.85 -18.77
N MET D 845 -31.74 -9.40 -19.03
CA MET D 845 -30.51 -8.62 -19.05
C MET D 845 -30.13 -8.33 -20.51
N ASN D 846 -29.84 -7.07 -20.83
CA ASN D 846 -29.50 -6.62 -22.20
C ASN D 846 -28.17 -7.18 -22.67
N GLY D 847 -28.17 -7.93 -23.77
CA GLY D 847 -26.94 -8.32 -24.43
C GLY D 847 -26.08 -7.13 -24.77
N GLY D 848 -24.76 -7.32 -24.67
CA GLY D 848 -23.82 -6.23 -24.90
C GLY D 848 -23.37 -5.55 -23.63
N ASP D 849 -23.96 -5.95 -22.50
CA ASP D 849 -23.52 -5.46 -21.18
C ASP D 849 -22.26 -6.15 -20.68
N ARG D 850 -21.31 -5.33 -20.26
CA ARG D 850 -20.13 -5.76 -19.53
C ARG D 850 -20.41 -5.40 -18.05
N ILE D 851 -20.39 -6.39 -17.18
CA ILE D 851 -20.65 -6.13 -15.75
C ILE D 851 -19.42 -6.49 -14.93
N TYR D 852 -18.76 -5.46 -14.41
CA TYR D 852 -17.65 -5.57 -13.47
C TYR D 852 -18.16 -5.89 -12.09
N ASN D 853 -17.47 -6.80 -11.40
CA ASN D 853 -17.83 -7.12 -10.01
C ASN D 853 -19.26 -7.65 -9.99
N TYR D 854 -19.61 -8.47 -10.97
CA TYR D 854 -20.89 -9.17 -10.98
C TYR D 854 -20.89 -10.22 -9.85
N PRO D 855 -21.88 -10.13 -8.93
CA PRO D 855 -21.86 -10.91 -7.68
C PRO D 855 -22.07 -12.42 -7.93
N VAL D 856 -21.19 -13.24 -7.36
CA VAL D 856 -21.30 -14.68 -7.49
C VAL D 856 -21.00 -15.36 -6.14
N PRO D 857 -22.04 -15.52 -5.29
CA PRO D 857 -21.88 -16.29 -4.06
C PRO D 857 -21.33 -17.70 -4.33
N GLN D 858 -20.68 -18.31 -3.33
CA GLN D 858 -20.18 -19.66 -3.47
C GLN D 858 -21.30 -20.57 -3.99
N SER D 859 -22.54 -20.30 -3.59
CA SER D 859 -23.66 -21.17 -3.93
C SER D 859 -24.17 -20.98 -5.37
N GLU D 860 -23.70 -19.93 -6.06
CA GLU D 860 -24.13 -19.61 -7.44
C GLU D 860 -23.02 -19.87 -8.45
N SER D 861 -23.42 -19.97 -9.72
CA SER D 861 -22.53 -19.93 -10.88
C SER D 861 -23.24 -19.16 -12.00
N PRO D 862 -22.47 -18.39 -12.82
CA PRO D 862 -23.14 -17.50 -13.80
C PRO D 862 -23.57 -18.25 -15.04
N ILE D 863 -24.88 -18.49 -15.11
CA ILE D 863 -25.47 -19.26 -16.21
C ILE D 863 -26.68 -18.51 -16.73
N PHE D 864 -26.74 -18.31 -18.03
CA PHE D 864 -27.81 -17.48 -18.57
C PHE D 864 -28.49 -18.23 -19.69
N VAL D 865 -29.82 -18.17 -19.74
CA VAL D 865 -30.58 -18.75 -20.86
C VAL D 865 -31.00 -17.65 -21.82
N ARG D 866 -30.74 -17.86 -23.09
CA ARG D 866 -31.09 -16.86 -24.10
C ARG D 866 -32.60 -16.77 -24.34
N GLU D 867 -33.12 -15.58 -24.62
CA GLU D 867 -34.49 -15.49 -25.11
C GLU D 867 -34.67 -16.37 -26.37
N GLY D 868 -35.86 -16.98 -26.46
CA GLY D 868 -36.34 -17.60 -27.65
C GLY D 868 -35.94 -19.05 -27.61
N ALA D 869 -35.58 -19.52 -26.43
CA ALA D 869 -35.09 -20.89 -26.26
C ALA D 869 -36.22 -21.81 -25.83
N ILE D 870 -36.26 -23.03 -26.36
CA ILE D 870 -37.15 -24.04 -25.87
C ILE D 870 -36.24 -25.21 -25.54
N LEU D 871 -36.19 -25.57 -24.26
CA LEU D 871 -35.23 -26.59 -23.81
C LEU D 871 -35.87 -27.89 -23.32
N PRO D 872 -35.47 -29.05 -23.88
CA PRO D 872 -36.02 -30.25 -23.30
C PRO D 872 -35.39 -30.52 -21.91
N THR D 873 -36.22 -30.87 -20.94
CA THR D 873 -35.88 -30.92 -19.51
C THR D 873 -36.49 -32.21 -18.95
N ARG D 874 -35.71 -33.01 -18.19
CA ARG D 874 -36.26 -34.19 -17.53
C ARG D 874 -36.32 -34.07 -16.04
N TYR D 875 -37.34 -34.71 -15.50
CA TYR D 875 -37.54 -34.97 -14.05
C TYR D 875 -37.81 -36.45 -13.78
N THR D 876 -37.55 -36.87 -12.54
CA THR D 876 -37.94 -38.20 -12.13
C THR D 876 -39.42 -38.16 -11.74
N LEU D 877 -40.12 -39.26 -11.99
CA LEU D 877 -41.53 -39.33 -11.58
C LEU D 877 -41.74 -39.19 -10.05
N ASN D 878 -40.92 -39.89 -9.27
CA ASN D 878 -41.07 -39.85 -7.79
C ASN D 878 -40.32 -38.74 -7.05
N GLY D 879 -39.63 -37.88 -7.80
CA GLY D 879 -38.86 -36.76 -7.26
C GLY D 879 -37.55 -37.02 -6.51
N GLU D 880 -37.11 -38.28 -6.47
CA GLU D 880 -35.83 -38.68 -5.89
C GLU D 880 -34.79 -38.63 -7.00
N ASN D 881 -33.53 -38.35 -6.68
CA ASN D 881 -32.48 -38.35 -7.70
C ASN D 881 -32.09 -39.77 -8.09
N LYS D 882 -32.09 -40.07 -9.37
CA LYS D 882 -31.60 -41.39 -9.74
C LYS D 882 -30.62 -41.32 -10.91
N SER D 883 -29.97 -42.45 -11.24
CA SER D 883 -29.09 -42.49 -12.40
C SER D 883 -29.79 -42.32 -13.73
N LEU D 884 -29.08 -41.69 -14.67
CA LEU D 884 -29.61 -41.44 -16.00
C LEU D 884 -30.06 -42.76 -16.61
N ASN D 885 -29.24 -43.78 -16.45
CA ASN D 885 -29.49 -45.08 -17.04
C ASN D 885 -30.71 -45.83 -16.50
N THR D 886 -31.34 -45.30 -15.44
CA THR D 886 -32.58 -45.91 -14.97
C THR D 886 -33.82 -45.04 -15.21
N TYR D 887 -33.67 -43.95 -15.93
CA TYR D 887 -34.87 -43.21 -16.37
C TYR D 887 -35.62 -44.08 -17.40
N THR D 888 -36.96 -43.97 -17.40
CA THR D 888 -37.83 -44.51 -18.45
C THR D 888 -38.63 -43.35 -18.99
N ASP D 889 -39.38 -43.58 -20.08
CA ASP D 889 -40.20 -42.52 -20.65
C ASP D 889 -41.31 -42.11 -19.69
N GLU D 890 -41.48 -42.85 -18.59
CA GLU D 890 -42.41 -42.44 -17.54
C GLU D 890 -41.88 -41.31 -16.62
N ASP D 891 -40.57 -41.04 -16.69
CA ASP D 891 -40.04 -39.81 -16.03
C ASP D 891 -40.28 -38.58 -16.94
N PRO D 892 -41.02 -37.54 -16.48
CA PRO D 892 -41.46 -36.51 -17.41
C PRO D 892 -40.41 -35.89 -18.36
N LEU D 893 -40.80 -35.76 -19.62
CA LEU D 893 -40.07 -34.95 -20.61
C LEU D 893 -40.80 -33.64 -20.68
N VAL D 894 -40.13 -32.51 -20.53
CA VAL D 894 -40.83 -31.23 -20.40
C VAL D 894 -40.13 -30.23 -21.30
N PHE D 895 -40.92 -29.53 -22.13
CA PHE D 895 -40.34 -28.57 -23.05
C PHE D 895 -40.53 -27.23 -22.38
N GLU D 896 -39.43 -26.65 -21.88
CA GLU D 896 -39.53 -25.34 -21.15
C GLU D 896 -39.41 -24.21 -22.14
N VAL D 897 -40.45 -23.37 -22.23
CA VAL D 897 -40.46 -22.33 -23.25
C VAL D 897 -40.07 -21.09 -22.46
N PHE D 898 -38.88 -20.59 -22.76
CA PHE D 898 -38.35 -19.34 -22.15
C PHE D 898 -38.97 -18.14 -22.83
N PRO D 899 -38.75 -16.93 -22.29
CA PRO D 899 -39.48 -15.84 -22.91
C PRO D 899 -39.09 -15.66 -24.36
N LEU D 900 -40.02 -15.20 -25.18
CA LEU D 900 -39.79 -15.15 -26.64
C LEU D 900 -38.75 -14.12 -27.03
N GLY D 901 -38.03 -14.38 -28.11
CA GLY D 901 -37.17 -13.33 -28.68
C GLY D 901 -37.74 -12.98 -30.04
N ASN D 902 -38.10 -11.71 -30.21
CA ASN D 902 -38.78 -11.27 -31.43
C ASN D 902 -40.05 -12.13 -31.70
N ASN D 903 -40.78 -12.42 -30.62
CA ASN D 903 -42.10 -13.06 -30.70
C ASN D 903 -41.97 -14.49 -31.15
N ARG D 904 -40.79 -15.05 -31.00
CA ARG D 904 -40.70 -16.49 -31.23
C ARG D 904 -39.72 -17.25 -30.31
N ALA D 905 -39.84 -18.60 -30.25
CA ALA D 905 -38.86 -19.43 -29.59
C ALA D 905 -38.81 -20.71 -30.41
N ASP D 906 -37.68 -21.43 -30.33
CA ASP D 906 -37.47 -22.68 -31.07
C ASP D 906 -36.79 -23.75 -30.19
N GLY D 907 -36.95 -25.06 -30.49
CA GLY D 907 -36.39 -26.07 -29.65
C GLY D 907 -36.20 -27.35 -30.48
N MET D 908 -35.35 -28.22 -30.01
CA MET D 908 -35.15 -29.53 -30.72
C MET D 908 -34.86 -30.55 -29.65
N CYS D 909 -35.28 -31.80 -29.85
CA CYS D 909 -34.91 -32.86 -28.94
C CYS D 909 -34.72 -34.13 -29.75
N TYR D 910 -33.55 -34.77 -29.58
CA TYR D 910 -33.26 -36.18 -30.07
C TYR D 910 -33.72 -37.23 -29.04
N LEU D 911 -34.37 -38.30 -29.52
CA LEU D 911 -34.94 -39.30 -28.61
C LEU D 911 -34.57 -40.65 -29.17
N ASP D 912 -34.07 -41.50 -28.30
CA ASP D 912 -33.87 -42.90 -28.64
C ASP D 912 -33.96 -43.71 -27.36
N ASP D 913 -33.63 -45.01 -27.42
CA ASP D 913 -33.82 -45.80 -26.22
C ASP D 913 -32.65 -45.59 -25.23
N GLY D 914 -31.68 -44.78 -25.63
CA GLY D 914 -30.59 -44.41 -24.74
C GLY D 914 -29.39 -45.32 -24.85
N GLY D 915 -29.41 -46.25 -25.80
CA GLY D 915 -28.28 -47.20 -25.85
C GLY D 915 -28.53 -48.59 -25.31
N VAL D 916 -29.77 -48.86 -24.88
CA VAL D 916 -30.17 -50.23 -24.53
C VAL D 916 -29.87 -51.19 -25.69
N THR D 917 -30.21 -50.76 -26.90
CA THR D 917 -29.90 -51.45 -28.15
C THR D 917 -29.01 -50.52 -28.99
N THR D 918 -28.50 -51.02 -30.11
CA THR D 918 -27.80 -50.13 -31.06
C THR D 918 -28.66 -49.81 -32.33
N ASN D 919 -29.98 -49.94 -32.19
CA ASN D 919 -30.89 -49.77 -33.34
C ASN D 919 -30.98 -48.36 -33.89
N ALA D 920 -30.74 -47.36 -33.03
CA ALA D 920 -30.67 -45.98 -33.48
C ALA D 920 -29.57 -45.91 -34.58
N GLU D 921 -28.38 -46.41 -34.29
CA GLU D 921 -27.22 -46.16 -35.17
C GLU D 921 -27.11 -47.20 -36.24
N ASP D 922 -27.64 -48.38 -35.95
CA ASP D 922 -27.69 -49.48 -36.90
C ASP D 922 -28.88 -49.37 -37.86
N ASN D 923 -30.06 -48.90 -37.38
CA ASN D 923 -31.32 -49.08 -38.12
C ASN D 923 -32.17 -47.84 -38.18
N GLY D 924 -31.63 -46.71 -37.76
CA GLY D 924 -32.39 -45.46 -37.84
C GLY D 924 -33.48 -45.33 -36.80
N LYS D 925 -33.49 -46.20 -35.78
CA LYS D 925 -34.53 -46.18 -34.73
C LYS D 925 -34.31 -45.00 -33.75
N PHE D 926 -34.54 -43.81 -34.25
CA PHE D 926 -34.51 -42.65 -33.40
C PHE D 926 -35.51 -41.63 -33.89
N SER D 927 -35.74 -40.62 -33.07
CA SER D 927 -36.63 -39.53 -33.42
C SER D 927 -35.96 -38.17 -33.17
N VAL D 928 -36.40 -37.13 -33.93
CA VAL D 928 -35.87 -35.79 -33.80
C VAL D 928 -37.14 -34.97 -33.88
N VAL D 929 -37.43 -34.36 -32.74
CA VAL D 929 -38.65 -33.54 -32.54
C VAL D 929 -38.21 -32.08 -32.49
N LYS D 930 -39.01 -31.19 -33.13
CA LYS D 930 -38.73 -29.77 -33.14
C LYS D 930 -39.95 -29.08 -32.64
N VAL D 931 -39.77 -27.89 -32.06
CA VAL D 931 -40.88 -27.16 -31.53
C VAL D 931 -40.63 -25.68 -31.76
N ALA D 932 -41.72 -24.92 -31.92
CA ALA D 932 -41.65 -23.46 -32.17
C ALA D 932 -42.75 -22.85 -31.37
N ALA D 933 -42.59 -21.59 -30.95
CA ALA D 933 -43.65 -20.84 -30.28
C ALA D 933 -43.70 -19.51 -31.02
N GLU D 934 -44.90 -19.02 -31.31
CA GLU D 934 -45.05 -17.68 -31.88
C GLU D 934 -46.17 -16.98 -31.18
N GLN D 935 -45.96 -15.71 -30.87
CA GLN D 935 -46.99 -14.86 -30.32
C GLN D 935 -47.43 -13.93 -31.44
N ASP D 936 -48.74 -13.78 -31.59
CA ASP D 936 -49.36 -12.92 -32.59
C ASP D 936 -50.58 -12.31 -31.91
N GLY D 937 -50.47 -11.04 -31.49
CA GLY D 937 -51.52 -10.37 -30.73
C GLY D 937 -51.83 -11.10 -29.44
N GLY D 938 -53.09 -11.47 -29.22
CA GLY D 938 -53.44 -12.24 -28.04
C GLY D 938 -53.33 -13.76 -28.19
N THR D 939 -52.75 -14.25 -29.29
CA THR D 939 -52.73 -15.69 -29.54
C THR D 939 -51.31 -16.29 -29.58
N GLU D 940 -51.06 -17.29 -28.73
CA GLU D 940 -49.78 -17.98 -28.75
C GLU D 940 -49.95 -19.38 -29.34
N THR D 941 -49.07 -19.73 -30.29
CA THR D 941 -49.17 -20.97 -31.02
C THR D 941 -47.88 -21.72 -30.77
N ILE D 942 -47.99 -22.94 -30.27
CA ILE D 942 -46.82 -23.76 -30.04
C ILE D 942 -46.90 -25.03 -30.92
N THR D 943 -45.88 -25.31 -31.73
CA THR D 943 -46.02 -26.35 -32.75
C THR D 943 -44.96 -27.41 -32.60
N PHE D 944 -45.35 -28.68 -32.65
CA PHE D 944 -44.38 -29.74 -32.57
C PHE D 944 -44.39 -30.40 -33.94
N THR D 945 -43.22 -30.69 -34.46
CA THR D 945 -43.10 -31.35 -35.76
C THR D 945 -42.00 -32.39 -35.61
N ASN D 946 -41.82 -33.25 -36.58
CA ASN D 946 -40.71 -34.18 -36.51
C ASN D 946 -39.95 -34.22 -37.81
N ASP D 947 -38.63 -34.39 -37.70
CA ASP D 947 -37.80 -34.60 -38.87
C ASP D 947 -37.74 -36.11 -39.12
N CYS D 948 -37.90 -36.90 -38.07
CA CYS D 948 -38.15 -38.34 -38.21
C CYS D 948 -38.74 -38.82 -36.90
N TYR D 949 -39.37 -40.00 -36.89
CA TYR D 949 -40.01 -40.47 -35.68
C TYR D 949 -40.10 -41.96 -35.64
N GLU D 950 -38.93 -42.59 -35.56
CA GLU D 950 -38.79 -44.02 -35.47
C GLU D 950 -38.69 -44.54 -34.05
N TYR D 951 -38.52 -43.65 -33.08
CA TYR D 951 -38.51 -44.05 -31.68
C TYR D 951 -39.76 -43.48 -31.02
N VAL D 952 -40.60 -44.36 -30.48
CA VAL D 952 -41.87 -43.93 -29.87
C VAL D 952 -41.64 -43.55 -28.42
N PHE D 953 -41.73 -42.26 -28.11
CA PHE D 953 -41.62 -41.88 -26.71
C PHE D 953 -42.85 -42.40 -25.99
N GLY D 954 -42.63 -43.10 -24.87
CA GLY D 954 -43.66 -43.91 -24.26
C GLY D 954 -44.52 -43.31 -23.17
N GLY D 955 -44.29 -42.05 -22.77
CA GLY D 955 -45.08 -41.49 -21.71
C GLY D 955 -45.58 -40.12 -22.07
N PRO D 956 -46.35 -39.49 -21.19
CA PRO D 956 -46.83 -38.17 -21.58
C PRO D 956 -45.67 -37.18 -21.62
N PHE D 957 -45.91 -35.97 -22.15
CA PHE D 957 -44.88 -34.96 -22.21
C PHE D 957 -45.54 -33.65 -21.85
N TYR D 958 -44.74 -32.65 -21.52
CA TYR D 958 -45.28 -31.41 -20.99
C TYR D 958 -44.73 -30.23 -21.76
N VAL D 959 -45.50 -29.15 -21.82
CA VAL D 959 -44.92 -27.88 -22.18
C VAL D 959 -45.03 -26.99 -20.93
N ARG D 960 -43.93 -26.30 -20.60
CA ARG D 960 -43.86 -25.33 -19.51
C ARG D 960 -43.55 -23.98 -20.07
N VAL D 961 -44.53 -23.09 -20.05
CA VAL D 961 -44.38 -21.76 -20.61
C VAL D 961 -44.06 -20.77 -19.49
N ARG D 962 -42.86 -20.19 -19.52
CA ARG D 962 -42.41 -19.21 -18.55
C ARG D 962 -43.11 -17.93 -18.87
N GLY D 963 -43.63 -17.28 -17.85
CA GLY D 963 -44.32 -16.01 -18.07
C GLY D 963 -45.81 -16.04 -18.42
N ALA D 964 -46.36 -17.24 -18.65
CA ALA D 964 -47.77 -17.48 -18.96
C ALA D 964 -48.48 -17.87 -17.68
N GLN D 965 -49.72 -17.45 -17.50
CA GLN D 965 -50.54 -17.92 -16.39
C GLN D 965 -51.87 -18.38 -16.94
N SER D 966 -53.00 -18.01 -16.33
CA SER D 966 -54.26 -18.66 -16.77
C SER D 966 -54.71 -18.24 -18.19
N PRO D 967 -54.98 -19.22 -19.06
CA PRO D 967 -55.52 -18.92 -20.40
C PRO D 967 -57.05 -18.79 -20.41
N SER D 968 -57.65 -18.22 -21.45
CA SER D 968 -59.09 -18.42 -21.65
C SER D 968 -59.37 -19.77 -22.28
N ASN D 969 -58.44 -20.27 -23.10
CA ASN D 969 -58.64 -21.53 -23.77
C ASN D 969 -57.30 -21.98 -24.36
N ILE D 970 -57.11 -23.30 -24.43
CA ILE D 970 -56.00 -23.95 -25.16
C ILE D 970 -56.60 -25.03 -26.01
N HIS D 971 -56.26 -25.02 -27.31
CA HIS D 971 -56.77 -25.96 -28.28
C HIS D 971 -55.58 -26.75 -28.79
N VAL D 972 -55.75 -28.05 -28.95
CA VAL D 972 -54.64 -28.88 -29.43
C VAL D 972 -55.13 -29.73 -30.61
N SER D 973 -54.51 -29.56 -31.77
CA SER D 973 -54.84 -30.40 -32.91
C SER D 973 -53.64 -31.26 -33.19
N SER D 974 -53.90 -32.50 -33.60
CA SER D 974 -52.84 -33.48 -33.79
C SER D 974 -53.40 -34.73 -34.52
N GLY D 975 -52.59 -35.36 -35.37
CA GLY D 975 -52.87 -36.67 -35.95
C GLY D 975 -54.32 -37.14 -36.01
N ALA D 976 -55.06 -36.58 -36.96
CA ALA D 976 -56.44 -37.02 -37.27
C ALA D 976 -57.53 -36.29 -36.51
N GLY D 977 -57.17 -35.62 -35.41
CA GLY D 977 -58.19 -34.86 -34.68
C GLY D 977 -57.73 -33.65 -33.88
N SER D 978 -58.48 -33.36 -32.81
CA SER D 978 -58.28 -32.15 -32.03
C SER D 978 -59.17 -32.09 -30.79
N GLN D 979 -58.67 -31.49 -29.72
CA GLN D 979 -59.46 -31.26 -28.49
C GLN D 979 -59.07 -29.94 -27.81
N ASP D 980 -59.94 -29.49 -26.92
CA ASP D 980 -59.61 -28.45 -25.96
C ASP D 980 -59.07 -29.08 -24.68
N MET D 981 -58.10 -28.41 -24.09
CA MET D 981 -57.53 -28.86 -22.82
C MET D 981 -58.44 -28.32 -21.73
N LYS D 982 -58.29 -28.82 -20.50
CA LYS D 982 -59.07 -28.33 -19.35
C LYS D 982 -58.16 -28.12 -18.14
N VAL D 983 -58.57 -27.27 -17.21
CA VAL D 983 -57.80 -27.08 -15.99
C VAL D 983 -57.71 -28.40 -15.20
N SER D 984 -56.51 -28.71 -14.73
CA SER D 984 -56.26 -29.94 -13.95
C SER D 984 -56.87 -29.85 -12.54
N SER D 985 -57.18 -30.98 -11.92
CA SER D 985 -57.49 -30.93 -10.50
C SER D 985 -56.21 -31.01 -9.64
N ALA D 986 -55.09 -31.39 -10.28
CA ALA D 986 -53.76 -31.32 -9.63
C ALA D 986 -53.49 -29.92 -9.13
N THR D 987 -52.87 -29.83 -7.95
CA THR D 987 -52.59 -28.54 -7.33
C THR D 987 -51.09 -28.32 -7.11
N SER D 988 -50.26 -29.24 -7.59
CA SER D 988 -48.81 -29.11 -7.48
C SER D 988 -48.18 -29.86 -8.65
N ARG D 989 -46.87 -29.69 -8.84
CA ARG D 989 -46.15 -30.34 -9.93
C ARG D 989 -46.11 -31.86 -9.79
N ALA D 990 -45.76 -32.33 -8.60
CA ALA D 990 -45.78 -33.75 -8.30
C ALA D 990 -47.18 -34.34 -8.57
N ALA D 991 -48.24 -33.59 -8.23
CA ALA D 991 -49.60 -34.05 -8.48
C ALA D 991 -49.93 -34.06 -9.97
N LEU D 992 -49.46 -33.03 -10.69
CA LEU D 992 -49.62 -32.97 -12.15
C LEU D 992 -48.95 -34.18 -12.80
N PHE D 993 -47.71 -34.47 -12.43
CA PHE D 993 -46.97 -35.61 -13.01
C PHE D 993 -47.62 -36.96 -12.65
N ASN D 994 -48.07 -37.11 -11.41
CA ASN D 994 -48.53 -38.43 -10.93
C ASN D 994 -50.00 -38.70 -11.13
N ASP D 995 -50.82 -37.66 -11.00
CA ASP D 995 -52.27 -37.82 -10.99
C ASP D 995 -52.95 -37.01 -12.11
N GLY D 996 -52.18 -36.13 -12.74
CA GLY D 996 -52.73 -35.31 -13.82
C GLY D 996 -53.20 -36.14 -15.01
N GLU D 997 -54.29 -35.68 -15.61
CA GLU D 997 -54.76 -36.33 -16.84
C GLU D 997 -54.17 -35.73 -18.11
N ASN D 998 -53.95 -36.57 -19.12
CA ASN D 998 -53.59 -36.06 -20.43
C ASN D 998 -54.64 -35.04 -20.89
N GLY D 999 -54.20 -33.88 -21.36
CA GLY D 999 -55.10 -32.78 -21.72
C GLY D 999 -55.38 -31.79 -20.60
N ASP D 1000 -54.72 -31.95 -19.46
CA ASP D 1000 -54.84 -31.02 -18.30
C ASP D 1000 -53.83 -29.87 -18.41
N PHE D 1001 -54.21 -28.65 -18.02
CA PHE D 1001 -53.21 -27.63 -17.73
C PHE D 1001 -53.15 -27.22 -16.23
N TRP D 1002 -51.98 -26.79 -15.79
CA TRP D 1002 -51.76 -26.40 -14.39
C TRP D 1002 -51.13 -25.01 -14.29
N VAL D 1003 -51.87 -24.08 -13.71
CA VAL D 1003 -51.27 -22.79 -13.51
C VAL D 1003 -50.35 -22.82 -12.28
N ASP D 1004 -49.07 -22.48 -12.50
CA ASP D 1004 -48.01 -22.51 -11.49
C ASP D 1004 -47.67 -21.07 -11.10
N GLN D 1005 -48.39 -20.46 -10.14
CA GLN D 1005 -48.06 -19.09 -9.75
C GLN D 1005 -46.72 -18.99 -9.02
N GLU D 1006 -46.35 -20.03 -8.30
CA GLU D 1006 -45.06 -20.08 -7.63
C GLU D 1006 -43.86 -19.84 -8.56
N THR D 1007 -43.86 -20.43 -9.75
CA THR D 1007 -42.80 -20.09 -10.69
C THR D 1007 -43.21 -19.20 -11.85
N ASP D 1008 -44.46 -18.72 -11.91
CA ASP D 1008 -44.96 -17.93 -13.05
C ASP D 1008 -44.91 -18.74 -14.37
N SER D 1009 -45.29 -20.00 -14.29
CA SER D 1009 -45.31 -20.92 -15.43
C SER D 1009 -46.74 -21.46 -15.65
N LEU D 1010 -47.01 -21.93 -16.87
CA LEU D 1010 -48.24 -22.64 -17.18
C LEU D 1010 -47.77 -23.97 -17.75
N TRP D 1011 -48.23 -25.06 -17.16
CA TRP D 1011 -47.83 -26.41 -17.56
C TRP D 1011 -48.99 -27.07 -18.31
N LEU D 1012 -48.64 -27.79 -19.38
CA LEU D 1012 -49.60 -28.50 -20.20
C LEU D 1012 -49.12 -29.94 -20.19
N LYS D 1013 -50.03 -30.83 -19.81
CA LYS D 1013 -49.77 -32.28 -19.91
C LYS D 1013 -50.44 -32.81 -21.17
N LEU D 1014 -49.67 -33.52 -22.00
CA LEU D 1014 -50.21 -34.00 -23.27
C LEU D 1014 -49.89 -35.45 -23.45
N PRO D 1015 -50.75 -36.22 -24.14
CA PRO D 1015 -50.42 -37.66 -24.39
C PRO D 1015 -49.21 -37.90 -25.28
N ASN D 1016 -48.56 -39.07 -25.17
CA ASN D 1016 -47.35 -39.33 -25.93
C ASN D 1016 -47.51 -39.25 -27.48
N VAL D 1017 -48.70 -39.59 -27.98
CA VAL D 1017 -48.98 -39.68 -29.44
C VAL D 1017 -49.02 -38.32 -30.15
N VAL D 1018 -49.20 -37.24 -29.41
CA VAL D 1018 -49.25 -35.92 -30.01
C VAL D 1018 -47.83 -35.31 -30.18
N LEU D 1019 -46.83 -35.90 -29.51
CA LEU D 1019 -45.46 -35.40 -29.54
C LEU D 1019 -44.90 -35.15 -30.96
N PRO D 1020 -45.08 -36.11 -31.91
CA PRO D 1020 -44.53 -35.96 -33.28
C PRO D 1020 -45.16 -34.88 -34.11
N ASP D 1021 -46.30 -34.33 -33.67
CA ASP D 1021 -47.06 -33.36 -34.50
C ASP D 1021 -48.24 -32.77 -33.80
N ALA D 1022 -48.16 -31.48 -33.44
CA ALA D 1022 -49.24 -30.88 -32.71
C ALA D 1022 -49.21 -29.41 -32.97
N VAL D 1023 -50.39 -28.79 -32.94
CA VAL D 1023 -50.50 -27.35 -32.96
C VAL D 1023 -51.31 -27.01 -31.73
N ILE D 1024 -50.74 -26.18 -30.87
CA ILE D 1024 -51.28 -25.82 -29.57
C ILE D 1024 -51.53 -24.32 -29.60
N THR D 1025 -52.79 -23.94 -29.46
CA THR D 1025 -53.19 -22.58 -29.60
C THR D 1025 -53.74 -22.06 -28.27
N ILE D 1026 -53.03 -21.11 -27.70
CA ILE D 1026 -53.29 -20.67 -26.37
C ILE D 1026 -53.82 -19.26 -26.49
N THR D 1027 -54.95 -19.03 -25.87
CA THR D 1027 -55.64 -17.80 -26.11
C THR D 1027 -56.18 -17.20 -24.81
#